data_1W8J
#
_entry.id   1W8J
#
_cell.length_a   134.476
_cell.length_b   162.308
_cell.length_c   174.696
_cell.angle_alpha   90.00
_cell.angle_beta   90.00
_cell.angle_gamma   90.00
#
_symmetry.space_group_name_H-M   'P 21 21 21'
#
loop_
_entity.id
_entity.type
_entity.pdbx_description
1 polymer 'MYOSIN VA'
2 non-polymer 'SULFATE ION'
3 water water
#
_entity_poly.entity_id   1
_entity_poly.type   'polypeptide(L)'
_entity_poly.pdbx_seq_one_letter_code
;MAASELYTKYARVWIPDPEEVWKSAELLKDYKPGDKVLQLRLEEGKDLEYCLDPKTKELPPLRNPDILVGENDLTALSYL
HEPAVLHNLKVRFIDSKLIYTYCGIVLVAINPYEQLPIYGEDIINAYSGQNMGDMDPHIFAVAEEAYKQMARDERNQSII
VSGESGAGKTVSAKYAMRYFATVSGSASEANVEEKVLASNPIMESIGNAKTTRNDNSSRFGKYIEIGFDKRYRIIGANMR
TYLLEKSRVVFQAEEERNYHIFYQLCASAALPEFKTLRLGNANYFHYTKQGGSPVIDGIDDAKEMVNTRQACTLLGISDS
YQMGIFRILAGILHLGNVEFASRDSDSCAIPPKHDPLTIFCDLMGVDYEEMAHWLCHRKLATATETYIKPISKLHAINAR
DALAKHIYANLFNWIVDHVNKALHSTVKQHSFIGVLDIYGFETFEINSFEQFCINYANEKLQQQFNMHVFKLEQEEYMKE
QIPWTLIDFYDNQPCINLIEAKMGVLDLLDEECKMPKGSDDTWAQKLYNTHLNKCALFEKPRLSNKAFIIKHFADKVEYQ
CEGFLEKNKDTVYEEQIKVLKSSKKFKLLPELFQDEEKAISPTSATPSGRVPLSRTPVKPAKARPGQTSKEHKKTVGHQF
RNSLHLLMETLNATTPHYVRCIKPNDFKFPFTFDEKRAVQQLRACGVLETIRISAAGFPSRWTYQEFFSRYRVLMKQKDV
LSDRKQTCKNVLEKLILDKDKYQFGKTKIFFRAGQVAYLEKIRADK
;
_entity_poly.pdbx_strand_id   A,B,C,D
#
loop_
_chem_comp.id
_chem_comp.type
_chem_comp.name
_chem_comp.formula
SO4 non-polymer 'SULFATE ION' 'O4 S -2'
#
# COMPACT_ATOMS: atom_id res chain seq x y z
N ALA A 2 -42.34 -76.43 -59.88
CA ALA A 2 -43.82 -76.20 -59.75
C ALA A 2 -44.69 -77.32 -60.40
N ALA A 3 -44.39 -77.67 -61.66
CA ALA A 3 -45.24 -78.52 -62.56
C ALA A 3 -46.75 -78.61 -62.25
N SER A 4 -47.10 -79.10 -61.05
CA SER A 4 -48.49 -79.13 -60.56
C SER A 4 -49.21 -80.37 -61.16
N GLU A 5 -48.71 -81.52 -60.72
CA GLU A 5 -49.12 -82.84 -61.20
C GLU A 5 -50.06 -83.43 -60.14
N LEU A 6 -50.71 -82.52 -59.43
CA LEU A 6 -51.59 -82.86 -58.32
C LEU A 6 -53.02 -82.71 -58.82
N TYR A 7 -53.22 -81.79 -59.77
CA TYR A 7 -54.52 -81.63 -60.42
C TYR A 7 -54.65 -82.71 -61.53
N THR A 8 -54.76 -83.96 -61.09
CA THR A 8 -54.73 -85.12 -61.95
C THR A 8 -56.15 -85.48 -62.24
N LYS A 9 -56.58 -86.74 -62.05
CA LYS A 9 -57.95 -87.17 -62.35
C LYS A 9 -58.43 -88.16 -61.33
N TYR A 10 -59.31 -87.69 -60.45
CA TYR A 10 -59.72 -88.38 -59.22
C TYR A 10 -59.11 -87.63 -57.99
N ALA A 11 -58.49 -86.48 -58.24
CA ALA A 11 -58.04 -85.55 -57.19
C ALA A 11 -59.15 -84.56 -56.71
N ARG A 12 -59.37 -84.56 -55.39
CA ARG A 12 -60.26 -83.59 -54.75
C ARG A 12 -59.68 -82.15 -54.67
N VAL A 13 -60.56 -81.21 -54.92
CA VAL A 13 -60.34 -79.78 -54.69
C VAL A 13 -61.57 -79.18 -54.03
N TRP A 14 -61.43 -77.94 -53.57
CA TRP A 14 -62.52 -77.20 -52.92
C TRP A 14 -62.85 -76.01 -53.79
N ILE A 15 -64.11 -75.88 -54.21
CA ILE A 15 -64.55 -74.68 -54.93
C ILE A 15 -65.60 -73.90 -54.13
N PRO A 16 -65.70 -72.58 -54.36
CA PRO A 16 -66.65 -71.72 -53.63
C PRO A 16 -68.13 -72.11 -53.70
N ASP A 17 -68.91 -71.66 -52.72
CA ASP A 17 -70.33 -72.03 -52.62
C ASP A 17 -71.09 -71.02 -51.75
N PRO A 18 -72.13 -70.39 -52.29
CA PRO A 18 -72.94 -69.46 -51.48
C PRO A 18 -73.45 -70.01 -50.14
N GLU A 19 -74.06 -71.19 -50.12
CA GLU A 19 -74.66 -71.67 -48.88
C GLU A 19 -73.64 -72.29 -47.88
N GLU A 20 -72.63 -73.00 -48.39
CA GLU A 20 -71.66 -73.69 -47.53
C GLU A 20 -70.27 -73.05 -47.51
N VAL A 21 -70.08 -72.06 -48.36
CA VAL A 21 -68.80 -71.34 -48.55
C VAL A 21 -67.83 -72.11 -49.45
N TRP A 22 -67.63 -73.40 -49.17
CA TRP A 22 -66.86 -74.33 -50.02
C TRP A 22 -67.64 -75.68 -50.23
N LYS A 23 -67.57 -76.21 -51.46
CA LYS A 23 -68.07 -77.55 -51.82
C LYS A 23 -66.90 -78.43 -52.22
N SER A 24 -66.97 -79.69 -51.84
CA SER A 24 -65.91 -80.61 -52.18
C SER A 24 -66.18 -81.08 -53.57
N ALA A 25 -65.15 -81.10 -54.40
CA ALA A 25 -65.31 -81.44 -55.78
C ALA A 25 -64.15 -82.30 -56.26
N GLU A 26 -64.44 -83.54 -56.67
CA GLU A 26 -63.46 -84.45 -57.31
C GLU A 26 -62.93 -83.95 -58.67
N LEU A 27 -62.24 -84.83 -59.41
CA LEU A 27 -61.82 -84.53 -60.77
C LEU A 27 -62.24 -85.62 -61.76
N LEU A 28 -62.40 -85.19 -63.02
CA LEU A 28 -62.76 -86.05 -64.16
C LEU A 28 -61.63 -86.02 -65.20
N LYS A 29 -61.31 -84.84 -65.73
CA LYS A 29 -60.22 -84.70 -66.69
C LYS A 29 -58.95 -84.32 -65.93
N ASP A 30 -57.78 -84.69 -66.44
CA ASP A 30 -56.51 -84.23 -65.88
C ASP A 30 -56.30 -82.80 -66.33
N TYR A 31 -56.01 -81.92 -65.37
CA TYR A 31 -55.67 -80.54 -65.71
C TYR A 31 -54.36 -80.46 -66.48
N LYS A 32 -54.44 -79.79 -67.65
CA LYS A 32 -53.28 -79.64 -68.55
C LYS A 32 -52.71 -78.24 -68.38
N PRO A 33 -51.39 -78.11 -68.24
CA PRO A 33 -50.76 -76.79 -68.05
C PRO A 33 -51.23 -75.78 -69.09
N GLY A 34 -51.50 -74.55 -68.67
CA GLY A 34 -52.08 -73.56 -69.54
C GLY A 34 -53.48 -73.97 -70.01
N ASP A 35 -54.21 -74.70 -69.16
CA ASP A 35 -55.65 -74.90 -69.42
C ASP A 35 -56.50 -73.70 -68.89
N LYS A 36 -57.83 -73.88 -68.88
CA LYS A 36 -58.75 -72.84 -68.37
C LYS A 36 -60.07 -73.44 -67.85
N VAL A 37 -60.08 -74.75 -67.65
CA VAL A 37 -61.32 -75.49 -67.37
C VAL A 37 -61.07 -76.36 -66.15
N LEU A 38 -62.02 -77.24 -65.85
CA LEU A 38 -61.88 -78.22 -64.79
C LEU A 38 -63.18 -78.98 -64.71
N GLN A 39 -63.20 -80.22 -65.20
CA GLN A 39 -64.45 -80.95 -65.24
C GLN A 39 -64.60 -81.58 -63.88
N LEU A 40 -65.82 -81.50 -63.34
CA LEU A 40 -66.08 -81.95 -61.99
C LEU A 40 -67.46 -82.62 -61.84
N ARG A 41 -67.51 -83.75 -61.12
CA ARG A 41 -68.77 -84.46 -60.75
C ARG A 41 -69.40 -84.23 -59.30
N LEU A 42 -69.14 -83.05 -58.70
CA LEU A 42 -69.62 -82.76 -57.35
C LEU A 42 -69.85 -84.02 -56.50
N ASP A 47 -72.88 -81.58 -62.24
CA ASP A 47 -71.50 -81.69 -62.71
C ASP A 47 -71.15 -80.54 -63.64
N LEU A 48 -70.05 -79.82 -63.37
CA LEU A 48 -69.74 -78.60 -64.15
C LEU A 48 -68.32 -78.51 -64.71
N GLU A 49 -67.96 -77.31 -65.14
CA GLU A 49 -66.65 -77.02 -65.68
C GLU A 49 -66.12 -75.71 -65.07
N TYR A 50 -65.69 -75.80 -63.82
CA TYR A 50 -65.11 -74.66 -63.08
C TYR A 50 -64.20 -73.84 -64.00
N CYS A 51 -64.55 -72.58 -64.28
CA CYS A 51 -63.69 -71.80 -65.14
C CYS A 51 -62.97 -70.71 -64.36
N LEU A 52 -61.65 -70.91 -64.22
CA LEU A 52 -60.78 -69.92 -63.60
C LEU A 52 -60.70 -68.68 -64.49
N ASP A 53 -60.18 -67.59 -63.93
CA ASP A 53 -60.07 -66.31 -64.66
C ASP A 53 -58.67 -66.20 -65.26
N PRO A 54 -58.55 -65.85 -66.56
CA PRO A 54 -57.26 -65.91 -67.30
C PRO A 54 -56.05 -65.16 -66.65
N LYS A 55 -56.29 -63.95 -66.13
CA LYS A 55 -55.29 -63.13 -65.38
C LYS A 55 -54.81 -63.78 -64.04
N THR A 56 -55.76 -64.25 -63.22
CA THR A 56 -55.44 -64.95 -61.95
C THR A 56 -54.78 -66.32 -62.14
N LYS A 57 -55.17 -67.04 -63.22
CA LYS A 57 -54.70 -68.41 -63.51
C LYS A 57 -54.40 -69.21 -62.21
N GLU A 58 -55.31 -69.07 -61.22
CA GLU A 58 -55.20 -69.64 -59.86
C GLU A 58 -56.12 -70.84 -59.61
N LEU A 59 -55.53 -71.97 -59.24
CA LEU A 59 -56.30 -73.20 -59.11
C LEU A 59 -56.98 -73.31 -57.72
N PRO A 60 -58.13 -73.96 -57.66
CA PRO A 60 -58.85 -74.05 -56.40
C PRO A 60 -57.98 -74.83 -55.43
N PRO A 61 -58.08 -74.57 -54.14
CA PRO A 61 -57.21 -75.20 -53.15
C PRO A 61 -57.46 -76.71 -53.09
N LEU A 62 -56.38 -77.44 -52.94
CA LEU A 62 -56.45 -78.89 -53.01
C LEU A 62 -56.92 -79.41 -51.68
N ARG A 63 -57.56 -80.56 -51.70
CA ARG A 63 -58.00 -81.15 -50.48
C ARG A 63 -56.95 -82.09 -49.84
N ASN A 64 -57.05 -82.30 -48.55
CA ASN A 64 -56.09 -83.06 -47.80
C ASN A 64 -56.41 -84.53 -47.82
N PRO A 65 -55.39 -85.38 -47.72
CA PRO A 65 -55.59 -86.81 -47.66
C PRO A 65 -56.21 -87.23 -46.31
N ASP A 66 -57.05 -88.28 -46.26
CA ASP A 66 -57.77 -88.68 -45.03
C ASP A 66 -56.95 -88.92 -43.79
N ILE A 67 -55.77 -89.49 -43.89
CA ILE A 67 -55.06 -89.72 -42.66
C ILE A 67 -54.87 -88.40 -41.85
N LEU A 68 -54.86 -87.25 -42.52
CA LEU A 68 -54.71 -85.95 -41.88
C LEU A 68 -56.03 -85.26 -41.53
N VAL A 69 -57.08 -85.56 -42.28
CA VAL A 69 -58.33 -84.96 -41.98
C VAL A 69 -58.64 -85.45 -40.56
N GLY A 70 -59.20 -84.58 -39.74
CA GLY A 70 -59.66 -84.96 -38.43
C GLY A 70 -58.67 -84.75 -37.32
N GLU A 71 -57.54 -84.15 -37.65
CA GLU A 71 -56.43 -84.05 -36.68
C GLU A 71 -56.68 -83.08 -35.53
N ASN A 72 -56.14 -83.42 -34.38
CA ASN A 72 -56.20 -82.57 -33.21
C ASN A 72 -55.50 -81.24 -33.29
N ASP A 73 -54.66 -81.03 -34.30
CA ASP A 73 -53.90 -79.81 -34.44
C ASP A 73 -54.08 -79.34 -35.86
N LEU A 74 -54.63 -78.16 -36.05
CA LEU A 74 -54.84 -77.62 -37.36
C LEU A 74 -53.57 -77.49 -38.22
N THR A 75 -52.41 -77.20 -37.61
CA THR A 75 -51.17 -77.06 -38.40
C THR A 75 -50.44 -78.36 -38.68
N ALA A 76 -51.13 -79.48 -38.59
CA ALA A 76 -50.70 -80.74 -39.13
C ALA A 76 -51.47 -81.11 -40.41
N LEU A 77 -52.23 -80.18 -40.96
CA LEU A 77 -52.80 -80.36 -42.29
C LEU A 77 -51.70 -80.04 -43.30
N SER A 78 -51.66 -80.74 -44.41
CA SER A 78 -50.64 -80.40 -45.39
C SER A 78 -51.04 -79.22 -46.23
N TYR A 79 -52.28 -79.19 -46.67
CA TYR A 79 -52.76 -78.02 -47.36
C TYR A 79 -53.42 -77.19 -46.25
N LEU A 80 -52.74 -76.09 -45.87
CA LEU A 80 -53.23 -75.14 -44.88
C LEU A 80 -53.94 -74.05 -45.59
N HIS A 81 -55.23 -74.14 -45.56
CA HIS A 81 -56.01 -73.07 -46.08
C HIS A 81 -57.35 -73.09 -45.40
N GLU A 82 -58.20 -72.16 -45.83
CA GLU A 82 -59.44 -71.90 -45.17
C GLU A 82 -60.39 -73.11 -45.26
N PRO A 83 -60.61 -73.64 -46.45
CA PRO A 83 -61.42 -74.86 -46.59
C PRO A 83 -60.97 -76.01 -45.67
N ALA A 84 -59.74 -76.47 -45.78
CA ALA A 84 -59.21 -77.49 -44.87
C ALA A 84 -59.48 -77.18 -43.40
N VAL A 85 -59.23 -75.96 -42.97
CA VAL A 85 -59.45 -75.57 -41.59
C VAL A 85 -60.93 -75.70 -41.31
N LEU A 86 -61.69 -75.10 -42.20
CA LEU A 86 -63.13 -75.15 -42.09
C LEU A 86 -63.68 -76.58 -42.01
N HIS A 87 -63.28 -77.39 -43.00
CA HIS A 87 -63.71 -78.78 -43.05
C HIS A 87 -63.27 -79.51 -41.79
N ASN A 88 -62.04 -79.27 -41.36
CA ASN A 88 -61.50 -79.98 -40.22
C ASN A 88 -62.27 -79.69 -38.94
N LEU A 89 -62.47 -78.41 -38.64
CA LEU A 89 -63.28 -78.01 -37.50
C LEU A 89 -64.71 -78.54 -37.57
N LYS A 90 -65.30 -78.56 -38.78
CA LYS A 90 -66.68 -79.04 -38.96
C LYS A 90 -66.87 -80.50 -38.65
N VAL A 91 -66.02 -81.38 -39.18
CA VAL A 91 -66.22 -82.80 -38.95
C VAL A 91 -65.91 -83.10 -37.49
N ARG A 92 -64.92 -82.45 -36.88
CA ARG A 92 -64.64 -82.79 -35.48
C ARG A 92 -65.84 -82.42 -34.59
N PHE A 93 -66.40 -81.23 -34.82
CA PHE A 93 -67.52 -80.67 -34.06
C PHE A 93 -68.82 -81.45 -34.28
N ILE A 94 -69.22 -81.61 -35.53
CA ILE A 94 -70.47 -82.29 -35.81
C ILE A 94 -70.34 -83.80 -35.64
N ASP A 95 -69.51 -84.44 -36.47
CA ASP A 95 -69.40 -85.91 -36.39
C ASP A 95 -68.96 -86.37 -35.04
N SER A 96 -67.95 -85.71 -34.45
CA SER A 96 -67.29 -86.31 -33.27
C SER A 96 -67.54 -85.59 -31.95
N LYS A 97 -68.24 -84.47 -32.00
CA LYS A 97 -68.58 -83.62 -30.84
C LYS A 97 -67.36 -83.13 -30.12
N LEU A 98 -66.36 -82.68 -30.86
CA LEU A 98 -65.17 -82.15 -30.20
C LEU A 98 -65.17 -80.62 -30.30
N ILE A 99 -65.25 -79.93 -29.15
CA ILE A 99 -65.26 -78.48 -29.18
C ILE A 99 -63.84 -77.88 -29.31
N TYR A 100 -62.84 -78.63 -28.86
CA TYR A 100 -61.47 -78.15 -28.77
C TYR A 100 -60.53 -78.68 -29.85
N THR A 101 -59.78 -77.79 -30.45
CA THR A 101 -58.86 -78.17 -31.50
C THR A 101 -57.62 -77.27 -31.34
N TYR A 102 -56.43 -77.84 -31.29
CA TYR A 102 -55.22 -77.01 -31.27
C TYR A 102 -55.04 -76.41 -32.60
N CYS A 103 -54.69 -75.13 -32.58
CA CYS A 103 -54.03 -74.47 -33.68
C CYS A 103 -52.61 -74.02 -33.32
N GLY A 104 -51.66 -74.93 -33.51
CA GLY A 104 -50.32 -74.82 -32.96
C GLY A 104 -50.38 -74.71 -31.46
N ILE A 105 -49.93 -73.57 -30.92
CA ILE A 105 -50.03 -73.38 -29.47
C ILE A 105 -51.36 -72.80 -29.09
N VAL A 106 -52.26 -72.53 -30.03
CA VAL A 106 -53.59 -71.93 -29.77
C VAL A 106 -54.65 -73.01 -29.49
N LEU A 107 -55.55 -72.76 -28.54
CA LEU A 107 -56.71 -73.63 -28.36
C LEU A 107 -57.90 -72.97 -29.07
N VAL A 108 -58.50 -73.64 -30.05
CA VAL A 108 -59.77 -73.19 -30.65
C VAL A 108 -60.96 -73.79 -29.86
N ALA A 109 -61.91 -72.98 -29.43
CA ALA A 109 -63.07 -73.50 -28.71
C ALA A 109 -64.36 -73.08 -29.41
N ILE A 110 -65.01 -74.03 -30.08
CA ILE A 110 -66.34 -73.80 -30.67
C ILE A 110 -67.40 -73.96 -29.58
N ASN A 111 -68.24 -72.93 -29.35
CA ASN A 111 -69.34 -73.04 -28.38
C ASN A 111 -70.38 -74.06 -28.85
N PRO A 112 -70.56 -75.13 -28.11
CA PRO A 112 -71.59 -76.12 -28.43
C PRO A 112 -73.01 -75.80 -27.91
N TYR A 113 -73.22 -74.74 -27.16
CA TYR A 113 -74.54 -74.33 -26.73
C TYR A 113 -75.25 -75.43 -26.02
N GLU A 114 -74.46 -76.20 -25.27
CA GLU A 114 -75.02 -77.17 -24.37
C GLU A 114 -74.00 -77.61 -23.34
N GLN A 115 -74.46 -78.17 -22.22
CA GLN A 115 -73.53 -78.53 -21.13
C GLN A 115 -72.93 -79.92 -21.43
N LEU A 116 -71.62 -80.01 -21.50
CA LEU A 116 -70.93 -81.27 -21.83
C LEU A 116 -70.26 -81.86 -20.58
N PRO A 117 -70.27 -83.18 -20.48
CA PRO A 117 -69.82 -83.89 -19.29
C PRO A 117 -68.30 -84.10 -19.30
N ILE A 118 -67.58 -83.14 -19.88
CA ILE A 118 -66.15 -83.19 -19.98
C ILE A 118 -65.38 -82.34 -18.97
N TYR A 119 -65.98 -81.90 -17.85
CA TYR A 119 -65.21 -81.07 -16.89
C TYR A 119 -65.09 -81.63 -15.46
N GLY A 120 -65.32 -82.94 -15.27
CA GLY A 120 -65.26 -83.56 -13.95
C GLY A 120 -63.86 -83.85 -13.38
N GLU A 121 -63.79 -84.25 -12.13
CA GLU A 121 -62.50 -84.49 -11.48
C GLU A 121 -61.67 -85.58 -12.19
N ASP A 122 -62.36 -86.58 -12.77
CA ASP A 122 -61.71 -87.68 -13.48
C ASP A 122 -60.87 -87.12 -14.61
N ILE A 123 -61.49 -86.27 -15.43
CA ILE A 123 -60.82 -85.62 -16.54
C ILE A 123 -59.73 -84.69 -16.06
N ILE A 124 -60.03 -83.90 -15.02
CA ILE A 124 -59.01 -83.01 -14.48
C ILE A 124 -57.73 -83.81 -14.18
N ASN A 125 -57.92 -84.97 -13.58
CA ASN A 125 -56.83 -85.80 -13.11
C ASN A 125 -56.06 -86.38 -14.25
N ALA A 126 -56.78 -86.76 -15.30
CA ALA A 126 -56.12 -87.21 -16.53
C ALA A 126 -55.14 -86.17 -17.07
N TYR A 127 -55.45 -84.88 -16.88
CA TYR A 127 -54.64 -83.78 -17.46
C TYR A 127 -53.50 -83.26 -16.53
N SER A 128 -53.66 -83.29 -15.20
CA SER A 128 -52.55 -82.93 -14.29
C SER A 128 -51.41 -83.84 -14.59
N GLY A 129 -50.25 -83.26 -14.88
CA GLY A 129 -49.01 -84.01 -15.00
C GLY A 129 -48.59 -84.17 -16.43
N GLN A 130 -49.57 -84.24 -17.32
CA GLN A 130 -49.30 -84.45 -18.74
C GLN A 130 -48.67 -83.21 -19.35
N ASN A 131 -48.07 -83.40 -20.51
CA ASN A 131 -47.46 -82.35 -21.24
C ASN A 131 -48.41 -81.93 -22.33
N MET A 132 -48.18 -80.76 -22.88
CA MET A 132 -49.04 -80.21 -23.89
C MET A 132 -48.99 -81.12 -25.08
N GLY A 133 -50.11 -81.57 -25.58
CA GLY A 133 -50.12 -82.34 -26.80
C GLY A 133 -50.09 -83.83 -26.55
N ASP A 134 -49.56 -84.24 -25.41
CA ASP A 134 -49.64 -85.67 -25.07
C ASP A 134 -51.08 -86.10 -25.22
N MET A 135 -51.99 -85.29 -24.68
CA MET A 135 -53.43 -85.58 -24.66
C MET A 135 -54.25 -84.79 -25.68
N ASP A 136 -55.55 -85.06 -25.71
CA ASP A 136 -56.44 -84.38 -26.67
C ASP A 136 -56.62 -82.97 -26.20
N PRO A 137 -56.75 -82.04 -27.14
CA PRO A 137 -56.99 -80.64 -26.79
C PRO A 137 -58.19 -80.44 -25.85
N HIS A 138 -57.94 -79.63 -24.83
CA HIS A 138 -58.90 -79.29 -23.81
C HIS A 138 -58.48 -78.01 -23.08
N ILE A 139 -59.44 -77.19 -22.65
CA ILE A 139 -59.10 -75.98 -21.90
C ILE A 139 -58.19 -76.35 -20.73
N PHE A 140 -58.38 -77.55 -20.17
CA PHE A 140 -57.61 -78.04 -19.02
C PHE A 140 -56.16 -78.16 -19.40
N ALA A 141 -55.86 -78.54 -20.65
CA ALA A 141 -54.48 -78.65 -21.04
C ALA A 141 -53.82 -77.27 -20.93
N VAL A 142 -54.54 -76.23 -21.32
CA VAL A 142 -53.99 -74.87 -21.34
C VAL A 142 -53.76 -74.36 -19.93
N ALA A 143 -54.65 -74.73 -19.02
CA ALA A 143 -54.50 -74.43 -17.60
C ALA A 143 -53.30 -75.18 -17.05
N GLU A 144 -53.17 -76.47 -17.36
CA GLU A 144 -52.05 -77.24 -16.90
C GLU A 144 -50.75 -76.58 -17.27
N GLU A 145 -50.60 -76.19 -18.53
CA GLU A 145 -49.39 -75.58 -18.97
C GLU A 145 -49.14 -74.31 -18.14
N ALA A 146 -50.18 -73.48 -18.00
CA ALA A 146 -50.00 -72.25 -17.29
C ALA A 146 -49.51 -72.60 -15.87
N TYR A 147 -50.19 -73.54 -15.21
CA TYR A 147 -49.89 -73.86 -13.82
C TYR A 147 -48.48 -74.49 -13.68
N LYS A 148 -48.19 -75.47 -14.54
CA LYS A 148 -46.92 -76.15 -14.54
C LYS A 148 -45.84 -75.08 -14.68
N GLN A 149 -45.89 -74.28 -15.75
CA GLN A 149 -44.89 -73.21 -15.99
C GLN A 149 -44.75 -72.12 -14.91
N MET A 150 -45.82 -71.82 -14.17
CA MET A 150 -45.71 -70.88 -13.06
C MET A 150 -44.66 -71.39 -12.07
N ALA A 151 -44.76 -72.70 -11.81
CA ALA A 151 -43.99 -73.41 -10.81
C ALA A 151 -42.56 -73.62 -11.23
N ARG A 152 -42.31 -73.95 -12.49
CA ARG A 152 -40.96 -74.28 -12.97
C ARG A 152 -40.15 -73.04 -13.44
N ASP A 153 -40.81 -71.96 -13.82
CA ASP A 153 -40.08 -70.80 -14.35
C ASP A 153 -40.07 -69.68 -13.34
N GLU A 154 -40.79 -69.87 -12.24
CA GLU A 154 -41.01 -68.80 -11.28
C GLU A 154 -41.35 -67.52 -12.08
N ARG A 155 -42.56 -67.52 -12.65
CA ARG A 155 -43.02 -66.44 -13.53
C ARG A 155 -44.53 -66.50 -13.69
N ASN A 156 -45.20 -65.37 -13.48
CA ASN A 156 -46.64 -65.28 -13.68
C ASN A 156 -47.02 -65.56 -15.13
N GLN A 157 -48.23 -66.10 -15.30
CA GLN A 157 -48.80 -66.44 -16.61
C GLN A 157 -50.08 -65.68 -16.94
N SER A 158 -50.39 -65.63 -18.23
CA SER A 158 -51.64 -65.11 -18.74
C SER A 158 -52.29 -66.01 -19.77
N ILE A 159 -53.51 -66.45 -19.50
CA ILE A 159 -54.38 -67.02 -20.56
C ILE A 159 -55.32 -65.96 -21.18
N ILE A 160 -55.03 -65.57 -22.43
CA ILE A 160 -55.82 -64.64 -23.22
C ILE A 160 -56.93 -65.42 -23.87
N VAL A 161 -58.17 -65.00 -23.67
CA VAL A 161 -59.32 -65.66 -24.27
C VAL A 161 -60.07 -64.63 -25.09
N SER A 162 -59.95 -64.68 -26.41
CA SER A 162 -60.58 -63.68 -27.28
C SER A 162 -61.77 -64.24 -28.03
N GLY A 163 -62.43 -63.43 -28.84
CA GLY A 163 -63.65 -63.80 -29.52
C GLY A 163 -64.81 -62.90 -29.14
N GLU A 164 -65.87 -63.00 -29.92
CA GLU A 164 -67.12 -62.25 -29.68
C GLU A 164 -67.76 -62.72 -28.38
N SER A 165 -68.40 -61.84 -27.63
CA SER A 165 -69.15 -62.22 -26.44
C SER A 165 -70.28 -63.15 -26.86
N GLY A 166 -70.60 -64.14 -26.02
CA GLY A 166 -71.52 -65.21 -26.39
C GLY A 166 -70.83 -66.42 -27.06
N ALA A 167 -69.54 -66.29 -27.27
CA ALA A 167 -68.76 -67.35 -27.85
C ALA A 167 -68.19 -68.35 -26.84
N GLY A 168 -68.43 -68.20 -25.55
CA GLY A 168 -68.00 -69.20 -24.58
C GLY A 168 -66.75 -68.90 -23.78
N LYS A 169 -66.42 -67.61 -23.66
CA LYS A 169 -65.24 -67.15 -22.92
C LYS A 169 -65.43 -67.21 -21.45
N THR A 170 -66.66 -67.05 -20.98
CA THR A 170 -66.88 -67.10 -19.54
C THR A 170 -66.83 -68.54 -19.08
N VAL A 171 -67.31 -69.45 -19.94
CA VAL A 171 -67.15 -70.89 -19.72
C VAL A 171 -65.68 -71.30 -19.67
N SER A 172 -64.90 -70.78 -20.60
CA SER A 172 -63.50 -71.14 -20.62
C SER A 172 -62.82 -70.64 -19.35
N ALA A 173 -63.18 -69.47 -18.86
CA ALA A 173 -62.48 -68.92 -17.70
C ALA A 173 -62.89 -69.69 -16.46
N LYS A 174 -64.16 -70.11 -16.38
CA LYS A 174 -64.62 -70.82 -15.24
C LYS A 174 -63.91 -72.14 -15.08
N TYR A 175 -63.72 -72.89 -16.18
CA TYR A 175 -63.07 -74.18 -16.11
C TYR A 175 -61.54 -74.10 -15.96
N ALA A 176 -60.91 -72.99 -16.36
CA ALA A 176 -59.54 -72.73 -15.96
C ALA A 176 -59.49 -72.56 -14.45
N MET A 177 -60.54 -71.99 -13.88
CA MET A 177 -60.57 -71.77 -12.46
C MET A 177 -60.96 -73.03 -11.70
N ARG A 178 -61.89 -73.81 -12.26
CA ARG A 178 -62.31 -75.07 -11.68
C ARG A 178 -61.09 -75.94 -11.65
N TYR A 179 -60.33 -75.93 -12.73
CA TYR A 179 -59.10 -76.71 -12.81
C TYR A 179 -58.01 -76.25 -11.84
N PHE A 180 -57.83 -74.94 -11.73
CA PHE A 180 -56.77 -74.44 -10.85
C PHE A 180 -57.07 -74.77 -9.35
N ALA A 181 -58.35 -74.75 -9.01
CA ALA A 181 -58.83 -74.94 -7.66
C ALA A 181 -58.89 -76.42 -7.28
N THR A 182 -58.62 -77.31 -8.23
CA THR A 182 -58.72 -78.74 -8.02
C THR A 182 -57.35 -79.39 -8.08
N VAL A 183 -56.32 -78.68 -8.48
CA VAL A 183 -54.99 -79.25 -8.47
C VAL A 183 -54.13 -78.43 -7.50
N SER A 184 -54.77 -77.68 -6.61
CA SER A 184 -54.05 -76.86 -5.65
C SER A 184 -54.81 -76.77 -4.33
N ASN A 191 -62.68 -69.27 -1.85
CA ASN A 191 -63.31 -70.03 -2.91
C ASN A 191 -63.58 -69.18 -4.17
N VAL A 192 -62.48 -68.94 -4.89
CA VAL A 192 -62.40 -68.01 -6.00
C VAL A 192 -63.50 -68.13 -7.05
N GLU A 193 -63.71 -69.33 -7.59
CA GLU A 193 -64.56 -69.51 -8.76
C GLU A 193 -66.01 -69.06 -8.53
N GLU A 194 -66.58 -69.47 -7.39
CA GLU A 194 -67.97 -69.11 -7.09
C GLU A 194 -68.11 -67.56 -6.98
N LYS A 195 -67.14 -66.91 -6.32
CA LYS A 195 -67.12 -65.44 -6.16
C LYS A 195 -66.92 -64.65 -7.47
N VAL A 196 -65.88 -64.97 -8.24
CA VAL A 196 -65.74 -64.37 -9.55
C VAL A 196 -66.98 -64.55 -10.49
N LEU A 197 -67.58 -65.74 -10.56
CA LEU A 197 -68.78 -65.88 -11.44
C LEU A 197 -69.96 -65.12 -10.87
N ALA A 198 -70.02 -64.96 -9.57
CA ALA A 198 -71.13 -64.25 -8.98
C ALA A 198 -71.07 -62.77 -9.38
N SER A 199 -69.84 -62.26 -9.60
CA SER A 199 -69.59 -60.89 -10.12
C SER A 199 -69.96 -60.62 -11.58
N ASN A 200 -70.07 -61.64 -12.42
CA ASN A 200 -70.34 -61.43 -13.85
C ASN A 200 -71.48 -60.47 -14.20
N PRO A 201 -72.61 -60.52 -13.50
CA PRO A 201 -73.76 -59.66 -13.81
C PRO A 201 -73.57 -58.22 -13.42
N ILE A 202 -72.71 -57.97 -12.44
CA ILE A 202 -72.35 -56.60 -12.06
C ILE A 202 -71.59 -56.00 -13.23
N MET A 203 -70.69 -56.84 -13.74
CA MET A 203 -69.80 -56.49 -14.80
C MET A 203 -70.46 -56.44 -16.19
N GLU A 204 -71.46 -57.28 -16.47
CA GLU A 204 -72.25 -57.08 -17.70
C GLU A 204 -73.15 -55.82 -17.66
N SER A 205 -73.75 -55.57 -16.51
CA SER A 205 -74.64 -54.44 -16.38
C SER A 205 -73.89 -53.12 -16.70
N ILE A 206 -72.67 -52.91 -16.20
CA ILE A 206 -71.91 -51.66 -16.43
C ILE A 206 -70.97 -51.62 -17.66
N GLY A 207 -70.55 -52.80 -18.15
CA GLY A 207 -69.59 -52.93 -19.24
C GLY A 207 -70.10 -53.57 -20.54
N ASN A 208 -71.31 -54.09 -20.58
CA ASN A 208 -71.84 -54.64 -21.82
C ASN A 208 -73.02 -53.80 -22.30
N ALA A 209 -73.38 -53.96 -23.55
CA ALA A 209 -74.35 -53.12 -24.20
C ALA A 209 -74.81 -53.72 -25.49
N LYS A 210 -76.02 -53.42 -25.92
CA LYS A 210 -76.51 -54.04 -27.14
C LYS A 210 -75.89 -53.22 -28.23
N THR A 211 -75.46 -53.87 -29.29
CA THR A 211 -75.02 -53.20 -30.52
C THR A 211 -75.85 -53.73 -31.65
N THR A 212 -75.54 -53.27 -32.85
CA THR A 212 -76.32 -53.74 -34.00
C THR A 212 -76.18 -55.24 -34.23
N ARG A 213 -75.21 -55.89 -33.59
CA ARG A 213 -74.88 -57.25 -33.93
C ARG A 213 -74.67 -58.20 -32.75
N ASN A 214 -74.74 -57.72 -31.52
CA ASN A 214 -74.72 -58.59 -30.38
C ASN A 214 -75.59 -57.94 -29.31
N ASP A 215 -76.60 -58.66 -28.81
CA ASP A 215 -77.48 -58.08 -27.81
C ASP A 215 -76.74 -57.92 -26.49
N ASN A 216 -75.60 -58.57 -26.35
CA ASN A 216 -74.86 -58.47 -25.10
C ASN A 216 -73.35 -58.34 -25.29
N SER A 217 -72.96 -57.35 -26.08
CA SER A 217 -71.56 -57.13 -26.40
C SER A 217 -70.81 -56.56 -25.25
N SER A 218 -69.66 -57.13 -24.95
CA SER A 218 -68.76 -56.59 -23.93
C SER A 218 -67.77 -55.53 -24.46
N ARG A 219 -67.77 -54.33 -23.88
CA ARG A 219 -67.12 -53.16 -24.42
C ARG A 219 -65.86 -52.71 -23.70
N PHE A 220 -65.03 -53.68 -23.34
CA PHE A 220 -63.88 -53.42 -22.47
C PHE A 220 -63.17 -54.74 -22.24
N GLY A 221 -61.93 -54.70 -21.80
CA GLY A 221 -61.19 -55.93 -21.50
C GLY A 221 -61.18 -56.24 -20.01
N LYS A 222 -61.41 -57.49 -19.63
CA LYS A 222 -61.41 -57.89 -18.24
C LYS A 222 -60.24 -58.84 -18.02
N TYR A 223 -59.35 -58.48 -17.12
CA TYR A 223 -58.24 -59.33 -16.73
C TYR A 223 -58.42 -59.70 -15.26
N ILE A 224 -58.40 -60.97 -14.94
CA ILE A 224 -58.64 -61.45 -13.58
C ILE A 224 -57.44 -62.22 -13.12
N GLU A 225 -56.67 -61.65 -12.21
CA GLU A 225 -55.44 -62.27 -11.72
C GLU A 225 -55.79 -63.28 -10.64
N ILE A 226 -55.59 -64.57 -10.92
CA ILE A 226 -55.85 -65.60 -9.92
C ILE A 226 -54.58 -65.79 -9.09
N GLY A 227 -54.70 -65.54 -7.80
CA GLY A 227 -53.55 -65.48 -6.91
C GLY A 227 -53.20 -66.82 -6.30
N PHE A 228 -51.91 -67.08 -6.21
CA PHE A 228 -51.39 -68.25 -5.54
C PHE A 228 -50.34 -67.89 -4.48
N ASP A 229 -50.20 -68.76 -3.46
CA ASP A 229 -49.17 -68.64 -2.41
C ASP A 229 -47.89 -69.38 -2.78
N LYS A 230 -46.91 -69.40 -1.85
CA LYS A 230 -45.61 -70.06 -2.06
C LYS A 230 -45.75 -71.58 -2.23
N ARG A 231 -46.70 -72.17 -1.49
CA ARG A 231 -47.08 -73.59 -1.71
C ARG A 231 -47.99 -73.76 -2.96
N TYR A 232 -47.99 -72.75 -3.85
CA TYR A 232 -48.69 -72.72 -5.17
C TYR A 232 -50.17 -73.15 -5.16
N ARG A 233 -50.86 -72.79 -4.08
CA ARG A 233 -52.28 -73.01 -3.86
C ARG A 233 -53.01 -71.71 -4.16
N ILE A 234 -54.31 -71.77 -4.50
CA ILE A 234 -55.07 -70.53 -4.74
C ILE A 234 -55.47 -69.86 -3.45
N ILE A 235 -55.24 -68.55 -3.34
CA ILE A 235 -55.71 -67.78 -2.20
C ILE A 235 -56.83 -66.78 -2.52
N GLY A 236 -56.90 -66.29 -3.76
CA GLY A 236 -57.92 -65.32 -4.14
C GLY A 236 -57.82 -64.84 -5.59
N ALA A 237 -58.50 -63.75 -5.88
CA ALA A 237 -58.50 -63.15 -7.22
C ALA A 237 -58.49 -61.65 -7.15
N ASN A 238 -57.87 -61.05 -8.17
CA ASN A 238 -57.89 -59.60 -8.39
C ASN A 238 -58.11 -59.18 -9.85
N MET A 239 -59.21 -58.47 -10.05
CA MET A 239 -59.63 -58.03 -11.38
C MET A 239 -59.09 -56.63 -11.74
N ARG A 240 -58.45 -56.54 -12.91
CA ARG A 240 -58.15 -55.27 -13.55
C ARG A 240 -59.05 -55.11 -14.81
N THR A 241 -59.39 -53.88 -15.16
CA THR A 241 -60.08 -53.60 -16.44
C THR A 241 -59.37 -52.55 -17.29
N TYR A 242 -59.57 -52.62 -18.61
CA TYR A 242 -58.94 -51.76 -19.61
C TYR A 242 -59.87 -51.51 -20.77
N LEU A 243 -59.52 -50.52 -21.59
CA LEU A 243 -60.14 -50.26 -22.88
C LEU A 243 -61.64 -49.89 -22.90
N LEU A 244 -62.11 -49.17 -21.90
CA LEU A 244 -63.55 -48.99 -21.80
C LEU A 244 -64.03 -47.99 -22.85
N GLU A 245 -65.12 -48.33 -23.51
CA GLU A 245 -65.70 -47.52 -24.55
C GLU A 245 -66.48 -46.35 -23.88
N LYS A 246 -65.80 -45.26 -23.56
CA LYS A 246 -66.41 -44.11 -22.89
C LYS A 246 -67.43 -43.42 -23.80
N SER A 247 -67.12 -43.23 -25.06
CA SER A 247 -68.06 -42.74 -26.07
C SER A 247 -69.48 -43.23 -25.84
N ARG A 248 -69.65 -44.47 -25.42
CA ARG A 248 -70.99 -45.06 -25.35
C ARG A 248 -71.93 -44.41 -24.35
N VAL A 249 -71.33 -43.85 -23.30
CA VAL A 249 -72.09 -43.25 -22.23
C VAL A 249 -72.96 -42.05 -22.67
N VAL A 250 -72.55 -41.38 -23.75
CA VAL A 250 -73.23 -40.18 -24.20
C VAL A 250 -73.68 -40.19 -25.66
N PHE A 251 -73.27 -41.21 -26.42
CA PHE A 251 -73.68 -41.35 -27.79
C PHE A 251 -73.94 -42.80 -28.10
N GLN A 252 -74.96 -43.07 -28.89
CA GLN A 252 -75.24 -44.38 -29.43
C GLN A 252 -75.73 -44.28 -30.87
N ALA A 253 -75.20 -45.13 -31.73
CA ALA A 253 -75.63 -45.27 -33.12
C ALA A 253 -77.05 -45.76 -33.20
N GLU A 254 -77.62 -45.71 -34.40
CA GLU A 254 -78.94 -46.30 -34.63
C GLU A 254 -78.85 -47.77 -34.23
N GLU A 255 -79.84 -48.18 -33.45
CA GLU A 255 -80.14 -49.57 -33.14
C GLU A 255 -79.39 -50.05 -31.94
N GLU A 256 -78.60 -49.18 -31.32
CA GLU A 256 -77.73 -49.57 -30.23
C GLU A 256 -78.19 -48.97 -28.93
N ARG A 257 -77.65 -49.46 -27.82
CA ARG A 257 -77.97 -48.94 -26.52
C ARG A 257 -76.74 -48.62 -25.74
N ASN A 258 -76.95 -47.78 -24.74
CA ASN A 258 -75.98 -47.47 -23.72
C ASN A 258 -75.79 -48.71 -22.90
N TYR A 259 -74.98 -48.64 -21.87
CA TYR A 259 -74.68 -49.77 -21.00
C TYR A 259 -75.97 -50.27 -20.32
N HIS A 260 -76.19 -51.58 -20.45
CA HIS A 260 -77.27 -52.34 -19.80
C HIS A 260 -77.83 -51.79 -18.49
N ILE A 261 -76.99 -51.24 -17.61
CA ILE A 261 -77.42 -50.81 -16.27
C ILE A 261 -78.34 -49.58 -16.40
N PHE A 262 -78.09 -48.69 -17.32
CA PHE A 262 -78.97 -47.56 -17.48
C PHE A 262 -80.42 -47.99 -17.76
N TYR A 263 -80.61 -49.06 -18.55
CA TYR A 263 -81.94 -49.50 -19.04
C TYR A 263 -82.61 -50.28 -17.92
N GLN A 264 -81.80 -51.04 -17.19
CA GLN A 264 -82.27 -51.77 -16.05
C GLN A 264 -82.97 -50.78 -15.15
N LEU A 265 -82.24 -49.73 -14.77
CA LEU A 265 -82.74 -48.70 -13.87
C LEU A 265 -84.06 -48.05 -14.34
N CYS A 266 -84.15 -47.61 -15.60
CA CYS A 266 -85.36 -46.95 -16.11
C CYS A 266 -86.59 -47.81 -16.35
N ALA A 267 -86.49 -49.13 -16.23
CA ALA A 267 -87.64 -50.01 -16.39
C ALA A 267 -88.06 -50.46 -14.99
N SER A 268 -87.29 -50.02 -13.99
CA SER A 268 -87.67 -50.22 -12.61
C SER A 268 -87.84 -48.85 -11.91
N ALA A 269 -88.29 -47.84 -12.65
CA ALA A 269 -88.45 -46.50 -12.15
C ALA A 269 -89.57 -46.44 -11.13
N ALA A 270 -90.64 -47.18 -11.38
CA ALA A 270 -91.81 -47.18 -10.52
C ALA A 270 -91.56 -47.85 -9.18
N LEU A 271 -90.42 -48.50 -8.98
CA LEU A 271 -90.18 -49.17 -7.70
C LEU A 271 -90.20 -48.10 -6.62
N PRO A 272 -90.88 -48.37 -5.50
CA PRO A 272 -90.91 -47.49 -4.33
C PRO A 272 -89.62 -46.77 -3.93
N GLU A 273 -88.45 -47.39 -4.04
CA GLU A 273 -87.22 -46.72 -3.56
C GLU A 273 -86.45 -45.99 -4.67
N PHE A 274 -87.03 -45.93 -5.86
CA PHE A 274 -86.49 -45.11 -6.95
C PHE A 274 -87.49 -44.04 -7.38
N LYS A 275 -88.50 -43.80 -6.53
CA LYS A 275 -89.44 -42.69 -6.71
C LYS A 275 -88.58 -41.45 -6.80
N THR A 276 -87.76 -41.29 -5.74
CA THR A 276 -86.79 -40.20 -5.55
C THR A 276 -85.84 -39.89 -6.69
N LEU A 277 -85.44 -40.92 -7.45
CA LEU A 277 -84.54 -40.70 -8.58
C LEU A 277 -85.28 -40.09 -9.79
N ARG A 278 -86.59 -39.95 -9.65
CA ARG A 278 -87.49 -39.36 -10.65
C ARG A 278 -87.07 -39.75 -12.05
N LEU A 279 -87.02 -41.06 -12.29
CA LEU A 279 -86.56 -41.61 -13.54
C LEU A 279 -87.74 -41.78 -14.42
N GLY A 280 -87.69 -41.31 -15.65
CA GLY A 280 -88.65 -41.70 -16.68
C GLY A 280 -88.28 -43.05 -17.31
N ASN A 281 -88.97 -43.44 -18.37
CA ASN A 281 -88.55 -44.60 -19.14
C ASN A 281 -87.36 -44.21 -20.01
N ALA A 282 -86.76 -45.20 -20.66
CA ALA A 282 -85.50 -44.97 -21.34
C ALA A 282 -85.57 -43.99 -22.56
N ASN A 283 -86.79 -43.73 -23.09
CA ASN A 283 -86.96 -42.78 -24.20
C ASN A 283 -87.05 -41.33 -23.70
N TYR A 284 -87.06 -41.17 -22.38
CA TYR A 284 -87.05 -39.86 -21.73
C TYR A 284 -85.67 -39.21 -21.63
N PHE A 285 -84.62 -40.01 -21.75
CA PHE A 285 -83.26 -39.53 -21.52
C PHE A 285 -82.44 -39.46 -22.81
N HIS A 286 -81.74 -38.35 -23.00
CA HIS A 286 -80.79 -38.15 -24.09
C HIS A 286 -79.74 -39.28 -24.14
N TYR A 287 -79.14 -39.53 -22.98
CA TYR A 287 -78.09 -40.49 -22.87
C TYR A 287 -78.52 -41.95 -23.11
N THR A 288 -79.81 -42.19 -23.38
CA THR A 288 -80.31 -43.57 -23.55
C THR A 288 -81.37 -43.80 -24.58
N LYS A 289 -81.66 -42.84 -25.44
CA LYS A 289 -82.69 -42.97 -26.47
C LYS A 289 -82.19 -42.78 -27.87
N GLN A 290 -80.95 -42.39 -28.03
CA GLN A 290 -80.48 -42.08 -29.35
C GLN A 290 -80.60 -43.24 -30.36
N GLY A 291 -80.47 -44.47 -29.89
CA GLY A 291 -80.51 -45.64 -30.73
C GLY A 291 -81.92 -45.99 -31.13
N GLY A 292 -82.93 -45.48 -30.43
CA GLY A 292 -84.32 -45.71 -30.85
C GLY A 292 -84.71 -47.15 -30.71
N SER A 293 -84.41 -47.76 -29.57
CA SER A 293 -84.65 -49.16 -29.37
C SER A 293 -84.24 -49.49 -27.95
N PRO A 294 -85.06 -49.14 -26.99
CA PRO A 294 -84.77 -49.39 -25.59
C PRO A 294 -84.95 -50.81 -25.09
N VAL A 295 -85.72 -51.66 -25.80
CA VAL A 295 -85.97 -53.00 -25.29
C VAL A 295 -85.33 -54.02 -26.20
N ILE A 296 -84.58 -54.96 -25.65
CA ILE A 296 -84.00 -56.00 -26.47
C ILE A 296 -85.01 -57.11 -26.49
N ASP A 297 -85.44 -57.54 -27.68
CA ASP A 297 -86.40 -58.65 -27.82
C ASP A 297 -85.97 -59.82 -26.91
N GLY A 298 -86.90 -60.36 -26.15
CA GLY A 298 -86.61 -61.45 -25.23
C GLY A 298 -85.84 -61.05 -23.99
N ILE A 299 -85.67 -59.75 -23.75
CA ILE A 299 -84.91 -59.32 -22.59
C ILE A 299 -85.75 -58.42 -21.74
N ASP A 300 -85.83 -58.76 -20.45
CA ASP A 300 -86.58 -57.99 -19.52
C ASP A 300 -85.62 -57.24 -18.58
N ASP A 301 -85.57 -55.94 -18.78
CA ASP A 301 -84.55 -55.11 -18.15
C ASP A 301 -84.80 -54.95 -16.68
N ALA A 302 -86.07 -55.06 -16.31
CA ALA A 302 -86.44 -54.91 -14.91
C ALA A 302 -86.07 -56.16 -14.10
N LYS A 303 -86.17 -57.33 -14.73
CA LYS A 303 -85.84 -58.59 -14.06
C LYS A 303 -84.32 -58.69 -13.92
N GLU A 304 -83.62 -58.26 -14.97
CA GLU A 304 -82.16 -58.22 -15.00
C GLU A 304 -81.57 -57.27 -13.92
N MET A 305 -82.30 -56.24 -13.55
CA MET A 305 -81.87 -55.39 -12.44
C MET A 305 -81.83 -56.13 -11.11
N VAL A 306 -82.74 -57.09 -10.86
CA VAL A 306 -82.71 -57.75 -9.54
C VAL A 306 -81.52 -58.67 -9.44
N ASN A 307 -81.15 -59.28 -10.57
CA ASN A 307 -79.90 -60.06 -10.57
C ASN A 307 -78.65 -59.22 -10.27
N THR A 308 -78.63 -57.97 -10.74
CA THR A 308 -77.46 -57.12 -10.56
C THR A 308 -77.26 -56.77 -9.08
N ARG A 309 -78.36 -56.37 -8.41
CA ARG A 309 -78.34 -56.09 -6.96
C ARG A 309 -77.98 -57.33 -6.13
N GLN A 310 -78.53 -58.46 -6.53
CA GLN A 310 -78.28 -59.72 -5.85
C GLN A 310 -76.79 -60.05 -5.92
N ALA A 311 -76.21 -59.74 -7.08
CA ALA A 311 -74.80 -59.88 -7.31
C ALA A 311 -73.98 -58.90 -6.45
N CYS A 312 -74.46 -57.66 -6.34
CA CYS A 312 -73.82 -56.65 -5.48
C CYS A 312 -73.86 -57.11 -4.04
N THR A 313 -75.05 -57.53 -3.59
CA THR A 313 -75.26 -58.09 -2.25
C THR A 313 -74.27 -59.18 -2.02
N LEU A 314 -74.15 -60.10 -2.98
CA LEU A 314 -73.29 -61.28 -2.85
C LEU A 314 -71.80 -60.96 -2.84
N LEU A 315 -71.38 -59.82 -3.36
CA LEU A 315 -69.99 -59.39 -3.15
C LEU A 315 -69.86 -58.29 -2.12
N GLY A 316 -70.80 -58.28 -1.18
CA GLY A 316 -70.73 -57.39 -0.03
C GLY A 316 -70.97 -55.89 -0.28
N ILE A 317 -71.53 -55.51 -1.43
CA ILE A 317 -71.86 -54.11 -1.62
C ILE A 317 -73.21 -53.91 -0.92
N SER A 318 -73.17 -53.03 0.10
CA SER A 318 -74.27 -52.80 1.05
C SER A 318 -75.46 -52.22 0.34
N ASP A 319 -76.67 -52.42 0.86
CA ASP A 319 -77.87 -51.83 0.22
C ASP A 319 -77.71 -50.31 0.12
N SER A 320 -76.92 -49.75 1.03
CA SER A 320 -76.66 -48.33 1.04
C SER A 320 -75.78 -47.88 -0.15
N TYR A 321 -74.62 -48.53 -0.26
CA TYR A 321 -73.74 -48.26 -1.36
C TYR A 321 -74.42 -48.54 -2.71
N GLN A 322 -75.28 -49.53 -2.75
CA GLN A 322 -76.02 -49.91 -3.95
C GLN A 322 -76.94 -48.80 -4.42
N MET A 323 -77.64 -48.22 -3.46
CA MET A 323 -78.48 -47.05 -3.66
C MET A 323 -77.65 -45.84 -4.13
N GLY A 324 -76.40 -45.76 -3.67
CA GLY A 324 -75.47 -44.76 -4.13
C GLY A 324 -75.17 -44.94 -5.60
N ILE A 325 -74.92 -46.19 -6.02
CA ILE A 325 -74.66 -46.48 -7.40
C ILE A 325 -75.77 -45.90 -8.22
N PHE A 326 -77.01 -46.25 -7.91
CA PHE A 326 -78.11 -45.81 -8.78
C PHE A 326 -78.40 -44.31 -8.65
N ARG A 327 -77.94 -43.69 -7.55
CA ARG A 327 -78.08 -42.26 -7.35
C ARG A 327 -77.16 -41.56 -8.34
N ILE A 328 -75.91 -42.01 -8.39
CA ILE A 328 -74.93 -41.55 -9.40
C ILE A 328 -75.40 -41.72 -10.86
N LEU A 329 -76.11 -42.80 -11.11
CA LEU A 329 -76.49 -43.14 -12.47
C LEU A 329 -77.69 -42.35 -12.90
N ALA A 330 -78.64 -42.17 -11.99
CA ALA A 330 -79.78 -41.32 -12.30
C ALA A 330 -79.23 -39.89 -12.52
N GLY A 331 -78.34 -39.49 -11.62
CA GLY A 331 -77.58 -38.30 -11.81
C GLY A 331 -77.14 -38.10 -13.24
N ILE A 332 -76.38 -39.07 -13.77
CA ILE A 332 -75.78 -38.98 -15.10
C ILE A 332 -76.87 -38.85 -16.12
N LEU A 333 -77.92 -39.64 -15.99
CA LEU A 333 -78.99 -39.60 -16.99
C LEU A 333 -79.57 -38.20 -17.05
N HIS A 334 -79.87 -37.61 -15.89
CA HIS A 334 -80.54 -36.30 -15.83
C HIS A 334 -79.64 -35.20 -16.34
N LEU A 335 -78.36 -35.39 -16.11
CA LEU A 335 -77.37 -34.47 -16.55
C LEU A 335 -77.40 -34.34 -18.04
N GLY A 336 -77.71 -35.42 -18.73
CA GLY A 336 -77.64 -35.45 -20.17
C GLY A 336 -78.74 -34.60 -20.73
N ASN A 337 -79.78 -34.38 -19.91
CA ASN A 337 -80.93 -33.58 -20.34
C ASN A 337 -80.80 -32.09 -20.06
N VAL A 338 -79.78 -31.69 -19.32
CA VAL A 338 -79.51 -30.28 -19.17
C VAL A 338 -79.34 -29.65 -20.55
N GLU A 339 -80.20 -28.70 -20.85
CA GLU A 339 -80.20 -28.08 -22.15
C GLU A 339 -79.49 -26.76 -22.02
N PHE A 340 -79.04 -26.25 -23.15
CA PHE A 340 -78.32 -24.99 -23.16
C PHE A 340 -78.94 -24.11 -24.23
N ALA A 341 -79.01 -22.82 -23.91
CA ALA A 341 -79.36 -21.80 -24.86
C ALA A 341 -78.15 -20.91 -25.01
N SER A 342 -77.68 -20.69 -26.23
CA SER A 342 -76.55 -19.80 -26.39
C SER A 342 -77.02 -18.37 -26.44
N ARG A 343 -76.27 -17.50 -25.78
CA ARG A 343 -76.40 -16.05 -25.88
C ARG A 343 -75.73 -15.58 -27.15
N ASP A 344 -74.64 -16.24 -27.54
CA ASP A 344 -73.90 -15.95 -28.80
C ASP A 344 -72.80 -16.96 -29.05
N SER A 345 -72.11 -16.82 -30.16
CA SER A 345 -71.09 -17.79 -30.48
C SER A 345 -70.12 -18.13 -29.32
N ASP A 346 -69.98 -17.23 -28.33
CA ASP A 346 -68.93 -17.39 -27.30
C ASP A 346 -69.41 -17.71 -25.89
N SER A 347 -70.72 -17.88 -25.69
CA SER A 347 -71.27 -18.00 -24.35
C SER A 347 -72.65 -18.63 -24.38
N CYS A 348 -73.17 -18.94 -23.18
CA CYS A 348 -74.45 -19.64 -23.09
C CYS A 348 -74.95 -19.65 -21.69
N ALA A 349 -76.14 -20.20 -21.51
CA ALA A 349 -76.77 -20.23 -20.22
C ALA A 349 -77.79 -21.36 -20.07
N ILE A 350 -78.06 -21.70 -18.82
CA ILE A 350 -79.05 -22.70 -18.50
C ILE A 350 -80.31 -21.92 -18.22
N PRO A 351 -81.38 -22.24 -18.93
CA PRO A 351 -82.68 -21.62 -18.64
C PRO A 351 -82.98 -21.59 -17.13
N PRO A 352 -83.65 -20.57 -16.62
CA PRO A 352 -83.98 -20.58 -15.18
C PRO A 352 -85.10 -21.59 -14.82
N LYS A 353 -85.05 -22.07 -13.56
CA LYS A 353 -86.00 -23.06 -13.03
C LYS A 353 -86.05 -24.25 -13.98
N HIS A 354 -84.85 -24.79 -14.28
CA HIS A 354 -84.69 -25.81 -15.33
C HIS A 354 -84.70 -27.22 -14.77
N ASP A 355 -85.67 -28.02 -15.20
CA ASP A 355 -85.91 -29.25 -14.46
C ASP A 355 -84.69 -30.15 -14.37
N PRO A 356 -84.11 -30.53 -15.49
CA PRO A 356 -82.97 -31.45 -15.50
C PRO A 356 -81.88 -31.17 -14.46
N LEU A 357 -81.48 -29.92 -14.33
CA LEU A 357 -80.42 -29.58 -13.41
C LEU A 357 -80.91 -29.45 -11.94
N THR A 358 -82.17 -29.08 -11.77
CA THR A 358 -82.84 -29.14 -10.48
C THR A 358 -82.71 -30.54 -9.87
N ILE A 359 -83.13 -31.50 -10.67
CA ILE A 359 -83.03 -32.89 -10.31
C ILE A 359 -81.59 -33.35 -10.26
N PHE A 360 -80.75 -32.93 -11.19
CA PHE A 360 -79.34 -33.29 -11.07
C PHE A 360 -78.91 -32.93 -9.69
N CYS A 361 -79.14 -31.66 -9.36
CA CYS A 361 -78.50 -31.04 -8.22
C CYS A 361 -79.09 -31.54 -6.94
N ASP A 362 -80.38 -31.90 -6.94
CA ASP A 362 -81.00 -32.40 -5.71
C ASP A 362 -80.38 -33.77 -5.41
N LEU A 363 -80.38 -34.68 -6.40
CA LEU A 363 -79.77 -35.99 -6.26
C LEU A 363 -78.33 -35.93 -5.78
N MET A 364 -77.53 -35.11 -6.45
CA MET A 364 -76.09 -35.12 -6.26
C MET A 364 -75.71 -34.46 -4.94
N GLY A 365 -76.53 -33.49 -4.53
CA GLY A 365 -76.36 -32.74 -3.28
C GLY A 365 -75.45 -31.54 -3.37
N VAL A 366 -75.76 -30.65 -4.32
CA VAL A 366 -74.97 -29.45 -4.62
C VAL A 366 -75.93 -28.31 -4.92
N ASP A 367 -75.36 -27.12 -5.10
CA ASP A 367 -76.19 -25.92 -5.29
C ASP A 367 -76.51 -25.72 -6.77
N TYR A 368 -77.78 -25.68 -7.12
CA TYR A 368 -78.15 -25.42 -8.48
C TYR A 368 -77.26 -24.34 -9.09
N GLU A 369 -77.09 -23.19 -8.42
CA GLU A 369 -76.43 -22.03 -9.06
C GLU A 369 -74.93 -22.19 -9.32
N GLU A 370 -74.24 -22.87 -8.43
CA GLU A 370 -72.81 -23.07 -8.60
C GLU A 370 -72.53 -24.07 -9.72
N MET A 371 -73.43 -25.05 -9.86
CA MET A 371 -73.36 -26.02 -10.93
C MET A 371 -73.68 -25.27 -12.22
N ALA A 372 -74.84 -24.63 -12.27
CA ALA A 372 -75.29 -23.90 -13.45
C ALA A 372 -74.17 -23.00 -14.00
N HIS A 373 -73.32 -22.51 -13.11
CA HIS A 373 -72.26 -21.58 -13.46
C HIS A 373 -71.07 -22.28 -14.13
N TRP A 374 -70.45 -23.23 -13.44
CA TRP A 374 -69.37 -24.02 -14.03
C TRP A 374 -69.82 -24.96 -15.16
N LEU A 375 -71.11 -25.10 -15.43
CA LEU A 375 -71.54 -25.74 -16.65
C LEU A 375 -71.38 -24.81 -17.83
N CYS A 376 -71.40 -23.50 -17.56
CA CYS A 376 -71.32 -22.46 -18.60
C CYS A 376 -70.08 -21.55 -18.57
N HIS A 377 -69.10 -21.86 -17.74
CA HIS A 377 -67.90 -21.05 -17.65
C HIS A 377 -66.71 -21.96 -17.47
N ARG A 378 -65.51 -21.39 -17.55
CA ARG A 378 -64.27 -22.12 -17.64
C ARG A 378 -63.16 -21.30 -17.04
N LYS A 379 -62.30 -21.92 -16.27
CA LYS A 379 -61.30 -21.25 -15.49
C LYS A 379 -60.04 -21.52 -16.21
N LEU A 380 -59.43 -20.49 -16.74
CA LEU A 380 -58.16 -20.61 -17.38
C LEU A 380 -57.16 -20.10 -16.38
N ALA A 381 -55.95 -20.66 -16.44
CA ALA A 381 -54.86 -20.20 -15.58
C ALA A 381 -53.61 -20.03 -16.38
N THR A 382 -52.87 -19.00 -16.01
CA THR A 382 -51.63 -18.57 -16.63
C THR A 382 -50.62 -18.25 -15.47
N ALA A 383 -49.34 -18.09 -15.77
CA ALA A 383 -48.39 -17.68 -14.72
C ALA A 383 -48.74 -16.35 -14.01
N THR A 384 -49.16 -15.31 -14.74
CA THR A 384 -49.66 -14.06 -14.11
C THR A 384 -50.63 -14.50 -12.97
N GLU A 385 -51.84 -14.95 -13.35
CA GLU A 385 -52.95 -15.30 -12.44
C GLU A 385 -54.03 -16.14 -13.18
N THR A 386 -55.29 -16.06 -12.76
CA THR A 386 -56.33 -16.90 -13.32
C THR A 386 -57.49 -16.05 -13.78
N TYR A 387 -58.34 -16.58 -14.64
CA TYR A 387 -59.53 -15.83 -15.03
C TYR A 387 -60.62 -16.75 -15.54
N ILE A 388 -61.86 -16.37 -15.35
CA ILE A 388 -62.99 -17.16 -15.76
C ILE A 388 -63.52 -16.55 -17.06
N LYS A 389 -63.84 -17.36 -18.06
CA LYS A 389 -64.52 -16.87 -19.27
C LYS A 389 -65.78 -17.64 -19.54
N PRO A 390 -66.71 -17.10 -20.33
CA PRO A 390 -67.86 -17.87 -20.74
C PRO A 390 -67.45 -18.77 -21.87
N ILE A 391 -68.35 -19.66 -22.28
CA ILE A 391 -68.00 -20.71 -23.24
C ILE A 391 -69.23 -21.04 -24.04
N SER A 392 -69.05 -21.33 -25.33
CA SER A 392 -70.18 -21.65 -26.24
C SER A 392 -71.07 -22.85 -25.84
N LYS A 393 -72.28 -22.87 -26.39
CA LYS A 393 -73.21 -23.98 -26.18
C LYS A 393 -72.55 -25.29 -26.54
N LEU A 394 -71.64 -25.23 -27.50
CA LEU A 394 -71.01 -26.41 -28.07
C LEU A 394 -69.99 -26.93 -27.13
N HIS A 395 -69.16 -26.03 -26.63
CA HIS A 395 -68.05 -26.39 -25.74
C HIS A 395 -68.61 -26.88 -24.43
N ALA A 396 -69.88 -26.56 -24.19
CA ALA A 396 -70.54 -26.83 -22.93
C ALA A 396 -71.24 -28.17 -23.01
N ILE A 397 -71.75 -28.54 -24.21
CA ILE A 397 -72.13 -29.93 -24.49
C ILE A 397 -70.94 -30.81 -24.31
N ASN A 398 -69.83 -30.48 -24.96
CA ASN A 398 -68.61 -31.26 -24.81
C ASN A 398 -68.15 -31.36 -23.34
N ALA A 399 -68.39 -30.35 -22.53
CA ALA A 399 -67.98 -30.44 -21.14
C ALA A 399 -68.98 -31.22 -20.29
N ARG A 400 -70.25 -31.09 -20.63
CA ARG A 400 -71.28 -31.81 -19.94
C ARG A 400 -70.94 -33.31 -20.19
N ASP A 401 -70.88 -33.71 -21.45
CA ASP A 401 -70.57 -35.07 -21.83
C ASP A 401 -69.31 -35.61 -21.18
N ALA A 402 -68.28 -34.78 -21.10
CA ALA A 402 -67.00 -35.22 -20.54
C ALA A 402 -67.14 -35.54 -19.06
N LEU A 403 -67.88 -34.70 -18.38
CA LEU A 403 -68.22 -34.90 -16.97
C LEU A 403 -68.98 -36.22 -16.74
N ALA A 404 -70.05 -36.42 -17.49
CA ALA A 404 -70.78 -37.69 -17.50
C ALA A 404 -69.87 -38.90 -17.72
N LYS A 405 -68.96 -38.77 -18.66
CA LYS A 405 -68.09 -39.85 -18.99
C LYS A 405 -67.19 -40.07 -17.83
N HIS A 406 -66.73 -38.98 -17.24
CA HIS A 406 -65.82 -39.06 -16.10
C HIS A 406 -66.51 -39.61 -14.84
N ILE A 407 -67.75 -39.20 -14.57
CA ILE A 407 -68.50 -39.80 -13.49
C ILE A 407 -68.57 -41.32 -13.72
N TYR A 408 -68.99 -41.70 -14.92
CA TYR A 408 -69.24 -43.12 -15.21
C TYR A 408 -67.97 -43.93 -14.99
N ALA A 409 -66.84 -43.39 -15.43
CA ALA A 409 -65.64 -44.15 -15.53
C ALA A 409 -65.16 -44.46 -14.15
N ASN A 410 -65.38 -43.52 -13.27
CA ASN A 410 -64.90 -43.59 -11.93
C ASN A 410 -65.88 -44.38 -11.09
N LEU A 411 -67.16 -44.37 -11.43
CA LEU A 411 -68.13 -45.28 -10.80
C LEU A 411 -67.82 -46.72 -11.18
N PHE A 412 -67.22 -46.90 -12.36
CA PHE A 412 -66.95 -48.22 -12.90
C PHE A 412 -65.72 -48.71 -12.16
N ASN A 413 -64.76 -47.83 -11.95
CA ASN A 413 -63.61 -48.19 -11.14
C ASN A 413 -64.04 -48.41 -9.67
N TRP A 414 -65.04 -47.68 -9.20
CA TRP A 414 -65.44 -47.80 -7.80
C TRP A 414 -65.93 -49.22 -7.60
N ILE A 415 -66.89 -49.63 -8.45
CA ILE A 415 -67.52 -50.93 -8.38
C ILE A 415 -66.51 -52.05 -8.57
N VAL A 416 -65.45 -51.83 -9.35
CA VAL A 416 -64.41 -52.86 -9.48
C VAL A 416 -63.58 -53.02 -8.21
N ASP A 417 -63.24 -51.92 -7.53
CA ASP A 417 -62.47 -51.96 -6.28
C ASP A 417 -63.17 -52.79 -5.25
N HIS A 418 -64.49 -52.68 -5.24
CA HIS A 418 -65.31 -53.25 -4.18
C HIS A 418 -65.74 -54.70 -4.43
N VAL A 419 -65.75 -55.08 -5.69
CA VAL A 419 -65.69 -56.48 -6.03
C VAL A 419 -64.32 -57.01 -5.52
N ASN A 420 -63.26 -56.28 -5.83
CA ASN A 420 -61.92 -56.71 -5.48
C ASN A 420 -61.72 -56.94 -4.00
N LYS A 421 -62.47 -56.24 -3.18
CA LYS A 421 -62.35 -56.40 -1.76
C LYS A 421 -62.94 -57.75 -1.37
N ALA A 422 -64.04 -58.16 -1.99
CA ALA A 422 -64.61 -59.51 -1.78
C ALA A 422 -63.72 -60.70 -2.26
N LEU A 423 -62.73 -60.40 -3.12
CA LEU A 423 -61.93 -61.39 -3.83
C LEU A 423 -60.53 -61.51 -3.28
N HIS A 424 -60.07 -60.46 -2.62
CA HIS A 424 -58.70 -60.35 -2.13
C HIS A 424 -58.52 -61.27 -0.96
N SER A 425 -57.31 -61.80 -0.81
CA SER A 425 -56.99 -62.64 0.32
C SER A 425 -55.87 -61.97 1.12
N THR A 426 -55.87 -62.24 2.44
CA THR A 426 -54.83 -61.76 3.38
C THR A 426 -53.52 -62.51 3.16
N VAL A 427 -53.60 -63.83 2.91
CA VAL A 427 -52.39 -64.63 2.67
C VAL A 427 -51.47 -63.95 1.65
N LYS A 428 -50.18 -63.78 1.94
CA LYS A 428 -49.26 -63.21 0.95
C LYS A 428 -49.45 -63.99 -0.35
N GLN A 429 -49.19 -63.30 -1.46
CA GLN A 429 -49.28 -63.89 -2.80
C GLN A 429 -47.92 -63.93 -3.42
N HIS A 430 -47.53 -65.10 -3.90
CA HIS A 430 -46.25 -65.34 -4.56
C HIS A 430 -46.33 -65.24 -6.08
N SER A 431 -47.48 -65.57 -6.65
CA SER A 431 -47.68 -65.52 -8.10
C SER A 431 -49.15 -65.52 -8.53
N PHE A 432 -49.37 -65.45 -9.83
CA PHE A 432 -50.70 -65.35 -10.37
C PHE A 432 -50.74 -65.85 -11.78
N ILE A 433 -51.95 -66.23 -12.18
CA ILE A 433 -52.27 -66.57 -13.54
C ILE A 433 -53.48 -65.73 -13.85
N GLY A 434 -53.37 -64.88 -14.86
CA GLY A 434 -54.41 -63.92 -15.20
C GLY A 434 -55.14 -64.45 -16.40
N VAL A 435 -56.47 -64.44 -16.33
CA VAL A 435 -57.32 -64.78 -17.49
C VAL A 435 -57.80 -63.45 -18.07
N LEU A 436 -57.48 -63.16 -19.34
CA LEU A 436 -57.97 -61.96 -20.04
C LEU A 436 -59.17 -62.28 -20.88
N ASP A 437 -60.23 -61.53 -20.74
CA ASP A 437 -61.42 -61.73 -21.52
C ASP A 437 -61.52 -60.57 -22.46
N ILE A 438 -60.87 -60.67 -23.61
CA ILE A 438 -60.82 -59.58 -24.55
C ILE A 438 -61.70 -59.89 -25.77
N TYR A 439 -62.12 -58.85 -26.45
CA TYR A 439 -62.82 -59.03 -27.73
C TYR A 439 -61.86 -59.24 -28.88
N GLY A 440 -62.39 -59.73 -29.99
CA GLY A 440 -61.67 -59.82 -31.23
C GLY A 440 -62.19 -58.74 -32.14
N PHE A 441 -61.70 -58.76 -33.35
CA PHE A 441 -62.15 -57.90 -34.41
C PHE A 441 -63.66 -57.62 -34.55
N GLU A 442 -63.97 -56.38 -34.90
CA GLU A 442 -65.34 -55.92 -35.05
C GLU A 442 -65.44 -55.06 -36.32
N THR A 443 -66.24 -55.54 -37.30
CA THR A 443 -66.64 -54.79 -38.51
C THR A 443 -68.11 -54.87 -38.75
N PHE A 444 -68.75 -53.71 -38.88
CA PHE A 444 -70.12 -53.62 -39.35
C PHE A 444 -70.19 -53.03 -40.78
N GLU A 445 -71.38 -52.95 -41.36
CA GLU A 445 -71.54 -52.19 -42.61
C GLU A 445 -71.10 -50.73 -42.41
N ILE A 446 -71.52 -50.09 -41.31
CA ILE A 446 -71.03 -48.79 -40.92
C ILE A 446 -69.99 -48.88 -39.79
N ASN A 447 -68.78 -48.34 -39.94
CA ASN A 447 -67.80 -48.42 -38.86
C ASN A 447 -67.36 -47.00 -38.40
N SER A 448 -67.25 -46.83 -37.08
CA SER A 448 -66.92 -45.57 -36.50
C SER A 448 -65.79 -45.65 -35.48
N PHE A 449 -65.64 -44.61 -34.65
CA PHE A 449 -64.60 -44.53 -33.68
C PHE A 449 -64.46 -45.80 -32.80
N GLU A 450 -65.54 -46.37 -32.37
CA GLU A 450 -65.53 -47.49 -31.44
C GLU A 450 -64.88 -48.75 -32.03
N GLN A 451 -65.37 -49.16 -33.19
CA GLN A 451 -64.69 -50.17 -33.99
C GLN A 451 -63.25 -49.82 -34.28
N PHE A 452 -62.95 -48.57 -34.56
CA PHE A 452 -61.55 -48.21 -34.83
C PHE A 452 -60.66 -48.52 -33.61
N CYS A 453 -61.20 -48.25 -32.43
CA CYS A 453 -60.50 -48.60 -31.19
C CYS A 453 -60.34 -50.10 -30.96
N ILE A 454 -61.40 -50.88 -31.19
CA ILE A 454 -61.29 -52.30 -31.02
C ILE A 454 -60.28 -52.89 -31.94
N ASN A 455 -60.26 -52.43 -33.18
CA ASN A 455 -59.37 -52.98 -34.19
C ASN A 455 -57.89 -52.69 -33.96
N TYR A 456 -57.61 -51.48 -33.50
CA TYR A 456 -56.31 -51.04 -33.08
C TYR A 456 -55.81 -51.97 -31.97
N ALA A 457 -56.58 -52.13 -30.90
CA ALA A 457 -56.24 -53.09 -29.83
C ALA A 457 -55.96 -54.47 -30.38
N ASN A 458 -56.67 -54.84 -31.44
CA ASN A 458 -56.57 -56.16 -32.00
C ASN A 458 -55.30 -56.32 -32.79
N GLU A 459 -54.82 -55.25 -33.45
CA GLU A 459 -53.54 -55.33 -34.16
C GLU A 459 -52.48 -55.54 -33.14
N LYS A 460 -52.64 -54.82 -32.04
CA LYS A 460 -51.70 -54.86 -30.97
C LYS A 460 -51.68 -56.21 -30.23
N LEU A 461 -52.81 -56.84 -30.04
CA LEU A 461 -52.76 -58.15 -29.44
C LEU A 461 -52.28 -59.16 -30.43
N GLN A 462 -52.56 -58.96 -31.71
CA GLN A 462 -52.03 -59.85 -32.74
C GLN A 462 -50.49 -59.75 -32.89
N GLN A 463 -49.93 -58.58 -32.74
CA GLN A 463 -48.52 -58.44 -32.90
C GLN A 463 -47.87 -59.20 -31.78
N GLN A 464 -48.40 -59.06 -30.55
CA GLN A 464 -47.75 -59.67 -29.40
C GLN A 464 -47.87 -61.20 -29.43
N PHE A 465 -48.93 -61.70 -30.04
CA PHE A 465 -49.06 -63.12 -30.31
C PHE A 465 -48.03 -63.57 -31.37
N ASN A 466 -47.86 -62.81 -32.45
CA ASN A 466 -46.98 -63.21 -33.52
C ASN A 466 -45.57 -63.29 -33.03
N MET A 467 -45.19 -62.34 -32.19
CA MET A 467 -43.87 -62.27 -31.63
C MET A 467 -43.65 -63.36 -30.62
N HIS A 468 -44.67 -63.84 -29.95
CA HIS A 468 -44.46 -64.97 -29.07
C HIS A 468 -44.25 -66.25 -29.87
N VAL A 469 -45.12 -66.53 -30.83
CA VAL A 469 -44.98 -67.68 -31.72
C VAL A 469 -43.60 -67.73 -32.32
N PHE A 470 -43.14 -66.59 -32.82
CA PHE A 470 -41.85 -66.38 -33.51
C PHE A 470 -40.70 -66.63 -32.53
N LYS A 471 -40.79 -66.15 -31.28
CA LYS A 471 -39.77 -66.55 -30.34
C LYS A 471 -39.67 -68.06 -30.28
N LEU A 472 -40.81 -68.72 -30.10
CA LEU A 472 -40.86 -70.16 -29.85
C LEU A 472 -40.39 -70.96 -31.04
N GLU A 473 -40.52 -70.39 -32.24
CA GLU A 473 -40.11 -71.06 -33.45
C GLU A 473 -38.60 -71.00 -33.53
N GLN A 474 -38.07 -69.82 -33.28
CA GLN A 474 -36.65 -69.64 -33.16
C GLN A 474 -36.09 -70.58 -32.11
N GLU A 475 -36.76 -70.72 -30.98
CA GLU A 475 -36.29 -71.68 -30.00
C GLU A 475 -36.38 -73.14 -30.53
N GLU A 476 -37.41 -73.48 -31.28
CA GLU A 476 -37.51 -74.85 -31.78
C GLU A 476 -36.33 -75.09 -32.69
N TYR A 477 -35.96 -74.09 -33.51
CA TYR A 477 -34.92 -74.23 -34.51
C TYR A 477 -33.57 -74.38 -33.84
N MET A 478 -33.22 -73.53 -32.88
CA MET A 478 -31.98 -73.73 -32.16
C MET A 478 -31.82 -75.16 -31.64
N LYS A 479 -32.78 -75.68 -30.86
CA LYS A 479 -32.75 -77.07 -30.41
C LYS A 479 -32.50 -78.03 -31.55
N GLU A 480 -33.26 -77.88 -32.63
CA GLU A 480 -33.19 -78.78 -33.76
C GLU A 480 -31.97 -78.53 -34.71
N GLN A 481 -31.14 -77.55 -34.38
CA GLN A 481 -29.93 -77.25 -35.16
C GLN A 481 -30.20 -76.96 -36.66
N ILE A 482 -31.23 -76.15 -36.90
CA ILE A 482 -31.49 -75.49 -38.20
C ILE A 482 -31.21 -74.02 -37.93
N PRO A 483 -30.63 -73.29 -38.86
CA PRO A 483 -30.36 -71.88 -38.58
C PRO A 483 -31.65 -71.06 -38.30
N TRP A 484 -31.77 -70.47 -37.11
CA TRP A 484 -33.03 -69.80 -36.71
C TRP A 484 -33.37 -68.52 -37.46
N THR A 485 -32.39 -67.98 -38.13
CA THR A 485 -32.64 -66.81 -38.91
C THR A 485 -33.43 -67.15 -40.17
N LEU A 486 -33.79 -68.41 -40.40
CA LEU A 486 -34.45 -68.78 -41.66
C LEU A 486 -35.93 -68.55 -41.51
N ILE A 487 -36.38 -68.47 -40.28
CA ILE A 487 -37.73 -67.99 -39.99
C ILE A 487 -38.08 -66.50 -40.37
N ASP A 488 -39.02 -66.33 -41.30
CA ASP A 488 -39.61 -65.06 -41.66
C ASP A 488 -40.57 -64.54 -40.56
N PHE A 489 -40.71 -63.22 -40.39
CA PHE A 489 -41.72 -62.57 -39.54
C PHE A 489 -42.71 -61.80 -40.38
N TYR A 490 -44.00 -61.95 -40.08
CA TYR A 490 -45.03 -61.15 -40.72
C TYR A 490 -45.50 -60.05 -39.76
N ASP A 491 -44.96 -58.85 -40.01
CA ASP A 491 -44.95 -57.72 -39.07
C ASP A 491 -46.17 -56.81 -39.25
N ASN A 492 -46.87 -56.51 -38.14
CA ASN A 492 -48.03 -55.61 -38.10
C ASN A 492 -47.63 -54.22 -37.62
N GLN A 493 -46.35 -53.99 -37.35
CA GLN A 493 -45.96 -52.70 -36.77
C GLN A 493 -46.32 -51.47 -37.70
N PRO A 494 -46.25 -51.62 -39.02
CA PRO A 494 -46.63 -50.53 -39.92
C PRO A 494 -48.09 -50.12 -39.83
N CYS A 495 -48.98 -51.06 -39.52
CA CYS A 495 -50.40 -50.74 -39.42
C CYS A 495 -50.61 -50.03 -38.10
N ILE A 496 -49.90 -50.48 -37.09
CA ILE A 496 -49.98 -49.91 -35.77
C ILE A 496 -49.39 -48.53 -35.72
N ASN A 497 -48.32 -48.26 -36.47
CA ASN A 497 -47.76 -46.92 -36.49
C ASN A 497 -48.74 -46.00 -37.24
N LEU A 498 -49.35 -46.54 -38.28
CA LEU A 498 -50.25 -45.74 -39.08
C LEU A 498 -51.38 -45.23 -38.19
N ILE A 499 -51.81 -46.06 -37.23
CA ILE A 499 -52.82 -45.73 -36.26
C ILE A 499 -52.32 -44.81 -35.15
N GLU A 500 -51.17 -45.11 -34.55
CA GLU A 500 -50.79 -44.54 -33.25
C GLU A 500 -49.51 -43.71 -33.20
N ALA A 501 -48.80 -43.53 -34.31
CA ALA A 501 -47.52 -42.82 -34.26
C ALA A 501 -47.68 -41.36 -34.67
N LYS A 502 -46.62 -40.56 -34.47
CA LYS A 502 -46.71 -39.13 -34.82
C LYS A 502 -47.18 -39.02 -36.29
N MET A 503 -48.16 -38.15 -36.52
CA MET A 503 -48.82 -37.94 -37.83
C MET A 503 -49.79 -39.03 -38.25
N GLY A 504 -49.96 -40.02 -37.39
CA GLY A 504 -50.92 -41.08 -37.64
C GLY A 504 -52.34 -40.65 -37.36
N VAL A 505 -53.26 -41.58 -37.60
CA VAL A 505 -54.71 -41.34 -37.50
C VAL A 505 -55.18 -40.73 -36.18
N LEU A 506 -54.77 -41.33 -35.06
CA LEU A 506 -55.11 -40.79 -33.77
C LEU A 506 -54.36 -39.48 -33.49
N ASP A 507 -53.07 -39.32 -33.86
CA ASP A 507 -52.41 -38.03 -33.59
C ASP A 507 -53.13 -36.89 -34.33
N LEU A 508 -53.49 -37.10 -35.60
CA LEU A 508 -54.21 -36.11 -36.37
C LEU A 508 -55.52 -35.84 -35.71
N LEU A 509 -56.21 -36.87 -35.24
CA LEU A 509 -57.55 -36.66 -34.71
C LEU A 509 -57.46 -35.75 -33.49
N ASP A 510 -56.45 -35.95 -32.69
CA ASP A 510 -56.13 -35.06 -31.57
C ASP A 510 -55.91 -33.58 -32.06
N GLU A 511 -54.87 -33.34 -32.85
CA GLU A 511 -54.62 -32.04 -33.46
C GLU A 511 -55.88 -31.33 -33.92
N GLU A 512 -56.60 -31.90 -34.87
CA GLU A 512 -57.85 -31.33 -35.38
C GLU A 512 -58.86 -30.96 -34.28
N CYS A 513 -58.98 -31.80 -33.23
CA CYS A 513 -59.92 -31.56 -32.14
C CYS A 513 -59.63 -30.24 -31.41
N LYS A 514 -58.37 -29.81 -31.47
CA LYS A 514 -57.89 -28.59 -30.85
C LYS A 514 -58.01 -27.36 -31.74
N MET A 515 -58.46 -27.54 -32.98
CA MET A 515 -58.55 -26.45 -33.95
C MET A 515 -59.93 -25.86 -33.87
N PRO A 516 -60.07 -24.56 -33.59
CA PRO A 516 -61.39 -23.92 -33.51
C PRO A 516 -62.28 -24.18 -34.70
N LYS A 517 -61.73 -24.23 -35.92
CA LYS A 517 -62.53 -24.53 -37.12
C LYS A 517 -62.58 -26.04 -37.52
N GLY A 518 -61.74 -26.87 -36.90
CA GLY A 518 -61.64 -28.28 -37.27
C GLY A 518 -62.94 -29.10 -37.23
N SER A 519 -63.23 -29.86 -38.27
CA SER A 519 -64.38 -30.75 -38.27
C SER A 519 -64.03 -32.16 -38.80
N ASP A 520 -65.05 -32.98 -39.00
CA ASP A 520 -64.89 -34.32 -39.54
C ASP A 520 -64.28 -34.27 -40.93
N ASP A 521 -64.78 -33.37 -41.82
CA ASP A 521 -64.32 -33.30 -43.21
C ASP A 521 -62.92 -32.71 -43.35
N THR A 522 -62.53 -31.83 -42.43
CA THR A 522 -61.22 -31.24 -42.51
C THR A 522 -60.17 -32.15 -41.93
N TRP A 523 -60.58 -33.07 -41.08
CA TRP A 523 -59.68 -34.12 -40.57
C TRP A 523 -59.50 -35.22 -41.60
N ALA A 524 -60.57 -35.52 -42.32
CA ALA A 524 -60.49 -36.47 -43.39
C ALA A 524 -59.43 -35.98 -44.34
N GLN A 525 -59.46 -34.69 -44.67
CA GLN A 525 -58.54 -34.17 -45.65
C GLN A 525 -57.14 -34.32 -45.11
N LYS A 526 -56.88 -33.99 -43.86
CA LYS A 526 -55.51 -34.18 -43.34
C LYS A 526 -55.06 -35.65 -43.41
N LEU A 527 -56.02 -36.58 -43.38
CA LEU A 527 -55.70 -38.00 -43.46
C LEU A 527 -55.21 -38.30 -44.86
N TYR A 528 -55.88 -37.74 -45.85
CA TYR A 528 -55.51 -37.90 -47.25
C TYR A 528 -54.14 -37.28 -47.59
N ASN A 529 -54.01 -36.00 -47.30
CA ASN A 529 -52.79 -35.24 -47.53
C ASN A 529 -51.58 -35.80 -46.77
N THR A 530 -51.81 -36.54 -45.70
CA THR A 530 -50.71 -37.13 -44.96
C THR A 530 -50.42 -38.55 -45.40
N HIS A 531 -51.40 -39.36 -45.78
CA HIS A 531 -51.16 -40.80 -45.93
C HIS A 531 -51.51 -41.39 -47.30
N LEU A 532 -52.49 -40.81 -47.99
CA LEU A 532 -52.93 -41.36 -49.25
C LEU A 532 -51.77 -41.38 -50.23
N ASN A 533 -51.63 -42.51 -50.92
CA ASN A 533 -50.51 -42.73 -51.86
C ASN A 533 -49.11 -42.73 -51.24
N LYS A 534 -49.03 -42.80 -49.91
CA LYS A 534 -47.75 -42.72 -49.16
C LYS A 534 -47.66 -43.81 -48.11
N CYS A 535 -48.69 -44.64 -48.03
CA CYS A 535 -48.74 -45.70 -47.07
C CYS A 535 -49.73 -46.68 -47.60
N ALA A 536 -49.23 -47.86 -47.93
CA ALA A 536 -49.99 -48.91 -48.57
C ALA A 536 -51.16 -49.41 -47.71
N LEU A 537 -51.07 -49.27 -46.39
CA LEU A 537 -52.12 -49.77 -45.51
C LEU A 537 -53.36 -48.84 -45.45
N PHE A 538 -53.37 -47.79 -46.28
CA PHE A 538 -54.31 -46.69 -46.19
C PHE A 538 -54.92 -46.40 -47.57
N GLU A 539 -56.20 -46.67 -47.71
CA GLU A 539 -56.89 -46.46 -48.95
C GLU A 539 -57.99 -45.46 -48.69
N LYS A 540 -58.46 -44.84 -49.77
CA LYS A 540 -59.52 -43.86 -49.70
C LYS A 540 -60.54 -44.33 -50.69
N PRO A 541 -61.81 -44.49 -50.32
CA PRO A 541 -62.79 -45.07 -51.25
C PRO A 541 -62.95 -44.13 -52.44
N ARG A 542 -63.02 -44.67 -53.67
CA ARG A 542 -62.96 -43.81 -54.85
C ARG A 542 -64.18 -42.84 -54.83
N LEU A 543 -65.32 -43.34 -54.36
CA LEU A 543 -66.61 -42.63 -54.37
C LEU A 543 -66.98 -41.80 -53.09
N SER A 544 -66.02 -41.38 -52.28
CA SER A 544 -66.35 -40.66 -51.04
C SER A 544 -65.22 -39.78 -50.50
N ASN A 545 -65.60 -38.69 -49.82
CA ASN A 545 -64.65 -37.85 -49.14
C ASN A 545 -64.76 -37.91 -47.63
N LYS A 546 -65.56 -38.82 -47.11
CA LYS A 546 -65.88 -38.86 -45.68
C LYS A 546 -65.52 -40.19 -44.97
N ALA A 547 -64.53 -40.92 -45.51
CA ALA A 547 -64.27 -42.32 -45.12
C ALA A 547 -62.84 -42.67 -45.46
N PHE A 548 -62.19 -43.49 -44.63
CA PHE A 548 -60.86 -44.01 -44.94
C PHE A 548 -60.88 -45.50 -44.75
N ILE A 549 -59.86 -46.15 -45.29
CA ILE A 549 -59.72 -47.60 -45.17
C ILE A 549 -58.38 -47.92 -44.58
N ILE A 550 -58.34 -48.91 -43.68
CA ILE A 550 -57.11 -49.48 -43.13
C ILE A 550 -56.97 -50.94 -43.53
N LYS A 551 -55.79 -51.33 -44.02
CA LYS A 551 -55.48 -52.74 -44.28
C LYS A 551 -55.05 -53.34 -43.00
N HIS A 552 -56.02 -53.80 -42.22
CA HIS A 552 -55.79 -54.49 -40.98
C HIS A 552 -55.37 -55.94 -41.25
N PHE A 553 -54.70 -56.58 -40.31
CA PHE A 553 -54.21 -57.92 -40.53
C PHE A 553 -55.31 -58.86 -40.97
N ALA A 554 -56.47 -58.80 -40.35
CA ALA A 554 -57.49 -59.81 -40.58
C ALA A 554 -58.38 -59.56 -41.78
N ASP A 555 -58.31 -58.37 -42.36
CA ASP A 555 -59.42 -57.83 -43.16
C ASP A 555 -59.22 -56.35 -43.36
N LYS A 556 -59.77 -55.86 -44.43
CA LYS A 556 -59.70 -54.47 -44.78
C LYS A 556 -61.04 -53.83 -44.22
N VAL A 557 -60.96 -52.63 -43.65
CA VAL A 557 -62.10 -52.04 -42.95
C VAL A 557 -62.27 -50.59 -43.36
N GLU A 558 -63.49 -50.24 -43.77
CA GLU A 558 -63.86 -48.85 -44.09
C GLU A 558 -64.43 -48.21 -42.89
N TYR A 559 -63.94 -47.02 -42.57
CA TYR A 559 -64.44 -46.22 -41.44
C TYR A 559 -65.11 -44.94 -41.93
N GLN A 560 -66.38 -44.73 -41.58
CA GLN A 560 -67.00 -43.40 -41.74
C GLN A 560 -66.46 -42.37 -40.74
N CYS A 561 -65.97 -41.26 -41.23
CA CYS A 561 -65.48 -40.19 -40.37
C CYS A 561 -66.50 -39.49 -39.50
N GLU A 562 -67.76 -39.44 -39.94
CA GLU A 562 -68.84 -38.90 -39.09
C GLU A 562 -68.73 -39.36 -37.64
N GLY A 563 -68.70 -38.38 -36.75
CA GLY A 563 -68.74 -38.62 -35.35
C GLY A 563 -67.39 -38.71 -34.70
N PHE A 564 -66.31 -38.78 -35.48
CA PHE A 564 -65.01 -39.11 -34.91
C PHE A 564 -64.48 -38.02 -34.03
N LEU A 565 -64.67 -36.79 -34.41
CA LEU A 565 -64.07 -35.68 -33.69
C LEU A 565 -64.81 -35.45 -32.40
N GLU A 566 -66.12 -35.60 -32.41
CA GLU A 566 -66.90 -35.42 -31.19
C GLU A 566 -66.64 -36.53 -30.20
N LYS A 567 -66.59 -37.76 -30.68
CA LYS A 567 -66.39 -38.88 -29.77
C LYS A 567 -65.02 -38.85 -29.09
N ASN A 568 -64.02 -38.31 -29.77
CA ASN A 568 -62.66 -38.31 -29.26
C ASN A 568 -62.40 -37.28 -28.17
N LYS A 569 -63.17 -36.18 -28.21
CA LYS A 569 -63.09 -35.06 -27.25
C LYS A 569 -63.52 -35.56 -25.93
N ASP A 570 -62.83 -35.14 -24.88
CA ASP A 570 -63.08 -35.65 -23.54
C ASP A 570 -62.47 -34.76 -22.43
N THR A 571 -62.57 -33.44 -22.60
CA THR A 571 -61.96 -32.53 -21.65
C THR A 571 -62.97 -32.25 -20.55
N VAL A 572 -62.68 -32.80 -19.40
CA VAL A 572 -63.45 -32.58 -18.22
C VAL A 572 -62.95 -31.26 -17.56
N TYR A 573 -63.86 -30.44 -17.03
CA TYR A 573 -63.47 -29.21 -16.28
C TYR A 573 -63.35 -29.43 -14.73
N GLU A 574 -62.16 -29.19 -14.16
CA GLU A 574 -61.95 -29.30 -12.70
C GLU A 574 -63.03 -28.58 -11.85
N GLU A 575 -63.52 -27.41 -12.29
CA GLU A 575 -64.51 -26.70 -11.48
C GLU A 575 -65.74 -27.54 -11.45
N GLN A 576 -66.12 -28.11 -12.59
CA GLN A 576 -67.27 -29.03 -12.64
C GLN A 576 -67.10 -30.17 -11.65
N ILE A 577 -65.90 -30.75 -11.55
CA ILE A 577 -65.64 -31.86 -10.60
C ILE A 577 -65.78 -31.45 -9.15
N LYS A 578 -65.01 -30.42 -8.76
CA LYS A 578 -64.91 -29.91 -7.38
C LYS A 578 -66.29 -29.59 -6.84
N VAL A 579 -67.17 -29.03 -7.66
CA VAL A 579 -68.54 -28.89 -7.19
C VAL A 579 -69.03 -30.24 -6.59
N LEU A 580 -69.02 -31.28 -7.42
CA LEU A 580 -69.40 -32.64 -7.01
C LEU A 580 -68.46 -33.18 -5.91
N LYS A 581 -67.15 -32.96 -6.03
CA LYS A 581 -66.19 -33.48 -5.03
C LYS A 581 -66.49 -32.97 -3.64
N SER A 582 -67.48 -32.11 -3.49
CA SER A 582 -67.81 -31.43 -2.23
C SER A 582 -69.27 -31.66 -1.74
N SER A 583 -70.02 -32.55 -2.37
CA SER A 583 -71.33 -32.90 -1.82
C SER A 583 -71.16 -33.34 -0.37
N LYS A 584 -72.29 -33.63 0.27
CA LYS A 584 -72.25 -34.10 1.64
C LYS A 584 -73.44 -35.02 1.87
N LYS A 585 -74.58 -34.71 1.25
CA LYS A 585 -75.79 -35.50 1.44
C LYS A 585 -75.69 -36.77 0.61
N PHE A 586 -74.67 -37.60 0.84
CA PHE A 586 -74.23 -38.61 -0.14
C PHE A 586 -72.73 -39.09 -0.08
N LYS A 587 -72.44 -40.15 0.69
CA LYS A 587 -71.04 -40.57 0.97
C LYS A 587 -70.21 -41.00 -0.27
N LEU A 588 -70.87 -41.71 -1.20
CA LEU A 588 -70.24 -42.23 -2.42
C LEU A 588 -69.54 -41.15 -3.28
N LEU A 589 -70.32 -40.15 -3.71
CA LEU A 589 -69.90 -39.26 -4.78
C LEU A 589 -68.52 -38.69 -4.55
N PRO A 590 -68.22 -38.18 -3.37
CA PRO A 590 -66.86 -37.69 -3.13
C PRO A 590 -65.84 -38.82 -3.17
N GLU A 591 -66.24 -40.06 -2.81
CA GLU A 591 -65.36 -41.25 -2.91
C GLU A 591 -64.84 -41.53 -4.34
N LEU A 592 -65.72 -41.44 -5.34
CA LEU A 592 -65.33 -41.51 -6.76
C LEU A 592 -64.07 -40.78 -7.19
N PHE A 593 -63.84 -39.59 -6.64
CA PHE A 593 -62.78 -38.67 -7.08
C PHE A 593 -61.54 -38.58 -6.18
N GLN A 594 -61.54 -39.24 -5.04
CA GLN A 594 -60.28 -39.44 -4.29
C GLN A 594 -59.22 -40.12 -5.16
N THR A 628 -53.15 -35.25 -12.74
CA THR A 628 -54.44 -34.59 -12.63
C THR A 628 -54.75 -33.82 -13.92
N SER A 629 -54.62 -32.49 -13.94
CA SER A 629 -55.12 -31.66 -15.06
C SER A 629 -54.71 -32.14 -16.46
N LYS A 630 -53.49 -32.69 -16.61
CA LYS A 630 -53.06 -33.25 -17.91
C LYS A 630 -53.87 -34.51 -18.22
N GLU A 631 -53.99 -35.39 -17.23
CA GLU A 631 -54.79 -36.62 -17.39
C GLU A 631 -56.20 -36.37 -17.97
N HIS A 632 -56.87 -35.26 -17.67
CA HIS A 632 -58.19 -35.04 -18.29
C HIS A 632 -58.29 -33.98 -19.32
N LYS A 633 -57.16 -33.52 -19.84
CA LYS A 633 -57.14 -32.82 -21.12
C LYS A 633 -57.25 -33.87 -22.21
N LYS A 634 -56.79 -35.09 -21.88
CA LYS A 634 -56.63 -36.22 -22.79
C LYS A 634 -57.89 -36.64 -23.47
N THR A 635 -57.81 -36.84 -24.77
CA THR A 635 -58.92 -37.39 -25.54
C THR A 635 -59.18 -38.87 -25.21
N VAL A 636 -60.28 -39.42 -25.74
CA VAL A 636 -60.62 -40.84 -25.57
C VAL A 636 -59.61 -41.75 -26.31
N GLY A 637 -59.27 -41.40 -27.56
CA GLY A 637 -58.19 -42.03 -28.29
C GLY A 637 -56.86 -42.18 -27.52
N HIS A 638 -56.51 -41.13 -26.82
CA HIS A 638 -55.23 -41.03 -26.16
C HIS A 638 -55.31 -41.91 -24.91
N GLN A 639 -56.41 -41.80 -24.16
CA GLN A 639 -56.60 -42.64 -22.97
C GLN A 639 -56.65 -44.10 -23.40
N PHE A 640 -57.12 -44.34 -24.58
CA PHE A 640 -57.31 -45.67 -25.02
C PHE A 640 -55.92 -46.21 -25.25
N ARG A 641 -55.08 -45.41 -25.86
CA ARG A 641 -53.74 -45.87 -26.13
C ARG A 641 -53.01 -46.13 -24.81
N ASN A 642 -53.28 -45.35 -23.78
CA ASN A 642 -52.60 -45.56 -22.52
C ASN A 642 -53.09 -46.85 -21.85
N SER A 643 -54.39 -47.08 -21.95
CA SER A 643 -54.96 -48.24 -21.34
C SER A 643 -54.41 -49.44 -22.05
N LEU A 644 -54.20 -49.33 -23.34
CA LEU A 644 -53.78 -50.43 -24.15
C LEU A 644 -52.33 -50.73 -23.90
N HIS A 645 -51.49 -49.71 -23.69
CA HIS A 645 -50.07 -50.01 -23.42
C HIS A 645 -49.95 -50.51 -21.97
N LEU A 646 -50.86 -50.10 -21.10
CA LEU A 646 -50.95 -50.69 -19.77
C LEU A 646 -51.20 -52.19 -19.84
N LEU A 647 -52.06 -52.57 -20.80
CA LEU A 647 -52.52 -53.93 -20.94
C LEU A 647 -51.42 -54.75 -21.51
N MET A 648 -50.70 -54.21 -22.48
CA MET A 648 -49.58 -54.95 -23.12
C MET A 648 -48.46 -55.18 -22.09
N GLU A 649 -48.15 -54.17 -21.28
CA GLU A 649 -47.13 -54.26 -20.27
C GLU A 649 -47.45 -55.42 -19.32
N THR A 650 -48.64 -55.33 -18.75
CA THR A 650 -49.19 -56.41 -17.98
C THR A 650 -48.95 -57.77 -18.66
N LEU A 651 -49.28 -57.93 -19.91
CA LEU A 651 -49.15 -59.25 -20.54
C LEU A 651 -47.71 -59.63 -20.87
N ASN A 652 -46.89 -58.64 -21.17
CA ASN A 652 -45.49 -58.85 -21.49
C ASN A 652 -44.69 -59.26 -20.28
N ALA A 653 -45.14 -58.87 -19.10
CA ALA A 653 -44.45 -59.29 -17.87
C ALA A 653 -44.83 -60.71 -17.53
N THR A 654 -45.51 -61.42 -18.43
CA THR A 654 -46.02 -62.79 -18.18
C THR A 654 -45.85 -63.70 -19.37
N THR A 655 -45.95 -64.99 -19.14
CA THR A 655 -45.93 -65.97 -20.21
C THR A 655 -47.36 -66.17 -20.71
N PRO A 656 -47.66 -65.86 -21.95
CA PRO A 656 -49.01 -65.99 -22.47
C PRO A 656 -49.37 -67.37 -23.03
N HIS A 657 -50.64 -67.76 -22.85
CA HIS A 657 -51.21 -68.88 -23.55
C HIS A 657 -52.46 -68.32 -24.18
N TYR A 658 -53.01 -69.00 -25.20
CA TYR A 658 -54.03 -68.42 -26.03
C TYR A 658 -55.19 -69.35 -26.29
N VAL A 659 -56.38 -68.82 -26.10
CA VAL A 659 -57.62 -69.50 -26.42
C VAL A 659 -58.51 -68.61 -27.32
N ARG A 660 -58.95 -69.15 -28.44
CA ARG A 660 -59.84 -68.45 -29.37
C ARG A 660 -61.21 -69.08 -29.33
N CYS A 661 -62.23 -68.31 -28.98
CA CYS A 661 -63.59 -68.78 -28.81
C CYS A 661 -64.45 -68.39 -30.02
N ILE A 662 -65.08 -69.34 -30.71
CA ILE A 662 -65.99 -68.99 -31.79
C ILE A 662 -67.47 -69.43 -31.61
N LYS A 663 -68.38 -68.68 -32.22
CA LYS A 663 -69.80 -69.03 -32.30
C LYS A 663 -69.97 -69.74 -33.62
N PRO A 664 -70.47 -70.96 -33.62
CA PRO A 664 -70.75 -71.65 -34.88
C PRO A 664 -72.03 -71.23 -35.57
N ASN A 665 -73.01 -70.74 -34.81
CA ASN A 665 -74.28 -70.29 -35.39
C ASN A 665 -74.86 -69.07 -34.69
N ASP A 666 -75.93 -68.52 -35.26
CA ASP A 666 -76.42 -67.26 -34.80
C ASP A 666 -77.61 -67.37 -33.90
N PHE A 667 -77.93 -68.57 -33.39
CA PHE A 667 -79.16 -68.75 -32.62
C PHE A 667 -79.03 -69.56 -31.39
N LYS A 668 -77.82 -69.66 -30.87
CA LYS A 668 -77.62 -70.50 -29.70
C LYS A 668 -78.12 -71.95 -29.87
N PHE A 669 -78.14 -72.47 -31.08
CA PHE A 669 -78.49 -73.89 -31.29
C PHE A 669 -77.37 -74.87 -30.91
N PRO A 670 -77.68 -75.90 -30.14
CA PRO A 670 -76.73 -76.99 -29.88
C PRO A 670 -76.04 -77.57 -31.13
N PHE A 671 -74.79 -78.03 -30.97
CA PHE A 671 -73.97 -78.59 -32.03
C PHE A 671 -74.50 -78.33 -33.42
N THR A 672 -74.52 -77.07 -33.84
CA THR A 672 -74.88 -76.71 -35.19
C THR A 672 -73.86 -75.76 -35.79
N PHE A 673 -73.47 -76.00 -37.03
CA PHE A 673 -72.28 -75.39 -37.62
C PHE A 673 -72.72 -74.73 -38.88
N ASP A 674 -72.59 -73.42 -38.90
CA ASP A 674 -72.93 -72.60 -40.06
C ASP A 674 -71.59 -72.17 -40.63
N GLU A 675 -71.34 -72.53 -41.85
CA GLU A 675 -70.03 -72.25 -42.43
C GLU A 675 -69.74 -70.77 -42.60
N LYS A 676 -70.74 -69.97 -42.88
CA LYS A 676 -70.50 -68.56 -43.14
C LYS A 676 -70.13 -67.86 -41.84
N ARG A 677 -70.76 -68.28 -40.75
CA ARG A 677 -70.46 -67.69 -39.47
C ARG A 677 -69.13 -68.20 -38.87
N ALA A 678 -68.79 -69.44 -39.17
CA ALA A 678 -67.56 -70.01 -38.72
C ALA A 678 -66.35 -69.31 -39.30
N VAL A 679 -66.34 -69.10 -40.61
CA VAL A 679 -65.25 -68.41 -41.30
C VAL A 679 -65.12 -67.00 -40.76
N GLN A 680 -66.26 -66.34 -40.52
CA GLN A 680 -66.22 -64.95 -40.07
C GLN A 680 -65.59 -64.87 -38.70
N GLN A 681 -65.88 -65.86 -37.86
CA GLN A 681 -65.43 -65.90 -36.50
C GLN A 681 -63.94 -66.21 -36.46
N LEU A 682 -63.52 -67.22 -37.23
CA LEU A 682 -62.13 -67.62 -37.26
C LEU A 682 -61.30 -66.46 -37.80
N ARG A 683 -61.86 -65.72 -38.74
CA ARG A 683 -61.22 -64.55 -39.29
C ARG A 683 -61.09 -63.50 -38.19
N ALA A 684 -62.18 -63.19 -37.53
CA ALA A 684 -62.12 -62.09 -36.57
C ALA A 684 -61.30 -62.49 -35.33
N CYS A 685 -60.94 -63.76 -35.23
CA CYS A 685 -60.13 -64.28 -34.13
C CYS A 685 -58.67 -64.29 -34.46
N GLY A 686 -58.30 -64.08 -35.69
CA GLY A 686 -56.90 -64.15 -36.04
C GLY A 686 -56.43 -65.55 -36.42
N VAL A 687 -57.31 -66.53 -36.27
CA VAL A 687 -56.97 -67.88 -36.57
C VAL A 687 -56.65 -68.07 -38.05
N LEU A 688 -57.36 -67.38 -38.96
CA LEU A 688 -57.03 -67.48 -40.39
C LEU A 688 -55.68 -66.89 -40.81
N GLU A 689 -55.30 -65.79 -40.19
CA GLU A 689 -53.98 -65.21 -40.30
C GLU A 689 -52.88 -66.07 -39.63
N THR A 690 -53.18 -66.57 -38.44
CA THR A 690 -52.28 -67.44 -37.72
C THR A 690 -51.90 -68.58 -38.62
N ILE A 691 -52.91 -69.09 -39.34
CA ILE A 691 -52.77 -70.29 -40.14
C ILE A 691 -52.08 -70.04 -41.46
N ARG A 692 -52.28 -68.86 -42.03
CA ARG A 692 -51.56 -68.41 -43.21
C ARG A 692 -50.03 -68.31 -43.02
N ILE A 693 -49.64 -67.68 -41.92
CA ILE A 693 -48.28 -67.52 -41.48
C ILE A 693 -47.62 -68.90 -41.34
N SER A 694 -48.12 -69.71 -40.43
CA SER A 694 -47.85 -71.16 -40.43
C SER A 694 -47.68 -71.80 -41.82
N ALA A 695 -48.61 -71.55 -42.72
CA ALA A 695 -48.66 -72.21 -44.02
C ALA A 695 -47.57 -71.77 -44.94
N ALA A 696 -46.84 -70.71 -44.57
CA ALA A 696 -45.77 -70.15 -45.41
C ALA A 696 -44.36 -70.60 -45.02
N GLY A 697 -44.22 -71.32 -43.89
CA GLY A 697 -42.96 -71.89 -43.47
C GLY A 697 -42.95 -73.40 -43.53
N PHE A 698 -42.68 -74.05 -42.39
CA PHE A 698 -42.50 -75.49 -42.36
C PHE A 698 -43.43 -76.02 -41.27
N PRO A 699 -44.73 -76.09 -41.54
CA PRO A 699 -45.71 -76.51 -40.55
C PRO A 699 -45.75 -77.95 -40.17
N SER A 700 -45.55 -78.86 -41.11
CA SER A 700 -45.62 -80.30 -40.79
C SER A 700 -44.34 -80.66 -40.06
N ARG A 701 -44.39 -81.51 -39.03
CA ARG A 701 -43.19 -81.88 -38.27
C ARG A 701 -43.17 -83.31 -37.74
N TRP A 702 -42.45 -84.17 -38.45
CA TRP A 702 -42.40 -85.60 -38.18
C TRP A 702 -41.10 -85.91 -37.55
N THR A 703 -41.07 -86.84 -36.60
CA THR A 703 -39.78 -87.27 -36.10
C THR A 703 -39.25 -88.26 -37.12
N TYR A 704 -37.94 -88.45 -37.13
CA TYR A 704 -37.39 -89.45 -38.03
C TYR A 704 -38.16 -90.80 -37.89
N GLN A 705 -38.27 -91.40 -36.71
CA GLN A 705 -39.16 -92.55 -36.52
C GLN A 705 -40.56 -92.38 -37.14
N GLU A 706 -41.33 -91.36 -36.76
CA GLU A 706 -42.69 -91.27 -37.27
C GLU A 706 -42.64 -91.47 -38.77
N PHE A 707 -41.69 -90.80 -39.43
CA PHE A 707 -41.46 -90.91 -40.88
C PHE A 707 -41.05 -92.33 -41.40
N PHE A 708 -39.98 -92.88 -40.89
CA PHE A 708 -39.58 -94.24 -41.23
C PHE A 708 -40.76 -95.24 -41.11
N SER A 709 -41.59 -95.08 -40.07
CA SER A 709 -42.67 -95.99 -39.72
C SER A 709 -43.95 -95.74 -40.50
N ARG A 710 -43.95 -94.74 -41.34
CA ARG A 710 -45.09 -94.43 -42.16
C ARG A 710 -44.76 -94.74 -43.61
N TYR A 711 -43.50 -94.54 -43.94
CA TYR A 711 -43.05 -94.52 -45.30
C TYR A 711 -41.97 -95.58 -45.52
N ARG A 712 -41.91 -96.58 -44.64
CA ARG A 712 -41.07 -97.76 -44.85
C ARG A 712 -41.44 -98.46 -46.14
N VAL A 713 -42.74 -98.70 -46.29
CA VAL A 713 -43.33 -99.31 -47.48
C VAL A 713 -42.93 -98.60 -48.78
N LEU A 714 -42.41 -97.38 -48.69
CA LEU A 714 -42.08 -96.57 -49.85
C LEU A 714 -40.61 -96.73 -50.27
N MET A 715 -39.79 -97.21 -49.35
CA MET A 715 -38.38 -97.48 -49.65
C MET A 715 -38.14 -98.98 -49.94
N LYS A 716 -36.99 -99.24 -50.59
CA LYS A 716 -36.56 -100.60 -50.90
C LYS A 716 -35.43 -100.99 -49.95
N GLN A 717 -35.41 -102.24 -49.50
CA GLN A 717 -34.46 -102.71 -48.46
C GLN A 717 -33.01 -102.35 -48.77
N LYS A 718 -32.68 -102.18 -50.05
CA LYS A 718 -31.33 -101.79 -50.46
C LYS A 718 -30.93 -100.47 -49.80
N ASP A 719 -31.78 -99.46 -49.91
CA ASP A 719 -31.46 -98.14 -49.36
C ASP A 719 -31.70 -97.98 -47.84
N VAL A 720 -32.38 -98.94 -47.18
CA VAL A 720 -32.57 -98.99 -45.69
C VAL A 720 -31.30 -99.26 -44.83
N LEU A 721 -30.54 -98.23 -44.50
CA LEU A 721 -29.32 -98.40 -43.71
C LEU A 721 -29.62 -98.72 -42.23
N SER A 722 -28.59 -98.79 -41.40
CA SER A 722 -28.79 -99.14 -39.99
C SER A 722 -29.09 -97.86 -39.18
N ASP A 723 -28.51 -96.74 -39.64
CA ASP A 723 -28.88 -95.39 -39.21
C ASP A 723 -30.24 -95.06 -39.81
N ARG A 724 -31.24 -95.01 -38.93
CA ARG A 724 -32.60 -94.59 -39.26
C ARG A 724 -32.66 -93.16 -39.80
N LYS A 725 -32.13 -92.20 -39.04
CA LYS A 725 -32.18 -90.78 -39.39
C LYS A 725 -31.56 -90.50 -40.75
N GLN A 726 -30.53 -91.27 -41.10
CA GLN A 726 -29.81 -91.10 -42.35
C GLN A 726 -30.51 -91.77 -43.52
N THR A 727 -31.18 -92.88 -43.26
CA THR A 727 -31.89 -93.53 -44.33
C THR A 727 -32.88 -92.53 -44.86
N CYS A 728 -33.67 -91.96 -43.94
CA CYS A 728 -34.77 -91.03 -44.28
C CYS A 728 -34.31 -89.87 -45.14
N LYS A 729 -33.18 -89.27 -44.77
CA LYS A 729 -32.63 -88.15 -45.53
C LYS A 729 -32.52 -88.55 -47.02
N ASN A 730 -31.83 -89.67 -47.23
CA ASN A 730 -31.54 -90.23 -48.55
C ASN A 730 -32.81 -90.60 -49.28
N VAL A 731 -33.62 -91.43 -48.64
CA VAL A 731 -34.94 -91.82 -49.14
C VAL A 731 -35.83 -90.61 -49.59
N LEU A 732 -35.78 -89.52 -48.83
CA LEU A 732 -36.66 -88.38 -49.07
C LEU A 732 -35.98 -87.47 -50.05
N GLU A 733 -34.64 -87.48 -50.04
CA GLU A 733 -33.92 -86.73 -51.03
C GLU A 733 -34.26 -87.28 -52.45
N LYS A 734 -34.52 -88.59 -52.59
CA LYS A 734 -35.01 -89.15 -53.87
C LYS A 734 -36.46 -88.78 -54.10
N LEU A 735 -37.34 -89.06 -53.12
CA LEU A 735 -38.82 -88.91 -53.27
C LEU A 735 -39.30 -87.47 -53.59
N ILE A 736 -38.68 -86.50 -52.94
CA ILE A 736 -38.86 -85.11 -53.31
C ILE A 736 -37.49 -84.55 -53.65
N LEU A 737 -37.35 -84.12 -54.90
CA LEU A 737 -36.10 -83.67 -55.47
C LEU A 737 -35.70 -82.29 -55.06
N ASP A 738 -36.66 -81.37 -54.93
CA ASP A 738 -36.35 -79.98 -54.56
C ASP A 738 -36.05 -79.95 -53.07
N LYS A 739 -34.86 -79.42 -52.70
CA LYS A 739 -34.30 -79.50 -51.33
C LYS A 739 -34.91 -78.54 -50.31
N ASP A 740 -35.43 -77.40 -50.75
CA ASP A 740 -35.98 -76.42 -49.82
C ASP A 740 -37.47 -76.62 -49.67
N LYS A 741 -37.97 -77.82 -49.94
CA LYS A 741 -39.32 -78.19 -49.49
C LYS A 741 -39.26 -78.85 -48.12
N TYR A 742 -38.07 -79.02 -47.55
CA TYR A 742 -37.91 -79.56 -46.19
C TYR A 742 -36.56 -79.29 -45.59
N GLN A 743 -36.49 -79.26 -44.26
CA GLN A 743 -35.29 -78.96 -43.50
C GLN A 743 -35.09 -80.13 -42.54
N PHE A 744 -33.86 -80.65 -42.43
CA PHE A 744 -33.56 -81.78 -41.52
C PHE A 744 -33.01 -81.21 -40.26
N GLY A 745 -33.60 -81.59 -39.15
CA GLY A 745 -33.11 -81.17 -37.86
C GLY A 745 -32.74 -82.36 -37.03
N LYS A 746 -32.24 -82.12 -35.83
CA LYS A 746 -31.82 -83.16 -34.91
C LYS A 746 -32.78 -84.34 -34.83
N THR A 747 -34.04 -84.10 -34.53
CA THR A 747 -34.93 -85.21 -34.24
C THR A 747 -36.16 -85.23 -35.12
N LYS A 748 -36.40 -84.15 -35.87
CA LYS A 748 -37.57 -84.06 -36.73
C LYS A 748 -37.20 -83.58 -38.14
N ILE A 749 -38.05 -83.90 -39.10
CA ILE A 749 -38.01 -83.33 -40.42
C ILE A 749 -39.10 -82.28 -40.41
N PHE A 750 -38.84 -81.14 -41.03
CA PHE A 750 -39.81 -80.07 -41.13
C PHE A 750 -40.26 -79.93 -42.58
N PHE A 751 -41.55 -79.96 -42.88
CA PHE A 751 -42.01 -79.89 -44.27
C PHE A 751 -42.80 -78.66 -44.60
N ARG A 752 -42.64 -78.20 -45.82
CA ARG A 752 -43.49 -77.20 -46.43
C ARG A 752 -44.91 -77.69 -46.61
N ALA A 753 -45.84 -76.77 -46.74
CA ALA A 753 -47.22 -77.14 -47.00
C ALA A 753 -47.27 -78.04 -48.23
N GLY A 754 -48.03 -79.12 -48.14
CA GLY A 754 -48.36 -79.92 -49.30
C GLY A 754 -47.42 -81.09 -49.50
N GLN A 755 -46.32 -81.10 -48.76
CA GLN A 755 -45.30 -82.11 -48.97
C GLN A 755 -45.70 -83.41 -48.35
N VAL A 756 -46.41 -83.39 -47.22
CA VAL A 756 -46.95 -84.60 -46.63
C VAL A 756 -48.10 -85.13 -47.46
N ALA A 757 -48.93 -84.28 -48.04
CA ALA A 757 -50.00 -84.78 -48.92
C ALA A 757 -49.41 -85.42 -50.18
N TYR A 758 -48.25 -84.95 -50.64
CA TYR A 758 -47.56 -85.52 -51.79
C TYR A 758 -47.03 -86.89 -51.45
N LEU A 759 -46.32 -86.96 -50.32
CA LEU A 759 -45.89 -88.23 -49.80
C LEU A 759 -47.08 -89.22 -49.76
N GLU A 760 -48.18 -88.79 -49.14
CA GLU A 760 -49.29 -89.70 -48.86
C GLU A 760 -49.97 -90.17 -50.16
N LYS A 761 -49.88 -89.35 -51.20
CA LYS A 761 -50.46 -89.70 -52.47
C LYS A 761 -49.67 -90.81 -53.12
N ILE A 762 -48.34 -90.67 -53.24
CA ILE A 762 -47.50 -91.76 -53.74
C ILE A 762 -47.41 -92.95 -52.80
N ARG A 763 -48.01 -92.88 -51.61
CA ARG A 763 -48.16 -94.08 -50.79
C ARG A 763 -49.38 -94.87 -51.24
N ALA A 764 -50.27 -94.21 -51.98
CA ALA A 764 -51.53 -94.80 -52.45
C ALA A 764 -51.44 -95.35 -53.88
N ASP A 765 -50.91 -94.53 -54.80
CA ASP A 765 -50.45 -94.92 -56.17
C ASP A 765 -49.91 -96.37 -56.25
N LYS A 766 -48.90 -96.65 -55.40
CA LYS A 766 -48.18 -97.95 -55.35
C LYS A 766 -49.11 -99.15 -55.49
N MET B 1 -21.50 -16.28 77.21
CA MET B 1 -22.31 -17.25 78.02
C MET B 1 -22.01 -18.71 77.75
N ALA B 2 -21.44 -18.99 76.57
CA ALA B 2 -20.95 -20.33 76.19
C ALA B 2 -19.41 -20.38 76.17
N ALA B 3 -18.75 -19.20 76.07
CA ALA B 3 -17.30 -19.10 76.09
C ALA B 3 -16.83 -19.25 77.54
N SER B 4 -17.36 -18.40 78.41
CA SER B 4 -17.19 -18.56 79.87
C SER B 4 -17.48 -20.00 80.34
N GLU B 5 -17.89 -20.85 79.42
CA GLU B 5 -18.15 -22.28 79.70
C GLU B 5 -17.05 -23.23 79.13
N LEU B 6 -16.49 -22.89 77.95
CA LEU B 6 -15.44 -23.70 77.31
C LEU B 6 -14.07 -23.34 77.87
N TYR B 7 -13.73 -22.04 77.87
CA TYR B 7 -12.43 -21.56 78.34
C TYR B 7 -12.36 -21.44 79.87
N THR B 8 -12.76 -22.51 80.53
CA THR B 8 -12.57 -22.71 81.95
C THR B 8 -11.11 -23.05 82.30
N LYS B 9 -10.77 -22.98 83.59
CA LYS B 9 -9.47 -23.39 84.12
C LYS B 9 -9.20 -24.85 83.75
N TYR B 10 -7.92 -25.14 83.54
CA TYR B 10 -7.46 -26.45 83.02
C TYR B 10 -7.67 -26.71 81.51
N ALA B 11 -8.31 -25.79 80.76
CA ALA B 11 -8.58 -25.97 79.31
C ALA B 11 -7.38 -25.63 78.44
N ARG B 12 -7.00 -26.53 77.53
CA ARG B 12 -5.83 -26.31 76.66
C ARG B 12 -6.24 -25.60 75.37
N VAL B 13 -5.28 -24.88 74.79
CA VAL B 13 -5.49 -24.05 73.61
C VAL B 13 -4.26 -23.99 72.72
N TRP B 14 -4.31 -23.15 71.68
CA TRP B 14 -3.20 -23.02 70.75
C TRP B 14 -2.89 -21.55 70.56
N ILE B 15 -1.61 -21.20 70.65
CA ILE B 15 -1.12 -19.81 70.64
C ILE B 15 -0.04 -19.68 69.53
N PRO B 16 -0.13 -18.65 68.69
CA PRO B 16 0.84 -18.44 67.62
C PRO B 16 2.25 -18.64 68.12
N ASP B 17 3.17 -19.07 67.24
CA ASP B 17 4.52 -19.46 67.65
C ASP B 17 5.46 -19.49 66.43
N PRO B 18 6.66 -18.91 66.56
CA PRO B 18 7.67 -18.91 65.48
C PRO B 18 8.02 -20.27 64.84
N GLU B 19 8.49 -21.27 65.59
CA GLU B 19 8.96 -22.51 64.94
C GLU B 19 7.78 -23.45 64.70
N GLU B 20 7.28 -24.06 65.77
CA GLU B 20 6.22 -25.05 65.68
C GLU B 20 4.94 -24.53 65.00
N VAL B 21 4.90 -23.24 64.62
CA VAL B 21 3.71 -22.54 64.09
C VAL B 21 2.67 -22.31 65.19
N TRP B 22 2.35 -23.38 65.94
CA TRP B 22 1.45 -23.32 67.08
C TRP B 22 2.00 -24.12 68.25
N LYS B 23 1.89 -23.57 69.45
CA LYS B 23 2.33 -24.27 70.67
C LYS B 23 1.14 -24.43 71.61
N SER B 24 1.11 -25.51 72.38
CA SER B 24 0.02 -25.70 73.33
C SER B 24 0.14 -24.96 74.66
N ALA B 25 -1.02 -24.50 75.17
CA ALA B 25 -1.12 -23.66 76.37
C ALA B 25 -2.31 -24.07 77.22
N GLU B 26 -2.15 -24.17 78.54
CA GLU B 26 -3.26 -24.55 79.43
C GLU B 26 -3.70 -23.34 80.21
N LEU B 27 -4.98 -23.00 80.25
CA LEU B 27 -5.47 -21.88 81.09
C LEU B 27 -5.15 -22.09 82.60
N LEU B 28 -4.34 -21.20 83.15
CA LEU B 28 -4.02 -21.19 84.59
C LEU B 28 -5.27 -20.75 85.29
N LYS B 29 -5.80 -19.60 84.86
CA LYS B 29 -6.99 -19.03 85.46
C LYS B 29 -8.23 -19.48 84.69
N ASP B 30 -9.21 -18.59 84.52
CA ASP B 30 -10.40 -18.81 83.72
C ASP B 30 -10.49 -17.60 82.83
N TYR B 31 -11.71 -17.20 82.50
CA TYR B 31 -11.96 -16.10 81.58
C TYR B 31 -13.24 -15.37 81.95
N LYS B 32 -13.03 -14.14 82.45
CA LYS B 32 -14.12 -13.26 82.87
C LYS B 32 -14.58 -12.44 81.63
N PRO B 33 -15.90 -12.36 81.38
CA PRO B 33 -16.45 -11.70 80.16
C PRO B 33 -15.93 -10.27 79.91
N GLY B 34 -14.79 -10.14 79.22
CA GLY B 34 -14.11 -8.86 79.06
C GLY B 34 -12.63 -8.94 79.44
N ASP B 35 -12.30 -9.79 80.41
CA ASP B 35 -10.90 -10.08 80.79
C ASP B 35 -9.96 -9.89 79.57
N LYS B 36 -9.18 -8.80 79.59
CA LYS B 36 -8.35 -8.41 78.43
C LYS B 36 -7.16 -9.38 78.17
N VAL B 37 -6.59 -9.99 79.23
CA VAL B 37 -5.48 -10.95 79.04
C VAL B 37 -5.93 -12.40 79.31
N LEU B 38 -4.94 -13.26 79.48
CA LEU B 38 -5.15 -14.68 79.71
C LEU B 38 -3.94 -15.20 80.45
N GLN B 39 -4.19 -16.13 81.37
CA GLN B 39 -3.16 -16.68 82.25
C GLN B 39 -2.98 -18.14 81.88
N LEU B 40 -1.78 -18.54 81.47
CA LEU B 40 -1.61 -19.90 80.98
C LEU B 40 -0.22 -20.48 81.23
N ARG B 41 -0.20 -21.80 81.38
CA ARG B 41 1.00 -22.60 81.61
C ARG B 41 1.35 -23.33 80.31
N LEU B 42 2.62 -23.77 80.22
CA LEU B 42 3.13 -24.50 79.05
C LEU B 42 4.53 -25.08 79.23
N ASP B 47 3.76 -20.67 82.05
CA ASP B 47 4.35 -19.77 83.02
C ASP B 47 4.07 -18.35 82.62
N LEU B 48 4.29 -18.03 81.35
CA LEU B 48 3.98 -16.68 80.87
C LEU B 48 2.47 -16.39 80.69
N GLU B 49 2.17 -15.09 80.74
CA GLU B 49 0.82 -14.54 80.52
C GLU B 49 0.67 -14.19 79.06
N TYR B 50 -0.57 -14.22 78.58
CA TYR B 50 -0.88 -13.98 77.16
C TYR B 50 -1.86 -12.81 77.06
N CYS B 51 -1.79 -12.10 75.94
CA CYS B 51 -2.60 -10.89 75.73
C CYS B 51 -3.41 -11.03 74.44
N LEU B 52 -4.73 -10.85 74.57
CA LEU B 52 -5.62 -10.92 73.42
C LEU B 52 -5.36 -9.76 72.46
N ASP B 53 -6.11 -9.75 71.36
CA ASP B 53 -6.18 -8.58 70.51
C ASP B 53 -6.94 -7.49 71.32
N PRO B 54 -6.46 -6.25 71.28
CA PRO B 54 -7.16 -5.12 71.95
C PRO B 54 -8.56 -4.80 71.33
N LYS B 55 -8.64 -4.55 70.03
CA LYS B 55 -9.91 -4.19 69.36
C LYS B 55 -11.00 -5.30 69.44
N THR B 56 -10.95 -6.29 68.51
CA THR B 56 -11.93 -7.43 68.46
C THR B 56 -11.98 -8.33 69.72
N LYS B 57 -10.84 -8.50 70.41
CA LYS B 57 -10.71 -9.48 71.50
C LYS B 57 -10.97 -10.94 70.99
N GLU B 58 -10.09 -11.42 70.08
CA GLU B 58 -10.23 -12.74 69.44
C GLU B 58 -9.61 -13.85 70.30
N LEU B 59 -10.42 -14.86 70.61
CA LEU B 59 -10.01 -16.00 71.47
C LEU B 59 -9.23 -17.05 70.67
N PRO B 60 -8.17 -17.62 71.24
CA PRO B 60 -7.34 -18.60 70.51
C PRO B 60 -8.05 -19.93 70.32
N PRO B 61 -7.66 -20.69 69.29
CA PRO B 61 -8.33 -21.95 68.98
C PRO B 61 -8.19 -22.95 70.11
N LEU B 62 -9.29 -23.59 70.47
CA LEU B 62 -9.28 -24.57 71.56
C LEU B 62 -8.69 -25.87 71.09
N ARG B 63 -7.64 -26.31 71.78
CA ARG B 63 -7.02 -27.59 71.52
C ARG B 63 -8.06 -28.64 71.77
N ASN B 64 -8.15 -29.62 70.84
CA ASN B 64 -9.05 -30.77 70.93
C ASN B 64 -8.66 -31.72 72.05
N PRO B 65 -9.63 -32.43 72.61
CA PRO B 65 -9.40 -33.38 73.71
C PRO B 65 -8.91 -34.71 73.20
N ASP B 66 -7.94 -35.33 73.88
CA ASP B 66 -7.20 -36.53 73.43
C ASP B 66 -8.06 -37.82 73.32
N ILE B 67 -9.35 -37.69 73.02
CA ILE B 67 -10.20 -38.82 72.67
C ILE B 67 -10.31 -38.93 71.16
N LEU B 68 -10.44 -37.77 70.51
CA LEU B 68 -10.68 -37.61 69.08
C LEU B 68 -9.43 -37.18 68.27
N VAL B 69 -8.26 -37.66 68.69
CA VAL B 69 -7.02 -37.29 68.04
C VAL B 69 -6.41 -38.53 67.41
N GLY B 70 -5.96 -38.38 66.16
CA GLY B 70 -5.33 -39.48 65.46
C GLY B 70 -6.46 -40.31 64.94
N GLU B 71 -7.48 -39.60 64.43
CA GLU B 71 -8.66 -40.22 63.84
C GLU B 71 -8.52 -40.16 62.36
N ASN B 72 -9.18 -41.11 61.70
CA ASN B 72 -9.08 -41.24 60.26
C ASN B 72 -9.60 -40.13 59.41
N ASP B 73 -10.52 -39.33 59.94
CA ASP B 73 -11.16 -38.27 59.16
C ASP B 73 -11.04 -36.98 59.92
N LEU B 74 -10.47 -35.95 59.32
CA LEU B 74 -10.34 -34.67 59.99
C LEU B 74 -11.69 -33.95 60.22
N THR B 75 -12.80 -34.47 59.67
CA THR B 75 -14.12 -33.92 59.99
C THR B 75 -14.66 -34.36 61.35
N ALA B 76 -14.05 -35.39 61.94
CA ALA B 76 -14.42 -35.85 63.29
C ALA B 76 -13.66 -35.12 64.45
N LEU B 77 -13.05 -33.98 64.14
CA LEU B 77 -12.42 -33.17 65.19
C LEU B 77 -13.50 -32.15 65.49
N SER B 78 -13.84 -31.92 66.77
CA SER B 78 -14.93 -30.98 67.05
C SER B 78 -14.44 -29.57 66.86
N TYR B 79 -13.17 -29.36 67.16
CA TYR B 79 -12.59 -28.05 67.07
C TYR B 79 -11.78 -28.10 65.77
N LEU B 80 -12.25 -27.36 64.78
CA LEU B 80 -11.84 -27.62 63.40
C LEU B 80 -11.17 -26.42 62.70
N HIS B 81 -9.85 -26.36 62.83
CA HIS B 81 -9.09 -25.21 62.42
C HIS B 81 -7.66 -25.64 62.14
N GLU B 82 -6.84 -24.71 61.65
CA GLU B 82 -5.46 -25.01 61.32
C GLU B 82 -4.83 -25.93 62.36
N PRO B 83 -4.62 -25.42 63.56
CA PRO B 83 -3.76 -26.15 64.50
C PRO B 83 -4.24 -27.56 64.79
N ALA B 84 -5.54 -27.77 64.88
CA ALA B 84 -6.09 -29.11 65.09
C ALA B 84 -5.71 -30.03 63.92
N VAL B 85 -5.85 -29.52 62.70
CA VAL B 85 -5.40 -30.22 61.50
C VAL B 85 -3.88 -30.43 61.51
N LEU B 86 -3.13 -29.37 61.59
CA LEU B 86 -1.71 -29.47 61.78
C LEU B 86 -1.36 -30.58 62.80
N HIS B 87 -1.93 -30.49 63.98
CA HIS B 87 -1.56 -31.43 65.05
C HIS B 87 -1.95 -32.89 64.74
N ASN B 88 -3.09 -33.10 64.10
CA ASN B 88 -3.47 -34.47 63.76
C ASN B 88 -2.62 -35.13 62.69
N LEU B 89 -2.34 -34.37 61.62
CA LEU B 89 -1.51 -34.89 60.55
C LEU B 89 -0.15 -35.18 61.15
N LYS B 90 0.36 -34.28 62.00
CA LYS B 90 1.68 -34.45 62.60
C LYS B 90 1.74 -35.74 63.36
N VAL B 91 0.87 -35.91 64.34
CA VAL B 91 0.93 -37.09 65.23
C VAL B 91 0.63 -38.40 64.52
N ARG B 92 -0.35 -38.42 63.62
CA ARG B 92 -0.60 -39.62 62.81
C ARG B 92 0.63 -39.99 62.02
N PHE B 93 1.30 -38.94 61.53
CA PHE B 93 2.41 -39.09 60.60
C PHE B 93 3.56 -39.62 61.42
N ILE B 94 4.16 -38.75 62.24
CA ILE B 94 5.33 -39.13 63.01
C ILE B 94 5.10 -40.29 64.01
N ASP B 95 4.12 -40.17 64.90
CA ASP B 95 3.88 -41.19 65.97
C ASP B 95 3.52 -42.60 65.48
N SER B 96 2.53 -42.68 64.59
CA SER B 96 2.00 -43.95 64.05
C SER B 96 2.52 -44.38 62.66
N LYS B 97 3.29 -43.51 62.00
CA LYS B 97 3.72 -43.63 60.60
C LYS B 97 2.53 -43.79 59.63
N LEU B 98 1.57 -42.89 59.74
CA LEU B 98 0.39 -42.95 58.88
C LEU B 98 0.49 -41.81 57.84
N ILE B 99 0.52 -42.18 56.56
CA ILE B 99 0.75 -41.13 55.56
C ILE B 99 -0.55 -40.66 55.06
N TYR B 100 -1.60 -41.48 55.22
CA TYR B 100 -2.89 -41.23 54.62
C TYR B 100 -3.90 -40.86 55.67
N THR B 101 -4.80 -39.93 55.34
CA THR B 101 -5.78 -39.43 56.27
C THR B 101 -6.94 -38.83 55.50
N TYR B 102 -8.17 -39.07 55.92
CA TYR B 102 -9.30 -38.45 55.20
C TYR B 102 -9.55 -37.06 55.68
N CYS B 103 -10.22 -36.31 54.82
CA CYS B 103 -10.69 -34.98 55.12
C CYS B 103 -12.01 -34.78 54.40
N GLY B 104 -13.04 -35.41 54.95
CA GLY B 104 -14.26 -35.70 54.21
C GLY B 104 -13.92 -36.67 53.11
N ILE B 105 -14.41 -36.31 51.94
CA ILE B 105 -14.16 -37.05 50.71
C ILE B 105 -12.71 -37.01 50.20
N VAL B 106 -11.94 -36.04 50.67
CA VAL B 106 -10.56 -35.83 50.21
C VAL B 106 -9.55 -36.72 50.91
N LEU B 107 -8.68 -37.44 50.21
CA LEU B 107 -7.56 -38.17 50.85
C LEU B 107 -6.32 -37.29 50.90
N VAL B 108 -5.69 -37.21 52.07
CA VAL B 108 -4.46 -36.48 52.23
C VAL B 108 -3.36 -37.50 52.35
N ALA B 109 -2.25 -37.28 51.67
CA ALA B 109 -1.12 -38.24 51.61
C ALA B 109 0.11 -37.42 51.83
N ILE B 110 0.85 -37.79 52.83
CA ILE B 110 2.03 -37.06 53.25
C ILE B 110 3.18 -37.94 52.86
N ASN B 111 4.11 -37.38 52.09
CA ASN B 111 5.18 -38.16 51.46
C ASN B 111 6.22 -38.61 52.52
N PRO B 112 6.28 -39.91 52.72
CA PRO B 112 7.09 -40.47 53.78
C PRO B 112 8.55 -40.52 53.38
N TYR B 113 8.86 -40.51 52.10
CA TYR B 113 10.24 -40.52 51.62
C TYR B 113 10.92 -41.83 51.97
N GLU B 114 10.17 -42.90 51.80
CA GLU B 114 10.58 -44.19 52.28
C GLU B 114 9.60 -45.12 51.67
N GLN B 115 9.95 -46.38 51.53
CA GLN B 115 9.14 -47.33 50.79
C GLN B 115 8.43 -48.21 51.81
N LEU B 116 7.20 -47.91 52.11
CA LEU B 116 6.45 -48.67 53.09
C LEU B 116 5.80 -49.88 52.43
N PRO B 117 5.67 -50.99 53.16
CA PRO B 117 5.07 -52.25 52.64
C PRO B 117 3.54 -52.30 52.64
N ILE B 118 2.92 -51.18 52.27
CA ILE B 118 1.49 -51.04 52.41
C ILE B 118 0.80 -51.10 51.06
N TYR B 119 1.46 -51.62 50.02
CA TYR B 119 0.80 -51.71 48.70
C TYR B 119 0.71 -53.10 48.11
N GLY B 120 1.09 -54.13 48.88
CA GLY B 120 1.12 -55.52 48.40
C GLY B 120 -0.28 -56.01 48.12
N GLU B 121 -0.38 -57.18 47.47
CA GLU B 121 -1.65 -57.68 46.90
C GLU B 121 -2.71 -58.08 47.96
N ASP B 122 -2.26 -58.66 49.05
CA ASP B 122 -3.15 -58.99 50.20
C ASP B 122 -3.94 -57.79 50.73
N ILE B 123 -3.21 -56.67 50.92
CA ILE B 123 -3.76 -55.32 51.17
C ILE B 123 -4.73 -54.85 50.07
N ILE B 124 -4.42 -55.11 48.79
CA ILE B 124 -5.36 -54.79 47.72
C ILE B 124 -6.68 -55.49 47.95
N ASN B 125 -6.65 -56.79 48.26
CA ASN B 125 -7.89 -57.58 48.47
C ASN B 125 -8.68 -57.08 49.70
N ALA B 126 -7.94 -56.63 50.70
CA ALA B 126 -8.57 -56.01 51.85
C ALA B 126 -9.49 -54.90 51.40
N TYR B 127 -9.00 -54.02 50.52
CA TYR B 127 -9.80 -52.85 50.17
C TYR B 127 -10.90 -53.20 49.16
N SER B 128 -10.73 -54.28 48.41
CA SER B 128 -11.68 -54.62 47.35
C SER B 128 -13.00 -55.10 47.92
N GLY B 129 -14.10 -54.53 47.45
CA GLY B 129 -15.44 -54.88 47.92
C GLY B 129 -15.97 -54.12 49.14
N GLN B 130 -15.07 -53.59 49.97
CA GLN B 130 -15.45 -52.74 51.11
C GLN B 130 -16.00 -51.36 50.70
N ASN B 131 -16.72 -50.74 51.64
CA ASN B 131 -17.15 -49.35 51.48
C ASN B 131 -16.06 -48.35 51.92
N MET B 132 -16.10 -47.18 51.31
CA MET B 132 -15.24 -46.06 51.68
C MET B 132 -15.65 -45.70 53.09
N GLY B 133 -14.70 -45.76 54.02
CA GLY B 133 -15.02 -45.46 55.40
C GLY B 133 -14.81 -46.65 56.32
N ASP B 134 -15.16 -47.82 55.85
CA ASP B 134 -14.92 -49.01 56.65
C ASP B 134 -13.46 -49.26 56.89
N MET B 135 -12.60 -48.90 55.95
CA MET B 135 -11.18 -49.22 56.07
C MET B 135 -10.39 -47.99 56.43
N ASP B 136 -9.18 -48.23 56.90
CA ASP B 136 -8.23 -47.16 57.13
C ASP B 136 -7.99 -46.36 55.84
N PRO B 137 -7.69 -45.06 55.96
CA PRO B 137 -7.38 -44.25 54.79
C PRO B 137 -6.26 -44.90 53.95
N HIS B 138 -6.51 -44.98 52.65
CA HIS B 138 -5.55 -45.56 51.73
C HIS B 138 -5.80 -45.10 50.31
N ILE B 139 -4.77 -44.93 49.50
CA ILE B 139 -4.98 -44.61 48.09
C ILE B 139 -5.78 -45.71 47.41
N PHE B 140 -5.63 -46.96 47.88
CA PHE B 140 -6.53 -48.07 47.43
C PHE B 140 -8.01 -47.85 47.66
N ALA B 141 -8.37 -47.05 48.66
CA ALA B 141 -9.78 -46.81 48.95
C ALA B 141 -10.36 -45.87 47.95
N VAL B 142 -9.57 -44.94 47.49
CA VAL B 142 -10.02 -43.99 46.44
C VAL B 142 -10.18 -44.72 45.10
N ALA B 143 -9.28 -45.64 44.80
CA ALA B 143 -9.32 -46.33 43.55
C ALA B 143 -10.53 -47.23 43.53
N GLU B 144 -10.69 -48.00 44.59
CA GLU B 144 -11.87 -48.84 44.81
C GLU B 144 -13.17 -48.09 44.61
N GLU B 145 -13.38 -47.04 45.36
CA GLU B 145 -14.57 -46.24 45.21
C GLU B 145 -14.73 -45.82 43.75
N ALA B 146 -13.64 -45.59 43.05
CA ALA B 146 -13.73 -45.07 41.70
C ALA B 146 -14.09 -46.18 40.71
N TYR B 147 -13.58 -47.38 40.96
CA TYR B 147 -13.88 -48.54 40.13
C TYR B 147 -15.30 -49.04 40.40
N LYS B 148 -15.72 -48.93 41.65
CA LYS B 148 -17.04 -49.39 42.05
C LYS B 148 -18.12 -48.49 41.48
N GLN B 149 -17.96 -47.19 41.66
CA GLN B 149 -18.82 -46.19 41.05
C GLN B 149 -18.88 -46.34 39.53
N MET B 150 -17.81 -46.81 38.91
CA MET B 150 -17.75 -46.82 37.44
C MET B 150 -18.85 -47.74 36.94
N ALA B 151 -18.74 -49.01 37.38
CA ALA B 151 -19.73 -50.07 37.13
C ALA B 151 -21.12 -49.67 37.64
N ARG B 152 -21.22 -49.32 38.91
CA ARG B 152 -22.52 -48.93 39.44
C ARG B 152 -23.34 -47.95 38.56
N ASP B 153 -22.74 -47.07 37.73
CA ASP B 153 -23.56 -46.08 36.95
C ASP B 153 -23.24 -45.89 35.47
N GLU B 154 -22.65 -46.87 34.82
CA GLU B 154 -22.05 -46.62 33.51
C GLU B 154 -21.64 -45.13 33.48
N ARG B 155 -20.73 -44.76 34.39
CA ARG B 155 -20.23 -43.36 34.48
C ARG B 155 -18.72 -43.30 34.64
N ASN B 156 -18.06 -42.49 33.82
CA ASN B 156 -16.62 -42.31 33.95
C ASN B 156 -16.23 -41.57 35.23
N GLN B 157 -15.05 -41.92 35.75
CA GLN B 157 -14.48 -41.31 36.92
C GLN B 157 -13.15 -40.60 36.63
N SER B 158 -12.76 -39.72 37.54
CA SER B 158 -11.50 -39.01 37.54
C SER B 158 -10.92 -38.98 38.95
N ILE B 159 -9.74 -39.58 39.19
CA ILE B 159 -8.95 -39.22 40.37
C ILE B 159 -8.10 -37.94 40.12
N ILE B 160 -8.46 -36.83 40.79
CA ILE B 160 -7.70 -35.58 40.79
C ILE B 160 -6.65 -35.63 41.90
N VAL B 161 -5.40 -35.80 41.51
CA VAL B 161 -4.26 -35.85 42.44
C VAL B 161 -3.43 -34.60 42.34
N SER B 162 -3.50 -33.75 43.35
CA SER B 162 -2.80 -32.46 43.30
C SER B 162 -1.73 -32.18 44.40
N GLY B 163 -0.98 -31.13 44.18
CA GLY B 163 0.06 -30.69 45.07
C GLY B 163 1.28 -30.31 44.25
N GLU B 164 2.32 -29.88 44.93
CA GLU B 164 3.61 -29.61 44.30
C GLU B 164 4.33 -30.88 43.77
N SER B 165 5.13 -30.74 42.73
CA SER B 165 5.91 -31.86 42.20
C SER B 165 6.94 -32.34 43.23
N GLY B 166 7.24 -33.63 43.24
CA GLY B 166 8.03 -34.25 44.30
C GLY B 166 7.23 -34.65 45.53
N ALA B 167 6.02 -34.12 45.69
CA ALA B 167 5.18 -34.42 46.87
C ALA B 167 4.52 -35.80 46.98
N GLY B 168 4.81 -36.72 46.06
CA GLY B 168 4.31 -38.08 46.10
C GLY B 168 3.20 -38.34 45.13
N LYS B 169 3.10 -37.52 44.10
CA LYS B 169 1.98 -37.58 43.21
C LYS B 169 2.05 -38.74 42.27
N THR B 170 3.26 -39.07 41.77
CA THR B 170 3.42 -40.17 40.81
C THR B 170 3.33 -41.53 41.50
N VAL B 171 3.81 -41.58 42.72
CA VAL B 171 3.49 -42.73 43.58
C VAL B 171 2.00 -42.97 43.68
N SER B 172 1.24 -41.91 43.96
CA SER B 172 -0.18 -42.07 44.20
C SER B 172 -0.78 -42.69 42.94
N ALA B 173 -0.35 -42.21 41.77
CA ALA B 173 -0.86 -42.74 40.50
C ALA B 173 -0.37 -44.15 40.16
N LYS B 174 0.90 -44.42 40.41
CA LYS B 174 1.44 -45.74 40.22
C LYS B 174 0.55 -46.70 40.90
N TYR B 175 0.17 -46.42 42.14
CA TYR B 175 -0.53 -47.43 42.96
C TYR B 175 -2.03 -47.48 42.79
N ALA B 176 -2.64 -46.43 42.26
CA ALA B 176 -4.03 -46.52 41.82
C ALA B 176 -4.12 -47.36 40.55
N MET B 177 -3.03 -47.38 39.76
CA MET B 177 -2.98 -48.19 38.54
C MET B 177 -2.74 -49.61 38.94
N ARG B 178 -1.85 -49.81 39.92
CA ARG B 178 -1.53 -51.16 40.38
C ARG B 178 -2.79 -51.81 40.84
N TYR B 179 -3.53 -51.08 41.69
CA TYR B 179 -4.82 -51.50 42.19
C TYR B 179 -5.68 -51.94 41.05
N PHE B 180 -5.90 -51.06 40.07
CA PHE B 180 -6.89 -51.34 39.04
C PHE B 180 -6.53 -52.59 38.27
N ALA B 181 -5.24 -52.75 37.99
CA ALA B 181 -4.74 -53.92 37.29
C ALA B 181 -5.06 -55.17 38.08
N THR B 182 -4.78 -55.15 39.38
CA THR B 182 -4.85 -56.34 40.21
C THR B 182 -6.25 -56.73 40.63
N VAL B 183 -7.29 -56.15 40.03
CA VAL B 183 -8.67 -56.50 40.35
C VAL B 183 -9.55 -56.38 39.12
N SER B 184 -9.09 -56.86 37.96
CA SER B 184 -9.81 -56.59 36.70
C SER B 184 -9.64 -57.62 35.55
N ASN B 191 0.66 -54.23 28.99
CA ASN B 191 0.07 -54.04 30.31
C ASN B 191 0.25 -52.61 30.80
N VAL B 192 -0.87 -51.98 31.13
CA VAL B 192 -0.92 -50.52 31.25
C VAL B 192 0.09 -49.91 32.23
N GLU B 193 -0.04 -50.26 33.50
CA GLU B 193 0.79 -49.68 34.56
C GLU B 193 2.24 -49.45 34.12
N GLU B 194 2.83 -50.48 33.54
CA GLU B 194 4.22 -50.47 33.19
C GLU B 194 4.53 -49.49 32.06
N LYS B 195 3.75 -49.54 30.98
CA LYS B 195 3.98 -48.65 29.87
C LYS B 195 3.68 -47.19 30.29
N VAL B 196 2.74 -46.97 31.22
CA VAL B 196 2.49 -45.60 31.66
C VAL B 196 3.76 -45.10 32.41
N LEU B 197 4.27 -45.89 33.36
CA LEU B 197 5.45 -45.42 34.12
C LEU B 197 6.64 -45.21 33.21
N ALA B 198 6.84 -46.12 32.27
CA ALA B 198 7.96 -46.08 31.36
C ALA B 198 7.99 -44.76 30.56
N SER B 199 6.83 -44.14 30.36
CA SER B 199 6.72 -42.82 29.70
C SER B 199 7.01 -41.58 30.56
N ASN B 200 7.08 -41.74 31.88
CA ASN B 200 7.34 -40.60 32.78
C ASN B 200 8.62 -39.76 32.48
N PRO B 201 9.74 -40.38 32.11
CA PRO B 201 10.95 -39.60 31.84
C PRO B 201 10.81 -38.78 30.55
N ILE B 202 10.05 -39.32 29.61
CA ILE B 202 9.70 -38.57 28.43
C ILE B 202 9.01 -37.28 28.87
N MET B 203 7.91 -37.41 29.59
CA MET B 203 7.04 -36.28 29.84
C MET B 203 7.76 -35.32 30.74
N GLU B 204 8.62 -35.88 31.60
CA GLU B 204 9.40 -35.04 32.47
C GLU B 204 10.42 -34.25 31.70
N SER B 205 10.94 -34.81 30.63
CA SER B 205 11.96 -34.08 29.83
C SER B 205 11.35 -32.89 29.14
N ILE B 206 10.25 -33.11 28.41
CA ILE B 206 9.56 -32.03 27.64
C ILE B 206 8.60 -31.13 28.45
N GLY B 207 8.30 -31.53 29.69
CA GLY B 207 7.26 -30.91 30.49
C GLY B 207 7.62 -30.41 31.88
N ASN B 208 8.76 -30.86 32.42
CA ASN B 208 9.28 -30.30 33.68
C ASN B 208 10.48 -29.37 33.50
N ALA B 209 10.68 -28.50 34.50
CA ALA B 209 11.79 -27.57 34.55
C ALA B 209 12.20 -27.19 35.98
N LYS B 210 13.46 -26.80 36.08
CA LYS B 210 14.02 -26.28 37.29
C LYS B 210 13.44 -24.91 37.48
N THR B 211 12.81 -24.69 38.60
CA THR B 211 12.28 -23.38 38.92
C THR B 211 12.92 -22.91 40.22
N THR B 212 12.57 -21.71 40.65
CA THR B 212 13.28 -21.12 41.77
C THR B 212 13.18 -21.89 43.06
N ARG B 213 12.14 -22.72 43.19
CA ARG B 213 11.90 -23.41 44.43
C ARG B 213 11.61 -24.88 44.24
N ASN B 214 11.90 -25.42 43.07
CA ASN B 214 11.72 -26.84 42.84
C ASN B 214 12.51 -27.27 41.62
N ASP B 215 13.35 -28.28 41.79
CA ASP B 215 14.22 -28.66 40.70
C ASP B 215 13.50 -29.46 39.65
N ASN B 216 12.47 -30.20 40.02
CA ASN B 216 11.76 -30.97 39.01
C ASN B 216 10.21 -30.70 38.90
N SER B 217 9.86 -29.47 38.55
CA SER B 217 8.50 -28.96 38.66
C SER B 217 7.72 -29.17 37.40
N SER B 218 6.56 -29.85 37.45
CA SER B 218 5.77 -30.03 36.23
C SER B 218 5.05 -28.71 35.87
N ARG B 219 5.15 -28.36 34.62
CA ARG B 219 4.62 -27.13 34.10
C ARG B 219 3.40 -27.44 33.25
N PHE B 220 2.56 -28.39 33.68
CA PHE B 220 1.50 -28.88 32.82
C PHE B 220 0.63 -29.93 33.49
N GLY B 221 -0.66 -29.92 33.22
CA GLY B 221 -1.55 -30.93 33.80
C GLY B 221 -1.57 -32.18 32.96
N LYS B 222 -1.43 -33.32 33.60
CA LYS B 222 -1.38 -34.55 32.86
C LYS B 222 -2.55 -35.41 33.22
N TYR B 223 -3.29 -35.84 32.20
CA TYR B 223 -4.49 -36.63 32.40
C TYR B 223 -4.31 -38.00 31.75
N ILE B 224 -4.20 -39.07 32.54
CA ILE B 224 -4.07 -40.39 31.98
C ILE B 224 -5.37 -41.13 32.18
N GLU B 225 -6.16 -41.24 31.12
CA GLU B 225 -7.36 -42.03 31.23
C GLU B 225 -7.05 -43.52 31.04
N ILE B 226 -7.31 -44.32 32.09
CA ILE B 226 -7.27 -45.76 32.02
C ILE B 226 -8.54 -46.32 31.36
N GLY B 227 -8.38 -47.12 30.31
CA GLY B 227 -9.51 -47.75 29.61
C GLY B 227 -10.07 -49.03 30.24
N PHE B 228 -11.37 -49.21 30.10
CA PHE B 228 -12.00 -50.43 30.57
C PHE B 228 -13.01 -50.95 29.52
N ASP B 229 -13.09 -52.27 29.36
CA ASP B 229 -14.00 -52.91 28.36
C ASP B 229 -15.36 -53.16 29.01
N LYS B 230 -16.29 -53.76 28.26
CA LYS B 230 -17.67 -54.08 28.73
C LYS B 230 -17.78 -54.97 30.02
N ARG B 231 -16.79 -55.83 30.27
CA ARG B 231 -16.75 -56.62 31.51
C ARG B 231 -15.91 -55.93 32.63
N TYR B 232 -15.56 -54.67 32.35
CA TYR B 232 -14.86 -53.76 33.30
C TYR B 232 -13.43 -54.21 33.63
N ARG B 233 -12.76 -54.80 32.63
CA ARG B 233 -11.35 -55.17 32.69
C ARG B 233 -10.46 -54.13 32.04
N ILE B 234 -9.24 -53.97 32.54
CA ILE B 234 -8.34 -52.94 32.04
C ILE B 234 -7.68 -53.23 30.68
N ILE B 235 -7.70 -52.29 29.74
CA ILE B 235 -7.13 -52.58 28.40
C ILE B 235 -5.90 -51.74 27.99
N GLY B 236 -5.92 -50.46 28.29
CA GLY B 236 -4.83 -49.54 27.92
C GLY B 236 -5.06 -48.14 28.48
N ALA B 237 -4.50 -47.15 27.84
CA ALA B 237 -4.50 -45.82 28.40
C ALA B 237 -4.36 -44.76 27.33
N ASN B 238 -4.52 -43.52 27.76
CA ASN B 238 -4.64 -42.40 26.87
C ASN B 238 -4.31 -41.13 27.61
N MET B 239 -3.19 -40.57 27.28
CA MET B 239 -2.69 -39.43 28.00
C MET B 239 -3.20 -38.25 27.24
N ARG B 240 -3.88 -37.34 27.93
CA ARG B 240 -4.18 -36.01 27.44
C ARG B 240 -3.45 -35.00 28.26
N THR B 241 -3.16 -33.89 27.62
CA THR B 241 -2.32 -32.91 28.21
C THR B 241 -2.93 -31.48 28.14
N TYR B 242 -2.78 -30.70 29.21
CA TYR B 242 -3.32 -29.36 29.33
C TYR B 242 -2.35 -28.34 29.99
N LEU B 243 -2.58 -27.08 29.72
CA LEU B 243 -1.94 -25.99 30.43
C LEU B 243 -0.41 -25.85 30.20
N LEU B 244 0.16 -26.45 29.16
CA LEU B 244 1.60 -26.28 28.96
C LEU B 244 2.00 -24.79 29.06
N GLU B 245 3.14 -24.54 29.71
CA GLU B 245 3.58 -23.21 29.97
C GLU B 245 4.51 -22.78 28.80
N LYS B 246 3.91 -22.36 27.69
CA LYS B 246 4.60 -21.95 26.47
C LYS B 246 5.64 -20.89 26.76
N SER B 247 5.39 -20.09 27.78
CA SER B 247 6.30 -19.01 28.11
C SER B 247 7.72 -19.44 28.42
N ARG B 248 7.88 -20.56 29.09
CA ARG B 248 9.21 -21.06 29.44
C ARG B 248 10.16 -21.32 28.27
N VAL B 249 9.61 -21.52 27.08
CA VAL B 249 10.40 -21.98 25.95
C VAL B 249 11.33 -20.90 25.47
N VAL B 250 11.01 -19.64 25.78
CA VAL B 250 11.82 -18.51 25.34
C VAL B 250 12.24 -17.50 26.40
N PHE B 251 11.81 -17.67 27.64
CA PHE B 251 12.17 -16.78 28.73
C PHE B 251 12.33 -17.60 29.98
N GLN B 252 13.22 -17.18 30.84
CA GLN B 252 13.41 -17.77 32.18
C GLN B 252 13.91 -16.66 33.09
N ALA B 253 13.36 -16.60 34.29
CA ALA B 253 13.79 -15.65 35.29
C ALA B 253 15.03 -16.18 35.97
N GLU B 254 15.63 -15.31 36.78
CA GLU B 254 16.85 -15.63 37.48
C GLU B 254 16.71 -16.94 38.25
N GLU B 255 17.68 -17.82 38.09
CA GLU B 255 17.74 -19.13 38.77
C GLU B 255 16.93 -20.26 38.17
N GLU B 256 16.27 -19.99 37.04
CA GLU B 256 15.28 -20.87 36.44
C GLU B 256 15.80 -21.33 35.09
N ARG B 257 15.43 -22.56 34.72
CA ARG B 257 15.78 -23.17 33.46
C ARG B 257 14.57 -23.34 32.55
N ASN B 258 14.84 -23.35 31.24
CA ASN B 258 13.94 -23.92 30.25
C ASN B 258 13.69 -25.41 30.55
N TYR B 259 12.80 -26.05 29.82
CA TYR B 259 12.51 -27.46 30.06
C TYR B 259 13.77 -28.34 30.03
N HIS B 260 13.76 -29.43 30.78
CA HIS B 260 14.90 -30.31 30.86
C HIS B 260 15.57 -30.72 29.54
N ILE B 261 14.79 -31.15 28.56
CA ILE B 261 15.36 -31.86 27.41
C ILE B 261 16.40 -30.96 26.73
N PHE B 262 16.15 -29.67 26.75
CA PHE B 262 17.05 -28.75 26.12
C PHE B 262 18.39 -28.88 26.82
N TYR B 263 18.34 -28.99 28.14
CA TYR B 263 19.57 -29.12 28.94
C TYR B 263 20.23 -30.48 28.85
N GLN B 264 19.43 -31.53 28.61
CA GLN B 264 19.93 -32.86 28.34
C GLN B 264 20.48 -32.98 26.92
N LEU B 265 20.24 -31.97 26.08
CA LEU B 265 20.64 -32.03 24.67
C LEU B 265 22.00 -31.34 24.50
N CYS B 266 22.07 -30.06 24.87
CA CYS B 266 23.30 -29.33 25.12
C CYS B 266 24.41 -30.10 25.86
N ALA B 267 24.13 -30.58 27.07
CA ALA B 267 25.08 -31.40 27.81
C ALA B 267 25.56 -32.65 27.06
N SER B 268 24.90 -33.06 25.99
CA SER B 268 25.43 -34.18 25.22
C SER B 268 25.69 -33.80 23.74
N ALA B 269 26.34 -32.67 23.55
CA ALA B 269 26.73 -32.14 22.25
C ALA B 269 27.83 -32.94 21.59
N ALA B 270 28.67 -33.58 22.41
CA ALA B 270 29.76 -34.38 21.84
C ALA B 270 29.12 -35.48 21.03
N LEU B 271 28.58 -36.46 21.74
CA LEU B 271 28.18 -37.75 21.15
C LEU B 271 28.17 -37.78 19.61
N PRO B 272 28.89 -38.70 18.99
CA PRO B 272 28.94 -38.72 17.52
C PRO B 272 27.59 -38.40 16.85
N GLU B 273 26.52 -39.02 17.33
CA GLU B 273 25.24 -38.96 16.64
C GLU B 273 24.59 -37.56 16.56
N PHE B 274 25.00 -36.66 17.44
CA PHE B 274 24.53 -35.28 17.45
C PHE B 274 25.57 -34.29 16.93
N LYS B 275 26.57 -34.75 16.18
CA LYS B 275 27.65 -33.85 15.75
C LYS B 275 27.04 -32.82 14.83
N THR B 276 26.14 -33.27 13.96
CA THR B 276 25.50 -32.38 13.02
C THR B 276 24.72 -31.27 13.77
N LEU B 277 23.94 -31.62 14.80
CA LEU B 277 23.16 -30.66 15.56
C LEU B 277 23.91 -29.40 15.94
N ARG B 278 25.23 -29.49 16.05
CA ARG B 278 26.09 -28.32 16.19
C ARG B 278 25.69 -27.61 17.45
N LEU B 279 25.71 -28.35 18.55
CA LEU B 279 25.15 -27.84 19.79
C LEU B 279 26.21 -27.35 20.74
N GLY B 280 26.12 -26.09 21.14
CA GLY B 280 26.97 -25.61 22.20
C GLY B 280 26.59 -26.25 23.53
N ASN B 281 27.24 -25.81 24.59
CA ASN B 281 26.75 -26.03 25.93
C ASN B 281 25.55 -25.09 26.15
N ALA B 282 24.82 -25.29 27.24
CA ALA B 282 23.61 -24.52 27.49
C ALA B 282 23.82 -23.02 27.62
N ASN B 283 25.04 -22.58 27.82
CA ASN B 283 25.29 -21.19 28.13
C ASN B 283 25.33 -20.29 26.86
N TYR B 284 25.36 -20.95 25.71
CA TYR B 284 25.56 -20.30 24.43
C TYR B 284 24.28 -19.74 23.85
N PHE B 285 23.20 -20.52 23.96
CA PHE B 285 21.93 -20.18 23.35
C PHE B 285 21.17 -19.29 24.24
N HIS B 286 20.39 -18.38 23.63
CA HIS B 286 19.61 -17.37 24.34
C HIS B 286 18.42 -17.99 25.01
N TYR B 287 17.88 -19.07 24.46
CA TYR B 287 16.74 -19.76 25.08
C TYR B 287 17.02 -20.66 26.29
N THR B 288 18.28 -20.82 26.67
CA THR B 288 18.64 -21.65 27.85
C THR B 288 19.63 -21.09 28.85
N LYS B 289 19.91 -19.80 28.79
CA LYS B 289 20.93 -19.16 29.64
C LYS B 289 20.42 -18.02 30.46
N GLN B 290 19.29 -17.46 30.08
CA GLN B 290 18.70 -16.34 30.79
C GLN B 290 18.71 -16.57 32.29
N GLY B 291 18.32 -17.77 32.69
CA GLY B 291 18.31 -18.11 34.09
C GLY B 291 19.65 -17.87 34.76
N GLY B 292 20.71 -18.44 34.18
CA GLY B 292 22.05 -18.37 34.75
C GLY B 292 22.44 -19.64 35.50
N SER B 293 21.62 -20.69 35.40
CA SER B 293 21.71 -21.90 36.20
C SER B 293 21.85 -23.09 35.26
N PRO B 294 22.80 -23.05 34.36
CA PRO B 294 22.98 -24.16 33.44
C PRO B 294 22.89 -25.51 34.12
N VAL B 295 23.47 -25.61 35.31
CA VAL B 295 23.54 -26.89 36.03
C VAL B 295 22.71 -26.86 37.31
N ILE B 296 22.19 -28.04 37.69
CA ILE B 296 21.46 -28.24 38.96
C ILE B 296 22.23 -29.20 39.81
N ASP B 297 22.46 -28.85 41.06
CA ASP B 297 23.19 -29.76 41.98
C ASP B 297 22.57 -31.16 42.09
N GLY B 298 23.32 -32.21 41.78
CA GLY B 298 22.83 -33.57 41.94
C GLY B 298 22.31 -34.23 40.67
N ILE B 299 22.12 -33.40 39.65
CA ILE B 299 21.55 -33.89 38.41
C ILE B 299 22.56 -33.69 37.30
N ASP B 300 22.83 -34.78 36.59
CA ASP B 300 23.71 -34.74 35.44
C ASP B 300 22.89 -34.96 34.18
N ASP B 301 22.80 -33.91 33.42
CA ASP B 301 21.83 -33.85 32.36
C ASP B 301 22.11 -34.88 31.26
N ALA B 302 23.35 -35.32 31.08
CA ALA B 302 23.62 -36.35 30.05
C ALA B 302 23.21 -37.70 30.52
N LYS B 303 23.46 -38.04 31.78
CA LYS B 303 22.95 -39.33 32.23
C LYS B 303 21.42 -39.28 32.00
N GLU B 304 20.81 -38.14 32.31
CA GLU B 304 19.35 -37.99 32.07
C GLU B 304 18.91 -38.08 30.61
N MET B 305 19.68 -37.53 29.68
CA MET B 305 19.41 -37.73 28.27
C MET B 305 19.31 -39.23 27.97
N VAL B 306 20.10 -40.07 28.61
CA VAL B 306 20.06 -41.49 28.31
C VAL B 306 18.77 -42.13 28.65
N ASN B 307 18.16 -41.79 29.79
CA ASN B 307 16.87 -42.41 30.18
C ASN B 307 15.81 -41.91 29.26
N THR B 308 15.81 -40.61 28.96
CA THR B 308 14.80 -40.03 28.04
C THR B 308 14.78 -40.87 26.77
N ARG B 309 15.98 -41.11 26.23
CA ARG B 309 16.13 -41.81 24.95
C ARG B 309 15.76 -43.28 25.07
N GLN B 310 15.99 -43.87 26.25
CA GLN B 310 15.59 -45.27 26.51
C GLN B 310 14.08 -45.44 26.65
N ALA B 311 13.45 -44.41 27.22
CA ALA B 311 12.01 -44.39 27.40
C ALA B 311 11.35 -44.29 26.06
N CYS B 312 11.85 -43.40 25.18
CA CYS B 312 11.27 -43.32 23.85
C CYS B 312 11.26 -44.68 23.20
N THR B 313 12.38 -45.40 23.35
CA THR B 313 12.53 -46.69 22.70
C THR B 313 11.54 -47.66 23.29
N LEU B 314 11.47 -47.72 24.62
CA LEU B 314 10.41 -48.51 25.27
C LEU B 314 8.99 -48.15 24.86
N LEU B 315 8.73 -46.97 24.32
CA LEU B 315 7.36 -46.63 23.90
C LEU B 315 7.17 -46.60 22.42
N GLY B 316 8.09 -47.29 21.74
CA GLY B 316 7.97 -47.61 20.34
C GLY B 316 8.39 -46.47 19.45
N ILE B 317 8.95 -45.40 20.01
CA ILE B 317 9.42 -44.32 19.17
C ILE B 317 10.80 -44.62 18.57
N SER B 318 10.75 -44.79 17.24
CA SER B 318 11.84 -45.19 16.32
C SER B 318 13.07 -44.33 16.44
N ASP B 319 14.22 -44.89 16.09
CA ASP B 319 15.48 -44.15 16.17
C ASP B 319 15.46 -42.88 15.36
N SER B 320 14.83 -42.89 14.18
CA SER B 320 14.86 -41.68 13.32
C SER B 320 13.99 -40.63 13.90
N TYR B 321 12.74 -40.97 14.16
CA TYR B 321 11.85 -40.03 14.84
C TYR B 321 12.52 -39.40 16.08
N GLN B 322 13.19 -40.22 16.86
CA GLN B 322 13.94 -39.76 18.02
C GLN B 322 14.89 -38.71 17.59
N MET B 323 15.63 -38.98 16.52
CA MET B 323 16.58 -37.99 15.98
C MET B 323 15.83 -36.80 15.39
N GLY B 324 14.67 -37.02 14.79
CA GLY B 324 13.85 -35.89 14.36
C GLY B 324 13.46 -34.97 15.51
N ILE B 325 13.18 -35.57 16.68
CA ILE B 325 12.90 -34.78 17.85
C ILE B 325 14.11 -33.94 18.24
N PHE B 326 15.29 -34.54 18.42
CA PHE B 326 16.43 -33.72 18.90
C PHE B 326 16.89 -32.73 17.82
N ARG B 327 16.54 -33.03 16.57
CA ARG B 327 16.77 -32.16 15.42
C ARG B 327 16.04 -30.84 15.52
N ILE B 328 14.76 -30.93 15.89
CA ILE B 328 13.83 -29.80 15.94
C ILE B 328 14.11 -29.00 17.18
N LEU B 329 14.55 -29.71 18.21
CA LEU B 329 14.97 -29.06 19.43
C LEU B 329 16.26 -28.32 19.18
N ALA B 330 17.22 -28.94 18.50
CA ALA B 330 18.46 -28.24 18.21
C ALA B 330 18.11 -27.04 17.31
N GLY B 331 17.16 -27.27 16.41
CA GLY B 331 16.39 -26.21 15.76
C GLY B 331 15.97 -25.06 16.67
N ILE B 332 15.01 -25.26 17.57
CA ILE B 332 14.57 -24.15 18.42
C ILE B 332 15.77 -23.46 19.04
N LEU B 333 16.77 -24.23 19.42
CA LEU B 333 17.87 -23.65 20.21
C LEU B 333 18.62 -22.65 19.39
N HIS B 334 18.95 -23.03 18.16
CA HIS B 334 19.64 -22.16 17.23
C HIS B 334 18.80 -21.01 16.77
N LEU B 335 17.57 -21.29 16.34
CA LEU B 335 16.64 -20.22 16.01
C LEU B 335 16.70 -19.10 17.02
N GLY B 336 16.67 -19.43 18.30
CA GLY B 336 16.62 -18.41 19.34
C GLY B 336 17.78 -17.45 19.40
N ASN B 337 18.88 -17.84 18.74
CA ASN B 337 20.12 -17.07 18.69
C ASN B 337 20.18 -16.15 17.48
N VAL B 338 19.24 -16.29 16.56
CA VAL B 338 19.11 -15.39 15.44
C VAL B 338 18.89 -13.98 15.96
N GLU B 339 19.53 -13.02 15.30
CA GLU B 339 19.64 -11.64 15.77
C GLU B 339 19.12 -10.67 14.72
N PHE B 340 18.47 -9.60 15.14
CA PHE B 340 17.91 -8.63 14.21
C PHE B 340 18.51 -7.24 14.42
N ALA B 341 18.89 -6.59 13.29
CA ALA B 341 19.31 -5.18 13.23
C ALA B 341 18.14 -4.26 12.90
N SER B 342 18.13 -3.07 13.47
CA SER B 342 17.01 -2.13 13.29
C SER B 342 17.32 -1.03 12.28
N ARG B 343 17.12 -1.37 11.02
CA ARG B 343 17.21 -0.40 9.93
C ARG B 343 16.35 0.86 10.05
N ASP B 344 15.28 0.84 10.86
CA ASP B 344 14.44 2.03 11.11
C ASP B 344 13.26 1.68 12.05
N SER B 345 12.37 2.61 12.37
CA SER B 345 11.27 2.35 13.31
C SER B 345 10.32 1.20 12.91
N ASP B 346 10.17 0.90 11.62
CA ASP B 346 9.33 -0.22 11.20
C ASP B 346 9.89 -1.14 10.08
N SER B 347 11.22 -1.36 10.12
CA SER B 347 11.95 -2.21 9.17
C SER B 347 13.13 -2.83 9.90
N CYS B 348 13.62 -3.98 9.41
CA CYS B 348 14.79 -4.61 10.03
C CYS B 348 15.36 -5.68 9.15
N ALA B 349 16.41 -6.35 9.61
CA ALA B 349 17.04 -7.37 8.79
C ALA B 349 17.99 -8.23 9.59
N ILE B 350 18.39 -9.33 8.95
CA ILE B 350 19.27 -10.29 9.52
C ILE B 350 20.60 -10.09 8.83
N PRO B 351 21.68 -9.89 9.61
CA PRO B 351 23.04 -9.77 9.09
C PRO B 351 23.43 -10.74 7.98
N PRO B 352 24.32 -10.32 7.09
CA PRO B 352 24.83 -11.20 6.02
C PRO B 352 25.43 -12.48 6.56
N LYS B 353 25.15 -13.64 5.95
CA LYS B 353 25.64 -14.96 6.42
C LYS B 353 25.64 -15.18 7.97
N HIS B 354 24.49 -14.93 8.63
CA HIS B 354 24.35 -15.08 10.09
C HIS B 354 24.48 -16.54 10.48
N ASP B 355 25.51 -16.89 11.23
CA ASP B 355 25.78 -18.32 11.42
C ASP B 355 24.60 -19.09 12.11
N PRO B 356 23.99 -18.53 13.17
CA PRO B 356 22.77 -19.10 13.77
C PRO B 356 21.61 -19.40 12.81
N LEU B 357 21.26 -18.46 11.93
CA LEU B 357 20.24 -18.78 10.95
C LEU B 357 20.68 -19.85 9.98
N THR B 358 21.95 -19.85 9.59
CA THR B 358 22.40 -20.88 8.65
C THR B 358 22.10 -22.24 9.18
N ILE B 359 22.53 -22.48 10.42
CA ILE B 359 22.34 -23.78 11.05
C ILE B 359 20.87 -24.11 11.11
N PHE B 360 20.06 -23.14 11.51
CA PHE B 360 18.65 -23.40 11.67
C PHE B 360 18.06 -23.98 10.39
N CYS B 361 18.40 -23.36 9.26
CA CYS B 361 17.82 -23.74 7.96
C CYS B 361 18.46 -25.02 7.44
N ASP B 362 19.72 -25.24 7.77
CA ASP B 362 20.36 -26.49 7.44
C ASP B 362 19.70 -27.65 8.21
N LEU B 363 19.45 -27.47 9.50
CA LEU B 363 18.77 -28.51 10.27
C LEU B 363 17.33 -28.78 9.84
N MET B 364 16.53 -27.74 9.61
CA MET B 364 15.13 -27.93 9.18
C MET B 364 15.07 -28.18 7.69
N GLY B 365 16.19 -27.92 7.01
CA GLY B 365 16.30 -28.08 5.56
C GLY B 365 15.35 -27.20 4.77
N VAL B 366 15.41 -25.92 5.07
CA VAL B 366 14.75 -24.88 4.29
C VAL B 366 15.84 -23.95 3.74
N ASP B 367 15.42 -23.06 2.84
CA ASP B 367 16.34 -22.18 2.13
C ASP B 367 16.63 -20.97 3.00
N TYR B 368 17.90 -20.70 3.23
CA TYR B 368 18.28 -19.55 4.02
C TYR B 368 17.41 -18.38 3.60
N GLU B 369 17.64 -17.85 2.39
CA GLU B 369 17.03 -16.58 1.94
C GLU B 369 15.51 -16.52 2.13
N GLU B 370 14.83 -17.63 1.90
CA GLU B 370 13.42 -17.65 2.21
C GLU B 370 13.11 -17.31 3.67
N MET B 371 13.85 -17.93 4.59
CA MET B 371 13.59 -17.75 6.00
C MET B 371 13.94 -16.34 6.50
N ALA B 372 15.04 -15.78 6.01
CA ALA B 372 15.42 -14.39 6.34
C ALA B 372 14.30 -13.42 6.03
N HIS B 373 13.67 -13.67 4.89
CA HIS B 373 12.60 -12.81 4.42
C HIS B 373 11.45 -12.75 5.38
N TRP B 374 10.96 -13.93 5.75
CA TRP B 374 9.80 -14.07 6.64
C TRP B 374 10.04 -13.88 8.15
N LEU B 375 11.29 -13.90 8.59
CA LEU B 375 11.56 -13.46 9.93
C LEU B 375 11.43 -11.95 10.00
N CYS B 376 11.54 -11.28 8.87
CA CYS B 376 11.55 -9.80 8.85
C CYS B 376 10.33 -9.18 8.17
N HIS B 377 9.45 -9.98 7.59
CA HIS B 377 8.26 -9.43 6.97
C HIS B 377 7.00 -10.08 7.49
N ARG B 378 5.88 -9.55 7.03
CA ARG B 378 4.57 -9.98 7.45
C ARG B 378 3.68 -9.82 6.21
N LYS B 379 2.87 -10.82 5.92
CA LYS B 379 1.97 -10.79 4.82
C LYS B 379 0.62 -10.58 5.45
N LEU B 380 -0.09 -9.53 5.07
CA LEU B 380 -1.45 -9.29 5.58
C LEU B 380 -2.36 -9.38 4.39
N ALA B 381 -3.62 -9.64 4.64
CA ALA B 381 -4.53 -9.82 3.54
C ALA B 381 -5.80 -9.06 3.80
N THR B 382 -6.36 -8.51 2.74
CA THR B 382 -7.69 -7.90 2.80
C THR B 382 -8.75 -8.73 2.02
N ALA B 383 -9.99 -8.29 2.07
CA ALA B 383 -11.05 -8.99 1.37
C ALA B 383 -10.71 -9.41 -0.07
N THR B 384 -9.99 -8.55 -0.79
CA THR B 384 -9.82 -8.61 -2.24
C THR B 384 -8.33 -8.71 -2.70
N GLU B 385 -7.38 -8.61 -1.75
CA GLU B 385 -5.95 -8.43 -2.08
C GLU B 385 -5.01 -8.61 -0.88
N THR B 386 -3.72 -8.64 -1.19
CA THR B 386 -2.71 -9.01 -0.21
C THR B 386 -1.45 -8.17 -0.45
N TYR B 387 -0.64 -8.02 0.60
CA TYR B 387 0.60 -7.27 0.49
C TYR B 387 1.60 -7.68 1.56
N ILE B 388 2.89 -7.54 1.25
CA ILE B 388 3.97 -7.87 2.19
C ILE B 388 4.59 -6.59 2.72
N LYS B 389 4.62 -6.43 4.04
CA LYS B 389 5.06 -5.21 4.75
C LYS B 389 6.36 -5.59 5.51
N PRO B 390 7.20 -4.63 5.88
CA PRO B 390 8.34 -4.94 6.75
C PRO B 390 7.94 -4.79 8.20
N ILE B 391 8.77 -5.26 9.13
CA ILE B 391 8.47 -5.16 10.56
C ILE B 391 9.69 -4.82 11.46
N SER B 392 9.39 -4.33 12.66
CA SER B 392 10.37 -3.71 13.54
C SER B 392 11.23 -4.76 14.20
N LYS B 393 12.37 -4.35 14.75
CA LYS B 393 13.23 -5.29 15.43
C LYS B 393 12.44 -5.95 16.53
N LEU B 394 11.68 -5.16 17.28
CA LEU B 394 10.78 -5.68 18.32
C LEU B 394 9.83 -6.79 17.84
N HIS B 395 9.12 -6.56 16.73
CA HIS B 395 8.07 -7.46 16.25
C HIS B 395 8.64 -8.74 15.64
N ALA B 396 9.82 -8.62 15.03
CA ALA B 396 10.54 -9.76 14.49
C ALA B 396 10.93 -10.74 15.61
N ILE B 397 11.29 -10.21 16.77
CA ILE B 397 11.55 -10.99 17.95
C ILE B 397 10.28 -11.63 18.50
N ASN B 398 9.25 -10.84 18.77
CA ASN B 398 7.95 -11.37 19.16
C ASN B 398 7.56 -12.60 18.34
N ALA B 399 7.77 -12.49 17.03
CA ALA B 399 7.40 -13.49 16.06
C ALA B 399 8.38 -14.68 16.05
N ARG B 400 9.65 -14.42 16.27
CA ARG B 400 10.62 -15.50 16.35
C ARG B 400 10.29 -16.34 17.57
N ASP B 401 10.07 -15.70 18.69
CA ASP B 401 9.75 -16.37 19.93
C ASP B 401 8.45 -17.15 19.77
N ALA B 402 7.52 -16.61 18.99
CA ALA B 402 6.21 -17.26 18.80
C ALA B 402 6.34 -18.51 17.96
N LEU B 403 7.20 -18.43 16.97
CA LEU B 403 7.48 -19.55 16.11
C LEU B 403 8.03 -20.69 16.96
N ALA B 404 8.99 -20.32 17.81
CA ALA B 404 9.70 -21.28 18.62
C ALA B 404 8.78 -21.93 19.67
N LYS B 405 7.85 -21.16 20.23
CA LYS B 405 6.81 -21.67 21.08
C LYS B 405 5.82 -22.59 20.33
N HIS B 406 5.62 -22.34 19.05
CA HIS B 406 4.68 -23.12 18.28
C HIS B 406 5.25 -24.45 17.83
N ILE B 407 6.52 -24.48 17.45
CA ILE B 407 7.22 -25.74 17.14
C ILE B 407 7.30 -26.59 18.39
N TYR B 408 7.66 -25.96 19.52
CA TYR B 408 7.76 -26.70 20.77
C TYR B 408 6.47 -27.33 21.18
N ALA B 409 5.36 -26.61 21.09
CA ALA B 409 4.09 -27.11 21.60
C ALA B 409 3.55 -28.19 20.72
N ASN B 410 3.78 -28.09 19.43
CA ASN B 410 3.30 -29.09 18.51
C ASN B 410 4.20 -30.34 18.62
N LEU B 411 5.47 -30.14 18.90
CA LEU B 411 6.38 -31.28 19.10
C LEU B 411 6.02 -32.01 20.37
N PHE B 412 5.64 -31.23 21.37
CA PHE B 412 5.13 -31.80 22.58
C PHE B 412 3.94 -32.72 22.25
N ASN B 413 2.97 -32.25 21.45
CA ASN B 413 1.71 -32.98 21.22
C ASN B 413 1.90 -34.19 20.34
N TRP B 414 2.91 -34.07 19.47
CA TRP B 414 3.40 -35.17 18.68
C TRP B 414 3.99 -36.27 19.56
N ILE B 415 4.90 -35.95 20.45
CA ILE B 415 5.49 -36.98 21.31
C ILE B 415 4.38 -37.66 22.06
N VAL B 416 3.48 -36.85 22.64
CA VAL B 416 2.30 -37.36 23.38
C VAL B 416 1.40 -38.30 22.56
N ASP B 417 1.16 -37.99 21.28
CA ASP B 417 0.32 -38.80 20.38
C ASP B 417 0.93 -40.18 20.19
N HIS B 418 2.25 -40.22 20.12
CA HIS B 418 2.98 -41.42 19.79
C HIS B 418 3.20 -42.30 20.97
N VAL B 419 3.38 -41.73 22.18
CA VAL B 419 3.25 -42.53 23.39
C VAL B 419 1.83 -43.15 23.38
N ASN B 420 0.82 -42.41 22.94
CA ASN B 420 -0.53 -42.98 22.86
C ASN B 420 -0.66 -44.20 21.89
N LYS B 421 0.09 -44.20 20.82
CA LYS B 421 0.04 -45.34 19.95
C LYS B 421 0.45 -46.57 20.76
N ALA B 422 1.45 -46.42 21.62
CA ALA B 422 1.86 -47.51 22.52
C ALA B 422 0.84 -47.83 23.64
N LEU B 423 0.17 -46.83 24.17
CA LEU B 423 -0.69 -47.04 25.33
C LEU B 423 -2.04 -47.62 24.96
N HIS B 424 -2.46 -47.46 23.72
CA HIS B 424 -3.84 -47.78 23.29
C HIS B 424 -4.10 -49.26 23.08
N SER B 425 -5.37 -49.61 22.93
CA SER B 425 -5.73 -50.98 22.66
C SER B 425 -6.79 -51.13 21.56
N THR B 426 -6.89 -52.34 21.04
CA THR B 426 -7.81 -52.63 19.96
C THR B 426 -9.19 -52.95 20.51
N VAL B 427 -9.26 -53.44 21.74
CA VAL B 427 -10.54 -53.78 22.33
C VAL B 427 -11.39 -52.51 22.35
N LYS B 428 -12.71 -52.63 22.23
CA LYS B 428 -13.60 -51.46 22.34
C LYS B 428 -13.70 -51.08 23.82
N GLN B 429 -13.77 -49.76 24.07
CA GLN B 429 -13.73 -49.18 25.43
C GLN B 429 -15.12 -48.79 25.90
N HIS B 430 -15.56 -49.34 27.03
CA HIS B 430 -16.84 -48.97 27.66
C HIS B 430 -16.77 -47.67 28.52
N SER B 431 -15.76 -47.59 29.39
CA SER B 431 -15.58 -46.53 30.38
C SER B 431 -14.11 -46.38 30.81
N PHE B 432 -13.79 -45.22 31.40
CA PHE B 432 -12.45 -44.94 31.91
C PHE B 432 -12.45 -44.32 33.30
N ILE B 433 -11.28 -44.40 33.92
CA ILE B 433 -10.97 -43.68 35.12
C ILE B 433 -9.71 -42.86 34.84
N GLY B 434 -9.85 -41.54 34.80
CA GLY B 434 -8.74 -40.63 34.52
C GLY B 434 -8.07 -40.14 35.78
N VAL B 435 -6.76 -40.32 35.86
CA VAL B 435 -6.00 -39.84 36.98
C VAL B 435 -5.41 -38.56 36.49
N LEU B 436 -5.82 -37.43 37.09
CA LEU B 436 -5.27 -36.10 36.79
C LEU B 436 -4.13 -35.71 37.72
N ASP B 437 -3.04 -35.26 37.12
CA ASP B 437 -1.85 -34.94 37.86
C ASP B 437 -1.67 -33.47 37.71
N ILE B 438 -1.96 -32.71 38.76
CA ILE B 438 -2.02 -31.29 38.59
C ILE B 438 -1.36 -30.56 39.76
N TYR B 439 -0.87 -29.38 39.47
CA TYR B 439 -0.25 -28.53 40.49
C TYR B 439 -1.28 -27.77 41.35
N GLY B 440 -0.82 -27.31 42.51
CA GLY B 440 -1.64 -26.52 43.40
C GLY B 440 -1.27 -25.06 43.28
N PHE B 441 -1.51 -24.30 44.34
CA PHE B 441 -1.26 -22.88 44.30
C PHE B 441 0.22 -22.69 44.38
N GLU B 442 0.73 -21.74 43.60
CA GLU B 442 2.15 -21.40 43.52
C GLU B 442 2.32 -19.94 43.93
N THR B 443 3.17 -19.71 44.94
CA THR B 443 3.57 -18.36 45.38
C THR B 443 5.04 -18.30 45.67
N PHE B 444 5.71 -17.44 44.94
CA PHE B 444 7.07 -17.09 45.26
C PHE B 444 7.02 -15.67 45.90
N GLU B 445 8.20 -15.10 46.18
CA GLU B 445 8.31 -13.73 46.71
C GLU B 445 7.95 -12.80 45.57
N ILE B 446 8.55 -13.12 44.43
CA ILE B 446 8.35 -12.45 43.17
C ILE B 446 7.46 -13.32 42.28
N ASN B 447 6.20 -12.92 42.03
CA ASN B 447 5.32 -13.71 41.18
C ASN B 447 5.12 -13.01 39.88
N SER B 448 4.74 -13.77 38.86
CA SER B 448 4.61 -13.23 37.50
C SER B 448 3.47 -13.92 36.79
N PHE B 449 3.45 -13.75 35.46
CA PHE B 449 2.50 -14.38 34.58
C PHE B 449 2.37 -15.92 34.74
N GLU B 450 3.50 -16.61 34.82
CA GLU B 450 3.48 -18.09 34.97
C GLU B 450 2.70 -18.56 36.20
N GLN B 451 2.84 -17.82 37.30
CA GLN B 451 2.12 -18.07 38.51
C GLN B 451 0.65 -17.71 38.45
N PHE B 452 0.33 -16.67 37.70
CA PHE B 452 -1.01 -16.22 37.51
C PHE B 452 -1.78 -17.30 36.80
N CYS B 453 -1.21 -17.83 35.75
CA CYS B 453 -1.87 -18.90 35.03
C CYS B 453 -2.12 -20.05 35.99
N ILE B 454 -1.15 -20.36 36.83
CA ILE B 454 -1.32 -21.50 37.71
C ILE B 454 -2.40 -21.27 38.71
N ASN B 455 -2.51 -20.05 39.24
CA ASN B 455 -3.50 -19.79 40.30
C ASN B 455 -4.91 -19.63 39.72
N TYR B 456 -5.02 -18.94 38.60
CA TYR B 456 -6.21 -19.00 37.77
C TYR B 456 -6.70 -20.44 37.65
N ALA B 457 -5.91 -21.35 37.10
CA ALA B 457 -6.32 -22.76 36.97
C ALA B 457 -6.72 -23.40 38.28
N ASN B 458 -6.12 -22.98 39.38
CA ASN B 458 -6.49 -23.52 40.66
C ASN B 458 -7.80 -22.96 41.17
N GLU B 459 -8.13 -21.71 40.84
CA GLU B 459 -9.48 -21.18 41.07
C GLU B 459 -10.52 -22.02 40.35
N LYS B 460 -10.30 -22.42 39.09
CA LYS B 460 -11.35 -23.21 38.43
C LYS B 460 -11.35 -24.65 38.95
N LEU B 461 -10.27 -25.10 39.56
CA LEU B 461 -10.25 -26.46 40.08
C LEU B 461 -10.91 -26.50 41.42
N GLN B 462 -10.70 -25.45 42.19
CA GLN B 462 -11.39 -25.33 43.46
C GLN B 462 -12.92 -25.14 43.28
N GLN B 463 -13.35 -24.35 42.30
CA GLN B 463 -14.78 -24.24 41.98
C GLN B 463 -15.38 -25.64 41.80
N GLN B 464 -14.70 -26.48 41.03
CA GLN B 464 -15.21 -27.78 40.64
C GLN B 464 -15.31 -28.66 41.86
N PHE B 465 -14.40 -28.46 42.79
CA PHE B 465 -14.39 -29.26 43.98
C PHE B 465 -15.56 -28.82 44.86
N ASN B 466 -15.69 -27.52 45.04
CA ASN B 466 -16.70 -26.94 45.92
C ASN B 466 -18.11 -27.38 45.49
N MET B 467 -18.40 -27.27 44.17
CA MET B 467 -19.70 -27.68 43.62
C MET B 467 -20.00 -29.15 43.86
N HIS B 468 -18.96 -29.99 43.85
CA HIS B 468 -19.16 -31.41 43.92
C HIS B 468 -19.51 -31.70 45.34
N VAL B 469 -18.88 -30.97 46.26
CA VAL B 469 -19.14 -31.13 47.69
C VAL B 469 -20.51 -30.57 48.04
N PHE B 470 -20.95 -29.58 47.28
CA PHE B 470 -22.25 -28.97 47.41
C PHE B 470 -23.34 -29.92 46.93
N LYS B 471 -23.15 -30.52 45.77
CA LYS B 471 -24.03 -31.57 45.27
C LYS B 471 -24.18 -32.65 46.32
N LEU B 472 -23.10 -33.07 46.95
CA LEU B 472 -23.14 -34.28 47.79
C LEU B 472 -23.81 -34.05 49.16
N GLU B 473 -23.58 -32.85 49.70
CA GLU B 473 -24.19 -32.42 50.96
C GLU B 473 -25.73 -32.29 50.78
N GLN B 474 -26.16 -31.38 49.90
CA GLN B 474 -27.51 -31.34 49.37
C GLN B 474 -28.19 -32.68 49.39
N GLU B 475 -27.63 -33.65 48.66
CA GLU B 475 -28.25 -34.99 48.55
C GLU B 475 -28.25 -35.73 49.87
N GLU B 476 -27.20 -35.55 50.65
CA GLU B 476 -27.10 -36.17 51.97
C GLU B 476 -28.19 -35.64 52.87
N TYR B 477 -28.48 -34.32 52.75
CA TYR B 477 -29.48 -33.64 53.56
C TYR B 477 -30.92 -33.98 53.09
N MET B 478 -31.12 -34.13 51.78
CA MET B 478 -32.39 -34.61 51.28
C MET B 478 -32.69 -36.00 51.82
N LYS B 479 -31.79 -36.96 51.73
CA LYS B 479 -32.06 -38.31 52.22
C LYS B 479 -32.03 -38.37 53.75
N GLU B 480 -31.61 -37.30 54.41
CA GLU B 480 -31.72 -37.24 55.87
C GLU B 480 -32.90 -36.34 56.28
N GLN B 481 -33.65 -35.89 55.26
CA GLN B 481 -34.81 -35.03 55.38
C GLN B 481 -34.62 -33.65 56.08
N ILE B 482 -33.37 -33.21 56.21
CA ILE B 482 -33.03 -31.90 56.72
C ILE B 482 -33.09 -30.95 55.55
N PRO B 483 -33.62 -29.75 55.74
CA PRO B 483 -33.81 -28.86 54.58
C PRO B 483 -32.48 -28.53 53.90
N TRP B 484 -32.37 -28.76 52.60
CA TRP B 484 -31.09 -28.66 51.92
C TRP B 484 -30.66 -27.22 51.69
N THR B 485 -31.58 -26.30 51.78
CA THR B 485 -31.14 -24.92 51.77
C THR B 485 -30.20 -24.57 52.98
N LEU B 486 -30.10 -25.45 53.96
CA LEU B 486 -29.23 -25.20 55.11
C LEU B 486 -27.76 -25.17 54.71
N ILE B 487 -27.35 -26.10 53.85
CA ILE B 487 -26.00 -26.18 53.30
C ILE B 487 -25.53 -24.84 52.68
N ASP B 488 -24.41 -24.31 53.19
CA ASP B 488 -23.84 -23.07 52.65
C ASP B 488 -22.91 -23.33 51.50
N PHE B 489 -22.56 -22.27 50.80
CA PHE B 489 -21.69 -22.36 49.66
C PHE B 489 -20.86 -21.10 49.55
N TYR B 490 -19.55 -21.29 49.51
CA TYR B 490 -18.61 -20.21 49.27
C TYR B 490 -18.21 -20.26 47.80
N ASP B 491 -18.66 -19.26 47.06
CA ASP B 491 -18.59 -19.19 45.62
C ASP B 491 -17.31 -18.47 45.28
N ASN B 492 -16.56 -18.97 44.31
CA ASN B 492 -15.33 -18.30 43.90
C ASN B 492 -15.46 -17.77 42.47
N GLN B 493 -16.66 -17.76 41.94
CA GLN B 493 -16.90 -17.18 40.64
C GLN B 493 -16.49 -15.69 40.47
N PRO B 494 -16.53 -14.88 41.53
CA PRO B 494 -16.07 -13.49 41.39
C PRO B 494 -14.55 -13.37 41.11
N CYS B 495 -13.72 -14.18 41.78
CA CYS B 495 -12.28 -14.23 41.49
C CYS B 495 -12.05 -14.64 40.06
N ILE B 496 -12.76 -15.66 39.65
CA ILE B 496 -12.66 -16.10 38.30
C ILE B 496 -12.99 -14.97 37.34
N ASN B 497 -13.99 -14.17 37.68
CA ASN B 497 -14.46 -13.10 36.77
C ASN B 497 -13.45 -11.99 36.77
N LEU B 498 -12.90 -11.73 37.93
CA LEU B 498 -11.86 -10.73 38.02
C LEU B 498 -10.75 -11.09 37.06
N ILE B 499 -10.49 -12.41 36.95
CA ILE B 499 -9.39 -12.97 36.16
C ILE B 499 -9.77 -13.04 34.70
N GLU B 500 -10.81 -13.80 34.37
CA GLU B 500 -11.12 -14.13 32.97
C GLU B 500 -12.25 -13.37 32.31
N ALA B 501 -13.19 -12.87 33.10
CA ALA B 501 -14.39 -12.27 32.52
C ALA B 501 -14.07 -10.95 31.85
N LYS B 502 -14.86 -10.58 30.83
CA LYS B 502 -14.64 -9.36 30.03
C LYS B 502 -14.36 -8.10 30.86
N MET B 503 -13.36 -7.34 30.42
CA MET B 503 -12.76 -6.18 31.13
C MET B 503 -11.97 -6.61 32.41
N GLY B 504 -11.84 -7.93 32.60
CA GLY B 504 -10.97 -8.49 33.62
C GLY B 504 -9.49 -8.44 33.25
N VAL B 505 -8.68 -9.10 34.05
CA VAL B 505 -7.23 -8.96 33.99
C VAL B 505 -6.56 -9.53 32.74
N LEU B 506 -6.94 -10.74 32.35
CA LEU B 506 -6.45 -11.37 31.11
C LEU B 506 -6.97 -10.58 29.91
N ASP B 507 -8.22 -10.12 29.99
CA ASP B 507 -8.77 -9.34 28.90
C ASP B 507 -8.02 -8.01 28.72
N LEU B 508 -7.65 -7.38 29.82
CA LEU B 508 -6.91 -6.14 29.76
C LEU B 508 -5.50 -6.37 29.30
N LEU B 509 -4.92 -7.52 29.63
CA LEU B 509 -3.62 -7.90 29.06
C LEU B 509 -3.71 -8.00 27.55
N ASP B 510 -4.77 -8.62 27.07
CA ASP B 510 -4.92 -8.90 25.67
C ASP B 510 -5.08 -7.62 24.86
N GLU B 511 -5.91 -6.71 25.37
CA GLU B 511 -6.14 -5.39 24.74
C GLU B 511 -4.91 -4.49 24.65
N GLU B 512 -4.22 -4.37 25.77
CA GLU B 512 -2.97 -3.63 25.86
C GLU B 512 -1.88 -4.22 24.97
N CYS B 513 -2.00 -5.51 24.66
CA CYS B 513 -0.99 -6.23 23.91
C CYS B 513 -1.02 -5.90 22.44
N LYS B 514 -2.20 -5.52 21.97
CA LYS B 514 -2.44 -5.11 20.60
C LYS B 514 -2.16 -3.62 20.39
N MET B 515 -2.07 -2.85 21.48
CA MET B 515 -1.77 -1.42 21.39
C MET B 515 -0.30 -1.10 21.12
N PRO B 516 -0.03 -0.36 20.03
CA PRO B 516 1.32 0.15 19.74
C PRO B 516 2.08 0.75 20.92
N LYS B 517 1.48 1.56 21.78
CA LYS B 517 2.29 2.21 22.83
C LYS B 517 2.11 1.57 24.23
N GLY B 518 1.57 0.36 24.27
CA GLY B 518 1.24 -0.29 25.53
C GLY B 518 2.44 -0.92 26.20
N SER B 519 2.44 -0.92 27.54
CA SER B 519 3.54 -1.52 28.31
C SER B 519 3.06 -2.06 29.67
N ASP B 520 3.97 -2.66 30.45
CA ASP B 520 3.58 -3.23 31.75
C ASP B 520 2.88 -2.11 32.57
N ASP B 521 3.51 -0.93 32.53
CA ASP B 521 3.05 0.26 33.24
C ASP B 521 1.71 0.82 32.68
N THR B 522 1.55 0.86 31.36
CA THR B 522 0.24 1.25 30.77
C THR B 522 -0.90 0.28 31.09
N TRP B 523 -0.60 -1.03 31.05
CA TRP B 523 -1.56 -2.09 31.45
C TRP B 523 -1.96 -1.97 32.91
N ALA B 524 -0.96 -1.77 33.78
CA ALA B 524 -1.15 -1.63 35.24
C ALA B 524 -2.14 -0.52 35.61
N GLN B 525 -2.00 0.63 34.95
CA GLN B 525 -2.87 1.78 35.19
C GLN B 525 -4.30 1.42 34.77
N LYS B 526 -4.47 0.56 33.77
CA LYS B 526 -5.84 0.13 33.40
C LYS B 526 -6.44 -0.85 34.40
N LEU B 527 -5.62 -1.61 35.11
CA LEU B 527 -6.16 -2.52 36.11
C LEU B 527 -6.71 -1.65 37.23
N TYR B 528 -5.87 -0.77 37.75
CA TYR B 528 -6.33 0.26 38.71
C TYR B 528 -7.58 1.03 38.27
N ASN B 529 -7.53 1.66 37.10
CA ASN B 529 -8.65 2.49 36.67
C ASN B 529 -9.99 1.71 36.67
N THR B 530 -9.91 0.40 36.37
CA THR B 530 -11.09 -0.48 36.21
C THR B 530 -11.48 -1.20 37.47
N HIS B 531 -10.52 -1.49 38.35
CA HIS B 531 -10.70 -2.47 39.43
C HIS B 531 -10.35 -1.97 40.84
N LEU B 532 -9.35 -1.11 40.96
CA LEU B 532 -9.02 -0.57 42.28
C LEU B 532 -10.27 0.04 43.01
N ASN B 533 -10.38 -0.27 44.30
CA ASN B 533 -11.56 0.09 45.13
C ASN B 533 -12.94 -0.41 44.64
N LYS B 534 -13.00 -0.98 43.44
CA LYS B 534 -14.27 -1.31 42.78
C LYS B 534 -14.63 -2.79 42.79
N CYS B 535 -13.62 -3.65 42.91
CA CYS B 535 -13.80 -5.06 43.23
C CYS B 535 -12.88 -5.34 44.41
N ALA B 536 -13.39 -6.00 45.45
CA ALA B 536 -12.66 -6.15 46.73
C ALA B 536 -11.55 -7.18 46.64
N LEU B 537 -11.68 -8.08 45.68
CA LEU B 537 -10.67 -9.09 45.43
C LEU B 537 -9.40 -8.48 44.76
N PHE B 538 -9.42 -7.16 44.53
CA PHE B 538 -8.30 -6.47 43.91
C PHE B 538 -7.74 -5.42 44.85
N GLU B 539 -6.55 -5.64 45.37
CA GLU B 539 -5.84 -4.65 46.18
C GLU B 539 -4.56 -4.18 45.43
N LYS B 540 -3.99 -3.06 45.88
CA LYS B 540 -2.72 -2.57 45.34
C LYS B 540 -1.81 -2.25 46.51
N PRO B 541 -0.51 -2.56 46.46
CA PRO B 541 0.43 -1.94 47.42
C PRO B 541 0.44 -0.41 47.25
N ARG B 542 0.23 0.35 48.33
CA ARG B 542 0.37 1.82 48.24
C ARG B 542 1.84 2.12 47.94
N LEU B 543 2.73 1.24 48.41
CA LEU B 543 4.18 1.32 48.19
C LEU B 543 4.63 1.31 46.71
N SER B 544 3.82 0.73 45.82
CA SER B 544 4.25 0.48 44.43
C SER B 544 3.14 0.58 43.37
N ASN B 545 3.52 0.96 42.16
CA ASN B 545 2.58 1.11 41.05
C ASN B 545 2.83 0.07 39.94
N LYS B 546 3.62 -0.97 40.24
CA LYS B 546 4.16 -1.90 39.23
C LYS B 546 3.67 -3.34 39.51
N ALA B 547 2.60 -3.44 40.30
CA ALA B 547 2.19 -4.68 40.95
C ALA B 547 0.68 -4.67 41.25
N PHE B 548 0.09 -5.84 41.44
CA PHE B 548 -1.30 -5.91 41.87
C PHE B 548 -1.48 -7.12 42.73
N ILE B 549 -2.56 -7.14 43.49
CA ILE B 549 -2.85 -8.27 44.36
C ILE B 549 -4.22 -8.83 44.09
N ILE B 550 -4.34 -10.14 43.97
CA ILE B 550 -5.64 -10.79 43.91
C ILE B 550 -5.73 -11.56 45.20
N LYS B 551 -6.91 -11.52 45.82
CA LYS B 551 -7.19 -12.35 46.96
C LYS B 551 -7.76 -13.63 46.38
N HIS B 552 -6.87 -14.60 46.22
CA HIS B 552 -7.23 -15.94 45.74
C HIS B 552 -7.92 -16.69 46.85
N PHE B 553 -8.41 -17.85 46.50
CA PHE B 553 -9.12 -18.72 47.38
C PHE B 553 -8.34 -18.99 48.66
N ALA B 554 -7.10 -19.43 48.55
CA ALA B 554 -6.37 -19.88 49.74
C ALA B 554 -5.63 -18.77 50.41
N ASP B 555 -5.34 -17.70 49.67
CA ASP B 555 -4.48 -16.64 50.15
C ASP B 555 -4.42 -15.40 49.22
N LYS B 556 -3.82 -14.33 49.73
CA LYS B 556 -3.57 -13.10 48.94
C LYS B 556 -2.29 -13.31 48.15
N VAL B 557 -2.25 -12.86 46.88
CA VAL B 557 -1.03 -13.01 46.07
C VAL B 557 -0.68 -11.74 45.35
N GLU B 558 0.59 -11.40 45.42
CA GLU B 558 1.07 -10.19 44.78
C GLU B 558 1.86 -10.50 43.52
N TYR B 559 1.36 -10.02 42.38
CA TYR B 559 1.96 -10.26 41.06
C TYR B 559 2.68 -9.01 40.48
N GLN B 560 3.96 -9.16 40.16
CA GLN B 560 4.72 -8.10 39.56
C GLN B 560 4.53 -8.13 38.03
N CYS B 561 3.88 -7.06 37.55
CA CYS B 561 3.66 -6.76 36.13
C CYS B 561 4.83 -6.90 35.14
N GLU B 562 6.06 -6.60 35.56
CA GLU B 562 7.21 -6.72 34.64
C GLU B 562 7.09 -8.02 33.81
N GLY B 563 7.23 -7.89 32.49
CA GLY B 563 7.18 -9.03 31.60
C GLY B 563 5.81 -9.59 31.17
N PHE B 564 4.72 -9.17 31.80
CA PHE B 564 3.41 -9.75 31.48
C PHE B 564 3.06 -9.61 30.04
N LEU B 565 3.34 -8.47 29.45
CA LEU B 565 2.91 -8.27 28.08
C LEU B 565 3.70 -9.09 27.09
N GLU B 566 5.00 -9.24 27.30
CA GLU B 566 5.77 -9.99 26.30
C GLU B 566 5.50 -11.50 26.44
N LYS B 567 5.43 -11.97 27.69
CA LYS B 567 5.03 -13.33 28.02
C LYS B 567 3.68 -13.71 27.46
N ASN B 568 2.73 -12.79 27.48
CA ASN B 568 1.42 -13.03 26.90
C ASN B 568 1.37 -13.03 25.37
N LYS B 569 2.12 -12.14 24.71
CA LYS B 569 2.09 -12.09 23.23
C LYS B 569 2.52 -13.41 22.65
N ASP B 570 1.84 -13.87 21.61
CA ASP B 570 2.12 -15.18 21.00
C ASP B 570 1.60 -15.30 19.54
N THR B 571 1.68 -14.20 18.81
CA THR B 571 1.26 -14.16 17.42
C THR B 571 2.28 -14.81 16.50
N VAL B 572 1.96 -15.99 16.03
CA VAL B 572 2.81 -16.72 15.12
C VAL B 572 2.39 -16.43 13.65
N TYR B 573 3.36 -16.24 12.78
CA TYR B 573 3.09 -15.79 11.43
C TYR B 573 2.99 -17.00 10.56
N GLU B 574 1.83 -17.18 9.92
CA GLU B 574 1.58 -18.37 9.09
C GLU B 574 2.70 -18.57 8.07
N GLU B 575 3.26 -17.47 7.52
CA GLU B 575 4.28 -17.60 6.45
C GLU B 575 5.46 -18.43 6.90
N GLN B 576 6.00 -18.15 8.08
CA GLN B 576 7.05 -18.99 8.68
C GLN B 576 6.61 -20.47 8.85
N ILE B 577 5.37 -20.74 9.27
CA ILE B 577 4.94 -22.13 9.33
C ILE B 577 5.03 -22.75 7.93
N LYS B 578 4.55 -22.06 6.88
CA LYS B 578 4.55 -22.62 5.48
C LYS B 578 5.95 -23.06 5.03
N VAL B 579 6.94 -22.20 5.25
CA VAL B 579 8.35 -22.53 4.97
C VAL B 579 8.81 -23.83 5.62
N LEU B 580 8.45 -24.02 6.88
CA LEU B 580 8.77 -25.25 7.57
C LEU B 580 7.94 -26.46 7.05
N LYS B 581 6.65 -26.29 6.75
CA LYS B 581 5.81 -27.36 6.22
C LYS B 581 6.32 -27.88 4.88
N SER B 582 7.02 -27.01 4.14
CA SER B 582 7.55 -27.36 2.82
C SER B 582 8.84 -28.21 2.81
N SER B 583 9.44 -28.41 3.98
CA SER B 583 10.75 -29.03 4.08
C SER B 583 10.57 -30.49 3.83
N LYS B 584 11.69 -31.14 3.51
CA LYS B 584 11.71 -32.56 3.13
C LYS B 584 13.04 -33.23 3.49
N LYS B 585 13.80 -32.68 4.43
CA LYS B 585 14.93 -33.42 5.02
C LYS B 585 14.35 -34.61 5.79
N PHE B 586 13.45 -34.37 6.76
CA PHE B 586 12.90 -35.45 7.62
C PHE B 586 11.39 -35.39 7.79
N LYS B 587 10.78 -36.55 8.01
CA LYS B 587 9.32 -36.67 8.07
C LYS B 587 8.67 -36.00 9.30
N LEU B 588 9.39 -35.89 10.41
CA LEU B 588 8.80 -35.28 11.61
C LEU B 588 8.37 -33.85 11.31
N LEU B 589 9.25 -33.06 10.70
CA LEU B 589 9.01 -31.61 10.69
C LEU B 589 7.66 -31.21 10.11
N PRO B 590 7.30 -31.68 8.92
CA PRO B 590 5.99 -31.39 8.35
C PRO B 590 4.85 -32.12 9.07
N GLU B 591 5.15 -33.28 9.66
CA GLU B 591 4.17 -34.01 10.46
C GLU B 591 3.64 -33.22 11.67
N LEU B 592 4.40 -32.24 12.16
CA LEU B 592 4.06 -31.41 13.32
C LEU B 592 2.94 -30.39 13.10
N PHE B 593 2.72 -30.05 11.85
CA PHE B 593 1.73 -29.09 11.47
C PHE B 593 0.53 -29.71 10.76
N GLN B 594 0.50 -31.03 10.57
CA GLN B 594 -0.60 -31.70 9.85
C GLN B 594 -1.83 -31.96 10.74
N THR B 628 -7.95 -22.55 12.98
CA THR B 628 -6.90 -22.70 11.98
C THR B 628 -5.87 -21.63 12.21
N SER B 629 -6.25 -20.40 11.86
CA SER B 629 -5.41 -19.20 11.91
C SER B 629 -5.92 -18.20 12.95
N LYS B 630 -7.24 -18.15 13.16
CA LYS B 630 -7.86 -17.40 14.28
C LYS B 630 -7.13 -17.79 15.60
N GLU B 631 -6.87 -19.09 15.70
CA GLU B 631 -6.03 -19.75 16.68
C GLU B 631 -4.59 -19.20 16.85
N HIS B 632 -3.89 -18.97 15.73
CA HIS B 632 -2.51 -18.49 15.77
C HIS B 632 -2.35 -17.10 16.37
N LYS B 633 -3.42 -16.30 16.40
CA LYS B 633 -3.41 -14.95 16.99
C LYS B 633 -3.70 -14.94 18.48
N LYS B 634 -4.39 -15.97 18.98
CA LYS B 634 -4.66 -16.10 20.42
C LYS B 634 -3.41 -15.96 21.26
N THR B 635 -3.51 -15.21 22.33
CA THR B 635 -2.41 -15.04 23.25
C THR B 635 -2.19 -16.26 24.13
N VAL B 636 -1.11 -16.26 24.88
CA VAL B 636 -0.81 -17.35 25.77
C VAL B 636 -1.90 -17.39 26.81
N GLY B 637 -2.43 -16.24 27.23
CA GLY B 637 -3.49 -16.19 28.24
C GLY B 637 -4.82 -16.72 27.72
N HIS B 638 -5.14 -16.37 26.50
CA HIS B 638 -6.36 -16.84 25.85
C HIS B 638 -6.25 -18.35 25.70
N GLN B 639 -5.16 -18.82 25.08
CA GLN B 639 -4.90 -20.25 24.95
C GLN B 639 -5.05 -20.97 26.26
N PHE B 640 -4.58 -20.33 27.32
CA PHE B 640 -4.50 -20.96 28.62
C PHE B 640 -5.92 -21.16 29.13
N ARG B 641 -6.70 -20.07 29.13
CA ARG B 641 -8.17 -20.12 29.28
C ARG B 641 -8.81 -21.28 28.47
N ASN B 642 -8.55 -21.31 27.18
CA ASN B 642 -9.07 -22.36 26.33
C ASN B 642 -8.76 -23.75 26.83
N SER B 643 -7.48 -24.02 27.11
CA SER B 643 -7.04 -25.32 27.57
C SER B 643 -7.68 -25.63 28.87
N LEU B 644 -7.90 -24.62 29.69
CA LEU B 644 -8.40 -24.82 31.05
C LEU B 644 -9.89 -25.16 30.99
N HIS B 645 -10.60 -24.52 30.05
CA HIS B 645 -12.03 -24.74 29.94
C HIS B 645 -12.15 -26.19 29.40
N LEU B 646 -11.35 -26.49 28.39
CA LEU B 646 -11.23 -27.86 27.92
C LEU B 646 -10.96 -28.90 29.00
N LEU B 647 -10.14 -28.57 30.00
CA LEU B 647 -9.86 -29.49 31.11
C LEU B 647 -11.06 -29.65 32.05
N MET B 648 -11.72 -28.54 32.34
CA MET B 648 -12.95 -28.56 33.10
C MET B 648 -14.06 -29.37 32.37
N GLU B 649 -14.18 -29.26 31.07
CA GLU B 649 -15.18 -30.07 30.38
C GLU B 649 -14.90 -31.52 30.67
N THR B 650 -13.68 -31.92 30.33
CA THR B 650 -13.23 -33.27 30.64
C THR B 650 -13.52 -33.71 32.07
N LEU B 651 -13.22 -32.89 33.08
CA LEU B 651 -13.45 -33.29 34.47
C LEU B 651 -14.97 -33.26 34.87
N ASN B 652 -15.73 -32.43 34.18
CA ASN B 652 -17.13 -32.26 34.54
C ASN B 652 -17.96 -33.36 33.96
N ALA B 653 -17.39 -34.16 33.05
CA ALA B 653 -18.13 -35.27 32.46
C ALA B 653 -17.89 -36.56 33.24
N THR B 654 -17.32 -36.43 34.42
CA THR B 654 -16.90 -37.58 35.21
C THR B 654 -17.29 -37.37 36.65
N THR B 655 -17.25 -38.40 37.43
CA THR B 655 -17.36 -38.22 38.82
C THR B 655 -15.93 -38.14 39.32
N PRO B 656 -15.59 -37.05 40.01
CA PRO B 656 -14.25 -36.84 40.53
C PRO B 656 -14.03 -37.34 41.96
N HIS B 657 -12.77 -37.69 42.20
CA HIS B 657 -12.26 -38.06 43.51
C HIS B 657 -10.96 -37.27 43.74
N TYR B 658 -10.60 -37.00 44.97
CA TYR B 658 -9.57 -35.99 45.21
C TYR B 658 -8.52 -36.56 46.15
N VAL B 659 -7.27 -36.48 45.72
CA VAL B 659 -6.13 -36.74 46.59
C VAL B 659 -5.28 -35.47 46.71
N ARG B 660 -4.76 -35.21 47.89
CA ARG B 660 -3.94 -34.02 48.10
C ARG B 660 -2.58 -34.45 48.64
N CYS B 661 -1.54 -34.31 47.84
CA CYS B 661 -0.24 -34.83 48.20
C CYS B 661 0.53 -33.69 48.79
N ILE B 662 1.02 -33.78 50.04
CA ILE B 662 1.89 -32.73 50.57
C ILE B 662 3.32 -33.18 50.89
N LYS B 663 4.25 -32.29 50.57
CA LYS B 663 5.67 -32.36 50.95
C LYS B 663 5.88 -31.93 52.46
N PRO B 664 6.29 -32.86 53.32
CA PRO B 664 6.48 -32.57 54.75
C PRO B 664 7.79 -31.79 55.05
N ASN B 665 8.91 -32.24 54.49
CA ASN B 665 10.17 -31.46 54.54
C ASN B 665 10.76 -31.05 53.20
N ASP B 666 11.75 -30.17 53.29
CA ASP B 666 12.40 -29.65 52.11
C ASP B 666 13.63 -30.40 51.71
N PHE B 667 13.90 -31.56 52.26
CA PHE B 667 15.16 -32.22 51.94
C PHE B 667 15.04 -33.69 51.78
N LYS B 668 13.89 -34.18 51.37
CA LYS B 668 13.70 -35.58 51.05
C LYS B 668 14.01 -36.53 52.20
N PHE B 669 13.76 -36.10 53.41
CA PHE B 669 14.10 -36.93 54.59
C PHE B 669 13.01 -37.90 54.99
N PRO B 670 13.35 -39.15 55.30
CA PRO B 670 12.34 -40.05 55.79
C PRO B 670 11.74 -39.43 57.05
N PHE B 671 10.46 -39.76 57.23
CA PHE B 671 9.51 -39.20 58.17
C PHE B 671 9.93 -38.00 58.95
N THR B 672 9.93 -36.85 58.33
CA THR B 672 10.30 -35.61 58.99
C THR B 672 9.25 -34.54 58.72
N PHE B 673 8.91 -33.71 59.68
CA PHE B 673 7.75 -32.86 59.56
C PHE B 673 8.08 -31.48 60.01
N ASP B 674 8.13 -30.57 59.06
CA ASP B 674 8.41 -29.20 59.34
C ASP B 674 7.04 -28.50 59.25
N GLU B 675 6.59 -27.99 60.39
CA GLU B 675 5.25 -27.47 60.51
C GLU B 675 5.02 -26.32 59.59
N LYS B 676 6.08 -25.54 59.32
CA LYS B 676 5.97 -24.37 58.42
C LYS B 676 5.75 -24.82 56.96
N ARG B 677 6.42 -25.88 56.56
CA ARG B 677 6.27 -26.41 55.20
C ARG B 677 4.91 -27.04 55.05
N ALA B 678 4.49 -27.77 56.08
CA ALA B 678 3.19 -28.47 56.10
C ALA B 678 2.01 -27.51 56.09
N VAL B 679 2.09 -26.42 56.83
CA VAL B 679 1.04 -25.44 56.77
C VAL B 679 1.00 -24.84 55.36
N GLN B 680 2.14 -24.42 54.83
CA GLN B 680 2.23 -23.88 53.46
C GLN B 680 1.63 -24.84 52.42
N GLN B 681 2.01 -26.12 52.49
CA GLN B 681 1.51 -27.12 51.54
C GLN B 681 0.00 -27.29 51.68
N LEU B 682 -0.45 -27.48 52.90
CA LEU B 682 -1.86 -27.63 53.17
C LEU B 682 -2.64 -26.42 52.65
N ARG B 683 -2.05 -25.23 52.74
CA ARG B 683 -2.75 -24.02 52.31
C ARG B 683 -2.93 -24.04 50.79
N ALA B 684 -1.87 -24.44 50.11
CA ALA B 684 -1.78 -24.41 48.65
C ALA B 684 -2.62 -25.53 47.96
N CYS B 685 -3.00 -26.51 48.76
CA CYS B 685 -3.92 -27.54 48.31
C CYS B 685 -5.36 -27.14 48.47
N GLY B 686 -5.58 -26.03 49.16
CA GLY B 686 -6.92 -25.63 49.52
C GLY B 686 -7.51 -26.40 50.71
N VAL B 687 -6.74 -27.31 51.33
CA VAL B 687 -7.17 -28.02 52.52
C VAL B 687 -7.48 -27.09 53.69
N LEU B 688 -6.69 -26.04 53.91
CA LEU B 688 -6.97 -25.15 55.05
C LEU B 688 -8.26 -24.38 54.87
N GLU B 689 -8.49 -23.87 53.67
CA GLU B 689 -9.77 -23.24 53.34
C GLU B 689 -10.91 -24.29 53.27
N THR B 690 -10.64 -25.49 52.78
CA THR B 690 -11.70 -26.52 52.75
C THR B 690 -12.23 -26.68 54.17
N ILE B 691 -11.29 -26.87 55.07
CA ILE B 691 -11.54 -27.05 56.48
C ILE B 691 -12.33 -25.91 57.09
N ARG B 692 -11.81 -24.67 56.94
CA ARG B 692 -12.42 -23.48 57.56
C ARG B 692 -13.91 -23.39 57.19
N ILE B 693 -14.22 -23.62 55.92
CA ILE B 693 -15.59 -23.63 55.41
C ILE B 693 -16.45 -24.69 56.07
N SER B 694 -15.96 -25.91 56.15
CA SER B 694 -16.72 -26.97 56.79
C SER B 694 -16.95 -26.80 58.31
N ALA B 695 -16.03 -26.06 58.96
CA ALA B 695 -16.19 -25.62 60.34
C ALA B 695 -17.46 -24.79 60.45
N ALA B 696 -17.62 -23.85 59.54
CA ALA B 696 -18.81 -23.01 59.48
C ALA B 696 -20.13 -23.81 59.59
N GLY B 697 -20.28 -24.86 58.79
CA GLY B 697 -21.53 -25.61 58.72
C GLY B 697 -21.73 -26.57 59.88
N PHE B 698 -22.36 -27.71 59.59
CA PHE B 698 -22.50 -28.83 60.54
C PHE B 698 -21.53 -30.00 60.20
N PRO B 699 -20.23 -29.90 60.52
CA PRO B 699 -19.27 -30.94 60.17
C PRO B 699 -19.30 -32.25 60.96
N SER B 700 -19.73 -32.24 62.21
CA SER B 700 -19.73 -33.49 62.93
C SER B 700 -21.00 -34.21 62.57
N ARG B 701 -20.91 -35.53 62.45
CA ARG B 701 -22.04 -36.41 62.13
C ARG B 701 -21.88 -37.77 62.79
N TRP B 702 -22.79 -38.06 63.74
CA TRP B 702 -22.89 -39.33 64.44
C TRP B 702 -24.18 -39.95 63.99
N THR B 703 -24.26 -41.28 64.08
CA THR B 703 -25.54 -41.97 63.87
C THR B 703 -26.34 -41.98 65.18
N TYR B 704 -27.59 -42.45 65.13
CA TYR B 704 -28.34 -42.62 66.36
C TYR B 704 -27.84 -43.81 67.21
N GLN B 705 -26.88 -44.59 66.68
CA GLN B 705 -26.22 -45.59 67.52
C GLN B 705 -24.93 -45.03 68.09
N GLU B 706 -24.00 -44.60 67.25
CA GLU B 706 -22.76 -44.01 67.77
C GLU B 706 -23.07 -43.15 69.00
N PHE B 707 -24.15 -42.38 68.94
CA PHE B 707 -24.51 -41.49 70.01
C PHE B 707 -24.91 -42.22 71.29
N PHE B 708 -25.99 -42.99 71.23
CA PHE B 708 -26.48 -43.72 72.41
C PHE B 708 -25.36 -44.41 73.19
N SER B 709 -24.50 -45.13 72.47
CA SER B 709 -23.39 -45.86 73.08
C SER B 709 -22.43 -44.96 73.82
N ARG B 710 -21.96 -43.91 73.14
CA ARG B 710 -20.88 -43.09 73.68
C ARG B 710 -21.29 -42.35 74.92
N TYR B 711 -22.57 -42.00 75.04
CA TYR B 711 -23.06 -41.20 76.16
C TYR B 711 -24.24 -41.90 76.87
N ARG B 712 -24.17 -43.23 77.00
CA ARG B 712 -25.06 -43.96 77.93
C ARG B 712 -24.68 -43.57 79.38
N VAL B 713 -23.38 -43.36 79.63
CA VAL B 713 -22.88 -42.87 80.91
C VAL B 713 -23.67 -41.66 81.45
N LEU B 714 -24.12 -40.70 80.59
CA LEU B 714 -24.78 -39.44 81.04
C LEU B 714 -26.31 -39.37 81.05
N MET B 715 -26.99 -40.32 80.39
CA MET B 715 -28.46 -40.30 80.36
C MET B 715 -28.99 -40.94 81.66
N LYS B 716 -30.04 -40.36 82.22
CA LYS B 716 -30.62 -40.87 83.49
C LYS B 716 -31.40 -42.23 83.30
N ASP B 719 -35.13 -42.35 82.19
CA ASP B 719 -35.40 -41.45 81.05
C ASP B 719 -34.84 -41.98 79.68
N VAL B 720 -34.84 -43.29 79.52
CA VAL B 720 -34.34 -43.97 78.32
C VAL B 720 -35.48 -44.73 77.65
N LEU B 721 -35.96 -44.16 76.56
CA LEU B 721 -37.22 -44.59 75.95
C LEU B 721 -37.01 -45.88 75.17
N SER B 722 -38.10 -46.61 74.95
CA SER B 722 -38.03 -47.91 74.29
C SER B 722 -37.85 -47.72 72.78
N ASP B 723 -36.62 -47.36 72.40
CA ASP B 723 -36.31 -46.67 71.12
C ASP B 723 -35.14 -45.70 71.34
N ARG B 724 -33.93 -46.25 71.40
CA ARG B 724 -32.73 -45.45 71.56
C ARG B 724 -32.78 -44.12 70.77
N LYS B 725 -33.47 -44.08 69.63
CA LYS B 725 -33.43 -42.90 68.75
C LYS B 725 -34.25 -41.71 69.24
N GLN B 726 -35.50 -41.96 69.59
CA GLN B 726 -36.36 -40.90 70.09
C GLN B 726 -35.74 -40.39 71.40
N THR B 727 -35.24 -41.32 72.22
CA THR B 727 -34.41 -40.99 73.38
C THR B 727 -33.38 -39.94 72.99
N CYS B 728 -32.52 -40.31 72.04
CA CYS B 728 -31.35 -39.53 71.69
C CYS B 728 -31.68 -38.09 71.59
N LYS B 729 -32.74 -37.78 70.83
CA LYS B 729 -33.21 -36.41 70.67
C LYS B 729 -33.56 -35.78 72.04
N ASN B 730 -34.29 -36.51 72.89
CA ASN B 730 -34.67 -36.02 74.22
C ASN B 730 -33.46 -35.76 75.11
N VAL B 731 -32.54 -36.72 75.16
CA VAL B 731 -31.34 -36.63 76.00
C VAL B 731 -30.39 -35.54 75.47
N LEU B 732 -30.48 -35.21 74.18
CA LEU B 732 -29.68 -34.11 73.63
C LEU B 732 -30.30 -32.75 73.94
N GLU B 733 -31.63 -32.68 73.96
CA GLU B 733 -32.28 -31.39 74.13
C GLU B 733 -32.01 -30.83 75.48
N LYS B 734 -31.70 -31.70 76.45
CA LYS B 734 -31.29 -31.31 77.81
C LYS B 734 -29.78 -31.06 77.99
N LEU B 735 -28.94 -31.86 77.33
CA LEU B 735 -27.47 -31.77 77.52
C LEU B 735 -26.91 -30.44 76.99
N ILE B 736 -27.22 -30.11 75.74
CA ILE B 736 -26.89 -28.81 75.18
C ILE B 736 -28.19 -28.14 74.81
N LEU B 737 -28.63 -27.19 75.62
CA LEU B 737 -29.99 -26.62 75.49
C LEU B 737 -30.15 -25.71 74.26
N ASP B 738 -29.04 -25.27 73.70
CA ASP B 738 -29.10 -24.54 72.44
C ASP B 738 -29.43 -25.51 71.28
N LYS B 739 -30.62 -25.30 70.69
CA LYS B 739 -31.24 -26.19 69.67
C LYS B 739 -30.81 -25.84 68.22
N ASP B 740 -30.30 -24.63 68.04
CA ASP B 740 -29.75 -24.26 66.73
C ASP B 740 -28.37 -24.93 66.47
N LYS B 741 -27.79 -25.59 67.48
CA LYS B 741 -26.45 -26.21 67.35
C LYS B 741 -26.44 -27.68 66.80
N TYR B 742 -27.63 -28.25 66.57
CA TYR B 742 -27.74 -29.62 66.06
C TYR B 742 -28.98 -29.77 65.19
N GLN B 743 -28.88 -30.56 64.12
CA GLN B 743 -30.05 -30.91 63.35
C GLN B 743 -30.26 -32.42 63.46
N PHE B 744 -31.53 -32.84 63.58
CA PHE B 744 -31.89 -34.24 63.70
C PHE B 744 -32.40 -34.67 62.36
N GLY B 745 -31.92 -35.82 61.88
CA GLY B 745 -32.32 -36.36 60.58
C GLY B 745 -32.69 -37.84 60.60
N LYS B 746 -33.02 -38.38 59.45
CA LYS B 746 -33.60 -39.71 59.39
C LYS B 746 -32.86 -40.67 60.29
N THR B 747 -31.52 -40.66 60.23
CA THR B 747 -30.70 -41.63 60.97
C THR B 747 -29.35 -41.12 61.57
N LYS B 748 -29.03 -39.85 61.37
CA LYS B 748 -27.88 -39.21 62.03
C LYS B 748 -28.22 -37.91 62.83
N ILE B 749 -27.32 -37.52 63.73
CA ILE B 749 -27.26 -36.16 64.26
C ILE B 749 -26.10 -35.43 63.61
N PHE B 750 -26.37 -34.21 63.17
CA PHE B 750 -25.35 -33.34 62.62
C PHE B 750 -25.01 -32.32 63.69
N PHE B 751 -23.93 -32.55 64.40
CA PHE B 751 -23.47 -31.59 65.38
C PHE B 751 -22.72 -30.47 64.68
N ARG B 752 -22.55 -29.38 65.43
CA ARG B 752 -21.92 -28.15 64.97
C ARG B 752 -20.51 -28.04 65.55
N ALA B 753 -19.79 -27.00 65.15
CA ALA B 753 -18.46 -26.78 65.68
C ALA B 753 -18.50 -26.82 67.22
N GLY B 754 -17.65 -27.66 67.83
CA GLY B 754 -17.37 -27.60 69.27
C GLY B 754 -18.29 -28.43 70.16
N GLN B 755 -19.46 -28.74 69.64
CA GLN B 755 -20.49 -29.53 70.29
C GLN B 755 -20.00 -30.86 70.88
N VAL B 756 -19.24 -31.61 70.10
CA VAL B 756 -18.85 -32.96 70.48
C VAL B 756 -17.66 -32.98 71.49
N ALA B 757 -16.81 -31.95 71.46
CA ALA B 757 -15.77 -31.77 72.49
C ALA B 757 -16.38 -31.24 73.82
N TYR B 758 -17.42 -30.43 73.73
CA TYR B 758 -18.23 -30.15 74.90
C TYR B 758 -18.82 -31.43 75.53
N LEU B 759 -19.42 -32.29 74.71
CA LEU B 759 -20.05 -33.51 75.20
C LEU B 759 -19.03 -34.55 75.71
N GLU B 760 -17.74 -34.29 75.46
CA GLU B 760 -16.69 -35.19 75.95
C GLU B 760 -16.10 -34.73 77.28
N LYS B 761 -16.24 -33.42 77.55
CA LYS B 761 -15.81 -32.83 78.80
C LYS B 761 -16.70 -33.37 79.93
N ILE B 762 -18.01 -33.21 79.80
CA ILE B 762 -18.90 -33.70 80.86
C ILE B 762 -18.71 -35.21 81.13
N ARG B 763 -18.22 -35.97 80.15
CA ARG B 763 -17.87 -37.39 80.39
C ARG B 763 -16.73 -37.66 81.42
N ALA B 764 -15.56 -37.34 81.22
N MET C 1 67.47 59.14 -94.66
CA MET C 1 66.08 59.27 -94.13
C MET C 1 65.79 58.19 -93.09
N ALA C 2 65.21 58.61 -91.96
CA ALA C 2 64.66 57.67 -90.97
C ALA C 2 63.16 57.31 -91.27
N ALA C 3 62.35 58.33 -91.63
CA ALA C 3 60.95 58.16 -92.04
C ALA C 3 60.77 57.25 -93.27
N SER C 4 61.78 57.28 -94.14
CA SER C 4 61.89 56.35 -95.25
C SER C 4 62.93 55.27 -94.89
N GLU C 5 62.76 54.63 -93.73
CA GLU C 5 63.70 53.61 -93.25
C GLU C 5 63.14 52.74 -92.11
N LEU C 6 62.50 53.40 -91.14
CA LEU C 6 61.76 52.71 -90.08
C LEU C 6 60.39 52.28 -90.60
N TYR C 7 59.88 53.12 -91.52
CA TYR C 7 58.61 52.93 -92.22
C TYR C 7 58.84 52.39 -93.63
N THR C 8 59.32 51.13 -93.69
CA THR C 8 59.37 50.35 -94.93
C THR C 8 58.48 49.09 -94.72
N LYS C 9 58.42 48.19 -95.71
CA LYS C 9 57.50 47.06 -95.63
C LYS C 9 57.86 46.18 -94.42
N TYR C 10 56.88 45.42 -93.94
CA TYR C 10 56.98 44.56 -92.74
C TYR C 10 57.02 45.34 -91.40
N ALA C 11 56.88 46.68 -91.46
CA ALA C 11 57.01 47.56 -90.28
C ALA C 11 55.70 47.73 -89.52
N ARG C 12 55.77 47.74 -88.19
CA ARG C 12 54.55 47.80 -87.38
C ARG C 12 54.23 49.22 -86.87
N VAL C 13 52.94 49.53 -86.82
CA VAL C 13 52.48 50.79 -86.25
C VAL C 13 51.30 50.58 -85.36
N TRP C 14 50.83 51.68 -84.77
CA TRP C 14 49.56 51.70 -84.10
C TRP C 14 48.73 52.72 -84.83
N ILE C 15 47.41 52.46 -84.97
CA ILE C 15 46.46 53.42 -85.56
C ILE C 15 45.22 53.64 -84.66
N PRO C 16 44.55 54.78 -84.86
CA PRO C 16 43.38 55.18 -84.03
C PRO C 16 42.21 54.21 -84.15
N ASP C 17 41.75 53.69 -83.02
CA ASP C 17 40.62 52.74 -83.02
C ASP C 17 39.53 53.18 -82.05
N PRO C 18 38.28 53.30 -82.52
CA PRO C 18 37.16 53.71 -81.67
C PRO C 18 37.02 52.85 -80.43
N GLU C 19 37.02 51.52 -80.58
CA GLU C 19 36.76 50.61 -79.45
C GLU C 19 37.88 50.45 -78.40
N GLU C 20 39.02 49.91 -78.85
CA GLU C 20 40.18 49.67 -77.98
C GLU C 20 41.09 50.90 -77.92
N VAL C 21 40.77 51.94 -78.71
CA VAL C 21 41.50 53.22 -78.77
C VAL C 21 42.66 53.17 -79.76
N TRP C 22 43.37 52.04 -79.80
CA TRP C 22 44.45 51.78 -80.73
C TRP C 22 44.36 50.33 -81.15
N LYS C 23 44.81 50.05 -82.39
CA LYS C 23 44.93 48.64 -82.83
C LYS C 23 46.18 48.43 -83.67
N SER C 24 46.58 47.16 -83.77
CA SER C 24 47.77 46.78 -84.55
C SER C 24 47.61 46.96 -86.08
N ALA C 25 48.68 47.42 -86.72
CA ALA C 25 48.76 47.45 -88.18
C ALA C 25 50.20 47.11 -88.64
N GLU C 26 50.38 47.06 -89.98
CA GLU C 26 51.58 46.50 -90.63
C GLU C 26 51.75 47.10 -92.03
N LEU C 27 52.81 47.88 -92.21
CA LEU C 27 53.00 48.63 -93.45
C LEU C 27 53.33 47.71 -94.65
N LEU C 28 52.38 47.55 -95.59
CA LEU C 28 52.60 46.74 -96.81
C LEU C 28 53.55 47.39 -97.84
N LYS C 29 53.24 48.63 -98.17
CA LYS C 29 54.06 49.39 -99.09
C LYS C 29 55.28 49.94 -98.31
N ASP C 30 55.86 51.03 -98.82
CA ASP C 30 56.93 51.78 -98.16
C ASP C 30 56.60 53.27 -98.29
N TYR C 31 56.71 54.03 -97.19
CA TYR C 31 56.52 55.49 -97.26
C TYR C 31 57.75 56.10 -97.92
N LYS C 32 57.64 56.44 -99.20
CA LYS C 32 58.73 57.12 -99.87
C LYS C 32 58.55 58.64 -99.74
N PRO C 33 59.63 59.39 -99.51
CA PRO C 33 59.52 60.86 -99.35
C PRO C 33 58.71 61.52 -100.48
N GLY C 34 57.54 62.07 -100.11
CA GLY C 34 56.61 62.67 -101.06
C GLY C 34 55.40 61.78 -101.37
N ASP C 35 55.26 60.69 -100.60
CA ASP C 35 54.12 59.75 -100.71
C ASP C 35 52.81 60.50 -100.36
N LYS C 36 51.76 59.76 -99.99
CA LYS C 36 50.56 60.40 -99.45
C LYS C 36 49.75 59.55 -98.49
N VAL C 37 50.02 58.24 -98.48
CA VAL C 37 49.22 57.26 -97.76
C VAL C 37 49.99 55.96 -97.48
N LEU C 38 49.67 55.33 -96.35
CA LEU C 38 50.23 54.05 -96.02
C LEU C 38 49.28 52.92 -96.38
N GLN C 39 49.78 51.93 -97.13
CA GLN C 39 49.00 50.71 -97.33
C GLN C 39 49.26 49.78 -96.16
N LEU C 40 48.29 49.70 -95.25
CA LEU C 40 48.39 48.87 -94.06
C LEU C 40 47.67 47.51 -94.18
N ARG C 41 47.90 46.65 -93.19
CA ARG C 41 47.17 45.40 -93.00
C ARG C 41 46.81 45.30 -91.50
N LEU C 42 45.61 44.82 -91.17
CA LEU C 42 45.25 44.48 -89.78
C LEU C 42 45.30 42.96 -89.57
N ASP C 47 43.53 45.35 -93.63
CA ASP C 47 43.68 45.20 -95.07
C ASP C 47 43.63 46.53 -95.86
N LEU C 48 43.38 47.64 -95.15
CA LEU C 48 43.09 48.99 -95.67
C LEU C 48 44.28 49.88 -95.92
N GLU C 49 44.03 51.07 -96.42
CA GLU C 49 45.05 52.09 -96.53
C GLU C 49 44.77 53.24 -95.54
N TYR C 50 45.85 53.85 -95.03
CA TYR C 50 45.80 54.87 -93.97
C TYR C 50 46.22 56.17 -94.59
N CYS C 51 45.48 57.23 -94.28
CA CYS C 51 45.76 58.57 -94.82
C CYS C 51 46.48 59.41 -93.80
N LEU C 52 46.67 60.68 -94.14
CA LEU C 52 47.25 61.64 -93.23
C LEU C 52 46.90 63.02 -93.80
N ASP C 53 47.85 63.95 -93.81
CA ASP C 53 47.72 65.23 -94.52
C ASP C 53 49.13 65.81 -94.77
N PRO C 54 49.27 66.63 -95.83
CA PRO C 54 50.60 67.20 -96.19
C PRO C 54 51.15 68.17 -95.13
N LYS C 55 50.28 69.03 -94.58
CA LYS C 55 50.63 69.96 -93.49
C LYS C 55 51.64 69.34 -92.51
N THR C 56 51.18 68.33 -91.73
CA THR C 56 52.01 67.63 -90.72
C THR C 56 52.89 66.47 -91.27
N LYS C 57 52.49 65.84 -92.39
CA LYS C 57 53.16 64.63 -92.97
C LYS C 57 53.31 63.49 -91.93
N GLU C 58 52.59 63.66 -90.81
CA GLU C 58 52.76 62.87 -89.59
C GLU C 58 52.54 61.41 -89.81
N LEU C 59 53.40 60.60 -89.22
CA LEU C 59 53.27 59.18 -89.38
C LEU C 59 52.71 58.65 -88.08
N PRO C 60 52.15 57.44 -88.13
CA PRO C 60 51.61 56.83 -86.92
C PRO C 60 52.75 56.32 -86.00
N PRO C 61 52.48 56.27 -84.69
CA PRO C 61 53.44 55.76 -83.71
C PRO C 61 53.88 54.34 -84.04
N LEU C 62 55.16 54.02 -84.01
CA LEU C 62 55.63 52.66 -84.36
C LEU C 62 55.58 51.79 -83.15
N ARG C 63 55.57 50.50 -83.39
CA ARG C 63 55.37 49.55 -82.33
C ARG C 63 56.69 49.02 -81.78
N ASN C 64 56.79 49.00 -80.45
CA ASN C 64 57.89 48.39 -79.73
C ASN C 64 57.83 46.92 -79.99
N PRO C 65 58.82 46.37 -80.70
CA PRO C 65 58.95 44.93 -80.89
C PRO C 65 58.50 44.10 -79.67
N ASP C 66 57.82 42.99 -79.95
CA ASP C 66 57.24 42.08 -78.93
C ASP C 66 58.24 41.53 -77.90
N ILE C 67 59.50 41.93 -78.05
CA ILE C 67 60.59 41.59 -77.12
C ILE C 67 60.67 42.58 -75.95
N LEU C 68 60.49 43.87 -76.26
CA LEU C 68 60.52 44.99 -75.28
C LEU C 68 59.23 45.15 -74.48
N VAL C 69 58.12 44.61 -75.00
CA VAL C 69 56.78 44.65 -74.36
C VAL C 69 56.77 43.81 -73.07
N GLY C 70 55.89 44.16 -72.14
CA GLY C 70 55.74 43.39 -70.92
C GLY C 70 56.79 43.70 -69.88
N GLU C 71 57.60 44.73 -70.10
CA GLU C 71 58.67 45.06 -69.16
C GLU C 71 58.08 45.81 -67.97
N ASN C 72 58.72 45.72 -66.80
CA ASN C 72 58.25 46.47 -65.62
C ASN C 72 58.18 48.00 -65.84
N ASP C 73 59.31 48.58 -66.18
CA ASP C 73 59.43 50.00 -66.36
C ASP C 73 58.90 50.33 -67.76
N LEU C 74 57.89 51.18 -67.81
CA LEU C 74 57.29 51.53 -69.08
C LEU C 74 58.30 52.44 -69.74
N THR C 75 59.27 52.88 -68.93
CA THR C 75 60.35 53.78 -69.37
C THR C 75 61.41 53.02 -70.19
N ALA C 76 61.58 51.74 -69.90
CA ALA C 76 62.43 50.87 -70.72
C ALA C 76 61.88 50.62 -72.16
N LEU C 77 60.60 50.89 -72.42
CA LEU C 77 60.07 50.75 -73.78
C LEU C 77 60.79 51.72 -74.70
N SER C 78 61.48 51.24 -75.73
CA SER C 78 62.22 52.16 -76.60
C SER C 78 61.31 53.24 -77.17
N TYR C 79 60.47 52.92 -78.17
CA TYR C 79 59.40 53.86 -78.62
C TYR C 79 58.46 54.17 -77.43
N LEU C 80 58.65 55.36 -76.86
CA LEU C 80 57.86 55.82 -75.74
C LEU C 80 56.83 56.79 -76.29
N HIS C 81 55.58 56.55 -75.89
CA HIS C 81 54.38 57.08 -76.54
C HIS C 81 53.08 56.43 -76.00
N GLU C 82 51.96 56.98 -76.42
CA GLU C 82 50.63 56.58 -75.93
C GLU C 82 50.28 55.07 -76.11
N PRO C 83 50.05 54.59 -77.35
CA PRO C 83 49.67 53.19 -77.51
C PRO C 83 50.63 52.18 -76.86
N ALA C 84 51.89 52.55 -76.63
CA ALA C 84 52.91 51.63 -76.17
C ALA C 84 52.65 51.29 -74.75
N VAL C 85 52.37 52.33 -73.97
CA VAL C 85 52.12 52.22 -72.54
C VAL C 85 50.76 51.58 -72.35
N LEU C 86 49.83 51.85 -73.28
CA LEU C 86 48.52 51.19 -73.23
C LEU C 86 48.69 49.66 -73.36
N HIS C 87 49.29 49.25 -74.48
CA HIS C 87 49.52 47.83 -74.75
C HIS C 87 50.39 47.21 -73.68
N ASN C 88 51.56 47.77 -73.46
CA ASN C 88 52.43 47.22 -72.44
C ASN C 88 51.62 46.92 -71.20
N LEU C 89 50.88 47.93 -70.78
CA LEU C 89 50.19 47.94 -69.50
C LEU C 89 49.02 46.96 -69.53
N LYS C 90 48.33 46.91 -70.69
CA LYS C 90 47.23 45.94 -70.93
C LYS C 90 47.73 44.52 -70.71
N VAL C 91 48.76 44.11 -71.47
CA VAL C 91 49.14 42.72 -71.48
C VAL C 91 49.58 42.32 -70.09
N ARG C 92 50.36 43.18 -69.45
CA ARG C 92 50.97 42.87 -68.17
C ARG C 92 49.88 42.51 -67.18
N PHE C 93 48.72 43.15 -67.38
CA PHE C 93 47.60 43.08 -66.44
C PHE C 93 46.88 41.74 -66.67
N ILE C 94 46.27 41.64 -67.85
CA ILE C 94 45.53 40.48 -68.24
C ILE C 94 46.46 39.26 -68.31
N ASP C 95 47.21 39.13 -69.40
CA ASP C 95 47.96 37.92 -69.68
C ASP C 95 48.69 37.44 -68.40
N SER C 96 49.52 38.28 -67.78
CA SER C 96 50.37 37.81 -66.66
C SER C 96 49.76 37.93 -65.24
N LYS C 97 48.52 38.41 -65.15
CA LYS C 97 47.89 38.78 -63.87
C LYS C 97 48.86 39.60 -63.00
N LEU C 98 49.32 40.75 -63.52
CA LEU C 98 50.14 41.66 -62.71
C LEU C 98 49.49 43.05 -62.71
N ILE C 99 49.31 43.60 -61.52
CA ILE C 99 48.72 44.94 -61.37
C ILE C 99 49.80 46.03 -61.36
N TYR C 100 50.79 45.82 -60.51
CA TYR C 100 51.81 46.79 -60.25
C TYR C 100 52.75 46.88 -61.46
N THR C 101 53.42 48.03 -61.64
CA THR C 101 54.20 48.32 -62.85
C THR C 101 54.91 49.69 -62.70
N TYR C 102 56.25 49.72 -62.67
CA TYR C 102 56.97 51.00 -62.52
C TYR C 102 56.82 51.85 -63.77
N CYS C 103 56.83 53.16 -63.57
CA CYS C 103 56.95 54.12 -64.67
C CYS C 103 57.92 55.22 -64.24
N GLY C 104 59.21 54.93 -64.37
CA GLY C 104 60.22 55.70 -63.67
C GLY C 104 60.01 55.37 -62.23
N ILE C 105 60.10 56.37 -61.35
CA ILE C 105 59.96 56.15 -59.91
C ILE C 105 58.49 55.82 -59.51
N VAL C 106 57.56 56.13 -60.43
CA VAL C 106 56.15 55.88 -60.24
C VAL C 106 55.71 54.41 -60.39
N LEU C 107 55.14 53.88 -59.31
CA LEU C 107 54.31 52.67 -59.29
C LEU C 107 52.87 52.87 -59.77
N VAL C 108 52.57 52.57 -61.03
CA VAL C 108 51.18 52.47 -61.49
C VAL C 108 50.53 51.22 -60.83
N ALA C 109 49.20 51.22 -60.69
CA ALA C 109 48.51 50.20 -59.89
C ALA C 109 47.09 49.97 -60.35
N ILE C 110 46.89 48.99 -61.23
CA ILE C 110 45.56 48.70 -61.76
C ILE C 110 44.77 47.84 -60.75
N ASN C 111 43.52 48.18 -60.52
CA ASN C 111 42.67 47.45 -59.59
C ASN C 111 42.25 46.08 -60.15
N PRO C 112 42.57 45.03 -59.40
CA PRO C 112 42.22 43.67 -59.81
C PRO C 112 40.73 43.39 -59.56
N TYR C 113 40.19 43.92 -58.46
CA TYR C 113 38.85 43.54 -57.98
C TYR C 113 38.82 42.01 -57.73
N GLU C 114 39.61 41.61 -56.73
CA GLU C 114 39.94 40.21 -56.39
C GLU C 114 40.98 40.16 -55.25
N GLN C 115 40.80 39.25 -54.30
CA GLN C 115 41.63 39.14 -53.09
C GLN C 115 42.91 38.37 -53.35
N LEU C 116 43.92 39.03 -53.88
CA LEU C 116 45.15 38.35 -54.32
C LEU C 116 45.98 37.96 -53.10
N PRO C 117 46.70 36.84 -53.18
CA PRO C 117 47.40 36.29 -52.01
C PRO C 117 48.84 36.86 -51.88
N ILE C 118 49.07 38.00 -52.53
CA ILE C 118 50.41 38.51 -52.77
C ILE C 118 50.85 39.43 -51.65
N TYR C 119 49.95 39.75 -50.73
CA TYR C 119 50.27 40.68 -49.65
C TYR C 119 50.46 39.98 -48.30
N GLY C 120 50.39 38.64 -48.32
CA GLY C 120 50.52 37.84 -47.11
C GLY C 120 51.94 37.82 -46.55
N GLU C 121 52.05 37.47 -45.25
CA GLU C 121 53.33 37.38 -44.53
C GLU C 121 54.43 36.80 -45.43
N ASP C 122 53.99 35.98 -46.40
CA ASP C 122 54.79 35.58 -47.54
C ASP C 122 55.69 36.73 -48.01
N ILE C 123 55.14 37.60 -48.84
CA ILE C 123 55.95 38.54 -49.62
C ILE C 123 56.56 39.72 -48.81
N ILE C 124 56.02 40.04 -47.63
CA ILE C 124 56.59 41.17 -46.87
C ILE C 124 58.10 40.91 -46.72
N ASN C 125 58.40 39.94 -45.88
CA ASN C 125 59.78 39.55 -45.53
C ASN C 125 60.64 39.30 -46.77
N ALA C 126 60.02 38.89 -47.88
CA ALA C 126 60.74 38.81 -49.18
C ALA C 126 61.45 40.13 -49.60
N TYR C 127 60.74 41.25 -49.42
CA TYR C 127 61.11 42.54 -50.02
C TYR C 127 62.02 43.38 -49.13
N SER C 128 61.86 43.24 -47.81
CA SER C 128 62.76 43.91 -46.85
C SER C 128 64.26 43.60 -47.09
N GLY C 129 65.11 44.64 -47.10
CA GLY C 129 66.54 44.54 -47.47
C GLY C 129 66.84 44.72 -48.96
N GLN C 130 65.99 44.16 -49.81
CA GLN C 130 66.12 44.27 -51.27
C GLN C 130 66.13 45.74 -51.76
N ASN C 131 66.23 45.93 -53.08
CA ASN C 131 66.28 47.28 -53.66
C ASN C 131 65.42 47.45 -54.91
N MET C 132 64.90 48.66 -55.11
CA MET C 132 64.09 48.97 -56.30
C MET C 132 64.87 48.60 -57.57
N GLY C 133 64.19 47.97 -58.53
CA GLY C 133 64.81 47.58 -59.80
C GLY C 133 65.21 46.11 -59.84
N ASP C 134 65.81 45.65 -58.74
CA ASP C 134 66.20 44.26 -58.58
C ASP C 134 65.00 43.38 -58.12
N MET C 135 63.92 44.00 -57.64
CA MET C 135 62.69 43.29 -57.27
C MET C 135 61.54 43.78 -58.15
N ASP C 136 60.46 43.02 -58.21
CA ASP C 136 59.37 43.36 -59.14
C ASP C 136 58.35 44.35 -58.53
N PRO C 137 57.63 45.05 -59.40
CA PRO C 137 56.75 46.13 -58.96
C PRO C 137 55.62 45.64 -58.03
N HIS C 138 55.64 46.11 -56.79
CA HIS C 138 54.66 45.77 -55.75
C HIS C 138 54.56 46.91 -54.67
N ILE C 139 53.38 47.11 -54.09
CA ILE C 139 53.15 48.14 -53.06
C ILE C 139 54.27 48.21 -52.02
N PHE C 140 54.58 47.07 -51.42
CA PHE C 140 55.66 46.95 -50.41
C PHE C 140 57.02 47.45 -50.85
N ALA C 141 57.26 47.43 -52.15
CA ALA C 141 58.51 47.99 -52.68
C ALA C 141 58.62 49.42 -52.18
N VAL C 142 57.66 50.23 -52.62
CA VAL C 142 57.53 51.63 -52.27
C VAL C 142 57.54 51.86 -50.75
N ALA C 143 56.89 51.00 -49.98
CA ALA C 143 56.92 51.13 -48.53
C ALA C 143 58.30 50.80 -47.91
N GLU C 144 59.05 49.86 -48.51
CA GLU C 144 60.45 49.60 -48.17
C GLU C 144 61.29 50.85 -48.49
N GLU C 145 61.19 51.37 -49.72
CA GLU C 145 61.94 52.57 -50.14
C GLU C 145 61.71 53.69 -49.08
N ALA C 146 60.42 53.98 -48.81
CA ALA C 146 59.98 54.89 -47.74
C ALA C 146 60.54 54.57 -46.34
N TYR C 147 60.71 53.28 -46.04
CA TYR C 147 61.20 52.83 -44.74
C TYR C 147 62.74 52.82 -44.64
N LYS C 148 63.42 52.36 -45.70
CA LYS C 148 64.88 52.47 -45.79
C LYS C 148 65.26 53.92 -45.60
N GLN C 149 64.66 54.80 -46.40
CA GLN C 149 64.96 56.25 -46.39
C GLN C 149 64.64 57.05 -45.11
N MET C 150 63.63 56.64 -44.35
CA MET C 150 63.35 57.29 -43.08
C MET C 150 64.56 57.22 -42.12
N ALA C 151 65.17 56.03 -41.99
CA ALA C 151 66.37 55.83 -41.14
C ALA C 151 67.67 56.35 -41.81
N ARG C 152 67.92 55.84 -43.02
CA ARG C 152 69.04 56.28 -43.85
C ARG C 152 69.21 57.82 -43.87
N ASP C 153 68.12 58.57 -44.01
CA ASP C 153 68.19 60.05 -44.15
C ASP C 153 67.64 60.90 -42.98
N GLU C 154 67.02 60.24 -41.98
CA GLU C 154 66.37 60.93 -40.83
C GLU C 154 65.32 62.00 -41.24
N ARG C 155 64.65 61.75 -42.37
CA ARG C 155 63.70 62.67 -43.01
C ARG C 155 62.38 61.92 -43.17
N ASN C 156 61.29 62.52 -42.66
CA ASN C 156 59.93 61.93 -42.76
C ASN C 156 59.53 61.72 -44.23
N GLN C 157 58.61 60.80 -44.49
CA GLN C 157 58.27 60.39 -45.86
C GLN C 157 56.79 60.52 -46.19
N SER C 158 56.47 60.58 -47.47
CA SER C 158 55.10 60.70 -47.91
C SER C 158 54.92 59.74 -49.04
N ILE C 159 53.80 59.03 -49.07
CA ILE C 159 53.44 58.21 -50.21
C ILE C 159 52.16 58.81 -50.72
N ILE C 160 52.22 59.40 -51.93
CA ILE C 160 51.10 60.10 -52.53
C ILE C 160 50.40 59.10 -53.38
N VAL C 161 49.22 58.64 -52.98
CA VAL C 161 48.42 57.77 -53.84
C VAL C 161 47.29 58.57 -54.50
N SER C 162 47.45 58.74 -55.80
CA SER C 162 46.60 59.53 -56.66
C SER C 162 45.64 58.61 -57.48
N GLY C 163 44.47 59.11 -57.79
CA GLY C 163 43.59 58.44 -58.73
C GLY C 163 42.18 58.64 -58.27
N GLU C 164 41.23 58.56 -59.19
CA GLU C 164 39.80 58.59 -58.83
C GLU C 164 39.43 57.56 -57.74
N SER C 165 38.50 57.93 -56.87
CA SER C 165 38.00 57.04 -55.82
C SER C 165 37.35 55.72 -56.39
N GLY C 166 37.75 54.58 -55.81
CA GLY C 166 37.37 53.26 -56.30
C GLY C 166 38.50 52.43 -56.94
N ALA C 167 39.61 53.08 -57.33
CA ALA C 167 40.70 52.45 -58.10
C ALA C 167 41.76 51.71 -57.26
N GLY C 168 41.57 51.65 -55.95
CA GLY C 168 42.31 50.74 -55.09
C GLY C 168 43.30 51.43 -54.18
N LYS C 169 42.97 52.66 -53.82
CA LYS C 169 43.79 53.49 -52.98
C LYS C 169 43.63 53.09 -51.53
N THR C 170 42.42 52.70 -51.16
CA THR C 170 42.18 52.25 -49.77
C THR C 170 42.92 50.91 -49.59
N VAL C 171 42.89 50.10 -50.66
CA VAL C 171 43.61 48.82 -50.68
C VAL C 171 45.10 49.11 -50.60
N SER C 172 45.55 50.01 -51.47
CA SER C 172 46.97 50.30 -51.66
C SER C 172 47.55 50.96 -50.43
N ALA C 173 46.72 51.69 -49.68
CA ALA C 173 47.20 52.32 -48.46
C ALA C 173 47.26 51.34 -47.30
N LYS C 174 46.29 50.43 -47.24
CA LYS C 174 46.22 49.48 -46.12
C LYS C 174 47.30 48.39 -46.22
N TYR C 175 47.54 47.89 -47.43
CA TYR C 175 48.61 46.89 -47.66
C TYR C 175 49.97 47.57 -47.57
N ALA C 176 50.00 48.88 -47.77
CA ALA C 176 51.21 49.68 -47.58
C ALA C 176 51.56 49.89 -46.11
N MET C 177 50.67 49.41 -45.23
CA MET C 177 50.72 49.63 -43.79
C MET C 177 50.94 48.31 -43.06
N ARG C 178 50.23 47.27 -43.50
CA ARG C 178 50.44 45.94 -42.93
C ARG C 178 51.92 45.72 -42.89
N TYR C 179 52.61 46.12 -43.97
CA TYR C 179 54.07 46.18 -44.02
C TYR C 179 54.59 46.92 -42.81
N PHE C 180 54.81 48.24 -42.87
CA PHE C 180 55.42 48.97 -41.74
C PHE C 180 55.24 48.32 -40.33
N ALA C 181 54.02 47.89 -40.04
CA ALA C 181 53.66 47.28 -38.76
C ALA C 181 54.44 46.00 -38.51
N THR C 182 54.33 45.08 -39.46
CA THR C 182 55.00 43.79 -39.46
C THR C 182 56.52 43.91 -39.39
N VAL C 183 57.10 44.69 -40.29
CA VAL C 183 58.53 44.96 -40.25
C VAL C 183 58.94 45.88 -39.08
N SER C 184 58.00 46.14 -38.14
CA SER C 184 58.14 47.16 -37.07
C SER C 184 59.58 47.43 -36.63
N ASN C 191 46.58 47.15 -32.76
CA ASN C 191 45.94 47.32 -34.05
C ASN C 191 46.10 48.79 -34.51
N VAL C 192 47.27 49.09 -35.05
CA VAL C 192 47.55 50.42 -35.63
C VAL C 192 46.91 50.66 -37.00
N GLU C 193 46.47 49.60 -37.69
CA GLU C 193 45.83 49.72 -39.02
C GLU C 193 44.36 49.40 -38.94
N GLU C 194 43.98 48.72 -37.87
CA GLU C 194 42.63 48.25 -37.64
C GLU C 194 41.74 49.46 -37.37
N LYS C 195 42.20 50.30 -36.47
CA LYS C 195 41.50 51.52 -36.14
C LYS C 195 41.39 52.42 -37.39
N VAL C 196 42.49 52.56 -38.13
CA VAL C 196 42.50 53.41 -39.34
C VAL C 196 41.62 52.95 -40.52
N LEU C 197 41.29 51.68 -40.59
CA LEU C 197 40.42 51.17 -41.67
C LEU C 197 38.96 51.13 -41.24
N ALA C 198 38.75 51.05 -39.93
CA ALA C 198 37.43 51.21 -39.37
C ALA C 198 37.01 52.67 -39.53
N SER C 199 37.96 53.59 -39.38
CA SER C 199 37.73 55.03 -39.67
C SER C 199 37.15 55.29 -41.07
N ASN C 200 37.43 54.42 -42.05
CA ASN C 200 36.91 54.66 -43.41
C ASN C 200 35.47 55.11 -43.40
N PRO C 201 34.48 54.26 -43.10
CA PRO C 201 33.07 54.56 -43.48
C PRO C 201 32.50 55.85 -42.82
N ILE C 202 33.16 56.35 -41.77
CA ILE C 202 32.91 57.69 -41.23
C ILE C 202 33.31 58.78 -42.24
N MET C 203 34.62 58.92 -42.50
CA MET C 203 35.16 59.89 -43.45
C MET C 203 34.57 59.74 -44.85
N GLU C 204 34.26 58.53 -45.30
CA GLU C 204 33.58 58.36 -46.60
C GLU C 204 32.17 58.99 -46.52
N SER C 205 31.54 58.88 -45.35
CA SER C 205 30.22 59.49 -45.14
C SER C 205 30.22 61.05 -45.16
N ILE C 206 31.20 61.66 -44.51
CA ILE C 206 31.25 63.12 -44.39
C ILE C 206 31.92 63.78 -45.58
N GLY C 207 32.83 63.08 -46.26
CA GLY C 207 33.66 63.65 -47.30
C GLY C 207 33.49 63.15 -48.71
N ASN C 208 32.64 62.15 -48.93
CA ASN C 208 32.41 61.58 -50.27
C ASN C 208 30.97 61.80 -50.74
N ALA C 209 30.75 61.85 -52.04
CA ALA C 209 29.41 62.16 -52.56
C ALA C 209 29.23 61.59 -53.94
N LYS C 210 28.05 61.76 -54.52
CA LYS C 210 27.74 61.13 -55.80
C LYS C 210 27.95 62.11 -56.95
N THR C 211 28.95 61.89 -57.78
CA THR C 211 29.11 62.76 -58.95
C THR C 211 28.28 62.14 -60.08
N THR C 212 28.14 62.85 -61.19
CA THR C 212 27.47 62.29 -62.36
C THR C 212 28.18 61.00 -62.83
N ARG C 213 29.50 60.94 -62.61
CA ARG C 213 30.26 59.72 -62.85
C ARG C 213 31.12 59.20 -61.70
N ASN C 214 30.53 58.96 -60.51
CA ASN C 214 31.17 58.19 -59.40
C ASN C 214 30.36 58.22 -58.09
N ASP C 215 29.62 57.16 -57.77
CA ASP C 215 28.73 57.19 -56.60
C ASP C 215 29.47 57.28 -55.26
N ASN C 216 30.78 57.12 -55.28
CA ASN C 216 31.52 57.23 -54.03
C ASN C 216 32.83 57.98 -54.25
N SER C 217 32.75 59.10 -54.99
CA SER C 217 33.91 59.98 -55.26
C SER C 217 34.26 60.86 -54.06
N SER C 218 35.54 60.90 -53.75
CA SER C 218 36.05 61.63 -52.61
C SER C 218 36.31 63.08 -52.99
N ARG C 219 35.90 63.96 -52.09
CA ARG C 219 35.76 65.37 -52.38
C ARG C 219 36.74 66.16 -51.52
N PHE C 220 37.75 65.46 -51.01
CA PHE C 220 38.79 66.06 -50.18
C PHE C 220 40.09 65.25 -50.29
N GLY C 221 41.05 65.62 -49.46
CA GLY C 221 42.39 65.06 -49.50
C GLY C 221 42.67 64.58 -48.11
N LYS C 222 43.00 63.29 -48.00
CA LYS C 222 43.20 62.66 -46.71
C LYS C 222 44.70 62.31 -46.53
N TYR C 223 45.28 62.70 -45.40
CA TYR C 223 46.68 62.44 -45.06
C TYR C 223 46.78 61.73 -43.70
N ILE C 224 47.09 60.41 -43.71
CA ILE C 224 47.31 59.62 -42.46
C ILE C 224 48.78 59.49 -42.19
N GLU C 225 49.24 60.19 -41.17
CA GLU C 225 50.62 60.11 -40.78
C GLU C 225 50.86 59.05 -39.69
N ILE C 226 51.57 58.03 -40.13
CA ILE C 226 51.98 56.86 -39.37
C ILE C 226 53.17 57.25 -38.56
N GLY C 227 52.96 57.51 -37.27
CA GLY C 227 54.06 57.78 -36.33
C GLY C 227 55.01 56.61 -36.13
N PHE C 228 56.21 56.93 -35.62
CA PHE C 228 57.30 55.96 -35.41
C PHE C 228 58.14 56.33 -34.18
N ASP C 229 58.42 55.32 -33.34
CA ASP C 229 59.26 55.45 -32.12
C ASP C 229 60.73 55.28 -32.57
N LYS C 230 61.69 55.83 -31.78
CA LYS C 230 63.15 55.87 -32.16
C LYS C 230 63.79 54.58 -32.69
N ARG C 231 63.13 53.42 -32.51
CA ARG C 231 63.50 52.14 -33.21
C ARG C 231 62.62 51.89 -34.42
N TYR C 232 62.24 52.99 -35.09
CA TYR C 232 61.44 52.96 -36.30
C TYR C 232 60.44 51.82 -36.28
N ARG C 233 59.66 51.76 -35.21
CA ARG C 233 58.55 50.83 -35.08
C ARG C 233 57.22 51.61 -34.90
N ILE C 234 56.17 51.23 -35.64
CA ILE C 234 54.86 51.92 -35.61
C ILE C 234 54.48 52.24 -34.20
N ILE C 235 53.95 53.43 -33.97
CA ILE C 235 53.35 53.76 -32.67
C ILE C 235 51.88 54.20 -32.77
N GLY C 236 51.40 54.43 -34.00
CA GLY C 236 50.05 54.91 -34.25
C GLY C 236 49.95 55.99 -35.35
N ALA C 237 48.73 56.46 -35.57
CA ALA C 237 48.41 57.30 -36.70
C ALA C 237 47.94 58.67 -36.23
N ASN C 238 47.49 59.48 -37.20
CA ASN C 238 46.88 60.81 -37.02
C ASN C 238 46.46 61.36 -38.38
N MET C 239 45.22 61.83 -38.48
CA MET C 239 44.63 62.24 -39.76
C MET C 239 44.60 63.74 -39.97
N ARG C 240 44.95 64.20 -41.17
CA ARG C 240 44.74 65.59 -41.56
C ARG C 240 43.87 65.66 -42.81
N THR C 241 43.01 66.66 -42.81
CA THR C 241 42.11 66.85 -43.91
C THR C 241 42.38 68.16 -44.60
N TYR C 242 42.26 68.16 -45.91
CA TYR C 242 42.53 69.36 -46.71
C TYR C 242 41.58 69.42 -47.88
N LEU C 243 41.50 70.58 -48.52
CA LEU C 243 40.79 70.75 -49.80
C LEU C 243 39.30 70.36 -49.84
N LEU C 244 38.62 70.42 -48.72
CA LEU C 244 37.24 69.98 -48.65
C LEU C 244 36.37 70.89 -49.52
N GLU C 245 35.56 70.28 -50.37
CA GLU C 245 34.71 71.02 -51.26
C GLU C 245 33.45 71.47 -50.47
N LYS C 246 33.39 72.73 -50.03
CA LYS C 246 32.30 73.18 -49.14
C LYS C 246 31.10 73.60 -49.95
N SER C 247 31.34 73.93 -51.23
CA SER C 247 30.27 74.37 -52.07
C SER C 247 29.24 73.25 -52.23
N ARG C 248 29.67 71.99 -52.21
CA ARG C 248 28.75 70.87 -52.39
C ARG C 248 27.63 70.86 -51.35
N VAL C 249 27.92 71.36 -50.14
CA VAL C 249 26.96 71.36 -49.00
C VAL C 249 25.62 72.07 -49.26
N VAL C 250 25.60 73.01 -50.19
CA VAL C 250 24.43 73.84 -50.44
C VAL C 250 24.09 73.94 -51.94
N PHE C 251 24.91 73.36 -52.79
CA PHE C 251 24.60 73.26 -54.22
C PHE C 251 24.95 71.87 -54.74
N GLN C 252 24.14 71.34 -55.64
CA GLN C 252 24.50 70.18 -56.47
C GLN C 252 23.86 70.34 -57.82
N ALA C 253 24.64 70.12 -58.88
CA ALA C 253 24.06 70.13 -60.23
C ALA C 253 23.34 68.80 -60.52
N GLU C 254 22.69 68.74 -61.68
CA GLU C 254 22.05 67.52 -62.22
C GLU C 254 22.69 66.23 -61.71
N GLU C 255 21.91 65.40 -61.02
CA GLU C 255 22.29 64.02 -60.70
C GLU C 255 23.50 63.89 -59.77
N GLU C 256 23.83 64.98 -59.10
CA GLU C 256 24.81 64.90 -58.04
C GLU C 256 24.09 65.15 -56.72
N ARG C 257 24.44 64.36 -55.73
CA ARG C 257 23.91 64.50 -54.40
C ARG C 257 24.85 65.35 -53.52
N ASN C 258 24.31 65.90 -52.43
CA ASN C 258 25.14 66.37 -51.32
C ASN C 258 25.91 65.18 -50.89
N TYR C 259 26.41 65.18 -49.66
CA TYR C 259 27.43 64.21 -49.27
C TYR C 259 26.83 62.79 -49.27
N HIS C 260 26.99 62.02 -48.20
CA HIS C 260 26.22 60.77 -48.05
C HIS C 260 25.46 60.86 -46.75
N ILE C 261 26.17 61.28 -45.71
CA ILE C 261 25.59 61.32 -44.39
C ILE C 261 24.23 62.04 -44.35
N PHE C 262 23.96 62.95 -45.28
CA PHE C 262 22.65 63.62 -45.29
C PHE C 262 21.56 62.65 -45.76
N TYR C 263 21.76 62.08 -46.94
CA TYR C 263 20.86 61.07 -47.49
C TYR C 263 20.67 59.79 -46.59
N GLN C 264 21.73 59.45 -45.83
CA GLN C 264 21.72 58.37 -44.83
C GLN C 264 20.71 58.75 -43.72
N LEU C 265 20.97 59.86 -43.04
CA LEU C 265 20.04 60.49 -42.09
C LEU C 265 18.58 60.61 -42.56
N CYS C 266 18.39 61.13 -43.77
CA CYS C 266 17.06 61.30 -44.31
C CYS C 266 16.34 59.97 -44.54
N ALA C 267 16.79 59.19 -45.54
CA ALA C 267 16.29 57.82 -45.73
C ALA C 267 16.36 56.91 -44.46
N SER C 268 17.00 57.37 -43.37
CA SER C 268 16.90 56.71 -42.04
C SER C 268 15.87 57.41 -41.13
N ALA C 269 14.86 58.02 -41.76
CA ALA C 269 13.93 58.94 -41.08
C ALA C 269 13.20 58.30 -39.87
N ALA C 270 12.30 57.35 -40.17
CA ALA C 270 11.50 56.65 -39.16
C ALA C 270 12.44 55.87 -38.27
N LEU C 271 12.77 56.41 -37.10
CA LEU C 271 13.54 55.70 -36.08
C LEU C 271 13.16 56.37 -34.75
N PRO C 272 12.84 55.58 -33.71
CA PRO C 272 12.57 56.14 -32.37
C PRO C 272 13.70 56.96 -31.74
N GLU C 273 14.65 57.43 -32.56
CA GLU C 273 15.58 58.48 -32.16
C GLU C 273 15.84 59.50 -33.29
N PHE C 274 14.93 59.58 -34.29
CA PHE C 274 14.99 60.57 -35.41
C PHE C 274 13.67 61.29 -35.73
N LYS C 275 12.57 60.96 -35.02
CA LYS C 275 11.34 61.77 -35.16
C LYS C 275 11.52 63.13 -34.46
N THR C 276 12.40 63.21 -33.45
CA THR C 276 12.54 64.44 -32.66
C THR C 276 13.57 65.30 -33.35
N LEU C 277 13.30 65.52 -34.65
CA LEU C 277 14.31 65.84 -35.69
C LEU C 277 13.65 66.20 -37.06
N ARG C 278 12.44 65.71 -37.28
CA ARG C 278 11.58 66.19 -38.39
C ARG C 278 12.09 65.85 -39.81
N LEU C 279 12.89 64.80 -39.95
CA LEU C 279 13.52 64.54 -41.24
C LEU C 279 12.50 64.18 -42.28
N GLY C 280 12.32 65.05 -43.26
CA GLY C 280 11.62 64.69 -44.48
C GLY C 280 12.34 63.59 -45.25
N ASN C 281 11.96 63.44 -46.51
CA ASN C 281 12.61 62.46 -47.36
C ASN C 281 13.45 63.23 -48.38
N ALA C 282 14.78 63.12 -48.26
CA ALA C 282 15.73 63.67 -49.25
C ALA C 282 15.25 64.91 -50.06
N ASN C 283 14.26 64.73 -50.93
CA ASN C 283 13.78 65.78 -51.84
C ASN C 283 12.98 66.94 -51.21
N TYR C 284 12.59 66.78 -49.94
CA TYR C 284 11.96 67.83 -49.13
C TYR C 284 12.86 69.06 -48.98
N PHE C 285 14.15 68.83 -48.71
CA PHE C 285 15.16 69.88 -48.46
C PHE C 285 15.90 70.44 -49.69
N HIS C 286 15.93 71.77 -49.75
CA HIS C 286 16.75 72.55 -50.66
C HIS C 286 18.15 71.96 -50.84
N TYR C 287 18.84 71.64 -49.72
CA TYR C 287 20.25 71.22 -49.70
C TYR C 287 20.49 69.75 -49.99
N THR C 288 19.48 69.02 -50.47
CA THR C 288 19.65 67.61 -50.85
C THR C 288 18.86 67.20 -52.09
N LYS C 289 18.27 68.17 -52.78
CA LYS C 289 17.36 67.88 -53.88
C LYS C 289 17.79 68.46 -55.23
N GLN C 290 18.72 69.42 -55.25
CA GLN C 290 18.96 70.20 -56.47
C GLN C 290 19.31 69.36 -57.66
N GLY C 291 19.97 68.24 -57.40
CA GLY C 291 20.31 67.28 -58.43
C GLY C 291 19.08 66.49 -58.86
N GLY C 292 18.35 65.95 -57.89
CA GLY C 292 17.11 65.21 -58.18
C GLY C 292 17.44 63.75 -58.40
N SER C 293 18.38 63.27 -57.59
CA SER C 293 18.94 61.91 -57.66
C SER C 293 18.95 61.39 -56.23
N PRO C 294 17.79 61.37 -55.60
CA PRO C 294 17.72 60.98 -54.19
C PRO C 294 18.60 59.78 -53.81
N VAL C 295 18.29 58.59 -54.32
CA VAL C 295 19.06 57.40 -53.99
C VAL C 295 19.93 57.05 -55.19
N ILE C 296 21.11 56.47 -54.92
CA ILE C 296 22.01 55.97 -55.97
C ILE C 296 21.72 54.48 -56.14
N ASP C 297 21.62 54.07 -57.42
CA ASP C 297 21.24 52.69 -57.78
C ASP C 297 22.10 51.70 -57.00
N GLY C 298 21.50 51.00 -56.05
CA GLY C 298 22.16 49.93 -55.33
C GLY C 298 22.57 50.33 -53.93
N ILE C 299 22.53 51.61 -53.62
CA ILE C 299 22.91 52.01 -52.29
C ILE C 299 21.65 52.22 -51.46
N ASP C 300 21.66 51.64 -50.26
CA ASP C 300 20.62 51.83 -49.25
C ASP C 300 21.25 52.48 -48.03
N ASP C 301 20.94 53.78 -47.92
CA ASP C 301 21.63 54.68 -47.01
C ASP C 301 21.40 54.33 -45.51
N ALA C 302 20.25 53.72 -45.19
CA ALA C 302 19.98 53.36 -43.79
C ALA C 302 20.89 52.23 -43.29
N LYS C 303 21.33 51.39 -44.22
CA LYS C 303 22.24 50.30 -43.90
C LYS C 303 23.63 50.88 -43.73
N GLU C 304 23.97 51.85 -44.57
CA GLU C 304 25.27 52.54 -44.42
C GLU C 304 25.28 53.27 -43.09
N MET C 305 24.17 53.94 -42.79
CA MET C 305 24.02 54.70 -41.55
C MET C 305 24.38 53.83 -40.32
N VAL C 306 24.12 52.52 -40.45
CA VAL C 306 24.44 51.54 -39.43
C VAL C 306 25.95 51.33 -39.31
N ASN C 307 26.62 51.18 -40.46
CA ASN C 307 28.09 51.18 -40.50
C ASN C 307 28.69 52.41 -39.77
N THR C 308 28.15 53.56 -40.13
CA THR C 308 28.65 54.84 -39.66
C THR C 308 28.56 54.88 -38.16
N ARG C 309 27.49 54.30 -37.62
CA ARG C 309 27.25 54.37 -36.17
C ARG C 309 28.25 53.46 -35.40
N GLN C 310 28.35 52.18 -35.81
CA GLN C 310 29.36 51.24 -35.25
C GLN C 310 30.76 51.86 -35.24
N ALA C 311 31.13 52.45 -36.39
CA ALA C 311 32.45 53.07 -36.60
C ALA C 311 32.77 54.12 -35.56
N CYS C 312 31.85 55.05 -35.30
CA CYS C 312 32.09 56.14 -34.34
C CYS C 312 32.15 55.59 -32.90
N THR C 313 31.12 54.81 -32.54
CA THR C 313 31.18 53.90 -31.39
C THR C 313 32.61 53.39 -31.24
N LEU C 314 33.07 52.70 -32.29
CA LEU C 314 34.33 51.94 -32.28
C LEU C 314 35.62 52.77 -32.08
N LEU C 315 35.50 54.10 -31.94
CA LEU C 315 36.65 55.01 -31.97
C LEU C 315 36.66 56.06 -30.84
N GLY C 316 35.90 55.77 -29.78
CA GLY C 316 35.77 56.65 -28.63
C GLY C 316 34.83 57.82 -28.86
N ILE C 317 33.74 57.61 -29.62
CA ILE C 317 32.79 58.70 -29.93
C ILE C 317 31.36 58.24 -29.57
N SER C 318 30.88 58.84 -28.48
CA SER C 318 29.78 58.34 -27.65
C SER C 318 28.43 58.06 -28.34
N ASP C 319 27.46 57.60 -27.56
CA ASP C 319 26.07 57.50 -27.99
C ASP C 319 25.52 58.94 -28.12
N SER C 320 25.81 59.80 -27.13
CA SER C 320 25.25 61.17 -27.09
C SER C 320 25.91 62.14 -28.12
N TYR C 321 27.24 62.11 -28.18
CA TYR C 321 27.97 62.82 -29.24
C TYR C 321 27.65 62.32 -30.64
N GLN C 322 27.10 61.13 -30.78
CA GLN C 322 26.72 60.63 -32.11
C GLN C 322 25.36 61.20 -32.50
N MET C 323 24.49 61.37 -31.51
CA MET C 323 23.20 62.04 -31.66
C MET C 323 23.41 63.47 -32.08
N GLY C 324 24.50 64.09 -31.58
CA GLY C 324 24.94 65.42 -31.97
C GLY C 324 25.34 65.55 -33.44
N ILE C 325 26.29 64.73 -33.87
CA ILE C 325 26.60 64.63 -35.29
C ILE C 325 25.33 64.75 -36.12
N PHE C 326 24.35 63.87 -35.88
CA PHE C 326 23.16 63.84 -36.76
C PHE C 326 22.17 64.98 -36.38
N ARG C 327 22.34 65.54 -35.18
CA ARG C 327 21.58 66.73 -34.73
C ARG C 327 21.94 67.94 -35.57
N ILE C 328 23.24 68.18 -35.67
CA ILE C 328 23.79 69.31 -36.42
C ILE C 328 23.42 69.22 -37.89
N LEU C 329 23.45 68.00 -38.43
CA LEU C 329 23.19 67.81 -39.85
C LEU C 329 21.73 68.07 -40.10
N ALA C 330 20.92 67.69 -39.11
CA ALA C 330 19.48 67.84 -39.13
C ALA C 330 19.07 69.33 -39.15
N GLY C 331 19.87 70.15 -38.46
CA GLY C 331 19.71 71.58 -38.42
C GLY C 331 20.31 72.24 -39.65
N ILE C 332 21.36 71.68 -40.23
CA ILE C 332 21.85 72.23 -41.48
C ILE C 332 20.81 72.03 -42.62
N LEU C 333 20.06 70.93 -42.59
CA LEU C 333 19.28 70.47 -43.75
C LEU C 333 18.14 71.43 -44.09
N HIS C 334 17.92 72.28 -43.12
CA HIS C 334 16.62 72.56 -42.63
C HIS C 334 16.64 74.11 -42.43
N LEU C 335 17.74 74.58 -41.83
CA LEU C 335 18.26 75.91 -42.08
C LEU C 335 18.19 76.26 -43.54
N GLY C 336 18.41 75.26 -44.39
CA GLY C 336 18.44 75.46 -45.82
C GLY C 336 17.09 75.71 -46.43
N ASN C 337 16.06 75.42 -45.66
CA ASN C 337 14.69 75.63 -46.09
C ASN C 337 14.14 77.00 -45.73
N VAL C 338 14.68 77.65 -44.70
CA VAL C 338 14.21 78.97 -44.35
C VAL C 338 14.08 79.80 -45.64
N GLU C 339 12.86 80.17 -46.06
CA GLU C 339 12.64 81.00 -47.25
C GLU C 339 12.62 82.45 -46.82
N PHE C 340 13.24 83.33 -47.57
CA PHE C 340 13.26 84.71 -47.14
C PHE C 340 12.25 85.50 -47.95
N ALA C 341 11.27 86.10 -47.27
CA ALA C 341 10.36 87.04 -47.92
C ALA C 341 11.09 88.36 -48.19
N SER C 342 11.09 88.76 -49.44
CA SER C 342 11.75 89.99 -49.86
C SER C 342 10.84 91.16 -49.54
N ARG C 343 11.37 92.20 -48.93
CA ARG C 343 10.59 93.43 -48.81
C ARG C 343 11.00 94.36 -49.94
N ASP C 344 12.31 94.47 -50.20
CA ASP C 344 12.84 95.34 -51.26
C ASP C 344 14.37 95.35 -51.44
N SER C 345 14.85 96.26 -52.27
CA SER C 345 16.21 96.75 -52.17
C SER C 345 16.60 96.88 -50.69
N ASP C 346 17.70 96.26 -50.32
CA ASP C 346 18.30 96.51 -49.00
C ASP C 346 17.61 95.90 -47.76
N SER C 347 16.52 95.16 -47.90
CA SER C 347 15.92 94.60 -46.67
C SER C 347 15.04 93.40 -46.95
N CYS C 348 14.79 92.60 -45.92
CA CYS C 348 13.91 91.43 -46.08
C CYS C 348 13.46 90.94 -44.72
N ALA C 349 12.59 89.93 -44.72
CA ALA C 349 12.27 89.21 -43.52
C ALA C 349 11.76 87.80 -43.79
N ILE C 350 11.56 87.07 -42.70
CA ILE C 350 11.12 85.68 -42.74
C ILE C 350 9.63 85.68 -42.41
N PRO C 351 8.84 84.84 -43.07
CA PRO C 351 7.44 84.68 -42.67
C PRO C 351 7.33 84.61 -41.15
N PRO C 352 6.15 84.87 -40.57
CA PRO C 352 5.97 84.53 -39.16
C PRO C 352 5.50 83.08 -39.12
N LYS C 353 5.67 82.40 -37.98
CA LYS C 353 5.37 80.96 -37.82
C LYS C 353 5.86 80.09 -39.03
N HIS C 354 7.04 80.47 -39.54
CA HIS C 354 7.77 79.72 -40.54
C HIS C 354 8.23 78.48 -39.80
N ASP C 355 7.73 77.34 -40.27
CA ASP C 355 8.08 76.05 -39.64
C ASP C 355 9.61 75.81 -39.59
N PRO C 356 10.31 75.91 -40.73
CA PRO C 356 11.74 75.59 -40.80
C PRO C 356 12.58 76.27 -39.73
N LEU C 357 12.50 77.60 -39.60
CA LEU C 357 13.32 78.30 -38.61
C LEU C 357 12.96 77.88 -37.18
N THR C 358 11.69 77.53 -36.93
CA THR C 358 11.30 77.10 -35.58
C THR C 358 11.98 75.79 -35.28
N ILE C 359 11.86 74.83 -36.20
CA ILE C 359 12.46 73.51 -35.97
C ILE C 359 13.99 73.61 -35.88
N PHE C 360 14.65 74.21 -36.87
CA PHE C 360 16.10 74.50 -36.79
C PHE C 360 16.48 75.04 -35.43
N CYS C 361 15.70 76.01 -34.94
CA CYS C 361 16.01 76.69 -33.70
C CYS C 361 15.73 75.77 -32.53
N ASP C 362 14.73 74.92 -32.70
CA ASP C 362 14.43 73.89 -31.72
C ASP C 362 15.59 72.88 -31.60
N LEU C 363 15.90 72.19 -32.69
CA LEU C 363 17.07 71.30 -32.73
C LEU C 363 18.25 71.92 -31.99
N MET C 364 18.70 73.10 -32.44
CA MET C 364 19.88 73.80 -31.90
C MET C 364 19.72 74.28 -30.49
N GLY C 365 18.49 74.61 -30.10
CA GLY C 365 18.23 75.20 -28.79
C GLY C 365 18.58 76.68 -28.77
N VAL C 366 18.06 77.39 -29.76
CA VAL C 366 18.15 78.85 -29.81
C VAL C 366 16.81 79.46 -30.11
N ASP C 367 16.71 80.71 -29.73
CA ASP C 367 15.46 81.45 -29.72
C ASP C 367 15.07 81.93 -31.11
N TYR C 368 13.93 81.44 -31.62
CA TYR C 368 13.35 81.88 -32.93
C TYR C 368 13.45 83.38 -33.09
N GLU C 369 13.29 84.09 -31.96
CA GLU C 369 13.42 85.55 -31.85
C GLU C 369 14.74 86.19 -32.38
N GLU C 370 15.86 85.93 -31.69
CA GLU C 370 17.18 86.53 -31.99
C GLU C 370 17.83 86.02 -33.31
N MET C 371 17.43 84.82 -33.72
CA MET C 371 18.00 84.18 -34.88
C MET C 371 17.35 84.73 -36.16
N ALA C 372 16.03 84.91 -36.15
CA ALA C 372 15.34 85.48 -37.32
C ALA C 372 15.83 86.90 -37.56
N HIS C 373 16.10 87.61 -36.47
CA HIS C 373 16.79 88.89 -36.53
C HIS C 373 18.06 88.78 -37.35
N TRP C 374 18.98 87.93 -36.91
CA TRP C 374 20.35 88.02 -37.37
C TRP C 374 20.58 87.38 -38.74
N LEU C 375 19.66 86.51 -39.14
CA LEU C 375 19.52 86.02 -40.51
C LEU C 375 19.08 87.08 -41.54
N CYS C 376 19.01 88.35 -41.11
CA CYS C 376 18.32 89.43 -41.85
C CYS C 376 18.86 90.81 -41.60
N HIS C 377 19.61 90.96 -40.53
CA HIS C 377 20.31 92.20 -40.27
C HIS C 377 21.78 91.81 -40.19
N ARG C 378 22.67 92.78 -40.19
CA ARG C 378 24.07 92.54 -39.93
C ARG C 378 24.68 93.78 -39.29
N LYS C 379 25.94 93.72 -38.88
CA LYS C 379 26.60 94.85 -38.24
C LYS C 379 27.58 95.48 -39.22
N LEU C 380 27.62 96.79 -39.22
CA LEU C 380 28.55 97.52 -40.06
C LEU C 380 29.33 98.35 -39.13
N ALA C 381 30.61 98.54 -39.43
CA ALA C 381 31.49 99.24 -38.52
C ALA C 381 32.29 100.26 -39.28
N THR C 382 32.46 101.42 -38.70
CA THR C 382 33.32 102.40 -39.35
C THR C 382 34.00 103.21 -38.24
N ALA C 383 34.90 102.57 -37.49
CA ALA C 383 35.65 103.25 -36.41
C ALA C 383 34.91 104.36 -35.59
N THR C 384 34.49 105.47 -36.24
CA THR C 384 33.50 106.37 -35.60
C THR C 384 32.53 105.57 -34.68
N GLU C 385 31.98 104.44 -35.19
CA GLU C 385 31.17 103.46 -34.40
C GLU C 385 30.55 102.32 -35.30
N THR C 386 29.65 101.46 -34.74
CA THR C 386 29.00 100.34 -35.51
C THR C 386 27.41 100.20 -35.54
N TYR C 387 26.78 100.32 -36.73
CA TYR C 387 25.31 100.31 -36.93
C TYR C 387 24.73 98.91 -37.17
N ILE C 388 23.41 98.75 -37.05
CA ILE C 388 22.77 97.48 -37.45
C ILE C 388 21.85 97.75 -38.64
N LYS C 389 22.08 97.10 -39.74
CA LYS C 389 21.37 97.44 -40.96
C LYS C 389 20.66 96.21 -41.44
N PRO C 390 19.61 96.37 -42.22
CA PRO C 390 18.99 95.23 -42.90
C PRO C 390 19.76 94.74 -44.13
N ILE C 391 19.37 93.58 -44.67
CA ILE C 391 20.04 93.02 -45.82
C ILE C 391 19.08 92.38 -46.81
N SER C 392 19.39 92.56 -48.11
CA SER C 392 18.51 92.17 -49.21
C SER C 392 18.21 90.72 -49.09
N LYS C 393 17.13 90.28 -49.72
CA LYS C 393 16.83 88.85 -49.81
C LYS C 393 18.05 88.03 -50.25
N LEU C 394 18.94 88.62 -51.04
CA LEU C 394 19.95 87.85 -51.74
C LEU C 394 21.16 87.65 -50.84
N HIS C 395 21.64 88.73 -50.25
CA HIS C 395 22.67 88.62 -49.26
C HIS C 395 22.23 87.67 -48.17
N ALA C 396 20.96 87.73 -47.80
CA ALA C 396 20.43 86.88 -46.75
C ALA C 396 20.55 85.39 -47.11
N ILE C 397 20.36 85.06 -48.38
CA ILE C 397 20.59 83.69 -48.85
C ILE C 397 22.07 83.32 -48.90
N ASN C 398 22.92 84.25 -49.35
CA ASN C 398 24.36 84.00 -49.32
C ASN C 398 24.75 83.68 -47.90
N ALA C 399 24.36 84.56 -46.99
CA ALA C 399 24.63 84.44 -45.55
C ALA C 399 24.12 83.18 -44.87
N ARG C 400 22.97 82.65 -45.29
CA ARG C 400 22.45 81.45 -44.65
C ARG C 400 23.30 80.27 -45.18
N ASP C 401 23.46 80.25 -46.49
CA ASP C 401 24.34 79.35 -47.18
C ASP C 401 25.76 79.33 -46.57
N ALA C 402 26.23 80.47 -46.09
CA ALA C 402 27.57 80.55 -45.50
C ALA C 402 27.57 79.93 -44.12
N LEU C 403 26.52 80.21 -43.37
CA LEU C 403 26.31 79.55 -42.08
C LEU C 403 26.27 78.03 -42.21
N ALA C 404 25.72 77.53 -43.30
CA ALA C 404 25.53 76.11 -43.54
C ALA C 404 26.85 75.45 -43.84
N LYS C 405 27.63 76.05 -44.71
CA LYS C 405 28.95 75.52 -45.06
C LYS C 405 29.89 75.52 -43.86
N HIS C 406 29.84 76.57 -43.07
CA HIS C 406 30.70 76.77 -41.88
C HIS C 406 30.45 75.73 -40.81
N ILE C 407 29.19 75.56 -40.39
CA ILE C 407 28.84 74.59 -39.35
C ILE C 407 29.36 73.24 -39.79
N TYR C 408 29.11 72.93 -41.06
CA TYR C 408 29.58 71.69 -41.61
C TYR C 408 31.10 71.51 -41.60
N ALA C 409 31.82 72.55 -42.01
CA ALA C 409 33.28 72.47 -42.14
C ALA C 409 33.73 72.13 -40.79
N ASN C 410 33.14 72.79 -39.80
CA ASN C 410 33.61 72.69 -38.43
C ASN C 410 33.16 71.44 -37.71
N LEU C 411 32.07 70.84 -38.17
CA LEU C 411 31.68 69.49 -37.75
C LEU C 411 32.60 68.42 -38.37
N PHE C 412 32.72 68.41 -39.70
CA PHE C 412 33.76 67.67 -40.39
C PHE C 412 35.05 67.69 -39.60
N ASN C 413 35.54 68.85 -39.22
CA ASN C 413 36.80 68.97 -38.49
C ASN C 413 36.72 68.37 -37.10
N TRP C 414 35.59 68.54 -36.45
CA TRP C 414 35.44 68.05 -35.08
C TRP C 414 35.41 66.50 -35.08
N ILE C 415 34.87 65.89 -36.14
CA ILE C 415 34.79 64.46 -36.22
C ILE C 415 36.18 63.91 -36.48
N VAL C 416 36.91 64.51 -37.41
CA VAL C 416 38.34 64.25 -37.61
C VAL C 416 39.17 64.44 -36.34
N ASP C 417 38.92 65.50 -35.60
CA ASP C 417 39.68 65.77 -34.39
C ASP C 417 39.58 64.61 -33.38
N HIS C 418 38.51 63.82 -33.50
CA HIS C 418 38.08 62.83 -32.52
C HIS C 418 38.35 61.38 -32.89
N VAL C 419 38.22 61.05 -34.15
CA VAL C 419 38.86 59.87 -34.70
C VAL C 419 40.31 59.88 -34.21
N ASN C 420 40.89 61.05 -34.06
CA ASN C 420 42.29 61.14 -33.76
C ASN C 420 42.62 60.91 -32.28
N LYS C 421 41.64 61.06 -31.40
CA LYS C 421 41.84 60.69 -29.99
C LYS C 421 42.15 59.18 -29.87
N ALA C 422 41.43 58.39 -30.67
CA ALA C 422 41.67 56.96 -30.80
C ALA C 422 43.05 56.59 -31.37
N LEU C 423 43.54 57.35 -32.34
CA LEU C 423 44.75 56.99 -33.08
C LEU C 423 46.08 57.40 -32.41
N HIS C 424 46.06 58.34 -31.48
CA HIS C 424 47.31 58.92 -30.92
C HIS C 424 48.11 57.96 -29.99
N SER C 425 49.43 58.20 -29.92
CA SER C 425 50.34 57.40 -29.08
C SER C 425 50.91 58.18 -27.86
N THR C 426 51.26 57.45 -26.81
CA THR C 426 51.95 58.03 -25.67
C THR C 426 53.46 58.21 -25.97
N VAL C 427 54.07 57.22 -26.61
CA VAL C 427 55.53 57.29 -26.86
C VAL C 427 55.86 58.47 -27.78
N LYS C 428 56.96 59.17 -27.50
CA LYS C 428 57.40 60.34 -28.27
C LYS C 428 57.41 59.95 -29.74
N GLN C 429 57.32 60.94 -30.62
CA GLN C 429 57.49 60.71 -32.06
C GLN C 429 58.92 61.07 -32.51
N HIS C 430 59.66 60.10 -33.04
CA HIS C 430 60.93 60.40 -33.76
C HIS C 430 60.57 60.80 -35.17
N SER C 431 59.77 59.96 -35.82
CA SER C 431 59.42 60.17 -37.21
C SER C 431 58.02 59.71 -37.59
N PHE C 432 57.63 60.02 -38.83
CA PHE C 432 56.35 59.59 -39.38
C PHE C 432 56.50 59.30 -40.85
N ILE C 433 55.57 58.52 -41.38
CA ILE C 433 55.45 58.31 -42.79
C ILE C 433 53.98 58.54 -43.12
N GLY C 434 53.71 59.34 -44.14
CA GLY C 434 52.37 59.82 -44.38
C GLY C 434 51.94 59.31 -45.71
N VAL C 435 50.66 58.96 -45.79
CA VAL C 435 50.04 58.44 -46.99
C VAL C 435 48.92 59.40 -47.41
N LEU C 436 49.06 60.02 -48.57
CA LEU C 436 48.05 60.92 -49.05
C LEU C 436 47.06 60.21 -49.97
N ASP C 437 45.79 60.06 -49.57
CA ASP C 437 44.74 59.77 -50.54
C ASP C 437 44.22 61.08 -51.18
N ILE C 438 44.65 61.34 -52.39
CA ILE C 438 44.33 62.55 -53.08
C ILE C 438 43.73 62.13 -54.40
N TYR C 439 42.92 62.98 -55.00
CA TYR C 439 42.36 62.74 -56.34
C TYR C 439 43.34 63.08 -57.45
N GLY C 440 42.88 63.02 -58.70
CA GLY C 440 43.65 63.43 -59.86
C GLY C 440 42.84 64.39 -60.69
N PHE C 441 43.43 64.98 -61.71
CA PHE C 441 42.69 65.89 -62.59
C PHE C 441 41.25 65.39 -62.85
N GLU C 442 40.28 66.29 -62.72
CA GLU C 442 38.89 66.00 -63.02
C GLU C 442 38.45 66.88 -64.22
N THR C 443 38.09 66.27 -65.34
CA THR C 443 37.57 67.01 -66.48
C THR C 443 36.36 66.34 -67.12
N PHE C 444 35.42 67.18 -67.53
CA PHE C 444 34.10 66.78 -67.99
C PHE C 444 33.75 67.60 -69.19
N GLU C 445 32.53 67.36 -69.67
CA GLU C 445 32.04 68.12 -70.80
C GLU C 445 31.83 69.57 -70.38
N ILE C 446 31.29 69.76 -69.18
CA ILE C 446 31.19 71.05 -68.58
C ILE C 446 31.92 71.07 -67.25
N ASN C 447 32.87 71.99 -67.10
CA ASN C 447 33.61 72.13 -65.86
C ASN C 447 33.32 73.47 -65.18
N SER C 448 33.09 73.45 -63.87
CA SER C 448 33.06 74.70 -63.13
C SER C 448 34.06 74.79 -61.96
N PHE C 449 33.77 75.72 -61.04
CA PHE C 449 34.54 75.97 -59.84
C PHE C 449 35.07 74.74 -59.14
N GLU C 450 34.29 73.67 -59.11
CA GLU C 450 34.69 72.43 -58.41
C GLU C 450 35.88 71.75 -59.10
N GLN C 451 35.78 71.65 -60.42
CA GLN C 451 36.80 71.05 -61.22
C GLN C 451 38.04 71.95 -61.17
N PHE C 452 37.81 73.24 -61.35
CA PHE C 452 38.87 74.23 -61.26
C PHE C 452 39.73 74.06 -59.99
N CYS C 453 39.12 73.82 -58.85
CA CYS C 453 39.87 73.68 -57.64
C CYS C 453 40.61 72.38 -57.62
N ILE C 454 39.99 71.29 -58.10
CA ILE C 454 40.67 70.02 -58.15
C ILE C 454 41.91 70.18 -59.04
N ASN C 455 41.79 70.76 -60.22
CA ASN C 455 42.92 70.83 -61.15
C ASN C 455 43.93 71.88 -60.72
N TYR C 456 43.51 72.80 -59.88
CA TYR C 456 44.43 73.78 -59.35
C TYR C 456 45.32 73.01 -58.40
N ALA C 457 44.69 72.20 -57.56
CA ALA C 457 45.40 71.40 -56.58
C ALA C 457 46.37 70.44 -57.25
N ASN C 458 45.96 69.88 -58.39
CA ASN C 458 46.77 68.93 -59.13
C ASN C 458 48.03 69.58 -59.73
N GLU C 459 47.94 70.82 -60.19
CA GLU C 459 49.11 71.50 -60.67
C GLU C 459 50.13 71.67 -59.58
N LYS C 460 49.71 72.01 -58.36
CA LYS C 460 50.67 72.10 -57.26
C LYS C 460 51.30 70.77 -57.05
N LEU C 461 50.51 69.72 -56.99
CA LEU C 461 50.98 68.37 -56.64
C LEU C 461 51.89 67.84 -57.71
N GLN C 462 51.54 68.16 -58.93
CA GLN C 462 52.34 67.84 -60.12
C GLN C 462 53.62 68.64 -60.16
N GLN C 463 53.66 69.85 -59.63
CA GLN C 463 54.88 70.61 -59.57
C GLN C 463 55.88 69.98 -58.67
N GLN C 464 55.42 69.58 -57.48
CA GLN C 464 56.25 68.82 -56.56
C GLN C 464 56.89 67.59 -57.25
N PHE C 465 56.05 66.82 -57.95
CA PHE C 465 56.46 65.59 -58.60
C PHE C 465 57.49 65.95 -59.64
N ASN C 466 57.21 66.94 -60.48
CA ASN C 466 58.12 67.31 -61.54
C ASN C 466 59.52 67.80 -61.06
N MET C 467 59.59 68.40 -59.87
CA MET C 467 60.84 68.94 -59.32
C MET C 467 61.59 67.84 -58.61
N HIS C 468 60.87 66.85 -58.13
CA HIS C 468 61.47 65.78 -57.42
C HIS C 468 62.13 64.85 -58.45
N VAL C 469 61.46 64.63 -59.56
CA VAL C 469 62.01 63.84 -60.62
C VAL C 469 63.19 64.57 -61.26
N PHE C 470 63.11 65.85 -61.50
CA PHE C 470 64.24 66.53 -62.11
C PHE C 470 65.48 66.56 -61.17
N LYS C 471 65.26 66.77 -59.87
CA LYS C 471 66.35 66.63 -58.89
C LYS C 471 67.05 65.27 -58.99
N LEU C 472 66.28 64.20 -59.21
CA LEU C 472 66.82 62.86 -59.21
C LEU C 472 67.53 62.59 -60.50
N GLU C 473 67.01 63.10 -61.60
CA GLU C 473 67.65 62.95 -62.89
C GLU C 473 68.95 63.71 -62.95
N GLN C 474 68.92 64.96 -62.51
CA GLN C 474 70.10 65.78 -62.31
C GLN C 474 71.17 65.03 -61.55
N GLU C 475 70.80 64.42 -60.45
CA GLU C 475 71.70 63.69 -59.58
C GLU C 475 72.33 62.52 -60.33
N GLU C 476 71.51 61.71 -61.00
CA GLU C 476 71.96 60.56 -61.74
C GLU C 476 72.86 60.94 -62.92
N TYR C 477 72.47 61.97 -63.65
CA TYR C 477 73.29 62.45 -64.76
C TYR C 477 74.66 62.93 -64.31
N MET C 478 74.77 63.55 -63.14
CA MET C 478 76.08 64.00 -62.66
C MET C 478 76.98 62.81 -62.22
N LYS C 479 76.40 61.81 -61.56
CA LYS C 479 77.10 60.57 -61.29
C LYS C 479 77.69 59.94 -62.55
N GLU C 480 77.07 60.15 -63.70
CA GLU C 480 77.53 59.55 -64.95
C GLU C 480 78.31 60.52 -65.87
N GLN C 481 78.66 61.70 -65.36
CA GLN C 481 79.32 62.75 -66.15
C GLN C 481 78.66 63.14 -67.49
N ILE C 482 77.36 62.94 -67.56
CA ILE C 482 76.54 63.48 -68.64
C ILE C 482 76.04 64.81 -68.15
N PRO C 483 76.02 65.82 -69.00
CA PRO C 483 75.50 67.15 -68.63
C PRO C 483 74.01 67.22 -68.23
N TRP C 484 73.72 67.62 -67.00
CA TRP C 484 72.35 67.73 -66.53
C TRP C 484 71.44 68.71 -67.26
N THR C 485 72.01 69.65 -68.00
CA THR C 485 71.19 70.56 -68.78
C THR C 485 70.60 69.91 -70.02
N LEU C 486 70.87 68.62 -70.19
CA LEU C 486 70.23 67.79 -71.19
C LEU C 486 68.88 67.18 -70.73
N ILE C 487 68.62 67.16 -69.43
CA ILE C 487 67.32 66.79 -68.89
C ILE C 487 66.20 67.80 -69.24
N ASP C 488 65.06 67.32 -69.72
CA ASP C 488 63.89 68.18 -69.95
C ASP C 488 63.05 68.33 -68.70
N PHE C 489 62.53 69.54 -68.50
CA PHE C 489 61.76 69.90 -67.26
C PHE C 489 60.47 70.61 -67.56
N TYR C 490 59.38 70.05 -67.08
CA TYR C 490 58.09 70.67 -67.30
C TYR C 490 57.96 71.72 -66.21
N ASP C 491 57.95 72.96 -66.62
CA ASP C 491 57.73 74.02 -65.65
C ASP C 491 56.26 74.42 -65.52
N ASN C 492 55.62 74.10 -64.38
CA ASN C 492 54.21 74.47 -64.27
C ASN C 492 53.91 75.62 -63.34
N GLN C 493 54.84 76.58 -63.30
CA GLN C 493 54.71 77.73 -62.46
C GLN C 493 53.95 78.80 -63.21
N PRO C 494 54.19 78.97 -64.50
CA PRO C 494 53.33 79.89 -65.27
C PRO C 494 51.83 79.61 -65.05
N CYS C 495 51.39 78.37 -65.18
CA CYS C 495 50.04 78.02 -64.84
C CYS C 495 49.67 78.27 -63.39
N ILE C 496 50.53 77.90 -62.46
CA ILE C 496 50.22 78.12 -61.03
C ILE C 496 49.99 79.65 -60.76
N ASN C 497 50.80 80.50 -61.36
CA ASN C 497 50.64 81.95 -61.18
C ASN C 497 49.37 82.47 -61.79
N LEU C 498 48.99 81.91 -62.93
CA LEU C 498 47.75 82.27 -63.64
C LEU C 498 46.56 82.07 -62.75
N ILE C 499 46.60 81.00 -62.00
CA ILE C 499 45.52 80.67 -61.13
C ILE C 499 45.56 81.43 -59.84
N GLU C 500 46.76 81.67 -59.29
CA GLU C 500 46.90 81.99 -57.83
C GLU C 500 47.61 83.28 -57.47
N ALA C 501 48.24 83.91 -58.45
CA ALA C 501 48.88 85.19 -58.21
C ALA C 501 47.91 86.34 -58.23
N LYS C 502 48.41 87.50 -57.84
CA LYS C 502 47.67 88.76 -57.92
C LYS C 502 47.34 89.03 -59.39
N MET C 503 46.10 89.43 -59.64
CA MET C 503 45.48 89.59 -61.00
C MET C 503 45.17 88.27 -61.66
N GLY C 504 45.35 87.18 -60.93
CA GLY C 504 45.11 85.85 -61.45
C GLY C 504 43.64 85.48 -61.41
N VAL C 505 43.31 84.32 -61.97
CA VAL C 505 41.96 83.88 -62.03
C VAL C 505 41.25 83.92 -60.73
N LEU C 506 41.82 83.38 -59.66
CA LEU C 506 41.12 83.32 -58.37
C LEU C 506 41.00 84.69 -57.74
N ASP C 507 41.98 85.56 -57.95
CA ASP C 507 42.06 86.88 -57.34
C ASP C 507 40.96 87.76 -57.89
N LEU C 508 40.94 87.84 -59.22
CA LEU C 508 39.90 88.50 -59.96
C LEU C 508 38.53 87.97 -59.57
N LEU C 509 38.42 86.70 -59.24
CA LEU C 509 37.10 86.19 -58.84
C LEU C 509 36.71 86.87 -57.54
N ASP C 510 37.61 86.84 -56.57
CA ASP C 510 37.41 87.53 -55.31
C ASP C 510 37.09 89.03 -55.52
N GLU C 511 37.79 89.69 -56.43
CA GLU C 511 37.53 91.10 -56.61
C GLU C 511 36.11 91.28 -57.07
N GLU C 512 35.65 90.40 -57.92
CA GLU C 512 34.39 90.64 -58.55
C GLU C 512 33.27 90.25 -57.57
N CYS C 513 33.56 89.33 -56.66
CA CYS C 513 32.59 88.91 -55.63
C CYS C 513 32.21 90.06 -54.67
N LYS C 514 33.08 91.04 -54.56
CA LYS C 514 32.80 92.16 -53.70
C LYS C 514 32.25 93.40 -54.45
N MET C 515 31.90 93.27 -55.72
CA MET C 515 31.35 94.38 -56.48
C MET C 515 29.82 94.37 -56.42
N PRO C 516 29.19 95.52 -56.14
CA PRO C 516 27.73 95.62 -56.13
C PRO C 516 27.07 94.82 -57.25
N LYS C 517 27.28 95.23 -58.51
CA LYS C 517 26.65 94.64 -59.71
C LYS C 517 27.57 93.62 -60.41
N GLY C 518 28.51 93.03 -59.69
CA GLY C 518 29.36 92.01 -60.26
C GLY C 518 28.70 90.69 -60.58
N SER C 519 29.02 90.12 -61.74
CA SER C 519 28.53 88.75 -62.08
C SER C 519 29.54 87.92 -62.85
N ASP C 520 29.15 86.70 -63.14
CA ASP C 520 29.93 85.80 -63.98
C ASP C 520 30.29 86.38 -65.38
N ASP C 521 29.43 87.20 -65.94
CA ASP C 521 29.76 87.82 -67.23
C ASP C 521 30.79 88.90 -67.09
N THR C 522 30.67 89.72 -66.05
CA THR C 522 31.61 90.83 -65.88
C THR C 522 32.98 90.27 -65.50
N TRP C 523 32.98 89.17 -64.75
CA TRP C 523 34.18 88.46 -64.40
C TRP C 523 34.93 87.93 -65.62
N ALA C 524 34.22 87.31 -66.56
CA ALA C 524 34.84 86.73 -67.77
C ALA C 524 35.54 87.82 -68.53
N GLN C 525 34.92 88.99 -68.51
CA GLN C 525 35.39 90.11 -69.27
C GLN C 525 36.65 90.53 -68.61
N LYS C 526 36.67 90.47 -67.28
CA LYS C 526 37.87 90.81 -66.49
C LYS C 526 39.06 89.84 -66.73
N LEU C 527 38.79 88.53 -66.64
CA LEU C 527 39.72 87.45 -67.09
C LEU C 527 40.26 87.71 -68.47
N TYR C 528 39.43 88.18 -69.42
CA TYR C 528 39.90 88.40 -70.78
C TYR C 528 40.78 89.61 -70.84
N ASN C 529 40.35 90.71 -70.26
CA ASN C 529 41.17 91.91 -70.31
C ASN C 529 42.59 91.77 -69.71
N THR C 530 42.73 90.98 -68.67
CA THR C 530 44.00 90.81 -67.99
C THR C 530 44.89 89.77 -68.66
N HIS C 531 44.32 88.66 -69.09
CA HIS C 531 45.10 87.48 -69.50
C HIS C 531 45.02 87.15 -70.99
N LEU C 532 43.96 87.55 -71.67
CA LEU C 532 43.82 87.12 -73.04
C LEU C 532 44.89 87.78 -73.91
N ASN C 533 45.48 86.98 -74.80
CA ASN C 533 46.59 87.41 -75.62
C ASN C 533 47.74 88.03 -74.83
N LYS C 534 47.84 87.68 -73.55
CA LYS C 534 48.89 88.16 -72.71
C LYS C 534 49.55 87.03 -71.96
N CYS C 535 48.87 85.91 -71.81
CA CYS C 535 49.45 84.78 -71.17
C CYS C 535 49.16 83.55 -72.00
N ALA C 536 50.20 82.80 -72.30
CA ALA C 536 50.12 81.73 -73.30
C ALA C 536 49.19 80.66 -72.85
N LEU C 537 49.12 80.46 -71.54
CA LEU C 537 48.36 79.35 -70.97
C LEU C 537 46.88 79.66 -70.75
N PHE C 538 46.42 80.82 -71.20
CA PHE C 538 45.02 81.21 -71.07
C PHE C 538 44.51 81.58 -72.44
N GLU C 539 43.44 80.92 -72.83
CA GLU C 539 42.78 81.21 -74.07
C GLU C 539 41.29 81.42 -73.82
N LYS C 540 40.67 82.04 -74.78
CA LYS C 540 39.23 82.19 -74.81
C LYS C 540 38.72 81.26 -75.91
N PRO C 541 37.71 80.45 -75.71
CA PRO C 541 37.06 79.73 -76.83
C PRO C 541 36.71 80.61 -77.99
N ARG C 542 36.72 80.10 -79.21
CA ARG C 542 36.39 81.01 -80.29
C ARG C 542 34.95 81.51 -80.28
N LEU C 543 33.98 80.64 -79.98
CA LEU C 543 32.53 80.97 -79.99
C LEU C 543 31.85 81.33 -78.64
N SER C 544 32.52 81.22 -77.46
CA SER C 544 31.93 81.67 -76.18
C SER C 544 32.59 82.90 -75.58
N ASN C 545 31.74 83.69 -74.97
CA ASN C 545 32.01 84.87 -74.12
C ASN C 545 32.02 84.46 -72.64
N LYS C 546 31.59 83.23 -72.39
CA LYS C 546 31.09 82.85 -71.11
C LYS C 546 31.98 81.77 -70.62
N ALA C 547 33.20 81.71 -71.19
CA ALA C 547 34.13 80.62 -70.85
C ALA C 547 35.61 80.89 -71.07
N PHE C 548 36.45 80.14 -70.34
CA PHE C 548 37.91 80.25 -70.44
C PHE C 548 38.62 78.90 -70.45
N ILE C 549 39.79 78.86 -71.10
CA ILE C 549 40.63 77.66 -71.19
C ILE C 549 41.99 77.86 -70.47
N ILE C 550 42.30 77.01 -69.49
CA ILE C 550 43.64 76.92 -68.89
C ILE C 550 44.46 75.69 -69.37
N LYS C 551 45.66 75.91 -69.87
CA LYS C 551 46.61 74.84 -70.15
C LYS C 551 47.07 74.21 -68.85
N HIS C 552 46.46 73.10 -68.43
CA HIS C 552 46.98 72.34 -67.29
C HIS C 552 48.12 71.39 -67.78
N PHE C 553 48.72 70.66 -66.84
CA PHE C 553 49.85 69.79 -67.08
C PHE C 553 49.46 68.64 -68.01
N ALA C 554 48.41 67.92 -67.60
CA ALA C 554 47.80 66.85 -68.39
C ALA C 554 47.03 67.24 -69.68
N ASP C 555 46.50 68.46 -69.80
CA ASP C 555 45.59 68.81 -70.93
C ASP C 555 44.95 70.18 -70.74
N LYS C 556 44.68 70.91 -71.81
CA LYS C 556 43.80 72.07 -71.73
C LYS C 556 42.44 71.69 -71.10
N VAL C 557 41.89 72.57 -70.28
CA VAL C 557 40.58 72.38 -69.73
C VAL C 557 39.75 73.68 -69.92
N GLU C 558 38.58 73.58 -70.58
CA GLU C 558 37.64 74.69 -70.72
C GLU C 558 36.72 74.76 -69.52
N TYR C 559 36.57 75.95 -68.96
CA TYR C 559 35.68 76.18 -67.81
C TYR C 559 34.60 77.17 -68.22
N GLN C 560 33.36 76.82 -67.92
CA GLN C 560 32.22 77.71 -68.08
C GLN C 560 32.16 78.66 -66.91
N CYS C 561 31.97 79.93 -67.15
CA CYS C 561 31.87 80.86 -66.00
C CYS C 561 30.59 80.77 -65.17
N GLU C 562 29.47 80.30 -65.70
CA GLU C 562 28.24 80.20 -64.90
C GLU C 562 28.53 79.65 -63.52
N GLY C 563 28.13 80.34 -62.46
CA GLY C 563 28.28 79.81 -61.12
C GLY C 563 29.52 80.09 -60.29
N PHE C 564 30.64 80.48 -60.89
CA PHE C 564 31.89 80.74 -60.13
C PHE C 564 31.63 81.71 -58.97
N LEU C 565 31.08 82.88 -59.28
CA LEU C 565 30.79 83.89 -58.25
C LEU C 565 29.95 83.38 -57.15
N GLU C 566 28.79 82.85 -57.41
CA GLU C 566 28.03 82.36 -56.28
C GLU C 566 28.76 81.26 -55.48
N LYS C 567 29.45 80.32 -56.15
CA LYS C 567 30.10 79.18 -55.43
C LYS C 567 31.29 79.59 -54.56
N ASN C 568 31.93 80.68 -54.92
CA ASN C 568 33.07 81.25 -54.22
C ASN C 568 32.72 82.13 -53.00
N LYS C 569 31.50 82.67 -52.97
CA LYS C 569 31.09 83.54 -51.87
C LYS C 569 30.85 82.73 -50.59
N ASP C 570 31.35 83.22 -49.47
CA ASP C 570 31.32 82.46 -48.24
C ASP C 570 31.55 83.31 -46.98
N THR C 571 30.95 84.51 -46.95
CA THR C 571 30.92 85.37 -45.76
C THR C 571 29.85 84.96 -44.74
N VAL C 572 30.33 84.28 -43.70
CA VAL C 572 29.57 83.91 -42.54
C VAL C 572 29.57 85.11 -41.59
N TYR C 573 28.48 85.23 -40.86
CA TYR C 573 28.13 86.46 -40.17
C TYR C 573 28.35 86.28 -38.67
N GLU C 574 29.33 87.02 -38.16
CA GLU C 574 29.73 86.91 -36.75
C GLU C 574 28.53 86.70 -35.83
N GLU C 575 27.48 87.50 -36.03
CA GLU C 575 26.37 87.55 -35.09
C GLU C 575 25.57 86.28 -35.19
N GLN C 576 25.36 85.78 -36.39
CA GLN C 576 24.68 84.49 -36.52
C GLN C 576 25.49 83.35 -35.90
N ILE C 577 26.81 83.51 -35.83
CA ILE C 577 27.71 82.51 -35.28
C ILE C 577 27.50 82.53 -33.78
N LYS C 578 27.46 83.74 -33.20
CA LYS C 578 27.46 83.95 -31.76
C LYS C 578 26.10 83.52 -31.10
N VAL C 579 25.02 83.52 -31.89
CA VAL C 579 23.74 82.99 -31.45
C VAL C 579 23.88 81.49 -31.18
N LEU C 580 24.57 80.79 -32.08
CA LEU C 580 24.84 79.33 -31.93
C LEU C 580 26.04 78.97 -31.03
N LYS C 581 26.85 79.94 -30.57
CA LYS C 581 27.96 79.64 -29.64
C LYS C 581 27.54 79.86 -28.15
N SER C 582 26.35 80.41 -27.95
CA SER C 582 25.85 80.71 -26.61
C SER C 582 24.82 79.67 -26.12
N SER C 583 24.13 79.01 -27.06
CA SER C 583 23.17 77.91 -26.77
C SER C 583 23.74 76.87 -25.81
N LYS C 584 22.84 76.06 -25.22
CA LYS C 584 23.23 74.90 -24.38
C LYS C 584 22.16 73.80 -24.15
N LYS C 585 21.43 73.40 -25.20
CA LYS C 585 20.57 72.21 -25.10
C LYS C 585 21.38 70.91 -25.45
N PHE C 586 22.57 71.09 -26.03
CA PHE C 586 23.53 69.98 -26.22
C PHE C 586 24.95 70.53 -26.51
N LYS C 587 25.91 70.11 -25.68
CA LYS C 587 27.24 70.78 -25.56
C LYS C 587 28.04 70.92 -26.87
N LEU C 588 27.65 70.15 -27.90
CA LEU C 588 28.38 70.06 -29.17
C LEU C 588 28.39 71.37 -30.01
N LEU C 589 27.23 71.99 -30.21
CA LEU C 589 27.14 73.19 -31.07
C LEU C 589 28.22 74.24 -30.79
N PRO C 590 28.41 74.65 -29.52
CA PRO C 590 29.49 75.60 -29.19
C PRO C 590 30.90 74.98 -29.18
N GLU C 591 30.96 73.65 -29.17
CA GLU C 591 32.22 72.88 -29.21
C GLU C 591 32.91 73.03 -30.58
N LEU C 592 32.10 73.15 -31.64
CA LEU C 592 32.57 73.35 -33.00
C LEU C 592 33.29 74.72 -33.15
N PHE C 593 32.60 75.77 -32.79
CA PHE C 593 33.12 77.13 -32.87
C PHE C 593 34.19 77.52 -31.79
N GLN C 594 35.28 76.72 -31.68
CA GLN C 594 36.39 76.91 -30.70
C GLN C 594 37.66 77.52 -31.32
N THR C 628 39.46 85.84 -35.85
CA THR C 628 39.16 84.86 -36.87
C THR C 628 38.02 85.40 -37.78
N SER C 629 37.95 86.75 -37.87
CA SER C 629 36.94 87.50 -38.63
C SER C 629 37.44 87.95 -40.01
N LYS C 630 38.76 88.19 -40.11
CA LYS C 630 39.46 88.06 -41.38
C LYS C 630 39.04 86.70 -42.00
N GLU C 631 39.18 85.61 -41.24
CA GLU C 631 39.05 84.24 -41.79
C GLU C 631 37.67 83.95 -42.32
N HIS C 632 36.65 84.50 -41.64
CA HIS C 632 35.25 84.32 -42.04
C HIS C 632 34.86 85.09 -43.29
N LYS C 633 35.67 86.07 -43.65
CA LYS C 633 35.44 86.89 -44.80
C LYS C 633 35.97 86.17 -46.03
N LYS C 634 36.91 85.25 -45.86
CA LYS C 634 37.55 84.57 -46.99
C LYS C 634 36.58 83.76 -47.85
N THR C 635 36.75 83.87 -49.16
CA THR C 635 35.94 83.19 -50.15
C THR C 635 36.31 81.75 -50.16
N VAL C 636 35.47 80.92 -50.79
CA VAL C 636 35.77 79.50 -50.89
C VAL C 636 37.12 79.27 -51.59
N GLY C 637 37.33 79.95 -52.71
CA GLY C 637 38.61 79.90 -53.39
C GLY C 637 39.86 80.14 -52.52
N HIS C 638 39.77 81.18 -51.72
CA HIS C 638 40.82 81.63 -50.83
C HIS C 638 41.08 80.57 -49.77
N GLN C 639 40.02 80.05 -49.17
CA GLN C 639 40.15 79.01 -48.19
C GLN C 639 40.84 77.79 -48.83
N PHE C 640 40.54 77.51 -50.09
CA PHE C 640 41.13 76.37 -50.81
C PHE C 640 42.60 76.64 -51.02
N ARG C 641 42.95 77.83 -51.45
CA ARG C 641 44.36 78.20 -51.55
C ARG C 641 45.10 77.98 -50.24
N ASN C 642 44.53 78.45 -49.14
CA ASN C 642 45.13 78.28 -47.82
C ASN C 642 45.32 76.84 -47.47
N SER C 643 44.33 76.01 -47.78
CA SER C 643 44.37 74.63 -47.43
C SER C 643 45.43 73.92 -48.30
N LEU C 644 45.50 74.25 -49.59
CA LEU C 644 46.46 73.65 -50.53
C LEU C 644 47.92 73.92 -50.19
N HIS C 645 48.24 75.13 -49.71
CA HIS C 645 49.59 75.51 -49.29
C HIS C 645 49.95 74.84 -47.99
N LEU C 646 48.96 74.68 -47.13
CA LEU C 646 49.17 74.07 -45.82
C LEU C 646 49.49 72.62 -46.07
N LEU C 647 48.90 72.05 -47.13
CA LEU C 647 49.19 70.69 -47.54
C LEU C 647 50.55 70.60 -48.21
N MET C 648 50.91 71.56 -49.04
CA MET C 648 52.20 71.55 -49.68
C MET C 648 53.33 71.76 -48.69
N GLU C 649 53.09 72.34 -47.52
CA GLU C 649 54.16 72.46 -46.53
C GLU C 649 54.35 71.13 -45.74
N THR C 650 53.28 70.45 -45.41
CA THR C 650 53.42 69.10 -44.87
C THR C 650 54.21 68.15 -45.82
N LEU C 651 53.90 68.21 -47.13
CA LEU C 651 54.47 67.33 -48.14
C LEU C 651 55.85 67.75 -48.59
N ASN C 652 56.16 69.03 -48.49
CA ASN C 652 57.47 69.51 -48.91
C ASN C 652 58.52 69.29 -47.81
N ALA C 653 58.07 68.91 -46.61
CA ALA C 653 59.00 68.61 -45.53
C ALA C 653 59.19 67.11 -45.47
N THR C 654 58.66 66.39 -46.45
CA THR C 654 58.96 64.99 -46.60
C THR C 654 59.59 64.71 -47.97
N THR C 655 60.15 63.51 -48.09
CA THR C 655 60.50 62.97 -49.36
C THR C 655 59.26 62.20 -49.74
N PRO C 656 58.78 62.41 -50.98
CA PRO C 656 57.58 61.77 -51.50
C PRO C 656 57.80 60.52 -52.35
N HIS C 657 56.86 59.60 -52.34
CA HIS C 657 56.88 58.48 -53.32
C HIS C 657 55.50 58.43 -53.93
N TYR C 658 55.34 57.71 -55.04
CA TYR C 658 54.26 57.99 -55.98
C TYR C 658 53.59 56.75 -56.52
N VAL C 659 52.33 56.55 -56.13
CA VAL C 659 51.52 55.44 -56.59
C VAL C 659 50.32 56.02 -57.33
N ARG C 660 50.23 55.77 -58.61
CA ARG C 660 49.08 56.12 -59.42
C ARG C 660 48.11 54.91 -59.54
N CYS C 661 47.11 54.82 -58.64
CA CYS C 661 46.03 53.85 -58.78
C CYS C 661 45.13 54.25 -59.91
N ILE C 662 44.95 53.36 -60.88
CA ILE C 662 43.94 53.62 -61.91
C ILE C 662 42.97 52.48 -61.95
N LYS C 663 41.93 52.65 -62.74
CA LYS C 663 40.74 51.83 -62.61
C LYS C 663 40.39 51.32 -64.01
N PRO C 664 40.56 50.01 -64.19
CA PRO C 664 40.53 49.36 -65.49
C PRO C 664 39.16 49.27 -66.09
N ASN C 665 38.12 49.13 -65.25
CA ASN C 665 36.73 49.09 -65.70
C ASN C 665 35.76 49.75 -64.70
N ASP C 666 34.68 50.31 -65.26
CA ASP C 666 33.61 50.96 -64.49
C ASP C 666 32.76 49.93 -63.71
N PHE C 667 32.74 48.69 -64.18
CA PHE C 667 31.72 47.74 -63.75
C PHE C 667 32.14 46.85 -62.61
N LYS C 668 33.32 47.07 -62.03
CA LYS C 668 33.79 46.31 -60.86
C LYS C 668 34.16 44.84 -61.12
N PHE C 669 34.22 44.47 -62.40
CA PHE C 669 34.59 43.13 -62.84
C PHE C 669 36.02 42.79 -62.36
N PRO C 670 36.25 41.53 -61.95
CA PRO C 670 37.62 41.05 -61.74
C PRO C 670 38.36 40.91 -63.09
N PHE C 671 39.69 41.08 -63.01
CA PHE C 671 40.64 41.17 -64.13
C PHE C 671 40.17 41.57 -65.55
N THR C 672 39.28 42.55 -65.63
CA THR C 672 38.73 43.04 -66.88
C THR C 672 39.22 44.47 -67.17
N PHE C 673 39.83 44.66 -68.33
CA PHE C 673 40.50 45.91 -68.71
C PHE C 673 39.79 46.57 -69.90
N ASP C 674 39.16 47.72 -69.65
CA ASP C 674 38.57 48.56 -70.71
C ASP C 674 39.55 49.63 -71.16
N GLU C 675 39.85 49.64 -72.45
CA GLU C 675 40.88 50.55 -72.97
C GLU C 675 40.44 52.02 -72.84
N LYS C 676 39.16 52.30 -73.07
CA LYS C 676 38.58 53.67 -73.01
C LYS C 676 38.89 54.34 -71.68
N ARG C 677 38.42 53.73 -70.60
CA ARG C 677 38.61 54.28 -69.28
C ARG C 677 40.09 54.23 -68.91
N ALA C 678 40.83 53.19 -69.28
CA ALA C 678 42.28 53.10 -69.01
C ALA C 678 43.05 54.33 -69.48
N VAL C 679 42.89 54.71 -70.74
CA VAL C 679 43.61 55.86 -71.25
C VAL C 679 43.30 57.10 -70.41
N GLN C 680 42.01 57.29 -70.16
CA GLN C 680 41.50 58.49 -69.50
C GLN C 680 42.19 58.59 -68.15
N GLN C 681 42.27 57.50 -67.43
CA GLN C 681 42.83 57.49 -66.08
C GLN C 681 44.36 57.72 -66.03
N LEU C 682 45.03 57.35 -67.10
CA LEU C 682 46.47 57.52 -67.19
C LEU C 682 46.74 58.96 -67.57
N ARG C 683 45.81 59.58 -68.30
CA ARG C 683 45.94 61.00 -68.64
C ARG C 683 45.75 61.87 -67.41
N ALA C 684 44.63 61.70 -66.74
CA ALA C 684 44.30 62.43 -65.52
C ALA C 684 45.33 62.30 -64.41
N CYS C 685 46.20 61.33 -64.53
CA CYS C 685 47.24 61.14 -63.55
C CYS C 685 48.54 61.80 -63.98
N GLY C 686 48.58 62.24 -65.23
CA GLY C 686 49.74 62.92 -65.76
C GLY C 686 50.72 61.98 -66.45
N VAL C 687 50.70 60.70 -66.03
CA VAL C 687 51.50 59.62 -66.62
C VAL C 687 51.73 59.81 -68.11
N LEU C 688 50.70 60.02 -68.88
CA LEU C 688 50.88 60.11 -70.32
C LEU C 688 51.63 61.34 -70.71
N GLU C 689 51.51 62.41 -69.93
CA GLU C 689 52.37 63.60 -70.13
C GLU C 689 53.81 63.39 -69.62
N THR C 690 53.98 62.70 -68.49
CA THR C 690 55.31 62.37 -67.99
C THR C 690 56.12 61.66 -69.07
N ILE C 691 55.53 60.56 -69.53
CA ILE C 691 56.06 59.73 -70.61
C ILE C 691 56.21 60.50 -71.97
N ARG C 692 55.37 61.47 -72.30
CA ARG C 692 55.73 62.31 -73.45
C ARG C 692 57.04 63.08 -73.15
N ILE C 693 57.26 63.48 -71.89
CA ILE C 693 58.40 64.33 -71.53
C ILE C 693 59.70 63.51 -71.62
N SER C 694 59.74 62.43 -70.87
CA SER C 694 60.80 61.44 -70.99
C SER C 694 61.15 61.10 -72.46
N ALA C 695 60.13 60.82 -73.25
CA ALA C 695 60.37 60.44 -74.64
C ALA C 695 61.24 61.45 -75.38
N ALA C 696 61.17 62.72 -75.00
CA ALA C 696 61.88 63.80 -75.71
C ALA C 696 63.41 63.90 -75.41
N GLY C 697 63.86 63.22 -74.34
CA GLY C 697 65.27 63.07 -74.01
C GLY C 697 65.84 61.64 -74.11
N PHE C 698 66.33 61.11 -72.97
CA PHE C 698 67.11 59.85 -72.97
C PHE C 698 66.57 58.87 -71.94
N PRO C 699 65.44 58.26 -72.28
CA PRO C 699 64.77 57.32 -71.40
C PRO C 699 65.45 55.97 -71.23
N SER C 700 66.03 55.40 -72.31
CA SER C 700 66.63 54.03 -72.24
C SER C 700 68.06 54.10 -71.61
N ARG C 701 68.40 53.09 -70.81
CA ARG C 701 69.67 53.10 -70.05
C ARG C 701 70.21 51.72 -69.77
N TRP C 702 71.29 51.38 -70.47
CA TRP C 702 72.03 50.12 -70.28
C TRP C 702 73.41 50.40 -69.69
N THR C 703 73.86 49.53 -68.80
CA THR C 703 75.29 49.45 -68.45
C THR C 703 76.06 48.94 -69.65
N TYR C 704 77.37 49.15 -69.64
CA TYR C 704 78.20 48.69 -70.75
C TYR C 704 78.20 47.16 -70.82
N GLN C 705 78.41 46.46 -69.70
CA GLN C 705 78.11 45.02 -69.64
C GLN C 705 76.85 44.70 -70.43
N GLU C 706 75.68 45.16 -69.98
CA GLU C 706 74.41 44.82 -70.66
C GLU C 706 74.42 45.05 -72.15
N PHE C 707 75.03 46.16 -72.60
CA PHE C 707 75.02 46.50 -74.02
C PHE C 707 75.90 45.54 -74.81
N PHE C 708 77.13 45.31 -74.32
CA PHE C 708 78.07 44.39 -74.99
C PHE C 708 77.55 42.96 -74.97
N SER C 709 76.84 42.57 -73.92
CA SER C 709 76.40 41.20 -73.79
C SER C 709 75.24 40.87 -74.73
N ARG C 710 74.52 41.89 -75.17
CA ARG C 710 73.37 41.67 -76.03
C ARG C 710 73.61 42.02 -77.51
N TYR C 711 74.65 42.79 -77.82
CA TYR C 711 74.87 43.24 -79.21
C TYR C 711 76.20 42.73 -79.81
N ARG C 712 76.93 41.98 -79.00
CA ARG C 712 78.00 41.05 -79.44
C ARG C 712 77.69 40.48 -80.83
N VAL C 713 76.49 39.91 -80.95
CA VAL C 713 76.05 39.29 -82.18
C VAL C 713 76.49 40.10 -83.39
N LEU C 714 76.38 41.42 -83.30
CA LEU C 714 76.62 42.32 -84.43
C LEU C 714 78.01 42.89 -84.51
N MET C 715 78.76 42.82 -83.41
CA MET C 715 80.17 43.27 -83.43
C MET C 715 81.08 42.32 -84.25
N LYS C 716 81.98 42.94 -85.03
CA LYS C 716 83.03 42.29 -85.83
C LYS C 716 84.28 42.04 -84.95
N GLN C 717 84.73 40.80 -84.75
CA GLN C 717 85.79 40.48 -83.75
C GLN C 717 87.04 41.41 -83.68
N LYS C 718 87.43 42.04 -84.81
CA LYS C 718 88.49 43.08 -84.79
C LYS C 718 88.10 44.27 -83.89
N ASP C 719 86.81 44.27 -83.50
CA ASP C 719 86.16 45.28 -82.68
C ASP C 719 86.26 45.00 -81.18
N VAL C 720 86.19 43.75 -80.74
CA VAL C 720 86.22 43.43 -79.29
C VAL C 720 87.56 43.66 -78.52
N LEU C 721 87.71 44.82 -77.89
CA LEU C 721 88.89 45.17 -77.12
C LEU C 721 88.75 44.62 -75.69
N SER C 722 89.81 44.62 -74.90
CA SER C 722 89.74 44.00 -73.56
C SER C 722 88.88 44.89 -72.69
N ASP C 723 89.13 46.21 -72.76
CA ASP C 723 88.18 47.22 -72.24
C ASP C 723 86.80 47.08 -72.93
N ARG C 724 85.86 46.49 -72.21
CA ARG C 724 84.54 46.20 -72.75
C ARG C 724 83.73 47.49 -73.02
N LYS C 725 84.00 48.54 -72.24
CA LYS C 725 83.37 49.83 -72.44
C LYS C 725 83.70 50.46 -73.81
N GLN C 726 84.99 50.54 -74.13
CA GLN C 726 85.45 51.25 -75.34
C GLN C 726 84.99 50.50 -76.61
N THR C 727 84.74 49.22 -76.45
CA THR C 727 84.19 48.39 -77.50
C THR C 727 82.79 48.86 -77.91
N CYS C 728 81.89 48.90 -76.93
CA CYS C 728 80.59 49.61 -77.03
C CYS C 728 80.61 51.05 -77.65
N LYS C 729 81.58 51.90 -77.30
CA LYS C 729 81.64 53.23 -77.97
C LYS C 729 81.94 53.09 -79.46
N ASN C 730 83.06 52.45 -79.80
CA ASN C 730 83.51 52.20 -81.19
C ASN C 730 82.45 51.51 -82.01
N VAL C 731 81.77 50.56 -81.37
CA VAL C 731 80.77 49.77 -82.08
C VAL C 731 79.46 50.56 -82.31
N LEU C 732 79.10 51.44 -81.38
CA LEU C 732 77.83 52.17 -81.47
C LEU C 732 77.97 53.37 -82.38
N GLU C 733 79.14 53.95 -82.50
CA GLU C 733 79.33 55.00 -83.48
C GLU C 733 79.32 54.45 -84.93
N LYS C 734 79.56 53.14 -85.11
CA LYS C 734 79.50 52.50 -86.45
C LYS C 734 78.08 52.09 -86.77
N LEU C 735 77.36 51.55 -85.78
CA LEU C 735 75.99 51.12 -85.94
C LEU C 735 74.93 52.25 -86.06
N ILE C 736 75.18 53.41 -85.48
CA ILE C 736 74.23 54.52 -85.49
C ILE C 736 75.06 55.76 -85.70
N LEU C 737 75.00 56.28 -86.92
CA LEU C 737 75.96 57.28 -87.38
C LEU C 737 75.66 58.69 -86.82
N ASP C 738 74.49 58.89 -86.20
CA ASP C 738 74.10 60.20 -85.65
C ASP C 738 74.54 60.31 -84.15
N LYS C 739 75.56 61.12 -83.87
CA LYS C 739 76.14 61.14 -82.52
C LYS C 739 75.24 61.80 -81.48
N ASP C 740 74.23 62.55 -81.89
CA ASP C 740 73.32 63.12 -80.91
C ASP C 740 72.28 62.12 -80.38
N LYS C 741 72.28 60.89 -80.90
CA LYS C 741 71.25 59.93 -80.53
C LYS C 741 71.61 59.11 -79.28
N TYR C 742 72.82 59.32 -78.77
CA TYR C 742 73.20 58.68 -77.52
C TYR C 742 74.24 59.52 -76.78
N GLN C 743 74.40 59.25 -75.50
CA GLN C 743 75.51 59.81 -74.73
C GLN C 743 76.26 58.70 -73.92
N PHE C 744 77.57 58.84 -73.79
CA PHE C 744 78.35 57.86 -73.03
C PHE C 744 78.62 58.36 -71.63
N GLY C 745 78.17 57.62 -70.64
CA GLY C 745 78.40 57.99 -69.27
C GLY C 745 79.48 57.17 -68.60
N LYS C 746 79.78 57.54 -67.36
CA LYS C 746 80.79 56.84 -66.58
C LYS C 746 80.56 55.34 -66.77
N THR C 747 79.33 54.91 -66.48
CA THR C 747 79.02 53.49 -66.43
C THR C 747 77.78 53.05 -67.26
N LYS C 748 77.07 53.96 -67.92
CA LYS C 748 75.91 53.58 -68.75
C LYS C 748 75.87 54.30 -70.09
N ILE C 749 75.15 53.73 -71.03
CA ILE C 749 74.80 54.39 -72.27
C ILE C 749 73.36 54.91 -72.12
N PHE C 750 73.13 56.15 -72.56
CA PHE C 750 71.84 56.82 -72.51
C PHE C 750 71.37 56.96 -73.93
N PHE C 751 70.20 56.42 -74.25
CA PHE C 751 69.72 56.40 -75.61
C PHE C 751 68.45 57.23 -75.73
N ARG C 752 68.32 57.95 -76.84
CA ARG C 752 67.08 58.62 -77.20
C ARG C 752 65.93 57.63 -77.43
N ALA C 753 64.76 58.15 -77.71
CA ALA C 753 63.65 57.30 -78.08
C ALA C 753 64.04 56.62 -79.37
N GLY C 754 63.61 55.38 -79.53
CA GLY C 754 63.61 54.73 -80.84
C GLY C 754 64.91 54.05 -81.28
N GLN C 755 65.87 53.90 -80.36
CA GLN C 755 67.21 53.50 -80.72
C GLN C 755 67.50 52.07 -80.27
N VAL C 756 67.02 51.67 -79.09
CA VAL C 756 67.07 50.26 -78.70
C VAL C 756 66.17 49.38 -79.59
N ALA C 757 65.10 49.96 -80.12
CA ALA C 757 64.24 49.33 -81.13
C ALA C 757 64.98 49.06 -82.44
N TYR C 758 65.84 49.99 -82.86
CA TYR C 758 66.69 49.81 -84.05
C TYR C 758 67.78 48.71 -83.83
N LEU C 759 68.58 48.86 -82.79
CA LEU C 759 69.55 47.86 -82.44
C LEU C 759 68.96 46.45 -82.32
N GLU C 760 67.69 46.32 -81.90
CA GLU C 760 67.04 45.00 -81.79
C GLU C 760 66.39 44.58 -83.10
N LYS C 761 65.99 45.58 -83.88
CA LYS C 761 65.49 45.34 -85.23
C LYS C 761 66.58 44.63 -86.03
N ILE C 762 67.85 44.96 -85.78
CA ILE C 762 68.93 44.34 -86.55
C ILE C 762 69.60 43.17 -85.82
N ARG C 763 69.50 43.11 -84.49
CA ARG C 763 69.89 41.93 -83.72
C ARG C 763 68.85 40.84 -83.86
N ALA C 764 67.94 41.00 -84.82
CA ALA C 764 67.01 39.94 -85.21
C ALA C 764 66.63 39.98 -86.71
N ASP C 765 67.16 40.93 -87.48
CA ASP C 765 67.08 40.89 -88.95
C ASP C 765 68.37 40.22 -89.47
N LYS C 766 68.81 39.19 -88.75
CA LYS C 766 70.07 38.46 -89.02
C LYS C 766 70.38 37.60 -87.79
N GLU D 5 35.52 22.31 7.85
CA GLU D 5 36.86 21.70 8.07
C GLU D 5 36.69 20.27 8.54
N LEU D 6 36.20 20.10 9.79
CA LEU D 6 35.94 18.77 10.37
C LEU D 6 34.48 18.26 10.16
N TYR D 7 33.73 18.90 9.25
CA TYR D 7 32.42 18.40 8.84
C TYR D 7 32.54 17.63 7.50
N THR D 8 32.53 16.30 7.57
CA THR D 8 32.83 15.43 6.40
C THR D 8 31.98 14.15 6.33
N LYS D 9 32.12 13.41 5.23
CA LYS D 9 31.50 12.09 5.13
C LYS D 9 31.95 11.25 6.35
N TYR D 10 30.98 10.57 6.99
CA TYR D 10 31.20 9.76 8.20
C TYR D 10 31.04 10.54 9.54
N ALA D 11 31.13 11.87 9.48
CA ALA D 11 31.07 12.71 10.69
C ALA D 11 29.69 12.68 11.31
N ARG D 12 29.58 12.04 12.46
CA ARG D 12 28.36 12.00 13.25
C ARG D 12 28.08 13.39 13.86
N VAL D 13 26.78 13.71 14.02
CA VAL D 13 26.35 15.03 14.53
C VAL D 13 25.04 15.00 15.31
N TRP D 14 24.79 16.03 16.08
CA TRP D 14 23.60 16.11 16.92
C TRP D 14 22.70 17.20 16.40
N ILE D 15 21.41 16.92 16.24
CA ILE D 15 20.51 17.90 15.68
C ILE D 15 19.27 17.96 16.51
N PRO D 16 18.65 19.14 16.56
CA PRO D 16 17.44 19.35 17.36
C PRO D 16 16.41 18.24 17.08
N ASP D 17 15.79 17.76 18.15
CA ASP D 17 14.72 16.79 18.05
C ASP D 17 13.54 17.27 18.91
N PRO D 18 12.31 16.98 18.47
CA PRO D 18 11.14 17.28 19.31
C PRO D 18 11.04 16.51 20.63
N GLU D 19 10.90 15.19 20.58
CA GLU D 19 10.70 14.37 21.78
C GLU D 19 11.98 13.90 22.53
N GLU D 20 13.12 13.83 21.81
CA GLU D 20 14.39 13.39 22.39
C GLU D 20 15.34 14.53 22.66
N VAL D 21 14.96 15.76 22.27
CA VAL D 21 15.78 16.99 22.42
C VAL D 21 16.93 17.04 21.41
N TRP D 22 17.64 15.91 21.33
CA TRP D 22 18.76 15.72 20.44
C TRP D 22 18.73 14.31 19.84
N LYS D 23 19.07 14.27 18.57
CA LYS D 23 19.05 13.03 17.83
C LYS D 23 20.31 12.97 16.97
N SER D 24 20.95 11.81 16.99
CA SER D 24 22.16 11.56 16.24
C SER D 24 21.89 11.40 14.80
N ALA D 25 22.84 11.84 14.01
CA ALA D 25 22.74 11.78 12.57
C ALA D 25 24.08 11.35 12.02
N GLU D 26 24.44 11.90 10.86
CA GLU D 26 25.73 11.72 10.22
C GLU D 26 25.73 12.27 8.79
N LEU D 27 26.83 12.90 8.39
CA LEU D 27 26.94 13.39 7.04
C LEU D 27 27.17 12.22 6.08
N LEU D 28 26.60 12.38 4.87
CA LEU D 28 26.74 11.45 3.74
C LEU D 28 27.64 12.06 2.64
N LYS D 29 27.56 13.37 2.50
CA LYS D 29 28.34 14.16 1.55
C LYS D 29 29.46 14.94 2.27
N ASP D 30 29.62 16.22 1.91
CA ASP D 30 30.62 17.09 2.48
C ASP D 30 30.02 18.47 2.62
N TYR D 31 30.36 19.18 3.70
CA TYR D 31 29.96 20.57 3.82
C TYR D 31 31.12 21.52 3.51
N LYS D 32 30.79 22.66 2.89
CA LYS D 32 31.74 23.75 2.58
C LYS D 32 31.19 25.08 3.09
N PRO D 33 32.08 26.02 3.45
CA PRO D 33 31.60 27.37 3.80
C PRO D 33 30.81 27.88 2.61
N GLY D 34 29.49 27.69 2.65
CA GLY D 34 28.62 28.11 1.56
C GLY D 34 27.32 27.33 1.61
N ASP D 35 27.44 26.00 1.53
CA ASP D 35 26.31 25.08 1.64
C ASP D 35 25.24 25.59 2.63
N LYS D 36 23.97 25.55 2.21
CA LYS D 36 22.82 25.97 3.06
C LYS D 36 22.31 24.77 3.86
N VAL D 37 22.77 23.58 3.48
CA VAL D 37 22.25 22.33 4.04
C VAL D 37 23.32 21.25 4.24
N LEU D 38 23.02 20.29 5.09
CA LEU D 38 23.85 19.12 5.24
C LEU D 38 23.00 17.90 4.88
N GLN D 39 23.50 17.06 4.00
CA GLN D 39 22.76 15.85 3.58
C GLN D 39 23.05 14.70 4.57
N LEU D 40 22.26 14.69 5.64
CA LEU D 40 22.46 13.80 6.79
C LEU D 40 21.77 12.48 6.66
N ARG D 41 22.01 11.59 7.61
CA ARG D 41 21.30 10.33 7.71
C ARG D 41 21.06 10.08 9.18
N LEU D 42 19.86 10.35 9.63
CA LEU D 42 19.52 10.02 11.00
C LEU D 42 19.50 8.50 11.01
N ASP D 47 17.14 10.12 6.10
CA ASP D 47 17.93 11.15 5.39
C ASP D 47 17.24 12.53 5.32
N LEU D 48 18.02 13.62 5.22
CA LEU D 48 17.46 14.99 5.18
C LEU D 48 18.42 16.06 4.70
N GLU D 49 17.87 17.25 4.48
CA GLU D 49 18.68 18.45 4.34
C GLU D 49 18.54 19.23 5.66
N TYR D 50 19.65 19.70 6.22
CA TYR D 50 19.59 20.49 7.44
C TYR D 50 19.74 22.00 7.08
N CYS D 51 18.64 22.72 7.20
CA CYS D 51 18.67 24.15 6.91
C CYS D 51 19.29 24.88 8.09
N LEU D 52 20.48 25.40 7.86
CA LEU D 52 21.14 26.24 8.87
C LEU D 52 20.31 27.51 9.08
N ASP D 53 20.09 27.90 10.33
CA ASP D 53 19.37 29.15 10.63
C ASP D 53 19.87 30.28 9.69
N PRO D 54 18.92 31.17 9.31
CA PRO D 54 19.20 32.27 8.35
C PRO D 54 20.31 33.24 8.78
N LYS D 55 20.37 33.61 10.07
CA LYS D 55 21.34 34.58 10.60
C LYS D 55 22.71 33.95 11.00
N THR D 56 22.70 33.26 12.15
CA THR D 56 23.91 32.59 12.73
C THR D 56 24.69 31.73 11.72
N LYS D 57 23.93 31.04 10.86
CA LYS D 57 24.48 29.97 10.00
C LYS D 57 25.31 28.97 10.86
N GLU D 58 24.92 28.82 12.14
CA GLU D 58 25.64 28.00 13.13
C GLU D 58 25.34 26.51 12.91
N LEU D 59 26.40 25.72 12.70
CA LEU D 59 26.25 24.29 12.43
C LEU D 59 25.96 23.53 13.73
N PRO D 60 25.40 22.33 13.63
CA PRO D 60 25.04 21.57 14.82
C PRO D 60 26.27 20.98 15.50
N PRO D 61 26.16 20.72 16.80
CA PRO D 61 27.22 20.08 17.59
C PRO D 61 27.77 18.80 16.98
N LEU D 62 29.05 18.54 17.24
CA LEU D 62 29.74 17.37 16.74
C LEU D 62 29.65 16.27 17.78
N ARG D 63 29.55 15.04 17.31
CA ARG D 63 29.40 13.88 18.19
C ARG D 63 30.78 13.38 18.67
N ASN D 64 30.93 13.19 19.98
CA ASN D 64 32.19 12.64 20.50
C ASN D 64 32.46 11.27 19.91
N PRO D 65 33.73 10.93 19.68
CA PRO D 65 34.08 9.56 19.29
C PRO D 65 33.96 8.57 20.44
N ASP D 66 34.06 7.31 20.07
CA ASP D 66 33.56 6.20 20.88
C ASP D 66 34.53 5.84 22.04
N ILE D 67 35.83 6.06 21.81
CA ILE D 67 36.85 5.92 22.86
C ILE D 67 36.47 6.76 24.09
N LEU D 68 35.78 7.89 23.87
CA LEU D 68 35.26 8.73 24.96
C LEU D 68 33.79 8.51 25.37
N VAL D 69 33.10 7.53 24.79
CA VAL D 69 31.72 7.18 25.17
C VAL D 69 31.66 6.44 26.50
N GLY D 70 30.78 6.87 27.40
CA GLY D 70 30.71 6.27 28.72
C GLY D 70 31.87 6.64 29.62
N GLU D 71 32.60 7.70 29.29
CA GLU D 71 33.71 8.15 30.14
C GLU D 71 33.26 8.42 31.59
N ASN D 72 34.17 8.23 32.55
CA ASN D 72 33.87 8.52 33.96
C ASN D 72 33.88 10.02 34.29
N ASP D 73 34.37 10.86 33.38
CA ASP D 73 34.42 12.28 33.62
C ASP D 73 33.83 13.02 32.43
N LEU D 74 32.78 13.78 32.70
CA LEU D 74 32.08 14.50 31.67
C LEU D 74 32.98 15.49 30.99
N THR D 75 34.07 15.86 31.66
CA THR D 75 35.01 16.87 31.16
C THR D 75 36.21 16.27 30.40
N ALA D 76 36.32 14.96 30.39
CA ALA D 76 37.22 14.22 29.47
C ALA D 76 36.75 14.26 28.02
N LEU D 77 35.48 14.57 27.82
CA LEU D 77 34.92 14.65 26.48
C LEU D 77 35.61 15.80 25.70
N SER D 78 35.93 15.54 24.44
CA SER D 78 36.56 16.55 23.62
C SER D 78 35.55 17.59 23.18
N TYR D 79 34.36 17.15 22.81
CA TYR D 79 33.27 18.05 22.44
C TYR D 79 32.41 18.12 23.69
N LEU D 80 32.31 19.29 24.31
CA LEU D 80 31.52 19.46 25.54
C LEU D 80 30.38 20.42 25.37
N HIS D 81 29.18 19.85 25.31
CA HIS D 81 28.01 20.61 24.99
C HIS D 81 26.89 19.80 25.58
N GLU D 82 25.65 20.28 25.44
CA GLU D 82 24.49 19.62 26.02
C GLU D 82 24.36 18.19 25.49
N PRO D 83 24.33 18.02 24.15
CA PRO D 83 24.15 16.70 23.58
C PRO D 83 25.22 15.71 24.03
N ALA D 84 26.47 16.12 24.07
CA ALA D 84 27.53 15.22 24.57
C ALA D 84 27.30 14.82 26.02
N VAL D 85 26.98 15.78 26.87
CA VAL D 85 26.80 15.50 28.31
C VAL D 85 25.57 14.68 28.52
N LEU D 86 24.56 14.93 27.71
CA LEU D 86 23.33 14.23 27.83
C LEU D 86 23.54 12.79 27.39
N HIS D 87 23.98 12.56 26.15
CA HIS D 87 24.18 11.20 25.64
C HIS D 87 25.05 10.37 26.59
N ASN D 88 26.25 10.88 26.84
CA ASN D 88 27.23 10.21 27.66
C ASN D 88 26.72 9.80 29.05
N LEU D 89 25.78 10.56 29.59
CA LEU D 89 25.08 10.17 30.84
C LEU D 89 24.04 9.07 30.60
N LYS D 90 23.26 9.17 29.54
CA LYS D 90 22.28 8.13 29.18
C LYS D 90 22.97 6.77 28.98
N VAL D 91 23.85 6.66 27.96
CA VAL D 91 24.57 5.43 27.68
C VAL D 91 25.09 4.82 28.94
N ARG D 92 25.52 5.60 29.91
CA ARG D 92 26.01 5.05 31.18
C ARG D 92 24.85 4.56 32.02
N PHE D 93 23.77 5.33 31.99
CA PHE D 93 22.57 5.04 32.76
C PHE D 93 21.82 3.87 32.18
N ILE D 94 21.31 4.05 30.96
CA ILE D 94 20.49 3.05 30.29
C ILE D 94 21.28 1.77 29.90
N ASP D 95 22.38 1.90 29.17
CA ASP D 95 23.14 0.72 28.70
C ASP D 95 23.98 -0.02 29.73
N SER D 96 24.42 0.59 30.83
CA SER D 96 25.37 -0.11 31.73
C SER D 96 25.12 0.00 33.24
N LYS D 97 23.97 0.58 33.62
CA LYS D 97 23.50 0.70 35.02
C LYS D 97 24.47 1.38 36.05
N LEU D 98 25.30 2.29 35.54
CA LEU D 98 26.12 3.16 36.40
C LEU D 98 25.42 4.52 36.65
N ILE D 99 24.94 4.74 37.86
CA ILE D 99 24.22 5.98 38.12
C ILE D 99 25.12 7.18 38.49
N TYR D 100 26.41 6.93 38.79
CA TYR D 100 27.37 7.98 39.15
C TYR D 100 28.33 8.39 38.01
N THR D 101 28.51 9.69 37.80
CA THR D 101 29.52 10.21 36.86
C THR D 101 30.20 11.40 37.53
N TYR D 102 31.33 11.85 37.01
CA TYR D 102 32.05 12.99 37.58
C TYR D 102 31.99 14.20 36.63
N CYS D 103 32.23 15.38 37.19
CA CYS D 103 32.25 16.63 36.44
C CYS D 103 33.26 17.59 37.07
N GLY D 104 34.53 17.32 36.74
CA GLY D 104 35.66 17.84 37.49
C GLY D 104 35.61 17.15 38.83
N ILE D 105 35.14 17.88 39.83
CA ILE D 105 35.10 17.40 41.20
C ILE D 105 33.67 17.14 41.68
N VAL D 106 32.72 17.28 40.78
CA VAL D 106 31.31 17.22 41.13
C VAL D 106 30.81 15.82 40.88
N LEU D 107 30.36 15.16 41.92
CA LEU D 107 29.73 13.89 41.72
C LEU D 107 28.27 14.09 41.29
N VAL D 108 27.91 13.50 40.14
CA VAL D 108 26.53 13.55 39.65
C VAL D 108 25.88 12.20 39.92
N ALA D 109 24.87 12.18 40.79
CA ALA D 109 24.05 11.02 41.04
C ALA D 109 22.73 11.10 40.25
N ILE D 110 22.43 10.07 39.47
CA ILE D 110 21.12 9.89 38.83
C ILE D 110 20.37 8.87 39.64
N ASN D 111 19.04 8.99 39.75
CA ASN D 111 18.26 8.04 40.55
C ASN D 111 17.65 6.92 39.70
N PRO D 112 18.01 5.68 40.01
CA PRO D 112 17.57 4.52 39.24
C PRO D 112 16.21 3.97 39.67
N TYR D 113 15.83 4.14 40.94
CA TYR D 113 14.55 3.67 41.44
C TYR D 113 14.55 2.13 41.47
N GLU D 114 15.29 1.62 42.45
CA GLU D 114 15.84 0.27 42.45
C GLU D 114 16.92 0.28 43.55
N GLN D 115 16.92 -0.71 44.44
CA GLN D 115 17.86 -0.70 45.58
C GLN D 115 19.21 -1.34 45.23
N LEU D 116 19.66 -1.19 43.97
CA LEU D 116 21.05 -1.45 43.51
C LEU D 116 22.06 -1.76 44.62
N PRO D 117 22.56 -2.99 44.66
CA PRO D 117 23.54 -3.41 45.68
C PRO D 117 24.98 -3.01 45.35
N ILE D 118 25.30 -1.75 45.65
CA ILE D 118 26.62 -1.13 45.33
C ILE D 118 27.29 -0.46 46.57
N TYR D 119 26.58 -0.40 47.68
CA TYR D 119 27.07 0.24 48.92
C TYR D 119 27.57 -0.82 49.94
N GLY D 120 27.91 -1.99 49.41
CA GLY D 120 28.18 -3.17 50.21
C GLY D 120 29.47 -3.05 51.00
N GLU D 121 29.45 -3.58 52.22
CA GLU D 121 30.54 -3.41 53.21
C GLU D 121 31.98 -3.72 52.69
N ASP D 122 32.09 -4.44 51.57
CA ASP D 122 33.39 -4.74 50.93
C ASP D 122 33.83 -3.60 49.98
N ILE D 123 32.93 -3.20 49.08
CA ILE D 123 33.15 -2.03 48.18
C ILE D 123 33.71 -0.76 48.89
N ILE D 124 33.12 -0.44 50.03
CA ILE D 124 33.58 0.60 50.94
C ILE D 124 35.15 0.64 51.11
N ASN D 125 35.74 -0.45 51.60
CA ASN D 125 37.19 -0.50 51.88
C ASN D 125 38.06 -0.56 50.58
N ALA D 126 37.42 -0.98 49.48
CA ALA D 126 37.99 -0.84 48.14
C ALA D 126 38.29 0.61 47.71
N TYR D 127 37.72 1.62 48.40
CA TYR D 127 37.95 3.06 48.13
C TYR D 127 38.93 3.71 49.13
N SER D 128 38.86 3.25 50.38
CA SER D 128 39.72 3.73 51.45
C SER D 128 41.20 3.98 51.04
N GLY D 129 41.80 5.04 51.55
CA GLY D 129 43.23 5.28 51.44
C GLY D 129 43.74 5.73 50.07
N GLN D 130 42.90 5.60 49.03
CA GLN D 130 43.31 5.78 47.62
C GLN D 130 43.33 7.27 47.13
N ASN D 131 42.45 7.63 46.18
CA ASN D 131 42.35 9.00 45.62
C ASN D 131 41.03 9.23 44.87
N MET D 132 40.65 10.50 44.66
CA MET D 132 39.59 10.83 43.68
C MET D 132 40.20 10.55 42.30
N GLY D 133 39.41 10.05 41.35
CA GLY D 133 39.96 9.63 40.07
C GLY D 133 40.47 8.20 40.12
N ASP D 134 41.55 7.95 40.86
CA ASP D 134 42.07 6.59 41.07
C ASP D 134 40.96 5.53 41.21
N MET D 135 39.76 5.95 41.61
CA MET D 135 38.61 5.03 41.62
C MET D 135 37.42 5.52 40.77
N ASP D 136 36.69 4.56 40.21
CA ASP D 136 35.38 4.81 39.60
C ASP D 136 34.52 5.77 40.46
N PRO D 137 33.76 6.64 39.80
CA PRO D 137 32.85 7.54 40.52
C PRO D 137 31.86 6.79 41.43
N HIS D 138 31.73 7.28 42.66
CA HIS D 138 30.83 6.69 43.65
C HIS D 138 30.64 7.68 44.81
N ILE D 139 29.51 7.59 45.52
CA ILE D 139 29.26 8.45 46.68
C ILE D 139 30.35 8.27 47.71
N PHE D 140 30.91 7.05 47.84
CA PHE D 140 31.99 6.81 48.82
C PHE D 140 33.28 7.52 48.48
N ALA D 141 33.45 7.80 47.19
CA ALA D 141 34.65 8.45 46.70
C ALA D 141 34.72 9.89 47.17
N VAL D 142 33.57 10.53 47.37
CA VAL D 142 33.55 11.93 47.83
C VAL D 142 33.59 11.92 49.34
N ALA D 143 33.00 10.89 49.95
CA ALA D 143 33.14 10.69 51.40
C ALA D 143 34.61 10.54 51.77
N GLU D 144 35.29 9.65 51.05
CA GLU D 144 36.70 9.35 51.30
C GLU D 144 37.54 10.62 51.29
N GLU D 145 37.45 11.39 50.21
CA GLU D 145 38.22 12.63 50.05
C GLU D 145 37.98 13.62 51.21
N ALA D 146 36.72 13.73 51.63
CA ALA D 146 36.32 14.55 52.79
C ALA D 146 37.07 14.13 54.07
N TYR D 147 36.99 12.83 54.37
CA TYR D 147 37.58 12.24 55.57
C TYR D 147 39.11 12.29 55.55
N LYS D 148 39.68 12.16 54.36
CA LYS D 148 41.12 12.15 54.17
C LYS D 148 41.65 13.54 54.21
N GLN D 149 40.78 14.53 53.98
CA GLN D 149 41.19 15.94 54.02
C GLN D 149 41.05 16.52 55.43
N MET D 150 40.07 15.98 56.18
CA MET D 150 39.80 16.37 57.58
C MET D 150 41.00 16.20 58.49
N ALA D 151 41.62 15.02 58.35
CA ALA D 151 42.89 14.66 58.99
C ALA D 151 44.11 15.43 58.42
N ARG D 152 44.43 15.23 57.14
CA ARG D 152 45.70 15.70 56.55
C ARG D 152 45.83 17.22 56.29
N ASP D 153 44.72 17.95 56.28
CA ASP D 153 44.77 19.43 56.15
C ASP D 153 44.32 20.15 57.44
N GLU D 154 43.79 19.40 58.42
CA GLU D 154 43.30 19.94 59.72
C GLU D 154 42.18 20.96 59.54
N ARG D 155 41.23 20.59 58.68
CA ARG D 155 40.18 21.46 58.19
C ARG D 155 38.87 20.72 58.29
N ASN D 156 37.87 21.38 58.84
CA ASN D 156 36.50 20.87 58.79
C ASN D 156 36.05 20.71 57.34
N GLN D 157 35.04 19.89 57.11
CA GLN D 157 34.54 19.71 55.73
C GLN D 157 33.01 19.68 55.67
N SER D 158 32.46 20.24 54.61
CA SER D 158 31.04 20.11 54.31
C SER D 158 30.88 19.53 52.94
N ILE D 159 29.82 18.75 52.78
CA ILE D 159 29.46 18.17 51.53
C ILE D 159 28.08 18.71 51.19
N ILE D 160 28.05 19.55 50.17
CA ILE D 160 26.87 20.21 49.68
C ILE D 160 26.15 19.25 48.74
N VAL D 161 24.94 18.80 49.10
CA VAL D 161 24.16 17.90 48.25
C VAL D 161 22.91 18.61 47.65
N SER D 162 23.10 19.17 46.44
CA SER D 162 22.04 19.88 45.76
C SER D 162 21.27 18.92 44.88
N GLY D 163 20.03 19.26 44.62
CA GLY D 163 19.22 18.42 43.80
C GLY D 163 17.78 18.80 43.98
N GLU D 164 16.87 17.89 43.64
CA GLU D 164 15.47 18.21 43.55
C GLU D 164 14.65 17.33 44.50
N SER D 165 15.13 17.19 45.74
CA SER D 165 14.36 16.52 46.81
C SER D 165 13.46 15.42 46.18
N GLY D 166 14.00 14.20 46.05
CA GLY D 166 13.40 13.16 45.22
C GLY D 166 14.38 12.62 44.18
N ALA D 167 15.58 13.20 44.17
CA ALA D 167 16.66 12.78 43.27
C ALA D 167 17.78 12.01 44.02
N GLY D 168 17.41 11.37 45.13
CA GLY D 168 18.32 10.54 45.90
C GLY D 168 19.16 11.39 46.83
N LYS D 169 18.56 12.43 47.40
CA LYS D 169 19.26 13.29 48.35
C LYS D 169 19.54 12.52 49.63
N THR D 170 18.51 11.92 50.23
CA THR D 170 18.65 11.20 51.49
C THR D 170 19.45 9.89 51.33
N VAL D 171 19.28 9.24 50.18
CA VAL D 171 20.06 8.07 49.78
C VAL D 171 21.56 8.41 49.92
N SER D 172 21.99 9.39 49.13
CA SER D 172 23.36 9.93 49.21
C SER D 172 23.74 10.43 50.62
N ALA D 173 22.74 10.56 51.49
CA ALA D 173 22.96 10.96 52.89
C ALA D 173 23.17 9.79 53.82
N LYS D 174 22.49 8.66 53.57
CA LYS D 174 22.72 7.43 54.36
C LYS D 174 24.17 6.97 54.20
N TYR D 175 24.51 6.54 53.00
CA TYR D 175 25.75 5.80 52.76
C TYR D 175 27.00 6.67 52.82
N ALA D 176 26.84 7.98 52.88
CA ALA D 176 27.97 8.89 53.13
C ALA D 176 28.37 8.84 54.58
N MET D 177 27.41 8.49 55.42
CA MET D 177 27.65 8.38 56.87
C MET D 177 28.06 6.97 57.28
N ARG D 178 27.45 5.94 56.65
CA ARG D 178 27.81 4.53 56.89
C ARG D 178 29.24 4.28 56.46
N TYR D 179 29.80 5.22 55.71
CA TYR D 179 31.19 5.15 55.33
C TYR D 179 32.08 5.85 56.39
N PHE D 180 31.64 6.99 56.93
CA PHE D 180 32.43 7.70 57.95
C PHE D 180 32.49 6.90 59.27
N ALA D 181 31.58 5.95 59.43
CA ALA D 181 31.49 5.19 60.67
C ALA D 181 32.53 4.06 60.61
N THR D 182 32.33 3.21 59.59
CA THR D 182 33.21 2.12 59.25
C THR D 182 34.70 2.37 59.51
N VAL D 183 35.25 3.38 58.84
CA VAL D 183 36.70 3.65 58.92
C VAL D 183 37.11 4.40 60.19
N SER D 184 36.45 4.17 61.33
CA SER D 184 36.61 5.03 62.52
C SER D 184 36.48 4.40 63.95
N GLY D 185 35.35 3.78 64.28
CA GLY D 185 35.12 3.33 65.66
C GLY D 185 33.70 2.94 66.07
N SER D 186 33.14 3.68 67.05
CA SER D 186 32.02 3.26 67.94
C SER D 186 30.87 2.32 67.41
N ALA D 187 29.73 2.30 68.11
CA ALA D 187 28.57 1.52 67.67
C ALA D 187 27.27 1.98 68.34
N ASN D 191 23.53 4.35 67.04
CA ASN D 191 24.79 4.62 66.34
C ASN D 191 25.02 6.15 66.23
N VAL D 192 25.33 6.59 65.01
CA VAL D 192 25.62 7.99 64.68
C VAL D 192 24.98 8.32 63.30
N GLU D 193 24.37 7.32 62.69
CA GLU D 193 23.65 7.42 61.41
C GLU D 193 22.24 6.85 61.52
N GLU D 194 22.05 5.95 62.48
CA GLU D 194 20.75 5.35 62.79
C GLU D 194 19.79 6.43 63.32
N LYS D 195 20.23 7.11 64.40
CA LYS D 195 19.50 8.18 65.07
C LYS D 195 19.13 9.37 64.14
N VAL D 196 20.03 9.71 63.22
CA VAL D 196 19.83 10.82 62.27
C VAL D 196 18.71 10.58 61.29
N LEU D 197 18.74 9.40 60.66
CA LEU D 197 17.81 9.07 59.58
C LEU D 197 16.54 8.49 60.16
N ALA D 198 16.52 8.31 61.49
CA ALA D 198 15.31 7.99 62.24
C ALA D 198 14.47 9.27 62.42
N SER D 199 15.16 10.39 62.71
CA SER D 199 14.61 11.77 62.75
C SER D 199 14.21 12.36 61.40
N ASN D 200 14.39 11.61 60.33
CA ASN D 200 14.08 12.12 59.00
C ASN D 200 12.60 12.41 58.68
N PRO D 201 11.63 11.81 59.36
CA PRO D 201 10.22 12.16 59.14
C PRO D 201 9.69 13.34 59.99
N ILE D 202 10.29 13.61 61.15
CA ILE D 202 10.03 14.83 61.92
C ILE D 202 10.32 16.05 61.03
N MET D 203 11.60 16.21 60.69
CA MET D 203 12.08 17.30 59.86
C MET D 203 11.38 17.36 58.51
N GLU D 204 11.06 16.22 57.95
CA GLU D 204 10.42 16.19 56.66
C GLU D 204 9.01 16.79 56.75
N SER D 205 8.36 16.65 57.92
CA SER D 205 6.97 17.06 58.07
C SER D 205 6.80 18.57 58.31
N ILE D 206 7.69 19.12 59.13
CA ILE D 206 7.64 20.52 59.52
C ILE D 206 8.57 21.37 58.63
N GLY D 207 9.08 20.78 57.55
CA GLY D 207 10.05 21.45 56.68
C GLY D 207 9.87 21.20 55.20
N ASN D 208 9.16 20.13 54.82
CA ASN D 208 8.88 19.78 53.41
C ASN D 208 7.39 19.99 53.06
N ALA D 209 7.08 20.16 51.76
CA ALA D 209 5.71 20.45 51.28
C ALA D 209 5.51 20.16 49.78
N LYS D 210 4.28 19.79 49.40
CA LYS D 210 3.92 19.64 47.98
C LYS D 210 4.03 20.96 47.25
N THR D 211 4.80 20.98 46.17
CA THR D 211 4.87 22.12 45.25
C THR D 211 4.00 21.84 44.01
N THR D 212 4.01 22.75 43.03
CA THR D 212 3.49 22.43 41.69
C THR D 212 4.40 21.42 40.92
N ARG D 213 5.62 21.15 41.42
CA ARG D 213 6.59 20.28 40.72
C ARG D 213 7.25 19.30 41.67
N ASN D 214 6.45 18.71 42.56
CA ASN D 214 6.90 17.83 43.64
C ASN D 214 5.74 17.53 44.60
N ASP D 215 5.88 16.48 45.41
CA ASP D 215 4.89 16.13 46.44
C ASP D 215 5.54 15.94 47.80
N ASN D 216 6.82 16.36 47.92
CA ASN D 216 7.59 16.33 49.18
C ASN D 216 8.90 17.15 49.05
N SER D 217 8.76 18.46 48.85
CA SER D 217 9.91 19.37 48.65
C SER D 217 10.51 19.94 49.93
N SER D 218 11.84 20.05 49.96
CA SER D 218 12.53 20.68 51.09
C SER D 218 12.61 22.19 50.92
N ARG D 219 11.81 22.89 51.71
CA ARG D 219 11.75 24.36 51.67
C ARG D 219 12.76 25.02 52.63
N PHE D 220 13.76 24.24 53.05
CA PHE D 220 14.86 24.72 53.86
C PHE D 220 16.15 23.97 53.54
N GLY D 221 17.23 24.40 54.19
CA GLY D 221 18.51 23.73 54.18
C GLY D 221 18.72 23.05 55.53
N LYS D 222 19.19 21.80 55.50
CA LYS D 222 19.45 21.00 56.70
C LYS D 222 20.91 20.65 56.78
N TYR D 223 21.67 21.25 57.68
CA TYR D 223 23.10 21.01 57.77
C TYR D 223 23.48 20.16 58.95
N ILE D 224 23.54 18.84 58.77
CA ILE D 224 23.99 17.91 59.83
C ILE D 224 25.51 17.85 59.99
N GLU D 225 25.97 18.40 61.10
CA GLU D 225 27.37 18.40 61.55
C GLU D 225 27.70 17.05 62.22
N ILE D 226 28.19 16.11 61.43
CA ILE D 226 28.72 14.87 61.98
C ILE D 226 30.08 15.20 62.59
N GLY D 227 30.21 14.99 63.90
CA GLY D 227 31.38 15.49 64.62
C GLY D 227 32.41 14.42 64.97
N PHE D 228 33.59 14.87 65.41
CA PHE D 228 34.73 13.98 65.67
C PHE D 228 35.63 14.35 66.89
N ASP D 229 36.35 13.35 67.39
CA ASP D 229 37.31 13.49 68.52
C ASP D 229 38.72 13.86 68.01
N LYS D 230 39.73 13.87 68.90
CA LYS D 230 41.13 14.16 68.52
C LYS D 230 41.80 13.06 67.69
N ARG D 231 41.23 11.85 67.73
CA ARG D 231 41.62 10.77 66.82
C ARG D 231 40.46 10.41 65.85
N TYR D 232 39.89 11.45 65.25
CA TYR D 232 39.07 11.39 64.03
C TYR D 232 38.10 10.21 63.93
N ARG D 233 37.24 10.09 64.94
CA ARG D 233 36.27 8.98 65.08
C ARG D 233 34.86 9.54 65.37
N ILE D 234 33.84 8.84 64.86
CA ILE D 234 32.47 9.36 64.81
C ILE D 234 31.77 9.34 66.19
N ILE D 235 31.68 10.54 66.81
CA ILE D 235 31.13 10.72 68.18
C ILE D 235 29.67 11.26 68.26
N GLY D 236 29.34 12.25 67.43
CA GLY D 236 28.07 12.98 67.56
C GLY D 236 27.46 13.47 66.26
N ALA D 237 26.61 14.50 66.37
CA ALA D 237 25.94 15.14 65.22
C ALA D 237 25.02 16.26 65.70
N ASN D 238 25.33 17.51 65.32
CA ASN D 238 24.51 18.68 65.66
C ASN D 238 23.82 19.21 64.40
N MET D 239 22.49 19.23 64.39
CA MET D 239 21.75 19.76 63.25
C MET D 239 21.58 21.30 63.30
N ARG D 240 21.72 21.95 62.14
CA ARG D 240 21.40 23.37 61.95
C ARG D 240 20.41 23.55 60.79
N THR D 241 19.37 24.35 60.98
CA THR D 241 18.42 24.66 59.91
C THR D 241 18.50 26.11 59.43
N TYR D 242 18.56 26.28 58.11
CA TYR D 242 18.62 27.58 57.51
C TYR D 242 17.55 27.76 56.41
N LEU D 243 17.46 28.98 55.89
CA LEU D 243 16.60 29.34 54.76
C LEU D 243 15.17 28.80 54.80
N LEU D 244 14.55 28.74 55.99
CA LEU D 244 13.18 28.24 56.12
C LEU D 244 12.13 29.13 55.43
N GLU D 245 11.15 28.50 54.75
CA GLU D 245 10.07 29.26 54.07
C GLU D 245 8.84 29.54 54.94
N LYS D 246 8.85 30.72 55.55
CA LYS D 246 7.78 31.24 56.40
C LYS D 246 6.54 31.63 55.53
N SER D 247 6.82 32.27 54.37
CA SER D 247 5.81 32.57 53.34
C SER D 247 4.79 31.48 53.20
N ARG D 248 5.25 30.26 52.91
CA ARG D 248 4.36 29.08 52.83
C ARG D 248 3.32 28.96 53.96
N VAL D 249 3.75 29.15 55.20
CA VAL D 249 2.92 28.88 56.41
C VAL D 249 1.50 29.51 56.36
N VAL D 250 1.34 30.57 55.54
CA VAL D 250 0.03 31.24 55.32
C VAL D 250 -0.40 31.43 53.82
N PHE D 251 0.52 31.25 52.86
CA PHE D 251 0.22 31.38 51.41
C PHE D 251 0.65 30.15 50.61
N GLN D 252 -0.34 29.50 50.02
CA GLN D 252 -0.14 28.53 48.95
C GLN D 252 -0.59 29.24 47.68
N ALA D 253 -0.31 28.61 46.54
CA ALA D 253 -0.83 29.08 45.25
C ALA D 253 -1.62 27.96 44.60
N GLU D 254 -2.22 28.29 43.46
CA GLU D 254 -2.81 27.31 42.53
C GLU D 254 -2.11 25.92 42.59
N GLU D 255 -2.83 24.91 43.09
CA GLU D 255 -2.35 23.51 43.24
C GLU D 255 -1.34 23.17 44.39
N GLU D 256 -0.67 24.17 44.97
CA GLU D 256 0.36 23.95 46.05
C GLU D 256 -0.18 23.68 47.49
N ARG D 257 0.71 23.59 48.47
CA ARG D 257 0.31 23.18 49.81
C ARG D 257 1.29 23.58 50.92
N ASN D 258 0.77 23.66 52.14
CA ASN D 258 1.57 23.97 53.34
C ASN D 258 2.34 22.73 53.78
N TYR D 259 3.38 22.97 54.57
CA TYR D 259 4.11 21.92 55.28
C TYR D 259 3.21 20.80 55.81
N HIS D 260 3.78 19.59 55.89
CA HIS D 260 3.02 18.36 56.10
C HIS D 260 2.31 18.26 57.46
N ILE D 261 3.00 18.45 58.60
CA ILE D 261 2.35 18.24 59.90
C ILE D 261 0.93 18.86 59.91
N PHE D 262 0.74 19.96 59.18
CA PHE D 262 -0.59 20.60 59.02
C PHE D 262 -1.72 19.75 58.39
N TYR D 263 -1.56 19.34 57.13
CA TYR D 263 -2.58 18.50 56.43
C TYR D 263 -2.63 17.10 56.99
N GLN D 264 -1.49 16.70 57.58
CA GLN D 264 -1.32 15.49 58.41
C GLN D 264 -2.15 15.51 59.69
N LEU D 265 -2.18 16.63 60.43
CA LEU D 265 -2.83 16.71 61.76
C LEU D 265 -4.35 16.84 61.59
N CYS D 266 -4.72 17.62 60.58
CA CYS D 266 -6.08 17.70 60.10
C CYS D 266 -6.39 16.53 59.19
N ALA D 267 -5.66 15.43 59.40
CA ALA D 267 -5.99 14.11 58.87
C ALA D 267 -6.31 13.14 60.01
N SER D 268 -5.64 13.31 61.15
CA SER D 268 -5.99 12.61 62.38
C SER D 268 -6.76 13.60 63.27
N ALA D 269 -8.07 13.71 63.01
CA ALA D 269 -8.96 14.67 63.69
C ALA D 269 -9.83 13.98 64.72
N ALA D 270 -10.29 12.78 64.36
CA ALA D 270 -11.09 11.95 65.25
C ALA D 270 -10.21 11.02 66.12
N LEU D 271 -9.11 11.52 66.69
CA LEU D 271 -8.44 10.71 67.70
C LEU D 271 -9.10 10.98 69.07
N PRO D 272 -9.30 9.90 69.83
CA PRO D 272 -9.47 9.94 71.30
C PRO D 272 -8.31 10.53 72.17
N GLU D 273 -7.72 11.66 71.76
CA GLU D 273 -6.61 12.32 72.50
C GLU D 273 -6.26 13.70 71.91
N PHE D 274 -6.55 13.90 70.62
CA PHE D 274 -6.48 15.22 69.98
C PHE D 274 -7.89 15.85 70.07
N LYS D 275 -8.55 15.62 71.21
CA LYS D 275 -10.01 15.71 71.27
C LYS D 275 -10.47 17.16 71.32
N THR D 276 -9.86 17.94 72.22
CA THR D 276 -10.16 19.38 72.44
C THR D 276 -9.97 20.19 71.15
N LEU D 277 -8.84 19.92 70.49
CA LEU D 277 -8.39 20.62 69.28
C LEU D 277 -9.48 20.73 68.20
N ARG D 278 -10.31 19.69 68.11
CA ARG D 278 -11.41 19.58 67.12
C ARG D 278 -11.08 20.19 65.76
N LEU D 279 -10.21 19.50 65.02
CA LEU D 279 -9.65 20.03 63.79
C LEU D 279 -10.47 19.55 62.58
N GLY D 280 -10.47 20.34 61.51
CA GLY D 280 -11.16 19.97 60.29
C GLY D 280 -10.19 19.71 59.17
N ASN D 281 -10.71 19.50 57.96
CA ASN D 281 -9.84 19.26 56.82
C ASN D 281 -9.19 20.53 56.23
N ALA D 282 -8.16 20.32 55.42
CA ALA D 282 -7.62 21.32 54.49
C ALA D 282 -8.54 22.49 54.05
N ASN D 283 -9.67 22.15 53.40
CA ASN D 283 -10.59 23.13 52.74
C ASN D 283 -11.29 24.11 53.70
N TYR D 284 -11.35 23.73 54.98
CA TYR D 284 -12.03 24.46 56.06
C TYR D 284 -11.15 25.57 56.67
N PHE D 285 -9.83 25.41 56.59
CA PHE D 285 -8.87 26.33 57.22
C PHE D 285 -8.17 27.24 56.22
N HIS D 286 -7.87 28.47 56.64
CA HIS D 286 -7.36 29.50 55.71
C HIS D 286 -5.90 29.27 55.27
N TYR D 287 -5.12 28.64 56.15
CA TYR D 287 -3.67 28.47 55.95
C TYR D 287 -3.30 27.10 55.29
N THR D 288 -4.31 26.41 54.76
CA THR D 288 -4.18 25.04 54.28
C THR D 288 -5.20 24.74 53.18
N LYS D 289 -5.51 25.73 52.34
CA LYS D 289 -6.58 25.58 51.37
C LYS D 289 -6.47 26.46 50.16
N GLN D 290 -5.58 27.44 50.16
CA GLN D 290 -5.53 28.40 49.03
C GLN D 290 -5.21 27.74 47.66
N GLY D 291 -4.24 26.82 47.65
CA GLY D 291 -3.97 26.00 46.49
C GLY D 291 -5.09 25.01 46.28
N GLY D 292 -5.57 24.42 47.39
CA GLY D 292 -6.62 23.40 47.38
C GLY D 292 -6.07 22.08 46.88
N SER D 293 -5.40 21.34 47.76
CA SER D 293 -4.82 20.04 47.41
C SER D 293 -4.84 19.07 48.61
N PRO D 294 -5.96 18.98 49.33
CA PRO D 294 -6.01 18.16 50.56
C PRO D 294 -5.35 16.78 50.46
N VAL D 295 -5.45 16.15 49.29
CA VAL D 295 -4.79 14.86 49.04
C VAL D 295 -3.55 15.03 48.12
N ILE D 296 -2.51 14.22 48.38
CA ILE D 296 -1.41 13.97 47.43
C ILE D 296 -1.52 12.50 46.99
N ASP D 297 -2.01 12.27 45.76
CA ASP D 297 -2.12 10.90 45.18
C ASP D 297 -0.76 10.17 45.24
N GLY D 298 -0.49 9.48 46.34
CA GLY D 298 0.86 9.01 46.61
C GLY D 298 1.15 8.57 48.03
N ILE D 299 0.99 9.49 48.98
CA ILE D 299 1.18 9.17 50.41
C ILE D 299 -0.16 9.23 51.16
N ASP D 300 -0.22 8.56 52.31
CA ASP D 300 -1.44 8.52 53.12
C ASP D 300 -1.34 9.58 54.21
N ASP D 301 -2.25 10.56 54.12
CA ASP D 301 -2.34 11.67 55.09
C ASP D 301 -2.40 11.06 56.50
N ALA D 302 -3.37 10.15 56.65
CA ALA D 302 -3.79 9.62 57.96
C ALA D 302 -2.68 8.89 58.69
N LYS D 303 -2.00 7.98 57.98
CA LYS D 303 -0.99 7.10 58.58
C LYS D 303 0.30 7.84 58.83
N GLU D 304 0.62 8.80 57.97
CA GLU D 304 1.90 9.55 58.05
C GLU D 304 2.15 10.17 59.45
N MET D 305 1.08 10.61 60.12
CA MET D 305 1.17 11.04 61.52
C MET D 305 1.93 9.97 62.24
N VAL D 306 1.36 8.76 62.23
CA VAL D 306 1.88 7.60 62.93
C VAL D 306 3.42 7.62 63.03
N ASN D 307 4.11 7.74 61.89
CA ASN D 307 5.57 7.64 61.85
C ASN D 307 6.25 8.93 62.34
N THR D 308 5.66 10.07 61.99
CA THR D 308 6.11 11.36 62.49
C THR D 308 6.17 11.38 64.03
N ARG D 309 5.06 10.97 64.65
CA ARG D 309 4.99 10.76 66.10
C ARG D 309 6.06 9.77 66.56
N GLN D 310 6.11 8.64 65.84
CA GLN D 310 7.02 7.54 66.18
C GLN D 310 8.44 8.00 66.47
N ALA D 311 9.03 8.69 65.50
CA ALA D 311 10.44 9.08 65.53
C ALA D 311 10.79 10.08 66.63
N CYS D 312 9.83 10.94 66.97
CA CYS D 312 9.98 11.93 68.07
C CYS D 312 10.18 11.19 69.36
N THR D 313 9.31 10.17 69.54
CA THR D 313 9.26 9.30 70.72
C THR D 313 10.61 8.58 70.91
N LEU D 314 11.21 8.15 69.79
CA LEU D 314 12.52 7.49 69.76
C LEU D 314 13.70 8.47 69.81
N LEU D 315 13.40 9.75 70.09
CA LEU D 315 14.41 10.83 70.04
C LEU D 315 14.56 11.70 71.29
N GLY D 316 13.61 11.60 72.22
CA GLY D 316 13.71 12.30 73.49
C GLY D 316 12.47 13.13 73.73
N ILE D 317 11.87 13.60 72.64
CA ILE D 317 10.61 14.34 72.73
C ILE D 317 9.52 13.34 73.12
N SER D 318 8.77 13.68 74.18
CA SER D 318 7.92 12.74 74.94
C SER D 318 6.47 12.54 74.43
N ASP D 319 5.67 11.84 75.22
CA ASP D 319 4.21 11.78 75.06
C ASP D 319 3.60 13.10 75.57
N SER D 320 4.14 13.61 76.69
CA SER D 320 3.74 14.91 77.25
C SER D 320 4.01 16.08 76.26
N TYR D 321 5.30 16.30 75.94
CA TYR D 321 5.77 17.36 74.99
C TYR D 321 5.38 17.17 73.51
N GLN D 322 4.93 15.97 73.13
CA GLN D 322 4.34 15.76 71.81
C GLN D 322 2.98 16.45 71.75
N MET D 323 2.19 16.28 72.79
CA MET D 323 0.90 16.95 72.90
C MET D 323 1.06 18.48 72.94
N GLY D 324 2.12 18.96 73.58
CA GLY D 324 2.46 20.36 73.55
C GLY D 324 2.58 20.89 72.13
N ILE D 325 3.21 20.12 71.27
CA ILE D 325 3.50 20.54 69.89
C ILE D 325 2.27 20.55 68.98
N PHE D 326 1.29 19.71 69.28
CA PHE D 326 0.09 19.67 68.46
C PHE D 326 -0.99 20.57 69.05
N ARG D 327 -0.73 21.11 70.23
CA ARG D 327 -1.54 22.21 70.76
C ARG D 327 -1.17 23.42 69.93
N ILE D 328 0.13 23.65 69.77
CA ILE D 328 0.61 24.85 69.10
C ILE D 328 0.35 24.81 67.60
N LEU D 329 0.44 23.64 66.97
CA LEU D 329 0.18 23.57 65.52
C LEU D 329 -1.31 23.73 65.26
N ALA D 330 -2.14 23.32 66.22
CA ALA D 330 -3.58 23.61 66.16
C ALA D 330 -3.90 25.10 66.38
N GLY D 331 -3.10 25.79 67.18
CA GLY D 331 -3.27 27.22 67.45
C GLY D 331 -3.09 28.08 66.20
N ILE D 332 -2.09 27.72 65.39
CA ILE D 332 -1.80 28.39 64.10
C ILE D 332 -2.93 28.15 63.09
N LEU D 333 -3.60 27.01 63.25
CA LEU D 333 -4.68 26.61 62.38
C LEU D 333 -5.94 27.46 62.66
N HIS D 334 -6.28 27.65 63.93
CA HIS D 334 -7.49 28.41 64.27
C HIS D 334 -7.27 29.90 64.05
N LEU D 335 -6.10 30.37 64.48
CA LEU D 335 -5.70 31.75 64.30
C LEU D 335 -5.76 32.17 62.84
N GLY D 336 -5.41 31.26 61.93
CA GLY D 336 -5.49 31.55 60.51
C GLY D 336 -6.88 31.99 60.10
N ASN D 337 -7.89 31.59 60.88
CA ASN D 337 -9.29 31.83 60.56
C ASN D 337 -9.93 33.19 61.08
N VAL D 338 -9.64 33.63 62.31
CA VAL D 338 -10.31 34.82 62.87
C VAL D 338 -10.54 35.90 61.80
N GLU D 339 -11.80 36.15 61.47
CA GLU D 339 -12.13 37.11 60.43
C GLU D 339 -12.18 38.52 61.02
N PHE D 340 -11.93 39.52 60.17
CA PHE D 340 -11.97 40.93 60.57
C PHE D 340 -13.05 41.68 59.74
N ALA D 341 -13.49 42.84 60.27
CA ALA D 341 -14.50 43.71 59.64
C ALA D 341 -14.17 45.16 60.00
N SER D 342 -14.06 46.02 58.99
CA SER D 342 -13.70 47.44 59.19
C SER D 342 -14.73 48.18 60.05
N ARG D 343 -14.37 49.39 60.47
CA ARG D 343 -15.31 50.26 61.20
C ARG D 343 -15.04 51.74 60.89
N ASP D 344 -15.73 52.63 61.64
CA ASP D 344 -15.67 54.12 61.48
C ASP D 344 -14.21 54.68 61.44
N SER D 345 -13.64 54.60 60.22
CA SER D 345 -12.19 54.74 59.96
C SER D 345 -11.38 53.55 60.46
N ASP D 346 -10.86 52.75 59.51
CA ASP D 346 -9.69 51.92 59.73
C ASP D 346 -9.65 51.30 61.14
N SER D 347 -10.60 50.40 61.38
CA SER D 347 -10.72 49.78 62.70
C SER D 347 -11.59 48.52 62.67
N CYS D 348 -10.99 47.41 62.24
CA CYS D 348 -11.46 46.05 62.60
C CYS D 348 -12.00 45.98 64.05
N ALA D 349 -12.72 44.91 64.37
CA ALA D 349 -13.11 44.68 65.77
C ALA D 349 -13.50 43.22 66.08
N ILE D 350 -12.54 42.31 65.83
CA ILE D 350 -12.71 40.85 65.93
C ILE D 350 -14.16 40.40 66.13
N PRO D 351 -14.98 40.55 65.08
CA PRO D 351 -16.42 40.28 65.17
C PRO D 351 -16.88 39.35 66.33
N PRO D 352 -17.61 39.94 67.29
CA PRO D 352 -17.76 39.39 68.66
C PRO D 352 -18.07 37.91 68.77
N LYS D 353 -17.66 37.30 69.88
CA LYS D 353 -17.91 35.87 70.18
C LYS D 353 -17.39 34.87 69.10
N HIS D 354 -16.42 35.28 68.27
CA HIS D 354 -16.01 34.43 67.15
C HIS D 354 -15.32 33.19 67.69
N ASP D 355 -16.02 32.07 67.56
CA ASP D 355 -15.56 30.74 67.97
C ASP D 355 -14.04 30.54 67.73
N PRO D 356 -13.58 30.68 66.47
CA PRO D 356 -12.15 30.84 66.13
C PRO D 356 -11.37 31.91 66.90
N LEU D 357 -11.30 31.76 68.22
CA LEU D 357 -10.66 32.70 69.11
C LEU D 357 -10.80 32.14 70.52
N THR D 358 -12.03 31.80 70.91
CA THR D 358 -12.30 31.08 72.15
C THR D 358 -11.67 29.70 72.07
N ILE D 359 -11.71 29.10 70.89
CA ILE D 359 -11.03 27.83 70.62
C ILE D 359 -9.48 28.04 70.68
N PHE D 360 -9.01 29.15 70.07
CA PHE D 360 -7.58 29.52 70.08
C PHE D 360 -7.03 29.85 71.46
N CYS D 361 -7.91 30.39 72.31
CA CYS D 361 -7.52 30.88 73.63
C CYS D 361 -7.70 29.80 74.67
N ASP D 362 -8.73 28.96 74.46
CA ASP D 362 -8.83 27.66 75.16
C ASP D 362 -7.51 26.93 74.97
N LEU D 363 -7.06 26.85 73.70
CA LEU D 363 -5.87 26.06 73.32
C LEU D 363 -4.58 26.58 73.92
N MET D 364 -4.52 27.88 74.18
CA MET D 364 -3.27 28.53 74.59
C MET D 364 -3.19 29.04 76.05
N GLY D 365 -4.31 29.05 76.79
CA GLY D 365 -4.31 29.57 78.14
C GLY D 365 -4.05 31.09 78.17
N VAL D 366 -4.97 31.82 77.53
CA VAL D 366 -4.96 33.29 77.48
C VAL D 366 -6.41 33.79 77.45
N ASP D 367 -6.64 34.99 77.99
CA ASP D 367 -7.98 35.59 77.95
C ASP D 367 -8.47 35.82 76.53
N TYR D 368 -9.67 35.31 76.23
CA TYR D 368 -10.42 35.61 75.00
C TYR D 368 -10.44 37.11 74.72
N GLU D 369 -10.20 37.94 75.74
CA GLU D 369 -10.28 39.40 75.63
C GLU D 369 -8.93 40.12 75.51
N GLU D 370 -7.94 39.71 76.32
CA GLU D 370 -6.60 40.24 76.14
C GLU D 370 -6.16 40.04 74.68
N MET D 371 -6.27 38.80 74.18
CA MET D 371 -5.87 38.47 72.78
C MET D 371 -6.84 38.93 71.67
N ALA D 372 -8.10 39.23 72.03
CA ALA D 372 -9.06 39.78 71.05
C ALA D 372 -8.81 41.25 70.86
N HIS D 373 -8.36 41.90 71.94
CA HIS D 373 -8.02 43.31 71.85
C HIS D 373 -6.85 43.42 70.89
N TRP D 374 -5.67 42.94 71.29
CA TRP D 374 -4.42 43.25 70.57
C TRP D 374 -4.31 42.69 69.12
N LEU D 375 -5.24 41.79 68.79
CA LEU D 375 -5.43 41.30 67.43
C LEU D 375 -6.07 42.36 66.51
N CYS D 376 -6.21 43.59 67.03
CA CYS D 376 -7.09 44.63 66.47
C CYS D 376 -6.64 46.04 66.81
N HIS D 377 -5.80 46.20 67.83
CA HIS D 377 -5.10 47.46 68.04
C HIS D 377 -3.61 47.23 68.05
N ARG D 378 -2.85 48.31 68.10
CA ARG D 378 -1.41 48.24 68.24
C ARG D 378 -0.99 49.52 68.89
N LYS D 379 0.24 49.52 69.34
CA LYS D 379 0.82 50.70 69.94
C LYS D 379 1.91 51.22 69.04
N LEU D 380 1.95 52.56 68.99
CA LEU D 380 3.07 53.32 68.49
C LEU D 380 3.59 53.92 69.75
N ALA D 381 4.92 54.11 69.84
CA ALA D 381 5.53 54.57 71.07
C ALA D 381 6.60 55.63 70.77
N THR D 382 6.53 56.76 71.50
CA THR D 382 7.51 57.84 71.31
C THR D 382 8.60 57.67 72.36
N ALA D 383 9.61 58.53 72.27
CA ALA D 383 10.54 58.65 73.37
C ALA D 383 9.85 58.96 74.76
N THR D 384 8.88 59.90 74.80
CA THR D 384 8.22 60.31 76.07
C THR D 384 7.04 59.38 76.46
N GLU D 385 6.00 59.52 75.66
CA GLU D 385 4.70 58.90 75.84
C GLU D 385 4.53 57.73 74.87
N THR D 386 3.29 57.25 74.82
CA THR D 386 2.90 56.11 74.01
C THR D 386 1.34 56.21 73.67
N TYR D 387 0.77 55.50 72.65
CA TYR D 387 -0.71 55.50 72.32
C TYR D 387 -1.25 54.08 72.03
N ILE D 388 -2.58 53.91 72.02
CA ILE D 388 -3.21 52.65 71.59
C ILE D 388 -4.11 52.92 70.39
N LYS D 389 -3.52 53.01 69.19
CA LYS D 389 -4.26 53.37 67.96
C LYS D 389 -4.84 52.12 67.32
N PRO D 390 -6.08 52.13 66.87
CA PRO D 390 -6.63 50.94 66.21
C PRO D 390 -6.02 50.79 64.79
N ILE D 391 -6.26 49.66 64.14
CA ILE D 391 -5.59 49.34 62.88
C ILE D 391 -6.59 48.86 61.86
N SER D 392 -6.15 48.87 60.59
CA SER D 392 -7.03 48.60 59.44
C SER D 392 -7.20 47.11 59.13
N LYS D 393 -8.37 46.73 58.62
CA LYS D 393 -8.61 45.37 58.16
C LYS D 393 -7.41 44.70 57.47
N LEU D 394 -6.61 45.47 56.73
CA LEU D 394 -5.31 44.99 56.26
C LEU D 394 -4.42 44.83 57.50
N HIS D 395 -3.31 45.59 57.61
CA HIS D 395 -2.35 45.59 58.77
C HIS D 395 -2.57 44.55 59.87
N ALA D 396 -3.83 44.38 60.27
CA ALA D 396 -4.26 43.33 61.18
C ALA D 396 -3.98 41.95 60.63
N ILE D 397 -4.33 41.73 59.37
CA ILE D 397 -3.90 40.55 58.62
C ILE D 397 -2.36 40.50 58.54
N ASN D 398 -1.70 41.55 58.05
CA ASN D 398 -0.22 41.62 58.05
C ASN D 398 0.40 41.60 59.47
N ALA D 399 -0.46 41.30 60.45
CA ALA D 399 -0.05 41.13 61.85
C ALA D 399 -0.46 39.75 62.33
N ARG D 400 -1.66 39.32 62.00
CA ARG D 400 -2.12 38.04 62.48
C ARG D 400 -1.23 36.98 61.85
N ASP D 401 -1.02 37.13 60.56
CA ASP D 401 -0.21 36.22 59.79
C ASP D 401 1.20 36.20 60.37
N ALA D 402 1.87 37.34 60.50
CA ALA D 402 3.23 37.34 61.02
C ALA D 402 3.37 36.60 62.34
N LEU D 403 2.33 36.63 63.16
CA LEU D 403 2.31 35.88 64.42
C LEU D 403 2.25 34.33 64.18
N ALA D 404 1.46 33.92 63.22
CA ALA D 404 1.48 32.55 62.73
C ALA D 404 2.88 32.16 62.33
N LYS D 405 3.46 32.90 61.39
CA LYS D 405 4.82 32.63 60.95
C LYS D 405 5.88 32.77 62.06
N HIS D 406 5.49 33.33 63.21
CA HIS D 406 6.40 33.45 64.35
C HIS D 406 6.36 32.25 65.26
N ILE D 407 5.15 31.71 65.51
CA ILE D 407 5.03 30.54 66.39
C ILE D 407 5.69 29.39 65.64
N TYR D 408 5.13 29.03 64.50
CA TYR D 408 5.73 28.03 63.64
C TYR D 408 7.28 28.15 63.55
N ALA D 409 7.80 29.29 63.16
CA ALA D 409 9.24 29.43 63.09
C ALA D 409 9.94 29.03 64.42
N ASN D 410 9.33 29.34 65.58
CA ASN D 410 9.96 29.05 66.88
C ASN D 410 9.69 27.64 67.40
N LEU D 411 8.51 27.12 67.11
CA LEU D 411 8.18 25.73 67.35
C LEU D 411 9.09 24.80 66.54
N PHE D 412 9.44 25.24 65.34
CA PHE D 412 10.34 24.55 64.45
C PHE D 412 11.65 24.46 65.16
N ASN D 413 12.09 25.59 65.70
CA ASN D 413 13.41 25.75 66.31
C ASN D 413 13.47 25.04 67.64
N TRP D 414 12.30 24.77 68.20
CA TRP D 414 12.21 23.97 69.39
C TRP D 414 12.54 22.54 68.92
N ILE D 415 11.67 21.99 68.08
CA ILE D 415 11.81 20.63 67.61
C ILE D 415 13.21 20.31 67.14
N VAL D 416 13.94 21.29 66.64
CA VAL D 416 15.33 21.11 66.29
C VAL D 416 16.21 20.92 67.52
N ASP D 417 16.19 21.86 68.47
CA ASP D 417 17.05 21.73 69.64
C ASP D 417 16.78 20.47 70.48
N HIS D 418 15.51 20.06 70.60
CA HIS D 418 15.17 18.94 71.48
C HIS D 418 15.43 17.62 70.73
N VAL D 419 15.41 17.67 69.39
CA VAL D 419 15.92 16.59 68.56
C VAL D 419 17.43 16.63 68.58
N ASN D 420 18.02 17.75 68.98
CA ASN D 420 19.49 17.83 69.10
C ASN D 420 20.01 17.37 70.46
N LYS D 421 19.13 17.28 71.47
CA LYS D 421 19.52 16.88 72.84
C LYS D 421 19.62 15.36 73.00
N ALA D 422 19.98 14.70 71.90
CA ALA D 422 20.08 13.25 71.78
C ALA D 422 21.27 12.92 70.85
N LEU D 423 21.27 13.53 69.66
CA LEU D 423 22.43 13.50 68.76
C LEU D 423 23.70 14.22 69.34
N HIS D 424 23.57 14.97 70.44
CA HIS D 424 24.77 15.52 71.09
C HIS D 424 25.57 14.42 71.73
N SER D 425 26.89 14.51 71.56
CA SER D 425 27.83 13.73 72.36
C SER D 425 28.16 14.59 73.57
N THR D 426 28.83 13.97 74.54
CA THR D 426 29.30 14.67 75.73
C THR D 426 30.85 14.81 75.69
N VAL D 427 31.52 13.95 74.90
CA VAL D 427 32.90 14.17 74.48
C VAL D 427 33.06 15.56 73.87
N LYS D 428 34.27 16.13 73.95
CA LYS D 428 34.60 17.31 73.13
C LYS D 428 34.54 16.94 71.64
N GLN D 429 34.44 17.97 70.78
CA GLN D 429 34.57 17.80 69.33
C GLN D 429 35.91 18.42 68.89
N HIS D 430 36.70 17.70 68.08
CA HIS D 430 37.95 18.26 67.50
C HIS D 430 37.73 18.92 66.12
N SER D 431 36.70 18.44 65.40
CA SER D 431 36.50 18.79 63.98
C SER D 431 35.17 18.17 63.42
N PHE D 432 34.49 18.89 62.52
CA PHE D 432 33.24 18.38 61.92
C PHE D 432 33.37 18.16 60.41
N ILE D 433 32.61 17.17 59.95
CA ILE D 433 32.20 17.08 58.57
C ILE D 433 30.68 17.26 58.49
N GLY D 434 30.25 18.41 57.93
CA GLY D 434 28.85 18.72 57.70
C GLY D 434 28.28 18.21 56.37
N VAL D 435 27.01 17.85 56.39
CA VAL D 435 26.29 17.43 55.21
C VAL D 435 25.05 18.30 55.05
N LEU D 436 25.07 19.18 54.04
CA LEU D 436 23.98 20.11 53.74
C LEU D 436 23.00 19.52 52.74
N ASP D 437 21.71 19.52 53.08
CA ASP D 437 20.63 19.22 52.12
C ASP D 437 19.92 20.56 51.70
N ILE D 438 20.02 20.93 50.43
CA ILE D 438 19.68 22.28 49.99
C ILE D 438 19.04 22.24 48.61
N TYR D 439 18.21 23.23 48.34
CA TYR D 439 17.57 23.30 47.04
C TYR D 439 18.54 23.76 45.96
N GLY D 440 18.17 23.51 44.71
CA GLY D 440 18.96 23.95 43.58
C GLY D 440 18.24 25.11 42.96
N PHE D 441 18.79 25.68 41.89
CA PHE D 441 18.08 26.65 41.05
C PHE D 441 16.66 26.11 40.72
N GLU D 442 15.71 27.00 40.81
CA GLU D 442 14.32 26.71 40.65
C GLU D 442 13.81 27.79 39.69
N THR D 443 13.51 27.43 38.43
CA THR D 443 12.78 28.28 37.48
C THR D 443 11.46 27.61 37.13
N PHE D 444 10.36 28.33 37.29
CA PHE D 444 9.05 27.84 36.91
C PHE D 444 8.64 28.61 35.64
N GLU D 445 7.42 28.42 35.17
CA GLU D 445 6.89 29.36 34.17
C GLU D 445 6.61 30.71 34.88
N ILE D 446 6.06 30.61 36.09
CA ILE D 446 5.89 31.78 36.94
C ILE D 446 6.79 31.69 38.16
N ASN D 447 7.70 32.65 38.27
CA ASN D 447 8.58 32.76 39.43
C ASN D 447 8.20 33.94 40.25
N SER D 448 7.96 33.69 41.52
CA SER D 448 7.71 34.73 42.46
C SER D 448 8.83 34.81 43.49
N PHE D 449 8.50 35.30 44.67
CA PHE D 449 9.44 35.63 45.73
C PHE D 449 10.18 34.42 46.23
N GLU D 450 9.49 33.28 46.25
CA GLU D 450 9.99 32.07 46.90
C GLU D 450 11.12 31.59 46.05
N GLN D 451 10.89 31.55 44.75
CA GLN D 451 11.90 31.21 43.79
C GLN D 451 13.10 32.18 43.77
N PHE D 452 12.82 33.48 43.88
CA PHE D 452 13.88 34.51 44.02
C PHE D 452 14.88 34.20 45.17
N CYS D 453 14.34 33.79 46.31
CA CYS D 453 15.13 33.46 47.47
C CYS D 453 15.95 32.21 47.26
N ILE D 454 15.33 31.11 46.77
CA ILE D 454 16.06 29.86 46.50
C ILE D 454 17.29 30.24 45.68
N ASN D 455 17.07 31.04 44.61
CA ASN D 455 18.06 31.33 43.60
C ASN D 455 19.09 32.36 44.04
N TYR D 456 18.77 33.12 45.07
CA TYR D 456 19.71 34.03 45.68
C TYR D 456 20.68 33.18 46.47
N ALA D 457 20.12 32.20 47.18
CA ALA D 457 20.87 31.27 47.99
C ALA D 457 21.88 30.51 47.10
N ASN D 458 21.45 30.15 45.90
CA ASN D 458 22.31 29.45 45.00
C ASN D 458 23.40 30.33 44.45
N GLU D 459 23.19 31.62 44.32
CA GLU D 459 24.31 32.48 43.89
C GLU D 459 25.41 32.50 44.93
N LYS D 460 25.04 32.29 46.18
CA LYS D 460 25.98 32.30 47.29
C LYS D 460 26.75 31.01 47.31
N LEU D 461 26.04 29.90 47.23
CA LEU D 461 26.70 28.61 47.11
C LEU D 461 27.58 28.58 45.85
N GLN D 462 27.11 29.09 44.73
CA GLN D 462 27.87 28.98 43.47
C GLN D 462 29.11 29.80 43.51
N GLN D 463 29.10 30.85 44.30
CA GLN D 463 30.23 31.76 44.34
C GLN D 463 31.41 31.06 44.96
N GLN D 464 31.12 30.34 46.06
CA GLN D 464 32.14 29.63 46.82
C GLN D 464 32.71 28.52 45.91
N PHE D 465 31.85 27.63 45.46
CA PHE D 465 32.21 26.66 44.45
C PHE D 465 33.15 27.22 43.36
N ASN D 466 32.87 28.36 42.75
CA ASN D 466 33.68 28.79 41.63
C ASN D 466 35.04 29.26 42.10
N MET D 467 35.06 29.87 43.28
CA MET D 467 36.29 30.15 44.06
C MET D 467 37.13 28.90 44.31
N HIS D 468 36.47 27.86 44.80
CA HIS D 468 37.13 26.62 45.14
C HIS D 468 37.73 25.94 43.89
N VAL D 469 36.92 25.77 42.86
CA VAL D 469 37.36 25.23 41.59
C VAL D 469 38.52 26.06 41.02
N PHE D 470 38.54 27.37 41.24
CA PHE D 470 39.69 28.14 40.79
C PHE D 470 40.98 27.87 41.60
N LYS D 471 40.80 27.47 42.87
CA LYS D 471 41.93 27.19 43.76
C LYS D 471 42.53 25.83 43.38
N LEU D 472 41.71 24.78 43.36
CA LEU D 472 42.08 23.49 42.80
C LEU D 472 42.68 23.67 41.41
N GLU D 473 42.19 24.59 40.60
CA GLU D 473 42.71 24.57 39.27
C GLU D 473 44.10 25.18 39.31
N GLN D 474 44.27 26.31 39.98
CA GLN D 474 45.61 26.89 40.22
C GLN D 474 46.56 25.89 40.89
N GLU D 475 46.03 25.06 41.79
CA GLU D 475 46.82 24.10 42.55
C GLU D 475 47.36 23.08 41.57
N GLU D 476 46.50 22.64 40.65
CA GLU D 476 46.91 21.74 39.56
C GLU D 476 47.92 22.33 38.57
N TYR D 477 47.83 23.62 38.22
CA TYR D 477 48.78 24.21 37.23
C TYR D 477 50.21 24.20 37.80
N MET D 478 50.33 24.68 39.03
CA MET D 478 51.60 24.73 39.72
C MET D 478 52.16 23.28 39.80
N LYS D 479 51.33 22.34 40.23
CA LYS D 479 51.74 20.94 40.40
C LYS D 479 52.23 20.24 39.12
N GLU D 480 51.96 20.84 37.95
CA GLU D 480 52.42 20.30 36.65
C GLU D 480 53.08 21.37 35.76
N GLN D 481 53.61 22.44 36.35
CA GLN D 481 54.47 23.40 35.62
C GLN D 481 53.91 23.97 34.30
N ILE D 482 52.69 24.52 34.29
CA ILE D 482 52.10 25.04 33.06
C ILE D 482 51.48 26.46 33.20
N PRO D 483 51.54 27.28 32.13
CA PRO D 483 50.64 28.47 32.01
C PRO D 483 49.12 28.12 32.10
N ASP D 488 40.53 30.04 34.19
CA ASP D 488 39.64 31.19 33.98
C ASP D 488 38.67 31.33 35.12
N PHE D 489 38.56 32.54 35.69
CA PHE D 489 37.72 32.72 36.87
C PHE D 489 36.33 33.23 36.58
N TYR D 490 35.34 32.59 37.18
CA TYR D 490 33.93 32.95 37.00
C TYR D 490 33.38 33.65 38.27
N ASP D 491 32.99 34.89 38.10
CA ASP D 491 32.76 35.79 39.24
C ASP D 491 31.31 36.31 39.31
N ASN D 492 30.53 35.84 40.28
CA ASN D 492 29.15 36.27 40.37
C ASN D 492 28.82 37.28 41.45
N GLN D 493 29.80 38.08 41.83
CA GLN D 493 29.58 39.08 42.85
C GLN D 493 28.66 40.10 42.30
N PRO D 494 28.81 40.51 41.05
CA PRO D 494 27.88 41.51 40.52
C PRO D 494 26.39 41.10 40.68
N CYS D 495 26.10 39.84 40.41
CA CYS D 495 24.79 39.32 40.60
C CYS D 495 24.39 39.31 42.06
N ILE D 496 25.28 38.84 42.95
CA ILE D 496 24.97 38.91 44.38
C ILE D 496 24.79 40.39 44.84
N ASN D 497 25.59 41.31 44.38
CA ASN D 497 25.33 42.72 44.72
C ASN D 497 23.99 43.30 44.24
N LEU D 498 23.51 42.82 43.09
CA LEU D 498 22.29 43.32 42.52
C LEU D 498 21.15 42.79 43.38
N ILE D 499 21.32 41.58 43.90
CA ILE D 499 20.32 41.05 44.81
C ILE D 499 20.38 41.78 46.10
N GLU D 500 21.57 41.93 46.74
CA GLU D 500 21.69 42.23 48.23
C GLU D 500 22.39 43.53 48.75
N ALA D 501 23.19 44.17 47.90
CA ALA D 501 23.86 45.43 48.22
C ALA D 501 22.83 46.61 48.31
N LYS D 502 23.23 47.81 48.75
CA LYS D 502 22.25 48.88 48.90
C LYS D 502 21.72 49.24 47.53
N MET D 503 20.43 49.53 47.49
CA MET D 503 19.70 49.84 46.26
C MET D 503 19.54 48.64 45.33
N GLY D 504 19.90 47.45 45.80
CA GLY D 504 19.68 46.26 45.03
C GLY D 504 18.22 45.89 45.11
N VAL D 505 17.89 44.70 44.63
CA VAL D 505 16.53 44.23 44.54
C VAL D 505 15.85 44.07 45.88
N LEU D 506 16.48 43.45 46.87
CA LEU D 506 15.81 43.30 48.16
C LEU D 506 15.77 44.61 48.94
N ASP D 507 16.83 45.39 48.83
CA ASP D 507 16.85 46.65 49.51
C ASP D 507 15.69 47.53 49.08
N LEU D 508 15.56 47.70 47.74
CA LEU D 508 14.47 48.46 47.13
C LEU D 508 13.17 47.86 47.51
N LEU D 509 13.10 46.55 47.61
CA LEU D 509 11.86 45.92 48.08
C LEU D 509 11.53 46.33 49.49
N ASP D 510 12.45 46.14 50.43
CA ASP D 510 12.21 46.49 51.84
C ASP D 510 11.73 47.94 52.04
N GLU D 511 12.29 48.87 51.27
CA GLU D 511 11.89 50.25 51.40
C GLU D 511 10.49 50.51 50.87
N GLU D 512 10.04 49.76 49.90
CA GLU D 512 8.75 50.04 49.33
C GLU D 512 7.70 49.51 50.27
N CYS D 513 8.11 48.62 51.16
CA CYS D 513 7.19 48.09 52.15
C CYS D 513 6.97 49.08 53.28
N LYS D 514 7.96 49.92 53.51
CA LYS D 514 7.80 51.05 54.41
C LYS D 514 6.81 52.08 53.78
N MET D 515 6.98 52.45 52.51
CA MET D 515 6.09 53.43 51.84
C MET D 515 4.63 52.91 51.76
N PRO D 516 3.66 53.60 52.37
CA PRO D 516 2.30 53.00 52.53
C PRO D 516 1.38 53.03 51.28
N LYS D 517 1.59 53.93 50.33
CA LYS D 517 1.01 53.74 48.99
C LYS D 517 1.96 52.87 48.11
N GLY D 518 2.90 52.17 48.73
CA GLY D 518 3.82 51.33 47.98
C GLY D 518 3.17 50.06 47.47
N SER D 519 3.25 49.79 46.18
CA SER D 519 2.81 48.52 45.66
C SER D 519 3.92 47.75 44.90
N ASP D 520 3.63 46.49 44.61
CA ASP D 520 4.30 45.75 43.51
C ASP D 520 4.65 46.58 42.25
N ASP D 521 3.72 47.46 41.82
CA ASP D 521 3.92 48.26 40.60
C ASP D 521 4.78 49.51 40.79
N THR D 522 4.75 50.12 41.97
CA THR D 522 5.68 51.23 42.20
C THR D 522 7.09 50.68 42.39
N TRP D 523 7.16 49.45 42.97
CA TRP D 523 8.43 48.69 43.15
C TRP D 523 9.16 48.39 41.85
N ALA D 524 8.45 47.81 40.92
CA ALA D 524 8.97 47.50 39.62
C ALA D 524 9.56 48.72 39.03
N GLN D 525 8.82 49.79 39.10
CA GLN D 525 9.28 51.07 38.53
C GLN D 525 10.55 51.57 39.19
N LYS D 526 10.71 51.30 40.49
CA LYS D 526 11.98 51.59 41.21
C LYS D 526 13.12 50.74 40.71
N LEU D 527 12.92 49.43 40.60
CA LEU D 527 13.94 48.55 40.04
C LEU D 527 14.33 48.97 38.65
N TYR D 528 13.42 49.34 37.77
CA TYR D 528 13.86 49.90 36.49
C TYR D 528 14.62 51.22 36.59
N ASN D 529 14.11 52.21 37.33
CA ASN D 529 14.83 53.50 37.39
C ASN D 529 16.27 53.28 37.88
N THR D 530 16.42 52.32 38.77
CA THR D 530 17.67 52.10 39.42
C THR D 530 18.52 51.20 38.57
N HIS D 531 18.03 50.03 38.13
CA HIS D 531 18.93 49.13 37.44
C HIS D 531 18.78 48.93 35.95
N LEU D 532 17.71 49.38 35.33
CA LEU D 532 17.52 49.06 33.93
C LEU D 532 18.48 49.82 33.05
N ASN D 533 19.17 49.12 32.17
CA ASN D 533 20.23 49.67 31.35
C ASN D 533 21.42 50.24 32.12
N LYS D 534 21.57 49.85 33.37
CA LYS D 534 22.66 50.33 34.18
C LYS D 534 23.46 49.13 34.58
N CYS D 535 22.77 48.11 35.08
CA CYS D 535 23.40 46.82 35.40
C CYS D 535 23.08 45.78 34.32
N ALA D 536 24.09 45.25 33.66
CA ALA D 536 23.87 44.25 32.59
C ALA D 536 23.24 42.87 33.01
N LEU D 537 23.19 42.56 34.30
CA LEU D 537 22.55 41.32 34.76
C LEU D 537 21.06 41.54 35.10
N PHE D 538 20.61 42.78 34.93
CA PHE D 538 19.22 43.17 35.11
C PHE D 538 18.54 43.52 33.76
N GLU D 539 17.45 42.82 33.42
CA GLU D 539 16.71 43.11 32.17
C GLU D 539 15.22 43.21 32.43
N LYS D 540 14.53 43.85 31.50
CA LYS D 540 13.07 43.89 31.58
C LYS D 540 12.53 43.07 30.44
N PRO D 541 11.45 42.36 30.62
CA PRO D 541 10.72 41.81 29.47
C PRO D 541 10.30 42.88 28.52
N ARG D 542 10.24 42.53 27.27
CA ARG D 542 9.95 43.48 26.23
C ARG D 542 8.52 44.00 26.33
N LEU D 543 7.62 43.21 26.92
CA LEU D 543 6.19 43.41 26.90
C LEU D 543 5.55 43.30 28.26
N SER D 544 6.29 43.58 29.31
CA SER D 544 5.72 43.68 30.62
C SER D 544 6.36 44.78 31.48
N ASN D 545 5.56 45.22 32.43
CA ASN D 545 5.82 46.30 33.33
C ASN D 545 5.95 45.81 34.78
N LYS D 546 5.77 44.53 34.94
CA LYS D 546 5.31 43.94 36.17
C LYS D 546 6.19 42.72 36.39
N ALA D 547 7.34 42.74 35.74
CA ALA D 547 8.28 41.64 35.79
C ALA D 547 9.70 42.08 35.59
N PHE D 548 10.64 41.26 36.03
CA PHE D 548 12.06 41.58 35.93
C PHE D 548 12.94 40.32 35.67
N ILE D 549 14.01 40.48 34.92
CA ILE D 549 14.89 39.33 34.61
C ILE D 549 16.25 39.51 35.29
N ILE D 550 16.70 38.47 35.96
CA ILE D 550 18.05 38.44 36.51
C ILE D 550 18.89 37.40 35.80
N LYS D 551 20.09 37.77 35.39
CA LYS D 551 21.08 36.75 34.95
C LYS D 551 21.79 35.95 36.08
N HIS D 552 21.26 34.80 36.44
CA HIS D 552 21.91 33.97 37.41
C HIS D 552 22.93 33.11 36.68
N PHE D 553 23.64 32.31 37.45
CA PHE D 553 24.63 31.43 36.94
C PHE D 553 24.12 30.48 35.84
N ALA D 554 23.10 29.70 36.18
CA ALA D 554 22.59 28.69 35.28
C ALA D 554 21.77 29.27 34.11
N ASP D 555 21.24 30.47 34.25
CA ASP D 555 20.20 30.93 33.32
C ASP D 555 19.52 32.24 33.73
N LYS D 556 19.12 33.05 32.74
CA LYS D 556 18.07 34.09 32.94
C LYS D 556 16.78 33.51 33.51
N VAL D 557 16.36 34.09 34.63
CA VAL D 557 15.07 33.87 35.26
C VAL D 557 14.27 35.18 35.31
N GLU D 558 13.05 35.12 34.75
CA GLU D 558 12.07 36.21 34.74
C GLU D 558 11.25 35.98 35.96
N TYR D 559 11.05 37.01 36.78
CA TYR D 559 10.29 36.92 38.01
C TYR D 559 9.13 37.89 37.91
N GLN D 560 7.96 37.51 38.39
CA GLN D 560 6.83 38.43 38.39
C GLN D 560 6.79 39.22 39.70
N CYS D 561 6.52 40.50 39.57
CA CYS D 561 6.39 41.37 40.72
C CYS D 561 5.24 41.06 41.61
N GLU D 562 4.13 40.53 41.08
CA GLU D 562 2.91 40.38 41.87
C GLU D 562 3.05 39.55 43.15
N GLY D 563 2.81 40.16 44.31
CA GLY D 563 2.84 39.46 45.58
C GLY D 563 4.11 39.62 46.41
N PHE D 564 5.12 40.30 45.88
CA PHE D 564 6.45 40.38 46.49
C PHE D 564 6.33 41.12 47.82
N LEU D 565 5.80 42.33 47.78
CA LEU D 565 5.61 43.12 48.98
C LEU D 565 4.94 42.35 50.08
N GLU D 566 3.76 41.82 49.79
CA GLU D 566 2.99 41.07 50.79
C GLU D 566 3.72 39.86 51.34
N LYS D 567 4.51 39.21 50.50
CA LYS D 567 5.15 37.99 50.88
C LYS D 567 6.36 38.36 51.72
N ASN D 568 6.85 39.58 51.53
CA ASN D 568 8.01 40.11 52.26
C ASN D 568 7.68 40.79 53.60
N LYS D 569 6.42 41.20 53.76
CA LYS D 569 5.97 41.90 54.96
C LYS D 569 5.82 40.83 56.01
N ASP D 570 6.50 40.98 57.13
CA ASP D 570 6.46 39.98 58.20
C ASP D 570 6.72 40.73 59.53
N THR D 571 5.71 41.53 59.89
CA THR D 571 5.76 42.46 61.00
C THR D 571 4.89 41.94 62.17
N VAL D 572 5.56 41.49 63.23
CA VAL D 572 4.92 40.77 64.34
C VAL D 572 4.87 41.63 65.62
N TYR D 573 3.64 42.00 66.01
CA TYR D 573 3.38 42.95 67.08
C TYR D 573 3.62 42.29 68.44
N GLU D 574 4.54 42.86 69.23
CA GLU D 574 4.91 42.30 70.54
C GLU D 574 3.67 42.11 71.44
N GLU D 575 2.75 43.06 71.38
CA GLU D 575 1.50 42.99 72.16
C GLU D 575 0.64 41.72 71.96
N GLN D 576 0.97 40.91 70.95
CA GLN D 576 0.35 39.60 70.76
C GLN D 576 1.31 38.55 71.30
N ILE D 577 2.58 38.66 70.94
CA ILE D 577 3.62 37.74 71.41
C ILE D 577 3.68 37.66 72.91
N LYS D 578 3.45 38.83 73.54
CA LYS D 578 3.57 39.06 74.99
C LYS D 578 2.41 38.39 75.75
N VAL D 579 1.22 38.39 75.13
CA VAL D 579 0.09 37.64 75.64
C VAL D 579 0.47 36.15 75.77
N LEU D 580 1.10 35.59 74.73
CA LEU D 580 1.48 34.18 74.69
C LEU D 580 2.52 33.85 75.73
N LYS D 581 3.46 34.78 75.92
CA LYS D 581 4.63 34.64 76.82
C LYS D 581 4.26 34.93 78.30
N SER D 582 3.12 34.38 78.73
CA SER D 582 2.56 34.66 80.03
C SER D 582 1.82 33.41 80.49
N SER D 583 1.00 32.86 79.59
CA SER D 583 0.32 31.55 79.72
C SER D 583 0.95 30.52 80.65
N LYS D 584 0.10 29.75 81.33
CA LYS D 584 0.59 28.60 82.06
C LYS D 584 -0.46 27.49 82.15
N LYS D 585 -1.12 27.19 81.01
CA LYS D 585 -1.84 25.93 80.84
C LYS D 585 -0.82 24.77 80.68
N PHE D 586 0.31 25.07 80.02
CA PHE D 586 1.40 24.11 79.71
C PHE D 586 2.70 24.80 79.22
N LYS D 587 3.80 24.45 79.88
CA LYS D 587 5.12 25.13 79.74
C LYS D 587 5.74 25.24 78.34
N LEU D 588 5.17 24.58 77.33
CA LEU D 588 5.67 24.65 75.95
C LEU D 588 5.73 26.07 75.40
N LEU D 589 4.65 26.83 75.59
CA LEU D 589 4.46 28.15 74.92
C LEU D 589 5.47 29.20 75.34
N PRO D 590 5.63 29.48 76.63
CA PRO D 590 6.69 30.40 77.04
C PRO D 590 8.11 29.92 76.65
N GLU D 591 8.34 28.60 76.54
CA GLU D 591 9.66 28.05 76.16
C GLU D 591 10.06 28.39 74.69
N LEU D 592 9.05 28.45 73.80
CA LEU D 592 9.21 28.94 72.42
C LEU D 592 10.01 30.24 72.32
N PHE D 593 9.87 31.10 73.33
CA PHE D 593 10.57 32.38 73.43
C PHE D 593 11.46 32.45 74.69
N THR D 628 16.45 42.57 70.39
CA THR D 628 15.18 41.87 70.54
C THR D 628 14.20 42.22 69.41
N SER D 629 13.55 43.38 69.49
CA SER D 629 12.38 43.70 68.63
C SER D 629 12.79 44.27 67.27
N LYS D 630 14.09 44.50 67.12
CA LYS D 630 14.66 44.81 65.82
C LYS D 630 14.14 43.70 64.93
N GLU D 631 14.46 42.46 65.33
CA GLU D 631 14.11 41.23 64.58
C GLU D 631 12.61 41.06 64.30
N HIS D 632 11.76 41.43 65.23
CA HIS D 632 10.33 41.18 65.04
C HIS D 632 9.79 41.99 63.85
N LYS D 633 10.45 43.10 63.54
CA LYS D 633 9.97 44.00 62.51
C LYS D 633 10.65 43.68 61.18
N LYS D 634 11.75 42.90 61.22
CA LYS D 634 12.50 42.51 60.02
C LYS D 634 11.60 41.73 59.06
N THR D 635 11.83 41.96 57.75
CA THR D 635 11.09 41.35 56.65
C THR D 635 11.63 39.98 56.30
N VAL D 636 10.84 39.19 55.59
CA VAL D 636 11.23 37.85 55.16
C VAL D 636 12.48 37.87 54.33
N GLY D 637 12.57 38.81 53.40
CA GLY D 637 13.77 39.01 52.59
C GLY D 637 14.97 39.36 53.44
N HIS D 638 14.71 40.09 54.53
CA HIS D 638 15.73 40.39 55.51
C HIS D 638 16.14 39.16 56.34
N GLN D 639 15.21 38.33 56.76
CA GLN D 639 15.58 37.17 57.58
C GLN D 639 16.35 36.20 56.71
N PHE D 640 16.02 36.24 55.41
CA PHE D 640 16.61 35.34 54.45
C PHE D 640 18.06 35.73 54.15
N ARG D 641 18.29 36.96 53.74
CA ARG D 641 19.66 37.49 53.64
C ARG D 641 20.41 37.14 54.92
N ASN D 642 19.75 37.28 56.06
CA ASN D 642 20.39 37.02 57.35
C ASN D 642 20.77 35.57 57.54
N SER D 643 19.76 34.70 57.45
CA SER D 643 20.04 33.29 57.54
C SER D 643 21.03 32.89 56.48
N LEU D 644 20.87 33.39 55.26
CA LEU D 644 21.79 32.98 54.22
C LEU D 644 23.24 33.30 54.58
N HIS D 645 23.50 34.46 55.18
CA HIS D 645 24.85 34.87 55.58
C HIS D 645 25.43 34.05 56.76
N LEU D 646 24.56 33.55 57.62
CA LEU D 646 24.95 32.65 58.69
C LEU D 646 25.43 31.28 58.14
N LEU D 647 24.74 30.76 57.14
CA LEU D 647 25.09 29.52 56.50
C LEU D 647 26.42 29.75 55.89
N MET D 648 26.55 30.75 55.07
CA MET D 648 27.85 30.99 54.46
C MET D 648 29.00 31.25 55.47
N GLU D 649 28.67 31.49 56.73
CA GLU D 649 29.67 31.70 57.77
C GLU D 649 30.35 30.36 58.08
N THR D 650 29.54 29.33 58.31
CA THR D 650 30.08 28.02 58.64
C THR D 650 30.72 27.40 57.42
N LEU D 651 29.99 27.47 56.31
CA LEU D 651 30.39 26.86 55.03
C LEU D 651 31.73 27.37 54.52
N ASN D 652 31.92 28.68 54.52
CA ASN D 652 33.17 29.23 54.02
C ASN D 652 34.40 28.88 54.89
N ALA D 653 34.18 28.49 56.14
CA ALA D 653 35.26 27.98 57.00
C ALA D 653 35.62 26.50 56.72
N THR D 654 34.71 25.70 56.18
CA THR D 654 35.05 24.36 55.74
C THR D 654 35.64 24.35 54.33
N THR D 655 36.05 23.16 53.91
CA THR D 655 36.36 22.86 52.54
C THR D 655 35.14 22.10 52.03
N PRO D 656 34.63 22.52 50.86
CA PRO D 656 33.38 22.00 50.33
C PRO D 656 33.58 20.90 49.31
N HIS D 657 32.62 20.00 49.23
CA HIS D 657 32.60 18.96 48.22
C HIS D 657 31.17 18.79 47.73
N TYR D 658 30.98 18.75 46.43
CA TYR D 658 29.64 18.90 45.88
C TYR D 658 29.10 17.58 45.29
N VAL D 659 27.80 17.34 45.43
CA VAL D 659 27.17 16.17 44.87
C VAL D 659 25.80 16.59 44.33
N ARG D 660 25.62 16.56 43.01
CA ARG D 660 24.32 16.89 42.41
C ARG D 660 23.47 15.65 42.47
N CYS D 661 22.34 15.61 41.81
CA CYS D 661 21.31 14.64 42.15
C CYS D 661 20.11 14.91 41.27
N ILE D 662 19.80 13.98 40.37
CA ILE D 662 18.81 14.27 39.33
C ILE D 662 17.72 13.20 39.26
N LYS D 663 16.50 13.62 38.95
CA LYS D 663 15.41 12.71 38.64
C LYS D 663 15.52 12.52 37.14
N PRO D 664 15.66 11.28 36.67
CA PRO D 664 15.63 11.01 35.22
C PRO D 664 14.21 10.96 34.64
N ASN D 665 13.18 10.79 35.48
CA ASN D 665 11.78 10.68 35.02
C ASN D 665 10.69 11.01 36.04
N ASP D 666 9.57 11.50 35.51
CA ASP D 666 8.49 11.99 36.36
C ASP D 666 7.93 10.92 37.30
N PHE D 667 7.84 9.67 36.84
CA PHE D 667 7.01 8.65 37.52
C PHE D 667 7.71 7.53 38.32
N LYS D 668 8.81 7.84 39.01
CA LYS D 668 9.58 6.84 39.80
C LYS D 668 9.82 5.47 39.10
N PHE D 669 9.80 5.44 37.77
CA PHE D 669 10.06 4.23 36.98
C PHE D 669 11.50 3.77 37.22
N PRO D 670 11.79 2.49 37.00
CA PRO D 670 13.17 2.00 37.04
C PRO D 670 13.97 2.41 35.79
N PHE D 671 15.30 2.41 35.86
CA PHE D 671 16.17 2.90 34.78
C PHE D 671 15.46 3.43 33.52
N THR D 672 14.70 4.52 33.69
CA THR D 672 14.10 5.22 32.54
C THR D 672 14.60 6.66 32.44
N PHE D 673 15.32 6.92 31.36
CA PHE D 673 15.93 8.20 31.11
C PHE D 673 15.03 8.97 30.20
N ASP D 674 14.52 10.10 30.72
CA ASP D 674 13.76 11.07 29.95
C ASP D 674 14.66 12.23 29.61
N GLU D 675 14.91 12.38 28.32
CA GLU D 675 15.80 13.39 27.81
C GLU D 675 15.31 14.84 28.12
N LYS D 676 14.00 15.11 28.13
CA LYS D 676 13.50 16.49 28.38
C LYS D 676 13.68 16.89 29.85
N ARG D 677 13.36 15.99 30.79
CA ARG D 677 13.60 16.23 32.21
C ARG D 677 15.05 16.05 32.61
N ALA D 678 15.94 15.71 31.72
CA ALA D 678 17.33 15.51 32.12
C ALA D 678 18.13 16.75 31.78
N VAL D 679 17.83 17.31 30.61
CA VAL D 679 18.40 18.58 30.23
C VAL D 679 18.01 19.55 31.33
N GLN D 680 16.76 19.43 31.78
CA GLN D 680 16.20 20.42 32.66
C GLN D 680 16.95 20.39 33.94
N GLN D 681 17.20 19.20 34.47
CA GLN D 681 17.89 19.08 35.77
C GLN D 681 19.36 19.46 35.67
N LEU D 682 19.97 19.19 34.52
CA LEU D 682 21.42 19.33 34.42
C LEU D 682 21.72 20.78 34.44
N ARG D 683 21.00 21.52 33.59
CA ARG D 683 20.96 22.98 33.60
C ARG D 683 20.66 23.54 34.98
N ALA D 684 19.56 23.09 35.59
CA ALA D 684 19.13 23.63 36.85
C ALA D 684 20.11 23.38 37.98
N CYS D 685 20.91 22.34 37.90
CA CYS D 685 21.94 22.08 38.92
C CYS D 685 23.26 22.78 38.67
N GLY D 686 23.35 23.51 37.57
CA GLY D 686 24.58 24.16 37.16
C GLY D 686 25.54 23.37 36.30
N VAL D 687 25.36 22.05 36.25
CA VAL D 687 26.26 21.15 35.52
C VAL D 687 26.59 21.72 34.16
N LEU D 688 25.56 21.97 33.35
CA LEU D 688 25.75 22.51 31.99
C LEU D 688 26.59 23.78 31.98
N GLU D 689 26.40 24.64 32.96
CA GLU D 689 27.19 25.86 33.00
C GLU D 689 28.65 25.62 33.41
N THR D 690 28.89 24.79 34.43
CA THR D 690 30.25 24.30 34.73
C THR D 690 30.98 23.79 33.50
N ILE D 691 30.28 22.95 32.74
CA ILE D 691 30.78 22.35 31.52
C ILE D 691 31.25 23.41 30.52
N ARG D 692 30.43 24.43 30.24
CA ARG D 692 30.82 25.45 29.25
C ARG D 692 32.03 26.20 29.69
N ILE D 693 32.13 26.41 31.00
CA ILE D 693 33.28 27.06 31.63
C ILE D 693 34.57 26.27 31.37
N SER D 694 34.58 25.01 31.80
CA SER D 694 35.72 24.14 31.54
C SER D 694 36.03 23.93 30.07
N ALA D 695 35.07 24.14 29.16
CA ALA D 695 35.23 23.91 27.73
C ALA D 695 36.07 24.97 27.08
N ALA D 696 36.12 26.15 27.67
CA ALA D 696 36.99 27.21 27.21
C ALA D 696 38.45 26.99 27.67
N GLY D 697 38.68 26.02 28.55
CA GLY D 697 40.01 25.80 29.10
C GLY D 697 40.94 24.77 28.46
N PHE D 698 41.35 23.81 29.27
CA PHE D 698 42.07 22.62 28.81
C PHE D 698 41.47 21.45 29.55
N PRO D 699 40.21 21.15 29.21
CA PRO D 699 39.43 20.13 29.92
C PRO D 699 39.99 18.73 29.78
N SER D 700 40.66 18.46 28.66
CA SER D 700 41.10 17.10 28.37
C SER D 700 42.61 16.90 28.72
N ARG D 701 42.83 16.01 29.68
CA ARG D 701 44.10 15.86 30.37
C ARG D 701 44.58 14.40 30.38
N TRP D 702 45.58 14.13 29.54
CA TRP D 702 46.05 12.77 29.27
C TRP D 702 47.48 12.54 29.80
N THR D 703 47.69 11.43 30.52
CA THR D 703 49.07 11.08 30.89
C THR D 703 49.80 10.77 29.60
N TYR D 704 51.12 11.00 29.55
CA TYR D 704 51.92 10.73 28.35
C TYR D 704 51.81 9.28 27.88
N GLN D 705 51.74 8.33 28.83
CA GLN D 705 51.57 6.90 28.52
C GLN D 705 50.19 6.57 27.90
N GLU D 706 49.19 7.36 28.25
CA GLU D 706 47.87 7.21 27.63
C GLU D 706 47.95 7.75 26.20
N PHE D 707 48.70 8.84 26.05
CA PHE D 707 48.77 9.48 24.77
C PHE D 707 49.53 8.63 23.79
N PHE D 708 50.59 7.99 24.27
CA PHE D 708 51.47 7.20 23.42
C PHE D 708 50.85 5.89 23.06
N SER D 709 50.19 5.25 24.00
CA SER D 709 49.59 3.97 23.72
C SER D 709 48.56 4.17 22.64
N ARG D 710 47.82 5.24 22.74
CA ARG D 710 46.69 5.52 21.87
C ARG D 710 47.08 6.06 20.52
N TYR D 711 48.13 6.88 20.44
CA TYR D 711 48.42 7.61 19.19
C TYR D 711 49.78 7.37 18.59
N ARG D 712 50.47 6.28 18.95
CA ARG D 712 51.78 5.99 18.32
C ARG D 712 51.63 5.60 16.84
N VAL D 713 50.47 5.04 16.52
CA VAL D 713 50.06 4.83 15.12
C VAL D 713 50.12 6.10 14.26
N LEU D 714 49.80 7.25 14.84
CA LEU D 714 49.87 8.56 14.16
C LEU D 714 51.30 9.12 13.98
N MET D 715 52.29 8.45 14.55
CA MET D 715 53.65 9.00 14.62
C MET D 715 54.57 8.41 13.57
N LYS D 716 55.39 9.24 12.96
CA LYS D 716 56.47 8.69 12.17
C LYS D 716 57.34 7.84 13.16
N GLN D 717 57.58 6.56 12.81
CA GLN D 717 58.21 5.61 13.74
C GLN D 717 59.68 5.87 14.04
N LYS D 718 60.38 6.56 13.14
CA LYS D 718 61.72 7.07 13.44
C LYS D 718 61.71 8.07 14.64
N ASP D 719 60.62 8.82 14.81
CA ASP D 719 60.54 9.85 15.84
C ASP D 719 60.21 9.30 17.24
N VAL D 720 60.09 7.97 17.33
CA VAL D 720 59.69 7.28 18.56
C VAL D 720 60.92 6.97 19.43
N LEU D 721 60.73 7.21 20.73
CA LEU D 721 61.75 6.98 21.76
C LEU D 721 61.21 6.11 22.90
N SER D 722 62.11 5.41 23.61
CA SER D 722 61.70 4.61 24.78
C SER D 722 61.32 5.53 25.95
N ASP D 723 61.54 6.84 25.74
CA ASP D 723 61.07 7.94 26.57
C ASP D 723 59.77 8.49 25.92
N ARG D 724 58.63 8.04 26.41
CA ARG D 724 57.34 8.41 25.86
C ARG D 724 57.04 9.89 26.05
N LYS D 725 57.41 10.43 27.20
CA LYS D 725 57.17 11.84 27.49
C LYS D 725 57.90 12.70 26.44
N GLN D 726 59.21 12.54 26.26
CA GLN D 726 59.92 13.29 25.21
C GLN D 726 59.40 13.04 23.76
N THR D 727 58.82 11.87 23.49
CA THR D 727 58.25 11.54 22.17
C THR D 727 57.03 12.43 21.85
N CYS D 728 56.02 12.34 22.70
CA CYS D 728 54.95 13.32 22.72
C CYS D 728 55.46 14.73 22.43
N LYS D 729 56.17 15.36 23.37
CA LYS D 729 56.79 16.69 23.18
C LYS D 729 57.36 16.94 21.78
N ASN D 730 58.08 15.94 21.27
CA ASN D 730 58.64 15.99 19.92
C ASN D 730 57.61 16.01 18.76
N VAL D 731 56.52 15.26 18.90
CA VAL D 731 55.68 14.88 17.76
C VAL D 731 54.37 15.69 17.63
N LEU D 732 53.70 15.92 18.75
CA LEU D 732 52.37 16.55 18.80
C LEU D 732 52.24 17.85 18.03
N GLU D 733 53.34 18.59 17.99
CA GLU D 733 53.47 19.79 17.18
C GLU D 733 53.15 19.56 15.72
N LYS D 734 53.41 18.34 15.25
CA LYS D 734 53.24 17.96 13.85
C LYS D 734 51.80 17.53 13.52
N LEU D 735 51.06 17.05 14.50
CA LEU D 735 49.66 16.66 14.30
C LEU D 735 48.71 17.84 14.44
N ILE D 736 48.82 18.55 15.56
CA ILE D 736 48.15 19.82 15.82
C ILE D 736 49.11 20.93 15.43
N LEU D 737 48.80 21.66 14.37
CA LEU D 737 49.63 22.78 13.92
C LEU D 737 49.62 23.95 14.90
N ASP D 738 48.57 24.11 15.71
CA ASP D 738 48.34 25.32 16.54
C ASP D 738 48.75 25.11 18.00
N LYS D 739 49.76 25.88 18.44
CA LYS D 739 50.48 25.60 19.68
C LYS D 739 49.67 26.05 20.88
N ASP D 740 48.75 26.99 20.65
CA ASP D 740 47.88 27.47 21.72
C ASP D 740 46.77 26.44 22.07
N LYS D 741 46.58 25.43 21.21
CA LYS D 741 45.59 24.36 21.45
C LYS D 741 45.99 23.29 22.51
N TYR D 742 47.26 23.34 22.94
CA TYR D 742 47.77 22.37 23.91
C TYR D 742 48.96 22.93 24.70
N GLN D 743 49.13 22.38 25.91
CA GLN D 743 50.23 22.66 26.81
C GLN D 743 50.76 21.32 27.31
N PHE D 744 52.09 21.26 27.57
CA PHE D 744 52.77 20.06 28.13
C PHE D 744 53.08 20.18 29.63
N GLY D 745 52.70 19.15 30.38
CA GLY D 745 52.93 19.13 31.82
C GLY D 745 53.96 18.11 32.29
N LYS D 746 53.80 17.70 33.55
CA LYS D 746 54.81 16.90 34.22
C LYS D 746 54.45 15.46 34.04
N THR D 747 53.23 15.10 34.42
CA THR D 747 52.69 13.77 34.17
C THR D 747 51.57 13.75 33.07
N LYS D 748 51.05 14.94 32.67
CA LYS D 748 49.86 15.10 31.78
C LYS D 748 50.05 16.10 30.57
N ILE D 749 49.36 15.80 29.45
CA ILE D 749 49.19 16.72 28.32
C ILE D 749 47.83 17.41 28.50
N PHE D 750 47.77 18.69 28.12
CA PHE D 750 46.58 19.49 28.34
C PHE D 750 46.11 20.04 26.99
N PHE D 751 44.90 19.67 26.58
CA PHE D 751 44.34 20.13 25.31
C PHE D 751 43.09 20.98 25.50
N ARG D 752 42.98 22.03 24.67
CA ARG D 752 41.71 22.69 24.41
C ARG D 752 40.65 21.65 24.00
N ALA D 753 39.40 22.03 24.20
CA ALA D 753 38.23 21.37 23.65
C ALA D 753 38.39 21.16 22.19
N GLY D 754 37.89 20.00 21.77
CA GLY D 754 37.83 19.59 20.39
C GLY D 754 39.02 18.85 19.87
N GLN D 755 40.14 18.94 20.57
CA GLN D 755 41.47 18.60 20.00
C GLN D 755 41.80 17.10 20.06
N VAL D 756 41.26 16.40 21.04
CA VAL D 756 41.38 14.96 21.13
C VAL D 756 40.59 14.27 20.04
N ALA D 757 39.37 14.74 19.80
CA ALA D 757 38.50 14.22 18.75
C ALA D 757 39.05 14.43 17.36
N TYR D 758 39.79 15.51 17.14
CA TYR D 758 40.48 15.69 15.89
C TYR D 758 41.61 14.69 15.69
N LEU D 759 42.45 14.47 16.71
CA LEU D 759 43.47 13.40 16.63
C LEU D 759 42.81 12.03 16.37
N GLU D 760 41.68 11.78 17.03
CA GLU D 760 40.87 10.60 16.74
C GLU D 760 40.32 10.53 15.30
N LYS D 761 40.12 11.67 14.61
CA LYS D 761 39.57 11.67 13.23
C LYS D 761 40.62 11.30 12.25
N ILE D 762 41.77 11.93 12.38
CA ILE D 762 42.94 11.57 11.57
C ILE D 762 43.54 10.16 11.85
N ARG D 763 43.05 9.48 12.87
CA ARG D 763 43.54 8.16 13.27
C ARG D 763 42.63 7.13 12.63
N ALA D 764 41.33 7.35 12.72
CA ALA D 764 40.39 6.52 11.98
C ALA D 764 40.56 6.69 10.45
N ASP D 765 40.94 7.89 9.97
CA ASP D 765 40.84 8.19 8.53
C ASP D 765 42.22 8.08 7.81
N LYS D 766 42.91 6.97 8.08
CA LYS D 766 44.02 6.48 7.21
C LYS D 766 44.43 5.03 7.56
S SO4 E . -71.02 -67.20 -22.72
O1 SO4 E . -69.92 -67.98 -22.14
O2 SO4 E . -70.48 -66.47 -23.88
O3 SO4 E . -72.15 -68.10 -23.11
O4 SO4 E . -71.52 -66.25 -21.68
S SO4 F . 7.31 -38.51 43.81
O1 SO4 F . 6.50 -39.59 43.19
O2 SO4 F . 6.47 -37.26 43.73
O3 SO4 F . 7.70 -38.95 45.18
O4 SO4 F . 8.58 -38.21 43.10
S SO4 G . 15.43 10.73 47.92
O1 SO4 G . 14.42 10.03 48.76
O2 SO4 G . 15.50 12.19 48.22
O3 SO4 G . 16.69 10.01 48.24
O4 SO4 G . 15.09 10.54 46.50
#